data_5KBT
#
_entry.id   5KBT
#
_cell.length_a   1.00
_cell.length_b   1.00
_cell.length_c   1.00
_cell.angle_alpha   90.0
_cell.angle_beta   90.0
_cell.angle_gamma   90.0
#
_symmetry.space_group_name_H-M   'P 1'
#
loop_
_entity.id
_entity.type
_entity.pdbx_description
1 polymer 'Glutamate receptor 2,Voltage-dependent calcium channel gamma-2 subunit'
2 non-polymer '{[7-morpholin-4-yl-2,3-dioxo-6-(trifluoromethyl)-3,4-dihydroquinoxalin-1(2H)-yl]methyl}phosphonic acid'
3 non-polymer 2-acetamido-2-deoxy-beta-D-glucopyranose
#
_entity_poly.entity_id   1
_entity_poly.type   'polypeptide(L)'
_entity_poly.pdbx_seq_one_letter_code
;NSIQIGGLFPRGADQEYSAFRVGMVQFSTSEFRLTPHIDNLEVANSFAVTNAFCSQFSRGVYAIFGFYDKKSVNTITSFC
GTLHVSFITPSFPTDGTHPFVIQMRPDLKGALLSLIEYYQWDKFAYLYDSDRGLSTLQAVLDSAAEKKWQVTAINVGNIN
NDKKDETYRSLFQDLELKKERRVILDCERDKVNDIVDQVITIGKHVKGYHYIIANLGFTDGDLLKIQFGGAEVSGFQIVD
YDDSLVSKFIERWSTLEEKEYPGAHTATIKYTSALTYDAVQVMTEAFRNLRKQRIEISRRGNAGDCLANPAVPWGQGVEI
ERALKQVQVEGLSGNIKFDQNGKRINYTINIMELKTNGPRKIGYWSEVDKMVLTEDDTSGLEQKTVVVTTILESPYVMMK
KNHEMLEGNERYEGYCVDLAAEIAKHCGFKYKLTIVGDGKYGARDADTKIWNGMVGELVYGKADIAIAPLTITLVREEVI
DFSKPFMSLGISIMIKKPQKSKPGVFSFLDPLAYEIWMCIVFAYIGVSVVLFLVSRFSPYEWHTEEFEDGRETQSSESTN
EFGIFNSLWFSLGAFMQQGCDISPRSLSGRIVGGVWWFFTLIIISSYTANLAAFLTVERMVSPIESAEDLSKQTEIAYGT
LDSGSTKEFFRRSKIAVFDKMWTYMRSAEPSVFVRTTAEGVARVRKSKGKYAYLLESTMNEYIEQRKPCDTMKVGGNLDS
KGYGIATPKGSSLGTPVNLAVLKLSEQGLLDKLKNKWWYDKGECGAKDSGSKEKTSALSLSNVAGVFYILVGGLGLAMLV
ALIEFCYKSRAEAKRMKGTGLFDRGVQMLLTTVGAFAAFSLMTIAVGTDYWLYSRGVCKTKSVSEDETSKKNEEVMTHSG
LWRTCCLEGNFKGLCKQIDHFPEDADYEADTAEYFLRAVRASSIFPILSVILLFMGGLCIAASEFYKTRHNIILSAGIFF
VSAGLSNIIGIIVYISANAGDPSKSDSKKNSYSYGWSFYFGALSFIIAEMVGVLAVHMFIDRHKQLTGGLVPRG
;
_entity_poly.pdbx_strand_id   A,B,C,D
#
loop_
_chem_comp.id
_chem_comp.type
_chem_comp.name
_chem_comp.formula
NAG D-saccharide, beta linking 2-acetamido-2-deoxy-beta-D-glucopyranose 'C8 H15 N O6'
ZK1 non-polymer '{[7-morpholin-4-yl-2,3-dioxo-6-(trifluoromethyl)-3,4-dihydroquinoxalin-1(2H)-yl]methyl}phosphonic acid' 'C14 H15 F3 N3 O6 P'
#
# COMPACT_ATOMS: atom_id res chain seq x y z
N ASN A 1 -42.05 -10.77 82.41
CA ASN A 1 -41.25 -10.00 81.46
C ASN A 1 -41.93 -9.92 80.09
N SER A 2 -42.58 -8.79 79.82
CA SER A 2 -43.28 -8.59 78.56
C SER A 2 -42.58 -7.56 77.68
N ILE A 3 -41.97 -8.03 76.59
CA ILE A 3 -41.27 -7.14 75.67
C ILE A 3 -42.11 -6.88 74.42
N GLN A 4 -42.64 -5.67 74.32
CA GLN A 4 -43.48 -5.29 73.19
C GLN A 4 -42.64 -4.90 71.97
N ILE A 5 -42.95 -5.49 70.82
CA ILE A 5 -42.25 -5.18 69.59
C ILE A 5 -43.24 -4.90 68.46
N GLY A 6 -42.78 -4.20 67.43
CA GLY A 6 -43.62 -3.88 66.30
C GLY A 6 -43.44 -4.83 65.13
N GLY A 7 -44.48 -5.02 64.34
CA GLY A 7 -44.44 -5.91 63.20
C GLY A 7 -45.09 -5.29 61.98
N LEU A 8 -44.27 -4.87 61.01
CA LEU A 8 -44.78 -4.28 59.78
C LEU A 8 -44.75 -5.27 58.63
N PHE A 9 -45.88 -5.94 58.41
CA PHE A 9 -45.99 -6.93 57.35
C PHE A 9 -46.82 -6.43 56.18
N PRO A 10 -46.21 -6.37 54.99
CA PRO A 10 -46.90 -5.95 53.76
C PRO A 10 -48.04 -6.91 53.43
N ARG A 11 -49.19 -6.37 53.04
CA ARG A 11 -50.33 -7.20 52.68
C ARG A 11 -49.95 -8.21 51.61
N GLY A 12 -50.05 -9.49 51.95
CA GLY A 12 -49.70 -10.56 51.03
C GLY A 12 -48.57 -11.43 51.55
N ALA A 13 -47.93 -10.96 52.63
CA ALA A 13 -46.83 -11.70 53.24
C ALA A 13 -47.37 -12.80 54.15
N ASP A 14 -48.10 -13.75 53.56
CA ASP A 14 -48.70 -14.83 54.31
C ASP A 14 -47.67 -15.78 54.89
N GLN A 15 -46.85 -16.37 54.03
CA GLN A 15 -45.83 -17.32 54.47
C GLN A 15 -44.83 -16.64 55.40
N GLU A 16 -44.53 -15.37 55.13
CA GLU A 16 -43.61 -14.61 55.97
C GLU A 16 -44.15 -14.49 57.39
N TYR A 17 -45.43 -14.16 57.51
CA TYR A 17 -46.06 -14.03 58.81
C TYR A 17 -46.23 -15.38 59.48
N SER A 18 -46.55 -16.40 58.68
CA SER A 18 -46.67 -17.76 59.20
C SER A 18 -45.36 -18.21 59.81
N ALA A 19 -44.26 -17.89 59.13
CA ALA A 19 -42.92 -18.20 59.63
C ALA A 19 -42.62 -17.34 60.86
N PHE A 20 -43.18 -16.14 60.88
CA PHE A 20 -43.00 -15.24 62.01
C PHE A 20 -43.68 -15.80 63.25
N ARG A 21 -44.84 -16.44 63.05
CA ARG A 21 -45.59 -17.05 64.15
C ARG A 21 -44.86 -18.27 64.69
N VAL A 22 -44.43 -19.15 63.78
CA VAL A 22 -43.72 -20.36 64.16
C VAL A 22 -42.48 -20.02 64.98
N GLY A 23 -41.82 -18.93 64.62
CA GLY A 23 -40.64 -18.47 65.34
C GLY A 23 -40.99 -18.05 66.76
N MET A 24 -42.13 -17.39 66.91
CA MET A 24 -42.60 -16.97 68.23
C MET A 24 -42.80 -18.17 69.14
N VAL A 25 -43.21 -19.29 68.56
CA VAL A 25 -43.48 -20.50 69.31
C VAL A 25 -42.21 -21.27 69.63
N GLN A 26 -41.32 -21.39 68.65
CA GLN A 26 -40.10 -22.17 68.79
C GLN A 26 -39.09 -21.49 69.73
N PHE A 27 -39.16 -20.16 69.81
CA PHE A 27 -38.22 -19.40 70.62
C PHE A 27 -38.90 -18.71 71.79
N SER A 28 -39.97 -19.30 72.29
CA SER A 28 -40.68 -18.76 73.45
C SER A 28 -40.13 -19.36 74.74
N THR A 29 -39.75 -18.50 75.67
CA THR A 29 -39.20 -18.95 76.95
C THR A 29 -39.96 -18.36 78.12
N SER A 30 -39.73 -18.91 79.31
CA SER A 30 -40.39 -18.44 80.52
C SER A 30 -39.74 -17.18 81.06
N GLU A 31 -38.46 -16.98 80.71
CA GLU A 31 -37.72 -15.81 81.16
C GLU A 31 -38.39 -14.52 80.68
N PHE A 32 -38.90 -14.55 79.46
CA PHE A 32 -39.57 -13.38 78.89
C PHE A 32 -40.36 -13.76 77.63
N ARG A 33 -41.44 -13.03 77.39
CA ARG A 33 -42.28 -13.28 76.21
C ARG A 33 -42.36 -12.05 75.32
N LEU A 34 -42.33 -12.27 74.01
CA LEU A 34 -42.40 -11.17 73.05
C LEU A 34 -43.86 -10.90 72.64
N THR A 35 -44.25 -9.64 72.67
CA THR A 35 -45.60 -9.23 72.32
C THR A 35 -45.63 -8.47 70.99
N PRO A 36 -45.88 -9.18 69.88
CA PRO A 36 -45.91 -8.58 68.55
C PRO A 36 -47.18 -7.78 68.29
N HIS A 37 -47.02 -6.53 67.88
CA HIS A 37 -48.15 -5.71 67.46
C HIS A 37 -48.15 -5.58 65.94
N ILE A 38 -48.94 -6.41 65.28
CA ILE A 38 -48.92 -6.50 63.83
C ILE A 38 -49.68 -5.38 63.13
N ASP A 39 -49.07 -4.80 62.10
CA ASP A 39 -49.69 -3.76 61.30
C ASP A 39 -49.54 -4.07 59.81
N ASN A 40 -50.64 -4.46 59.18
CA ASN A 40 -50.63 -4.77 57.75
C ASN A 40 -50.90 -3.55 56.88
N LEU A 41 -49.85 -2.99 56.32
CA LEU A 41 -49.97 -1.80 55.47
C LEU A 41 -49.24 -1.99 54.14
N GLU A 42 -49.61 -1.17 53.16
CA GLU A 42 -48.94 -1.18 51.86
C GLU A 42 -47.51 -0.68 52.03
N VAL A 43 -46.56 -1.61 52.07
CA VAL A 43 -45.16 -1.28 52.32
C VAL A 43 -44.61 -0.21 51.36
N ALA A 44 -45.15 -0.19 50.14
CA ALA A 44 -44.71 0.76 49.13
C ALA A 44 -45.02 2.20 49.52
N ASN A 45 -46.23 2.43 50.04
CA ASN A 45 -46.66 3.76 50.44
C ASN A 45 -45.80 4.32 51.58
N SER A 46 -45.02 5.36 51.28
CA SER A 46 -44.14 5.96 52.27
C SER A 46 -44.92 6.59 53.43
N PHE A 47 -46.04 7.24 53.10
CA PHE A 47 -46.87 7.88 54.12
C PHE A 47 -47.36 6.86 55.14
N ALA A 48 -47.98 5.79 54.65
CA ALA A 48 -48.52 4.75 55.52
C ALA A 48 -47.44 4.18 56.43
N VAL A 49 -46.26 3.93 55.86
CA VAL A 49 -45.15 3.40 56.62
C VAL A 49 -44.74 4.34 57.76
N THR A 50 -44.86 5.64 57.51
CA THR A 50 -44.53 6.64 58.51
C THR A 50 -45.50 6.56 59.70
N ASN A 51 -46.78 6.40 59.41
CA ASN A 51 -47.79 6.25 60.44
C ASN A 51 -47.61 4.98 61.24
N ALA A 52 -47.41 3.86 60.54
CA ALA A 52 -47.22 2.57 61.19
C ALA A 52 -46.01 2.58 62.11
N PHE A 53 -45.02 3.39 61.77
CA PHE A 53 -43.81 3.51 62.58
C PHE A 53 -44.07 4.35 63.82
N CYS A 54 -44.68 5.51 63.63
CA CYS A 54 -44.99 6.40 64.73
C CYS A 54 -46.04 5.81 65.67
N SER A 55 -46.92 4.98 65.08
CA SER A 55 -47.95 4.31 65.86
C SER A 55 -47.33 3.28 66.80
N GLN A 56 -46.42 2.47 66.25
CA GLN A 56 -45.73 1.46 67.03
C GLN A 56 -44.75 2.12 68.00
N PHE A 57 -44.36 3.35 67.70
CA PHE A 57 -43.44 4.08 68.55
C PHE A 57 -44.16 4.70 69.74
N SER A 58 -45.38 5.17 69.52
CA SER A 58 -46.20 5.73 70.59
C SER A 58 -46.66 4.63 71.54
N ARG A 59 -46.87 3.44 70.99
CA ARG A 59 -47.25 2.28 71.78
C ARG A 59 -46.07 1.82 72.64
N GLY A 60 -44.92 2.46 72.44
CA GLY A 60 -43.74 2.18 73.23
C GLY A 60 -43.17 0.80 73.00
N VAL A 61 -42.60 0.56 71.82
CA VAL A 61 -41.95 -0.70 71.51
C VAL A 61 -40.45 -0.61 71.72
N TYR A 62 -39.80 -1.75 71.89
CA TYR A 62 -38.36 -1.80 72.11
C TYR A 62 -37.62 -2.06 70.81
N ALA A 63 -38.30 -2.67 69.85
CA ALA A 63 -37.73 -2.96 68.54
C ALA A 63 -38.83 -3.19 67.51
N ILE A 64 -38.48 -3.01 66.24
CA ILE A 64 -39.46 -3.16 65.16
C ILE A 64 -38.96 -4.11 64.08
N PHE A 65 -39.78 -5.10 63.74
CA PHE A 65 -39.48 -6.00 62.64
C PHE A 65 -40.48 -5.80 61.51
N GLY A 66 -39.99 -5.54 60.32
CA GLY A 66 -40.85 -5.33 59.17
C GLY A 66 -40.13 -5.39 57.84
N PHE A 67 -40.74 -4.81 56.81
CA PHE A 67 -40.17 -4.79 55.48
C PHE A 67 -40.24 -3.39 54.90
N TYR A 68 -39.43 -3.11 53.89
CA TYR A 68 -39.50 -1.84 53.18
C TYR A 68 -39.28 -2.01 51.68
N ASP A 69 -39.75 -1.04 50.91
CA ASP A 69 -39.59 -1.05 49.46
C ASP A 69 -38.51 -0.06 49.05
N LYS A 70 -38.18 -0.05 47.76
CA LYS A 70 -37.18 0.88 47.24
C LYS A 70 -37.61 2.33 47.45
N LYS A 71 -38.87 2.52 47.82
CA LYS A 71 -39.43 3.86 48.00
C LYS A 71 -39.52 4.25 49.48
N SER A 72 -39.91 3.30 50.32
CA SER A 72 -40.12 3.57 51.74
C SER A 72 -38.88 3.29 52.59
N VAL A 73 -37.87 2.68 51.98
CA VAL A 73 -36.66 2.32 52.69
C VAL A 73 -36.00 3.52 53.38
N ASN A 74 -35.99 4.66 52.69
CA ASN A 74 -35.38 5.87 53.24
C ASN A 74 -36.12 6.38 54.48
N THR A 75 -37.43 6.19 54.50
CA THR A 75 -38.22 6.60 55.66
C THR A 75 -37.81 5.83 56.91
N ILE A 76 -37.73 4.51 56.77
CA ILE A 76 -37.34 3.64 57.88
C ILE A 76 -35.95 3.95 58.40
N THR A 77 -34.96 3.89 57.50
CA THR A 77 -33.58 4.12 57.86
C THR A 77 -33.39 5.47 58.56
N SER A 78 -34.19 6.45 58.15
CA SER A 78 -34.07 7.80 58.69
C SER A 78 -34.65 7.91 60.09
N PHE A 79 -35.92 7.52 60.24
CA PHE A 79 -36.60 7.58 61.53
C PHE A 79 -35.91 6.72 62.58
N CYS A 80 -35.59 5.47 62.21
CA CYS A 80 -34.93 4.55 63.12
C CYS A 80 -33.57 5.08 63.58
N GLY A 81 -32.96 5.90 62.75
CA GLY A 81 -31.67 6.48 63.07
C GLY A 81 -31.81 7.69 63.98
N THR A 82 -32.89 8.43 63.80
CA THR A 82 -33.14 9.63 64.60
C THR A 82 -33.70 9.26 65.96
N LEU A 83 -34.65 8.34 65.98
CA LEU A 83 -35.31 7.94 67.23
C LEU A 83 -34.58 6.78 67.91
N HIS A 84 -33.43 6.40 67.37
CA HIS A 84 -32.62 5.34 67.94
C HIS A 84 -33.41 4.04 68.11
N VAL A 85 -34.38 3.83 67.23
CA VAL A 85 -35.17 2.61 67.25
C VAL A 85 -34.55 1.55 66.34
N SER A 86 -34.46 0.33 66.86
CA SER A 86 -33.89 -0.78 66.09
C SER A 86 -34.90 -1.37 65.12
N PHE A 87 -34.48 -1.62 63.89
CA PHE A 87 -35.36 -2.14 62.86
C PHE A 87 -34.76 -3.39 62.20
N ILE A 88 -35.36 -4.54 62.47
CA ILE A 88 -34.93 -5.80 61.87
C ILE A 88 -35.76 -6.11 60.63
N THR A 89 -35.11 -6.40 59.51
CA THR A 89 -35.81 -6.65 58.26
C THR A 89 -35.10 -7.67 57.38
N PRO A 90 -35.88 -8.56 56.76
CA PRO A 90 -35.39 -9.56 55.81
C PRO A 90 -35.22 -8.96 54.41
N SER A 91 -35.76 -7.76 54.21
CA SER A 91 -35.70 -7.10 52.91
C SER A 91 -34.27 -6.87 52.44
N PHE A 92 -34.13 -6.35 51.22
CA PHE A 92 -32.82 -6.10 50.63
C PHE A 92 -31.98 -5.18 51.51
N PRO A 93 -30.66 -5.44 51.55
CA PRO A 93 -29.72 -4.65 52.34
C PRO A 93 -29.71 -3.19 51.90
N THR A 94 -29.51 -2.28 52.85
CA THR A 94 -29.46 -0.86 52.53
C THR A 94 -28.17 -0.50 51.81
N ASP A 95 -28.28 0.40 50.83
CA ASP A 95 -27.12 0.83 50.07
C ASP A 95 -26.31 1.87 50.85
N GLY A 96 -25.59 1.41 51.86
CA GLY A 96 -24.79 2.30 52.68
C GLY A 96 -24.63 1.80 54.11
N THR A 97 -24.37 2.71 55.03
CA THR A 97 -24.19 2.36 56.43
C THR A 97 -25.21 3.06 57.33
N HIS A 98 -26.41 2.52 57.38
CA HIS A 98 -27.48 3.10 58.18
C HIS A 98 -27.61 2.40 59.53
N PRO A 99 -27.31 3.14 60.62
CA PRO A 99 -27.36 2.61 61.99
C PRO A 99 -28.78 2.24 62.41
N PHE A 100 -28.88 1.43 63.46
CA PHE A 100 -30.18 1.01 63.98
C PHE A 100 -31.01 0.24 62.97
N VAL A 101 -30.34 -0.52 62.11
CA VAL A 101 -31.01 -1.37 61.14
C VAL A 101 -30.33 -2.73 61.04
N ILE A 102 -31.09 -3.78 61.31
CA ILE A 102 -30.57 -5.14 61.22
C ILE A 102 -31.12 -5.84 59.99
N GLN A 103 -30.22 -6.24 59.09
CA GLN A 103 -30.61 -6.82 57.81
C GLN A 103 -30.36 -8.33 57.77
N MET A 104 -31.43 -9.09 57.57
CA MET A 104 -31.35 -10.55 57.54
C MET A 104 -30.80 -11.08 56.22
N ARG A 105 -31.01 -10.32 55.15
CA ARG A 105 -30.58 -10.75 53.82
C ARG A 105 -29.12 -10.39 53.56
N PRO A 106 -28.30 -11.42 53.30
CA PRO A 106 -26.88 -11.23 52.95
C PRO A 106 -26.73 -10.59 51.58
N ASP A 107 -25.60 -9.92 51.35
CA ASP A 107 -25.35 -9.26 50.07
C ASP A 107 -25.01 -10.28 49.00
N LEU A 108 -25.83 -10.32 47.95
CA LEU A 108 -25.64 -11.25 46.85
C LEU A 108 -24.68 -10.70 45.80
N LYS A 109 -24.49 -9.39 45.81
CA LYS A 109 -23.63 -8.71 44.84
C LYS A 109 -22.30 -9.44 44.64
N GLY A 110 -21.69 -9.86 45.74
CA GLY A 110 -20.41 -10.55 45.69
C GLY A 110 -20.51 -11.92 45.04
N ALA A 111 -21.48 -12.71 45.48
CA ALA A 111 -21.65 -14.07 44.98
C ALA A 111 -21.96 -14.09 43.48
N LEU A 112 -22.66 -13.06 43.01
CA LEU A 112 -23.03 -12.98 41.59
C LEU A 112 -21.79 -12.74 40.74
N LEU A 113 -21.03 -11.71 41.08
CA LEU A 113 -19.83 -11.36 40.33
C LEU A 113 -18.85 -12.53 40.24
N SER A 114 -18.76 -13.29 41.32
CA SER A 114 -17.86 -14.44 41.37
C SER A 114 -18.33 -15.54 40.42
N LEU A 115 -19.64 -15.74 40.35
CA LEU A 115 -20.21 -16.77 39.49
C LEU A 115 -19.97 -16.44 38.02
N ILE A 116 -20.07 -15.16 37.67
CA ILE A 116 -19.86 -14.72 36.30
C ILE A 116 -18.46 -15.08 35.82
N GLU A 117 -17.47 -14.83 36.66
CA GLU A 117 -16.08 -15.14 36.32
C GLU A 117 -15.86 -16.65 36.23
N TYR A 118 -16.58 -17.40 37.06
CA TYR A 118 -16.46 -18.86 37.06
C TYR A 118 -16.83 -19.43 35.69
N TYR A 119 -17.98 -19.00 35.16
CA TYR A 119 -18.42 -19.43 33.84
C TYR A 119 -17.65 -18.69 32.75
N GLN A 120 -16.80 -17.76 33.15
CA GLN A 120 -15.99 -16.99 32.22
C GLN A 120 -16.85 -16.27 31.18
N TRP A 121 -17.74 -15.41 31.65
CA TRP A 121 -18.62 -14.65 30.78
C TRP A 121 -17.99 -13.30 30.42
N ASP A 122 -18.08 -12.93 29.15
CA ASP A 122 -17.55 -11.65 28.70
C ASP A 122 -18.65 -10.80 28.06
N LYS A 123 -19.70 -11.46 27.58
CA LYS A 123 -20.84 -10.77 26.99
C LYS A 123 -22.13 -11.44 27.40
N PHE A 124 -22.95 -10.72 28.16
CA PHE A 124 -24.20 -11.27 28.66
C PHE A 124 -25.28 -10.21 28.82
N ALA A 125 -26.54 -10.65 28.82
CA ALA A 125 -27.66 -9.75 29.02
C ALA A 125 -28.06 -9.71 30.49
N TYR A 126 -28.37 -8.53 31.00
CA TYR A 126 -28.71 -8.37 32.41
C TYR A 126 -30.10 -7.78 32.58
N LEU A 127 -31.11 -8.64 32.68
CA LEU A 127 -32.48 -8.20 32.90
C LEU A 127 -32.71 -7.95 34.38
N TYR A 128 -32.95 -6.70 34.74
CA TYR A 128 -33.08 -6.32 36.15
C TYR A 128 -34.45 -5.76 36.50
N ASP A 129 -34.74 -5.73 37.80
CA ASP A 129 -35.98 -5.16 38.30
C ASP A 129 -35.65 -4.12 39.36
N SER A 130 -36.17 -2.92 39.18
CA SER A 130 -35.84 -1.79 40.05
C SER A 130 -36.48 -1.87 41.43
N ASP A 131 -37.07 -3.03 41.74
CA ASP A 131 -37.76 -3.21 43.01
C ASP A 131 -36.81 -3.26 44.21
N ARG A 132 -35.68 -3.95 44.04
CA ARG A 132 -34.73 -4.11 45.13
C ARG A 132 -33.53 -3.19 44.97
N GLY A 133 -33.73 -2.08 44.26
CA GLY A 133 -32.67 -1.10 44.05
C GLY A 133 -31.66 -1.55 43.01
N LEU A 134 -31.08 -0.58 42.32
CA LEU A 134 -30.09 -0.86 41.28
C LEU A 134 -28.71 -1.06 41.89
N SER A 135 -28.67 -1.55 43.12
CA SER A 135 -27.40 -1.79 43.81
C SER A 135 -26.58 -2.85 43.11
N THR A 136 -27.23 -3.92 42.66
CA THR A 136 -26.55 -5.01 41.96
C THR A 136 -26.28 -4.64 40.50
N LEU A 137 -27.14 -3.79 39.94
CA LEU A 137 -26.96 -3.32 38.58
C LEU A 137 -25.68 -2.50 38.47
N GLN A 138 -25.49 -1.58 39.41
CA GLN A 138 -24.28 -0.78 39.45
C GLN A 138 -23.06 -1.67 39.64
N ALA A 139 -23.25 -2.75 40.40
CA ALA A 139 -22.16 -3.69 40.68
C ALA A 139 -21.62 -4.31 39.40
N VAL A 140 -22.51 -4.84 38.56
CA VAL A 140 -22.10 -5.50 37.33
C VAL A 140 -21.62 -4.49 36.27
N LEU A 141 -22.19 -3.29 36.31
CA LEU A 141 -21.80 -2.25 35.37
C LEU A 141 -20.41 -1.73 35.68
N ASP A 142 -20.13 -1.49 36.96
CA ASP A 142 -18.82 -1.01 37.39
C ASP A 142 -17.75 -2.07 37.12
N SER A 143 -18.10 -3.33 37.37
CA SER A 143 -17.17 -4.43 37.15
C SER A 143 -17.00 -4.69 35.65
N ALA A 144 -17.98 -4.28 34.87
CA ALA A 144 -17.91 -4.43 33.41
C ALA A 144 -16.81 -3.55 32.83
N ALA A 145 -16.48 -2.48 33.56
CA ALA A 145 -15.41 -1.58 33.13
C ALA A 145 -14.05 -2.20 33.40
N GLU A 146 -13.89 -2.78 34.59
CA GLU A 146 -12.63 -3.40 34.98
C GLU A 146 -12.40 -4.73 34.26
N LYS A 147 -13.34 -5.66 34.45
CA LYS A 147 -13.23 -6.99 33.86
C LYS A 147 -13.50 -6.96 32.35
N LYS A 148 -13.86 -5.78 31.85
CA LYS A 148 -14.13 -5.60 30.43
C LYS A 148 -15.25 -6.52 29.93
N TRP A 149 -16.48 -6.23 30.32
CA TRP A 149 -17.64 -6.99 29.86
C TRP A 149 -18.53 -6.15 28.95
N GLN A 150 -19.26 -6.81 28.06
CA GLN A 150 -20.25 -6.15 27.23
C GLN A 150 -21.65 -6.47 27.74
N VAL A 151 -22.07 -5.77 28.80
CA VAL A 151 -23.34 -6.02 29.44
C VAL A 151 -24.49 -5.30 28.74
N THR A 152 -25.59 -6.01 28.52
CA THR A 152 -26.78 -5.42 27.93
C THR A 152 -27.88 -5.32 28.98
N ALA A 153 -27.84 -4.26 29.78
CA ALA A 153 -28.80 -4.05 30.86
C ALA A 153 -30.16 -3.60 30.32
N ILE A 154 -31.21 -4.28 30.77
CA ILE A 154 -32.57 -3.95 30.34
C ILE A 154 -33.54 -4.00 31.51
N ASN A 155 -34.17 -2.86 31.79
CA ASN A 155 -35.15 -2.78 32.87
C ASN A 155 -36.43 -3.52 32.52
N VAL A 156 -36.55 -4.75 33.02
CA VAL A 156 -37.72 -5.58 32.75
C VAL A 156 -38.80 -5.34 33.79
N GLY A 157 -38.69 -4.22 34.51
CA GLY A 157 -39.60 -3.91 35.60
C GLY A 157 -40.82 -3.10 35.19
N ASN A 158 -40.58 -1.99 34.49
CA ASN A 158 -41.65 -1.07 34.12
C ASN A 158 -42.59 -1.62 33.05
N ILE A 159 -42.55 -2.92 32.84
CA ILE A 159 -43.41 -3.56 31.84
C ILE A 159 -44.84 -3.69 32.34
N ASN A 160 -45.76 -2.93 31.73
CA ASN A 160 -47.17 -3.00 32.09
C ASN A 160 -47.76 -4.39 31.85
N ASN A 161 -48.31 -5.00 32.88
CA ASN A 161 -48.72 -6.41 32.84
C ASN A 161 -50.03 -6.75 32.11
N ASP A 162 -50.82 -5.73 31.76
CA ASP A 162 -52.12 -5.88 31.08
C ASP A 162 -51.99 -5.82 29.55
N LYS A 163 -50.87 -6.33 29.03
CA LYS A 163 -50.54 -6.27 27.61
C LYS A 163 -49.04 -6.56 27.46
N LYS A 164 -48.46 -7.24 28.44
CA LYS A 164 -47.01 -7.51 28.43
C LYS A 164 -46.64 -8.72 27.58
N ASP A 165 -46.66 -8.56 26.27
CA ASP A 165 -46.35 -9.66 25.36
C ASP A 165 -45.61 -9.13 24.13
N GLU A 166 -46.14 -8.03 23.58
CA GLU A 166 -45.48 -7.34 22.48
C GLU A 166 -44.22 -6.66 23.00
N THR A 167 -44.06 -6.68 24.32
CA THR A 167 -42.89 -6.10 24.96
C THR A 167 -41.78 -7.14 25.09
N TYR A 168 -42.16 -8.36 25.45
CA TYR A 168 -41.20 -9.46 25.56
C TYR A 168 -40.70 -9.87 24.18
N ARG A 169 -41.58 -9.86 23.20
CA ARG A 169 -41.20 -10.18 21.83
C ARG A 169 -40.21 -9.15 21.30
N SER A 170 -40.40 -7.90 21.71
CA SER A 170 -39.50 -6.82 21.34
C SER A 170 -38.29 -6.78 22.25
N LEU A 171 -38.35 -7.55 23.33
CA LEU A 171 -37.24 -7.63 24.27
C LEU A 171 -36.18 -8.60 23.78
N PHE A 172 -36.61 -9.79 23.38
CA PHE A 172 -35.70 -10.80 22.86
C PHE A 172 -35.35 -10.54 21.40
N GLN A 173 -35.93 -9.49 20.84
CA GLN A 173 -35.61 -9.05 19.49
C GLN A 173 -34.30 -8.26 19.54
N ASP A 174 -34.11 -7.53 20.64
CA ASP A 174 -32.87 -6.78 20.85
C ASP A 174 -31.79 -7.71 21.37
N LEU A 175 -32.21 -8.78 22.06
CA LEU A 175 -31.30 -9.77 22.57
C LEU A 175 -30.92 -10.79 21.49
N GLU A 176 -31.26 -10.45 20.25
CA GLU A 176 -30.94 -11.30 19.12
C GLU A 176 -30.04 -10.57 18.13
N LEU A 177 -29.99 -9.25 18.24
CA LEU A 177 -29.10 -8.44 17.42
C LEU A 177 -27.66 -8.84 17.68
N LYS A 178 -27.35 -9.13 18.95
CA LYS A 178 -26.02 -9.58 19.33
C LYS A 178 -26.05 -11.07 19.67
N LYS A 179 -27.14 -11.73 19.32
CA LYS A 179 -27.29 -13.16 19.55
C LYS A 179 -26.98 -13.54 21.00
N GLU A 180 -27.56 -12.79 21.93
CA GLU A 180 -27.34 -13.05 23.35
C GLU A 180 -27.85 -14.42 23.76
N ARG A 181 -26.97 -15.25 24.31
CA ARG A 181 -27.34 -16.59 24.73
C ARG A 181 -27.17 -16.76 26.24
N ARG A 182 -26.63 -15.73 26.88
CA ARG A 182 -26.38 -15.77 28.32
C ARG A 182 -27.09 -14.62 29.03
N VAL A 183 -28.13 -14.97 29.78
CA VAL A 183 -28.97 -13.97 30.44
C VAL A 183 -28.92 -14.09 31.97
N ILE A 184 -28.90 -12.95 32.64
CA ILE A 184 -28.95 -12.92 34.10
C ILE A 184 -30.26 -12.29 34.56
N LEU A 185 -31.08 -13.09 35.23
CA LEU A 185 -32.37 -12.60 35.71
C LEU A 185 -32.30 -12.10 37.15
N ASP A 186 -32.25 -10.79 37.32
CA ASP A 186 -32.23 -10.18 38.64
C ASP A 186 -33.63 -9.67 38.99
N CYS A 187 -34.50 -10.59 39.42
CA CYS A 187 -35.87 -10.24 39.71
C CYS A 187 -36.40 -10.97 40.95
N GLU A 188 -37.64 -10.69 41.31
CA GLU A 188 -38.28 -11.37 42.43
C GLU A 188 -38.76 -12.75 41.99
N ARG A 189 -39.16 -13.57 42.95
CA ARG A 189 -39.61 -14.92 42.65
C ARG A 189 -40.78 -14.95 41.66
N ASP A 190 -41.49 -13.83 41.58
CA ASP A 190 -42.65 -13.74 40.70
C ASP A 190 -42.26 -13.31 39.29
N LYS A 191 -41.55 -12.20 39.17
CA LYS A 191 -41.12 -11.68 37.89
C LYS A 191 -40.24 -12.69 37.15
N VAL A 192 -39.64 -13.61 37.89
CA VAL A 192 -38.80 -14.65 37.31
C VAL A 192 -39.64 -15.70 36.58
N ASN A 193 -40.70 -16.16 37.24
CA ASN A 193 -41.59 -17.15 36.64
C ASN A 193 -42.23 -16.62 35.36
N ASP A 194 -42.56 -15.33 35.35
CA ASP A 194 -43.13 -14.70 34.17
C ASP A 194 -42.16 -14.76 33.00
N ILE A 195 -40.90 -14.43 33.28
CA ILE A 195 -39.85 -14.47 32.26
C ILE A 195 -39.59 -15.90 31.82
N VAL A 196 -39.43 -16.81 32.78
CA VAL A 196 -39.20 -18.21 32.49
C VAL A 196 -40.30 -18.78 31.59
N ASP A 197 -41.54 -18.41 31.86
CA ASP A 197 -42.66 -18.87 31.05
C ASP A 197 -42.56 -18.34 29.63
N GLN A 198 -42.23 -17.05 29.49
CA GLN A 198 -42.05 -16.45 28.17
C GLN A 198 -40.91 -17.10 27.42
N VAL A 199 -39.82 -17.38 28.14
CA VAL A 199 -38.65 -18.02 27.56
C VAL A 199 -38.99 -19.35 26.92
N ILE A 200 -39.81 -20.14 27.62
CA ILE A 200 -40.22 -21.44 27.11
C ILE A 200 -41.13 -21.31 25.90
N THR A 201 -41.99 -20.30 25.93
CA THR A 201 -42.93 -20.06 24.83
C THR A 201 -42.19 -19.77 23.52
N ILE A 202 -41.24 -18.85 23.59
CA ILE A 202 -40.45 -18.49 22.41
C ILE A 202 -39.38 -19.55 22.11
N GLY A 203 -39.22 -20.49 23.03
CA GLY A 203 -38.31 -21.61 22.82
C GLY A 203 -36.85 -21.30 23.07
N LYS A 204 -36.59 -20.23 23.83
CA LYS A 204 -35.21 -19.86 24.15
C LYS A 204 -34.75 -20.52 25.45
N HIS A 205 -35.20 -21.75 25.67
CA HIS A 205 -34.84 -22.51 26.86
C HIS A 205 -34.16 -23.82 26.47
N VAL A 206 -33.76 -23.92 25.21
CA VAL A 206 -33.09 -25.11 24.70
C VAL A 206 -31.58 -25.00 24.88
N LYS A 207 -30.88 -26.07 24.55
CA LYS A 207 -29.42 -26.09 24.66
C LYS A 207 -28.79 -24.93 23.92
N GLY A 208 -27.89 -24.22 24.59
CA GLY A 208 -27.22 -23.08 24.00
C GLY A 208 -27.40 -21.83 24.84
N TYR A 209 -28.51 -21.79 25.57
CA TYR A 209 -28.80 -20.66 26.45
C TYR A 209 -28.38 -20.95 27.87
N HIS A 210 -27.99 -19.90 28.60
CA HIS A 210 -27.56 -20.04 29.99
C HIS A 210 -28.17 -18.92 30.84
N TYR A 211 -29.01 -19.29 31.78
CA TYR A 211 -29.67 -18.31 32.64
C TYR A 211 -29.13 -18.35 34.06
N ILE A 212 -29.08 -17.19 34.70
CA ILE A 212 -28.64 -17.08 36.09
C ILE A 212 -29.67 -16.32 36.91
N ILE A 213 -30.34 -17.01 37.82
CA ILE A 213 -31.34 -16.39 38.68
C ILE A 213 -30.65 -15.64 39.82
N ALA A 214 -30.63 -14.32 39.73
CA ALA A 214 -29.92 -13.50 40.70
C ALA A 214 -30.75 -13.22 41.95
N ASN A 215 -31.03 -14.28 42.72
CA ASN A 215 -31.71 -14.15 44.00
C ASN A 215 -31.30 -15.26 44.96
N LEU A 216 -31.64 -15.11 46.22
CA LEU A 216 -31.25 -16.07 47.25
C LEU A 216 -32.23 -17.25 47.32
N GLY A 217 -33.21 -17.26 46.42
CA GLY A 217 -34.19 -18.33 46.38
C GLY A 217 -34.25 -19.02 45.04
N PHE A 218 -33.24 -19.85 44.76
CA PHE A 218 -33.16 -20.57 43.49
C PHE A 218 -34.21 -21.68 43.40
N THR A 219 -34.42 -22.38 44.50
CA THR A 219 -35.37 -23.48 44.54
C THR A 219 -36.76 -23.00 44.97
N ASP A 220 -36.88 -21.70 45.20
CA ASP A 220 -38.15 -21.12 45.63
C ASP A 220 -39.16 -21.05 44.49
N GLY A 221 -38.65 -20.98 43.27
CA GLY A 221 -39.50 -20.90 42.10
C GLY A 221 -39.65 -22.24 41.40
N ASP A 222 -40.59 -22.31 40.46
CA ASP A 222 -40.81 -23.54 39.70
C ASP A 222 -39.75 -23.69 38.61
N LEU A 223 -38.99 -24.77 38.68
CA LEU A 223 -37.92 -25.02 37.71
C LEU A 223 -38.22 -26.21 36.82
N LEU A 224 -39.24 -26.99 37.20
CA LEU A 224 -39.62 -28.18 36.45
C LEU A 224 -39.93 -27.86 34.99
N LYS A 225 -40.21 -26.60 34.70
CA LYS A 225 -40.56 -26.19 33.34
C LYS A 225 -39.35 -26.00 32.45
N ILE A 226 -38.36 -25.25 32.92
CA ILE A 226 -37.12 -25.06 32.16
C ILE A 226 -36.04 -26.03 32.61
N GLN A 227 -36.47 -27.17 33.14
CA GLN A 227 -35.54 -28.18 33.64
C GLN A 227 -35.13 -29.16 32.54
N PHE A 228 -36.08 -29.50 31.67
CA PHE A 228 -35.82 -30.47 30.61
C PHE A 228 -35.65 -29.78 29.26
N GLY A 229 -35.68 -28.45 29.28
CA GLY A 229 -35.52 -27.68 28.05
C GLY A 229 -34.19 -27.88 27.38
N GLY A 230 -33.13 -27.89 28.18
CA GLY A 230 -31.79 -28.07 27.65
C GLY A 230 -30.85 -26.94 28.07
N ALA A 231 -31.40 -25.74 28.18
CA ALA A 231 -30.61 -24.58 28.58
C ALA A 231 -30.18 -24.71 30.03
N GLU A 232 -28.90 -24.42 30.28
CA GLU A 232 -28.36 -24.50 31.63
C GLU A 232 -28.86 -23.35 32.50
N VAL A 233 -29.32 -23.67 33.70
CA VAL A 233 -29.82 -22.66 34.62
C VAL A 233 -29.07 -22.72 35.95
N SER A 234 -28.53 -21.58 36.36
CA SER A 234 -27.81 -21.50 37.63
C SER A 234 -28.46 -20.46 38.54
N GLY A 235 -28.11 -20.50 39.82
CA GLY A 235 -28.69 -19.57 40.78
C GLY A 235 -28.03 -19.65 42.15
N PHE A 236 -28.72 -19.11 43.15
CA PHE A 236 -28.18 -19.08 44.51
C PHE A 236 -29.21 -19.55 45.52
N GLN A 237 -28.76 -20.33 46.50
CA GLN A 237 -29.64 -20.82 47.55
C GLN A 237 -29.07 -20.49 48.93
N ILE A 238 -29.87 -19.84 49.76
CA ILE A 238 -29.44 -19.45 51.10
C ILE A 238 -29.95 -20.42 52.14
N VAL A 239 -31.07 -21.08 51.85
CA VAL A 239 -31.65 -22.06 52.74
C VAL A 239 -31.21 -23.47 52.36
N ASP A 240 -30.15 -23.95 53.00
CA ASP A 240 -29.63 -25.28 52.70
C ASP A 240 -30.51 -26.35 53.33
N TYR A 241 -31.25 -27.08 52.49
CA TYR A 241 -32.15 -28.11 52.96
C TYR A 241 -31.39 -29.39 53.33
N ASP A 242 -30.07 -29.32 53.26
CA ASP A 242 -29.23 -30.45 53.63
C ASP A 242 -28.75 -30.37 55.08
N ASP A 243 -28.95 -29.21 55.69
CA ASP A 243 -28.62 -29.03 57.10
C ASP A 243 -29.65 -29.75 57.96
N SER A 244 -29.18 -30.53 58.92
CA SER A 244 -30.07 -31.22 59.85
C SER A 244 -30.95 -30.22 60.59
N LEU A 245 -30.46 -29.00 60.73
CA LEU A 245 -31.22 -27.93 61.38
C LEU A 245 -32.43 -27.56 60.54
N VAL A 246 -32.19 -27.29 59.26
CA VAL A 246 -33.26 -26.93 58.34
C VAL A 246 -34.15 -28.13 58.05
N SER A 247 -33.54 -29.30 57.92
CA SER A 247 -34.27 -30.54 57.65
C SER A 247 -35.30 -30.81 58.76
N LYS A 248 -34.93 -30.50 59.99
CA LYS A 248 -35.82 -30.70 61.13
C LYS A 248 -36.95 -29.67 61.11
N PHE A 249 -36.64 -28.46 60.67
CA PHE A 249 -37.63 -27.40 60.57
C PHE A 249 -38.73 -27.78 59.59
N ILE A 250 -38.32 -28.27 58.43
CA ILE A 250 -39.28 -28.68 57.39
C ILE A 250 -40.16 -29.83 57.86
N GLU A 251 -39.59 -30.74 58.64
CA GLU A 251 -40.33 -31.87 59.17
C GLU A 251 -41.59 -31.42 59.90
N ARG A 252 -41.50 -30.28 60.58
CA ARG A 252 -42.62 -29.74 61.34
C ARG A 252 -43.40 -28.71 60.51
N TRP A 253 -42.69 -28.02 59.62
CA TRP A 253 -43.30 -26.99 58.78
C TRP A 253 -44.24 -27.61 57.75
N SER A 254 -43.77 -28.66 57.08
CA SER A 254 -44.54 -29.30 56.02
C SER A 254 -45.83 -29.94 56.54
N THR A 255 -45.91 -30.15 57.84
CA THR A 255 -47.06 -30.81 58.44
C THR A 255 -48.09 -29.82 58.98
N LEU A 256 -47.64 -28.61 59.29
CA LEU A 256 -48.52 -27.58 59.84
C LEU A 256 -49.78 -27.41 59.01
N GLU A 257 -50.88 -27.10 59.67
CA GLU A 257 -52.16 -26.89 59.01
C GLU A 257 -52.12 -25.64 58.13
N GLU A 258 -52.44 -25.81 56.85
CA GLU A 258 -52.39 -24.69 55.92
C GLU A 258 -53.52 -23.69 56.17
N LYS A 259 -54.51 -24.11 56.95
CA LYS A 259 -55.63 -23.24 57.29
C LYS A 259 -55.19 -22.13 58.25
N GLU A 260 -54.56 -22.52 59.35
CA GLU A 260 -54.09 -21.57 60.34
C GLU A 260 -52.79 -20.91 59.89
N TYR A 261 -51.95 -21.69 59.22
CA TYR A 261 -50.68 -21.19 58.71
C TYR A 261 -50.68 -21.18 57.18
N PRO A 262 -51.12 -20.06 56.59
CA PRO A 262 -51.23 -19.91 55.13
C PRO A 262 -49.91 -20.20 54.42
N GLY A 263 -49.98 -20.95 53.32
CA GLY A 263 -48.80 -21.27 52.54
C GLY A 263 -47.66 -21.84 53.36
N ALA A 264 -47.97 -22.78 54.23
CA ALA A 264 -46.97 -23.37 55.12
C ALA A 264 -46.98 -24.89 55.06
N HIS A 265 -47.78 -25.45 54.17
CA HIS A 265 -47.89 -26.90 54.04
C HIS A 265 -47.06 -27.41 52.86
N THR A 266 -45.80 -27.00 52.80
CA THR A 266 -44.90 -27.42 51.73
C THR A 266 -43.57 -27.90 52.28
N ALA A 267 -42.77 -28.56 51.43
CA ALA A 267 -41.48 -29.08 51.84
C ALA A 267 -40.39 -28.02 51.70
N THR A 268 -40.73 -26.90 51.09
CA THR A 268 -39.77 -25.82 50.89
C THR A 268 -40.27 -24.52 51.53
N ILE A 269 -39.43 -23.49 51.50
CA ILE A 269 -39.78 -22.20 52.09
C ILE A 269 -39.02 -21.06 51.41
N LYS A 270 -39.74 -19.98 51.10
CA LYS A 270 -39.13 -18.81 50.49
C LYS A 270 -38.05 -18.23 51.41
N TYR A 271 -36.96 -17.77 50.82
CA TYR A 271 -35.84 -17.25 51.61
C TYR A 271 -36.25 -16.05 52.45
N THR A 272 -37.24 -15.31 51.97
CA THR A 272 -37.76 -14.16 52.71
C THR A 272 -38.45 -14.63 53.99
N SER A 273 -39.18 -15.73 53.89
CA SER A 273 -39.86 -16.31 55.04
C SER A 273 -38.87 -16.93 56.02
N ALA A 274 -37.86 -17.61 55.47
CA ALA A 274 -36.84 -18.25 56.28
C ALA A 274 -36.06 -17.22 57.09
N LEU A 275 -35.84 -16.06 56.51
CA LEU A 275 -35.14 -14.97 57.21
C LEU A 275 -36.01 -14.40 58.32
N THR A 276 -37.32 -14.38 58.10
CA THR A 276 -38.27 -13.90 59.10
C THR A 276 -38.19 -14.77 60.34
N TYR A 277 -38.16 -16.09 60.14
CA TYR A 277 -38.03 -17.04 61.23
C TYR A 277 -36.72 -16.85 61.98
N ASP A 278 -35.64 -16.64 61.22
CA ASP A 278 -34.33 -16.41 61.81
C ASP A 278 -34.27 -15.07 62.50
N ALA A 279 -35.12 -14.14 62.09
CA ALA A 279 -35.19 -12.82 62.69
C ALA A 279 -35.68 -12.91 64.13
N VAL A 280 -36.72 -13.74 64.33
CA VAL A 280 -37.28 -13.94 65.67
C VAL A 280 -36.20 -14.47 66.62
N GLN A 281 -35.40 -15.41 66.13
CA GLN A 281 -34.34 -16.01 66.94
C GLN A 281 -33.29 -14.96 67.33
N VAL A 282 -33.00 -14.04 66.42
CA VAL A 282 -32.02 -13.00 66.68
C VAL A 282 -32.53 -12.02 67.74
N MET A 283 -33.82 -11.68 67.65
CA MET A 283 -34.43 -10.76 68.61
C MET A 283 -34.53 -11.38 69.99
N THR A 284 -34.72 -12.70 70.03
CA THR A 284 -34.80 -13.42 71.30
C THR A 284 -33.44 -13.46 71.98
N GLU A 285 -32.41 -13.87 71.26
CA GLU A 285 -31.06 -13.96 71.79
C GLU A 285 -30.55 -12.59 72.21
N ALA A 286 -31.05 -11.55 71.55
CA ALA A 286 -30.63 -10.19 71.83
C ALA A 286 -31.21 -9.70 73.16
N PHE A 287 -32.51 -9.88 73.32
CA PHE A 287 -33.18 -9.47 74.55
C PHE A 287 -32.77 -10.35 75.72
N ARG A 288 -32.23 -11.53 75.42
CA ARG A 288 -31.78 -12.46 76.44
C ARG A 288 -30.39 -12.07 76.94
N ASN A 289 -29.56 -11.59 76.02
CA ASN A 289 -28.20 -11.15 76.38
C ASN A 289 -28.23 -9.84 77.16
N LEU A 290 -29.39 -9.19 77.20
CA LEU A 290 -29.56 -7.96 77.96
C LEU A 290 -29.98 -8.26 79.40
N ARG A 291 -30.72 -9.36 79.57
CA ARG A 291 -31.15 -9.77 80.90
C ARG A 291 -29.97 -10.36 81.68
N LYS A 292 -29.17 -11.17 80.99
CA LYS A 292 -28.00 -11.81 81.60
C LYS A 292 -26.86 -10.82 81.81
N GLN A 293 -26.96 -9.66 81.14
CA GLN A 293 -25.94 -8.63 81.25
C GLN A 293 -26.33 -7.59 82.29
N ARG A 294 -27.47 -7.80 82.94
CA ARG A 294 -27.95 -6.89 83.98
C ARG A 294 -28.10 -5.46 83.44
N ILE A 295 -28.79 -5.33 82.31
CA ILE A 295 -29.01 -4.03 81.69
C ILE A 295 -30.49 -3.66 81.69
N GLU A 296 -30.84 -2.63 82.45
CA GLU A 296 -32.21 -2.15 82.51
C GLU A 296 -32.52 -1.22 81.34
N ILE A 297 -33.58 -1.54 80.60
CA ILE A 297 -33.97 -0.75 79.43
C ILE A 297 -35.46 -0.45 79.42
N SER A 298 -36.17 -0.85 80.47
CA SER A 298 -37.59 -0.54 80.59
C SER A 298 -37.83 0.97 80.48
N ARG A 299 -38.71 1.35 79.58
CA ARG A 299 -39.02 2.76 79.36
C ARG A 299 -39.63 3.41 80.60
N ARG A 300 -39.28 4.68 80.84
CA ARG A 300 -39.79 5.40 81.99
C ARG A 300 -41.25 5.83 81.78
N GLY A 301 -41.67 5.89 80.53
CA GLY A 301 -43.03 6.27 80.19
C GLY A 301 -43.25 6.33 78.69
N ASN A 302 -44.37 6.92 78.29
CA ASN A 302 -44.68 7.08 76.87
C ASN A 302 -43.56 7.80 76.13
N ALA A 303 -43.31 7.37 74.89
CA ALA A 303 -42.22 7.93 74.11
C ALA A 303 -42.59 9.28 73.49
N GLY A 304 -43.89 9.50 73.32
CA GLY A 304 -44.38 10.74 72.75
C GLY A 304 -44.47 10.70 71.23
N ASP A 305 -44.86 11.82 70.64
CA ASP A 305 -44.97 11.91 69.18
C ASP A 305 -43.59 11.88 68.54
N CYS A 306 -43.46 11.10 67.48
CA CYS A 306 -42.18 10.96 66.78
C CYS A 306 -41.73 12.26 66.12
N LEU A 307 -42.70 13.11 65.79
CA LEU A 307 -42.41 14.39 65.16
C LEU A 307 -41.99 15.44 66.18
N ALA A 308 -41.84 15.01 67.43
CA ALA A 308 -41.44 15.92 68.50
C ALA A 308 -40.20 16.71 68.13
N ASN A 309 -40.26 18.03 68.30
CA ASN A 309 -39.14 18.90 67.95
C ASN A 309 -38.79 19.82 69.11
N PRO A 310 -37.52 19.78 69.57
CA PRO A 310 -36.47 18.92 69.03
C PRO A 310 -36.69 17.44 69.36
N ALA A 311 -36.28 16.56 68.46
CA ALA A 311 -36.41 15.12 68.66
C ALA A 311 -35.27 14.59 69.51
N VAL A 312 -35.62 14.04 70.67
CA VAL A 312 -34.61 13.50 71.59
C VAL A 312 -34.62 11.96 71.59
N PRO A 313 -33.49 11.37 71.18
CA PRO A 313 -33.32 9.91 71.15
C PRO A 313 -33.17 9.33 72.55
N TRP A 314 -33.96 8.31 72.87
CA TRP A 314 -33.85 7.67 74.18
C TRP A 314 -32.60 6.78 74.25
N GLY A 315 -31.72 7.09 75.19
CA GLY A 315 -30.44 6.43 75.30
C GLY A 315 -30.49 4.91 75.38
N GLN A 316 -31.63 4.39 75.83
CA GLN A 316 -31.80 2.94 75.97
C GLN A 316 -31.75 2.24 74.62
N GLY A 317 -31.92 3.00 73.54
CA GLY A 317 -31.91 2.46 72.20
C GLY A 317 -30.52 2.07 71.73
N VAL A 318 -29.51 2.81 72.20
CA VAL A 318 -28.12 2.54 71.82
C VAL A 318 -27.69 1.15 72.26
N GLU A 319 -28.21 0.71 73.40
CA GLU A 319 -27.87 -0.61 73.93
C GLU A 319 -28.60 -1.72 73.18
N ILE A 320 -29.83 -1.45 72.77
CA ILE A 320 -30.62 -2.43 72.03
C ILE A 320 -29.96 -2.74 70.68
N GLU A 321 -29.28 -1.75 70.12
CA GLU A 321 -28.56 -1.93 68.86
C GLU A 321 -27.32 -2.80 69.07
N ARG A 322 -26.54 -2.47 70.08
CA ARG A 322 -25.32 -3.21 70.39
C ARG A 322 -25.64 -4.66 70.78
N ALA A 323 -26.91 -4.92 71.07
CA ALA A 323 -27.35 -6.26 71.44
C ALA A 323 -27.63 -7.09 70.19
N LEU A 324 -28.51 -6.58 69.34
CA LEU A 324 -28.88 -7.26 68.10
C LEU A 324 -27.66 -7.50 67.21
N LYS A 325 -26.80 -6.49 67.10
CA LYS A 325 -25.62 -6.57 66.26
C LYS A 325 -24.57 -7.53 66.83
N GLN A 326 -24.69 -7.83 68.13
CA GLN A 326 -23.75 -8.72 68.79
C GLN A 326 -24.23 -10.17 68.74
N VAL A 327 -25.49 -10.35 68.38
CA VAL A 327 -26.08 -11.69 68.31
C VAL A 327 -25.35 -12.56 67.30
N GLN A 328 -25.24 -13.85 67.61
CA GLN A 328 -24.61 -14.81 66.69
C GLN A 328 -25.11 -16.23 66.96
N VAL A 329 -26.16 -16.63 66.25
CA VAL A 329 -26.73 -17.95 66.41
C VAL A 329 -26.81 -18.68 65.06
N GLU A 330 -27.33 -19.90 65.09
CA GLU A 330 -27.46 -20.69 63.87
C GLU A 330 -28.93 -20.77 63.45
N GLY A 331 -29.21 -20.41 62.20
CA GLY A 331 -30.56 -20.40 61.69
C GLY A 331 -30.72 -21.11 60.36
N LEU A 332 -31.88 -20.94 59.74
CA LEU A 332 -32.16 -21.57 58.46
C LEU A 332 -31.23 -21.06 57.37
N SER A 333 -30.83 -19.80 57.49
CA SER A 333 -29.95 -19.17 56.51
C SER A 333 -28.48 -19.25 56.92
N GLY A 334 -28.07 -20.41 57.42
CA GLY A 334 -26.70 -20.63 57.82
C GLY A 334 -26.28 -19.83 59.03
N ASN A 335 -24.98 -19.67 59.22
CA ASN A 335 -24.46 -18.93 60.35
C ASN A 335 -24.82 -17.45 60.28
N ILE A 336 -25.45 -16.95 61.33
CA ILE A 336 -25.88 -15.56 61.38
C ILE A 336 -24.94 -14.70 62.22
N LYS A 337 -24.30 -13.73 61.56
CA LYS A 337 -23.41 -12.80 62.25
C LYS A 337 -23.55 -11.40 61.65
N PHE A 338 -23.21 -10.38 62.43
CA PHE A 338 -23.35 -9.00 61.98
C PHE A 338 -22.11 -8.17 62.25
N ASP A 339 -21.98 -7.06 61.55
CA ASP A 339 -20.92 -6.10 61.80
C ASP A 339 -21.48 -4.88 62.53
N GLN A 340 -20.65 -3.85 62.68
CA GLN A 340 -21.06 -2.66 63.42
C GLN A 340 -22.23 -1.92 62.76
N ASN A 341 -22.42 -2.17 61.47
CA ASN A 341 -23.46 -1.50 60.70
C ASN A 341 -24.80 -2.24 60.72
N GLY A 342 -24.75 -3.55 60.48
CA GLY A 342 -25.95 -4.36 60.46
C GLY A 342 -25.95 -5.36 59.32
N LYS A 343 -25.02 -5.20 58.39
CA LYS A 343 -24.89 -6.12 57.27
C LYS A 343 -24.33 -7.45 57.74
N ARG A 344 -24.94 -8.54 57.28
CA ARG A 344 -24.51 -9.88 57.68
C ARG A 344 -23.11 -10.21 57.19
N ILE A 345 -22.37 -10.96 58.00
CA ILE A 345 -21.02 -11.38 57.64
C ILE A 345 -20.80 -12.85 57.98
N ASN A 346 -19.69 -13.40 57.50
CA ASN A 346 -19.36 -14.80 57.73
C ASN A 346 -20.52 -15.72 57.37
N TYR A 347 -21.15 -15.47 56.23
CA TYR A 347 -22.28 -16.27 55.78
C TYR A 347 -21.90 -17.15 54.60
N THR A 348 -22.81 -18.01 54.17
CA THR A 348 -22.55 -18.93 53.08
C THR A 348 -23.73 -19.01 52.11
N ILE A 349 -23.43 -18.81 50.82
CA ILE A 349 -24.46 -18.90 49.79
C ILE A 349 -24.13 -20.03 48.81
N ASN A 350 -24.98 -21.05 48.80
CA ASN A 350 -24.76 -22.20 47.94
C ASN A 350 -25.06 -21.90 46.47
N ILE A 351 -24.12 -22.22 45.60
CA ILE A 351 -24.32 -22.06 44.16
C ILE A 351 -25.04 -23.29 43.60
N MET A 352 -26.14 -23.05 42.89
CA MET A 352 -26.98 -24.14 42.41
C MET A 352 -27.00 -24.22 40.88
N GLU A 353 -27.10 -25.45 40.38
CA GLU A 353 -27.30 -25.70 38.96
C GLU A 353 -28.48 -26.64 38.76
N LEU A 354 -29.25 -26.41 37.70
CA LEU A 354 -30.43 -27.24 37.43
C LEU A 354 -30.12 -28.35 36.43
N LYS A 355 -30.09 -29.59 36.91
CA LYS A 355 -29.83 -30.73 36.06
C LYS A 355 -31.13 -31.45 35.70
N THR A 356 -31.00 -32.63 35.10
CA THR A 356 -32.17 -33.40 34.69
C THR A 356 -32.93 -33.96 35.89
N ASN A 357 -32.20 -34.42 36.89
CA ASN A 357 -32.81 -34.98 38.09
C ASN A 357 -33.30 -33.90 39.06
N GLY A 358 -33.00 -32.65 38.74
CA GLY A 358 -33.40 -31.53 39.58
C GLY A 358 -32.24 -30.68 40.01
N PRO A 359 -32.50 -29.65 40.82
CA PRO A 359 -31.47 -28.75 41.35
C PRO A 359 -30.36 -29.51 42.07
N ARG A 360 -29.15 -28.97 42.05
CA ARG A 360 -28.01 -29.63 42.68
C ARG A 360 -26.92 -28.62 43.04
N LYS A 361 -26.49 -28.64 44.30
CA LYS A 361 -25.45 -27.74 44.77
C LYS A 361 -24.10 -28.13 44.19
N ILE A 362 -23.45 -27.19 43.49
CA ILE A 362 -22.16 -27.44 42.88
C ILE A 362 -21.04 -26.77 43.68
N GLY A 363 -21.42 -26.05 44.74
CA GLY A 363 -20.45 -25.36 45.56
C GLY A 363 -21.09 -24.27 46.39
N TYR A 364 -20.27 -23.47 47.07
CA TYR A 364 -20.77 -22.38 47.90
C TYR A 364 -19.93 -21.12 47.70
N TRP A 365 -20.37 -20.02 48.31
CA TRP A 365 -19.65 -18.76 48.21
C TRP A 365 -19.47 -18.12 49.59
N SER A 366 -18.22 -17.92 49.98
CA SER A 366 -17.91 -17.27 51.24
C SER A 366 -17.38 -15.87 50.98
N GLU A 367 -17.70 -14.93 51.87
CA GLU A 367 -17.26 -13.55 51.73
C GLU A 367 -15.74 -13.46 51.83
N VAL A 368 -15.11 -14.53 52.29
CA VAL A 368 -13.66 -14.54 52.50
C VAL A 368 -12.95 -15.55 51.61
N ASP A 369 -13.70 -16.52 51.09
CA ASP A 369 -13.12 -17.57 50.27
C ASP A 369 -13.65 -17.54 48.83
N LYS A 370 -14.48 -16.55 48.53
CA LYS A 370 -15.11 -16.46 47.22
C LYS A 370 -15.86 -17.76 46.91
N MET A 371 -15.79 -18.20 45.65
CA MET A 371 -16.46 -19.42 45.25
C MET A 371 -15.60 -20.66 45.48
N VAL A 372 -16.20 -21.71 46.02
CA VAL A 372 -15.51 -22.97 46.27
C VAL A 372 -16.40 -24.15 45.88
N LEU A 373 -15.94 -24.93 44.90
CA LEU A 373 -16.74 -26.03 44.36
C LEU A 373 -16.81 -27.24 45.30
N THR A 374 -17.98 -27.87 45.34
CA THR A 374 -18.17 -29.09 46.12
C THR A 374 -18.16 -30.31 45.19
N GLU A 375 -17.12 -31.11 45.30
CA GLU A 375 -16.97 -32.30 44.48
C GLU A 375 -18.15 -33.26 44.64
N ASP A 376 -18.45 -34.01 43.59
CA ASP A 376 -19.55 -34.96 43.61
C ASP A 376 -19.92 -35.41 42.19
N ASP A 377 -18.94 -35.39 41.29
CA ASP A 377 -19.17 -35.78 39.91
C ASP A 377 -19.98 -37.07 39.83
N THR A 378 -19.99 -37.83 40.93
CA THR A 378 -20.72 -39.09 40.98
C THR A 378 -22.11 -38.94 40.38
N SER A 379 -22.17 -38.77 39.06
CA SER A 379 -23.44 -38.62 38.36
C SER A 379 -23.25 -38.68 36.85
N GLY A 380 -22.11 -38.19 36.38
CA GLY A 380 -21.80 -38.18 34.97
C GLY A 380 -22.14 -39.50 34.30
N LEU A 381 -23.43 -39.78 34.18
CA LEU A 381 -23.91 -41.01 33.56
C LEU A 381 -24.10 -40.83 32.06
N GLU A 382 -25.32 -40.50 31.66
CA GLU A 382 -25.64 -40.29 30.25
C GLU A 382 -24.63 -39.36 29.58
N GLN A 383 -24.12 -38.40 30.36
CA GLN A 383 -23.15 -37.44 29.85
C GLN A 383 -23.77 -36.56 28.76
N LYS A 384 -24.92 -36.98 28.25
CA LYS A 384 -25.61 -36.24 27.20
C LYS A 384 -24.94 -36.46 25.84
N THR A 385 -25.56 -37.28 25.01
CA THR A 385 -25.03 -37.57 23.69
C THR A 385 -24.59 -36.30 22.98
N VAL A 386 -23.27 -36.15 22.80
CA VAL A 386 -22.71 -34.97 22.14
C VAL A 386 -23.42 -34.61 20.84
N VAL A 387 -23.58 -33.32 20.59
CA VAL A 387 -24.23 -32.84 19.36
C VAL A 387 -23.17 -32.54 18.31
N VAL A 388 -23.12 -33.38 17.27
CA VAL A 388 -22.15 -33.22 16.20
C VAL A 388 -22.81 -32.56 14.98
N THR A 389 -22.37 -31.35 14.66
CA THR A 389 -22.89 -30.64 13.50
C THR A 389 -22.02 -30.92 12.26
N THR A 390 -22.66 -31.05 11.11
CA THR A 390 -21.96 -31.32 9.87
C THR A 390 -22.78 -30.86 8.67
N ILE A 391 -22.12 -30.68 7.53
CA ILE A 391 -22.78 -30.22 6.32
C ILE A 391 -22.93 -31.35 5.31
N LEU A 392 -23.96 -31.27 4.48
CA LEU A 392 -24.19 -32.26 3.44
C LEU A 392 -23.32 -31.98 2.23
N GLU A 393 -22.15 -32.61 2.18
CA GLU A 393 -21.22 -32.43 1.08
C GLU A 393 -20.55 -33.75 0.72
N SER A 394 -20.80 -34.23 -0.50
CA SER A 394 -20.23 -35.48 -0.96
C SER A 394 -18.73 -35.35 -1.21
N PRO A 395 -17.95 -36.38 -0.85
CA PRO A 395 -18.43 -37.63 -0.26
C PRO A 395 -18.20 -37.67 1.24
N TYR A 396 -18.22 -36.51 1.89
CA TYR A 396 -17.99 -36.43 3.33
C TYR A 396 -19.21 -36.85 4.13
N VAL A 397 -20.36 -36.24 3.80
CA VAL A 397 -21.61 -36.59 4.45
C VAL A 397 -22.75 -36.63 3.44
N MET A 398 -23.28 -37.82 3.19
CA MET A 398 -24.34 -38.00 2.21
C MET A 398 -25.51 -38.79 2.80
N MET A 399 -26.68 -38.64 2.20
CA MET A 399 -27.86 -39.39 2.62
C MET A 399 -27.79 -40.81 2.09
N LYS A 400 -27.82 -41.78 3.00
CA LYS A 400 -27.78 -43.19 2.61
C LYS A 400 -28.91 -43.52 1.65
N LYS A 401 -28.74 -44.61 0.89
CA LYS A 401 -29.74 -45.02 -0.09
C LYS A 401 -31.14 -45.05 0.53
N ASN A 402 -31.38 -46.01 1.41
CA ASN A 402 -32.66 -46.14 2.09
C ASN A 402 -32.71 -45.33 3.38
N HIS A 403 -32.42 -44.03 3.28
CA HIS A 403 -32.40 -43.16 4.44
C HIS A 403 -33.79 -42.95 5.02
N GLU A 404 -34.81 -43.16 4.19
CA GLU A 404 -36.19 -43.00 4.61
C GLU A 404 -36.61 -44.14 5.53
N MET A 405 -35.94 -45.28 5.41
CA MET A 405 -36.24 -46.45 6.23
C MET A 405 -35.29 -46.54 7.42
N LEU A 406 -34.48 -45.50 7.60
CA LEU A 406 -33.52 -45.46 8.69
C LEU A 406 -33.72 -44.22 9.57
N GLU A 407 -33.06 -44.21 10.72
CA GLU A 407 -33.16 -43.09 11.65
C GLU A 407 -31.85 -42.89 12.40
N GLY A 408 -31.73 -41.76 13.08
CA GLY A 408 -30.55 -41.45 13.85
C GLY A 408 -29.33 -41.20 12.98
N ASN A 409 -28.19 -41.78 13.38
CA ASN A 409 -26.95 -41.59 12.66
C ASN A 409 -26.80 -42.55 11.48
N GLU A 410 -27.64 -43.58 11.46
CA GLU A 410 -27.59 -44.59 10.40
C GLU A 410 -28.07 -44.01 9.07
N ARG A 411 -28.72 -42.85 9.13
CA ARG A 411 -29.24 -42.20 7.94
C ARG A 411 -28.13 -41.69 7.04
N TYR A 412 -26.99 -41.35 7.64
CA TYR A 412 -25.90 -40.72 6.89
C TYR A 412 -24.72 -41.66 6.66
N GLU A 413 -23.95 -41.35 5.63
CA GLU A 413 -22.74 -42.11 5.30
C GLU A 413 -21.75 -41.21 4.58
N GLY A 414 -20.46 -41.42 4.83
CA GLY A 414 -19.42 -40.64 4.19
C GLY A 414 -18.13 -40.58 4.98
N TYR A 415 -17.16 -39.83 4.45
CA TYR A 415 -15.85 -39.70 5.09
C TYR A 415 -15.97 -39.16 6.51
N CYS A 416 -16.68 -38.05 6.66
CA CYS A 416 -16.84 -37.43 7.97
C CYS A 416 -17.72 -38.26 8.90
N VAL A 417 -18.67 -38.98 8.32
CA VAL A 417 -19.54 -39.84 9.11
C VAL A 417 -18.73 -40.95 9.78
N ASP A 418 -17.76 -41.50 9.05
CA ASP A 418 -16.87 -42.50 9.59
C ASP A 418 -15.85 -41.85 10.54
N LEU A 419 -15.38 -40.66 10.15
CA LEU A 419 -14.43 -39.93 10.96
C LEU A 419 -15.02 -39.57 12.32
N ALA A 420 -16.33 -39.37 12.35
CA ALA A 420 -17.04 -39.06 13.58
C ALA A 420 -16.99 -40.24 14.53
N ALA A 421 -17.33 -41.41 14.03
CA ALA A 421 -17.32 -42.63 14.84
C ALA A 421 -15.93 -42.91 15.40
N GLU A 422 -14.91 -42.66 14.59
CA GLU A 422 -13.54 -42.87 15.01
C GLU A 422 -13.14 -41.92 16.14
N ILE A 423 -13.45 -40.63 15.96
CA ILE A 423 -13.17 -39.63 16.98
C ILE A 423 -13.89 -39.95 18.27
N ALA A 424 -15.15 -40.36 18.14
CA ALA A 424 -15.98 -40.67 19.30
C ALA A 424 -15.46 -41.90 20.04
N LYS A 425 -14.82 -42.79 19.32
CA LYS A 425 -14.28 -44.02 19.91
C LYS A 425 -13.03 -43.74 20.73
N HIS A 426 -12.18 -42.85 20.24
CA HIS A 426 -10.93 -42.52 20.91
C HIS A 426 -11.14 -41.49 22.02
N CYS A 427 -12.24 -40.75 21.95
CA CYS A 427 -12.54 -39.74 22.97
C CYS A 427 -13.59 -40.27 23.95
N GLY A 428 -14.23 -41.37 23.58
CA GLY A 428 -15.21 -42.01 24.44
C GLY A 428 -16.44 -41.17 24.70
N PHE A 429 -17.36 -41.14 23.74
CA PHE A 429 -18.61 -40.41 23.91
C PHE A 429 -19.63 -40.79 22.83
N LYS A 430 -20.91 -40.72 23.20
CA LYS A 430 -21.98 -40.94 22.24
C LYS A 430 -22.30 -39.62 21.54
N TYR A 431 -22.79 -39.70 20.31
CA TYR A 431 -23.07 -38.50 19.53
C TYR A 431 -24.30 -38.62 18.66
N LYS A 432 -24.82 -37.47 18.25
CA LYS A 432 -25.98 -37.42 17.36
C LYS A 432 -25.68 -36.53 16.16
N LEU A 433 -25.51 -37.15 15.00
CA LEU A 433 -25.21 -36.42 13.77
C LEU A 433 -26.37 -35.51 13.37
N THR A 434 -26.09 -34.22 13.22
CA THR A 434 -27.10 -33.26 12.83
C THR A 434 -26.60 -32.37 11.71
N ILE A 435 -27.46 -32.10 10.73
CA ILE A 435 -27.12 -31.24 9.61
C ILE A 435 -27.39 -29.79 9.95
N VAL A 436 -26.42 -28.92 9.66
CA VAL A 436 -26.56 -27.50 9.92
C VAL A 436 -27.78 -26.91 9.21
N GLY A 437 -28.48 -26.00 9.89
CA GLY A 437 -29.69 -25.41 9.35
C GLY A 437 -29.51 -24.75 8.00
N ASP A 438 -28.87 -23.58 7.99
CA ASP A 438 -28.69 -22.80 6.78
C ASP A 438 -27.84 -23.52 5.73
N GLY A 439 -27.15 -24.57 6.15
CA GLY A 439 -26.35 -25.37 5.23
C GLY A 439 -25.08 -24.67 4.77
N LYS A 440 -24.58 -23.75 5.59
CA LYS A 440 -23.35 -23.05 5.29
C LYS A 440 -22.20 -23.56 6.15
N TYR A 441 -20.98 -23.18 5.80
CA TYR A 441 -19.80 -23.62 6.55
C TYR A 441 -19.53 -22.74 7.77
N GLY A 442 -19.00 -21.55 7.53
CA GLY A 442 -18.70 -20.63 8.61
C GLY A 442 -18.18 -19.28 8.14
N ALA A 443 -19.10 -18.35 7.91
CA ALA A 443 -18.74 -17.00 7.50
C ALA A 443 -19.23 -15.98 8.52
N ARG A 444 -18.87 -14.71 8.33
CA ARG A 444 -19.27 -13.67 9.26
C ARG A 444 -19.81 -12.44 8.52
N ASP A 445 -21.12 -12.25 8.56
CA ASP A 445 -21.75 -11.09 7.95
C ASP A 445 -21.17 -9.81 8.54
N ALA A 446 -20.60 -8.97 7.68
CA ALA A 446 -19.95 -7.74 8.13
C ALA A 446 -20.87 -6.86 8.97
N ASP A 447 -22.09 -6.66 8.48
CA ASP A 447 -23.04 -5.77 9.15
C ASP A 447 -23.48 -6.31 10.52
N THR A 448 -24.26 -7.39 10.50
CA THR A 448 -24.80 -7.95 11.73
C THR A 448 -23.72 -8.57 12.62
N LYS A 449 -22.55 -8.81 12.04
CA LYS A 449 -21.44 -9.42 12.78
C LYS A 449 -21.85 -10.76 13.37
N ILE A 450 -22.71 -11.48 12.65
CA ILE A 450 -23.20 -12.78 13.11
C ILE A 450 -22.57 -13.93 12.33
N TRP A 451 -22.18 -14.98 13.05
CA TRP A 451 -21.63 -16.17 12.42
C TRP A 451 -22.75 -17.08 11.93
N ASN A 452 -22.54 -17.71 10.78
CA ASN A 452 -23.53 -18.62 10.21
C ASN A 452 -22.93 -20.00 9.96
N GLY A 453 -23.80 -20.95 9.65
CA GLY A 453 -23.35 -22.31 9.37
C GLY A 453 -22.90 -23.04 10.63
N MET A 454 -22.00 -24.01 10.45
CA MET A 454 -21.52 -24.82 11.55
C MET A 454 -20.73 -23.99 12.56
N VAL A 455 -19.82 -23.17 12.07
CA VAL A 455 -19.03 -22.30 12.92
C VAL A 455 -19.95 -21.46 13.81
N GLY A 456 -21.11 -21.08 13.26
CA GLY A 456 -22.08 -20.32 14.01
C GLY A 456 -22.71 -21.15 15.12
N GLU A 457 -23.21 -22.33 14.76
CA GLU A 457 -23.87 -23.21 15.73
C GLU A 457 -22.93 -23.60 16.88
N LEU A 458 -21.63 -23.41 16.67
CA LEU A 458 -20.66 -23.70 17.71
C LEU A 458 -20.54 -22.53 18.69
N VAL A 459 -20.46 -21.32 18.15
CA VAL A 459 -20.28 -20.13 18.96
C VAL A 459 -21.53 -19.81 19.78
N TYR A 460 -22.70 -20.21 19.29
CA TYR A 460 -23.95 -19.89 19.95
C TYR A 460 -24.53 -21.08 20.72
N GLY A 461 -23.70 -22.10 20.93
CA GLY A 461 -24.05 -23.22 21.77
C GLY A 461 -25.07 -24.19 21.21
N LYS A 462 -25.26 -24.15 19.90
CA LYS A 462 -26.21 -25.05 19.24
C LYS A 462 -25.65 -26.46 19.12
N ALA A 463 -24.33 -26.55 18.95
CA ALA A 463 -23.67 -27.85 18.84
C ALA A 463 -22.43 -27.92 19.73
N ASP A 464 -21.94 -29.13 19.97
CA ASP A 464 -20.79 -29.34 20.84
C ASP A 464 -19.50 -29.49 20.04
N ILE A 465 -19.62 -29.90 18.78
CA ILE A 465 -18.47 -30.16 17.95
C ILE A 465 -18.84 -30.17 16.47
N ALA A 466 -17.89 -29.82 15.61
CA ALA A 466 -18.13 -29.77 14.18
C ALA A 466 -17.18 -30.71 13.43
N ILE A 467 -17.75 -31.79 12.89
CA ILE A 467 -16.96 -32.74 12.11
C ILE A 467 -17.37 -32.68 10.64
N ALA A 468 -16.64 -31.88 9.87
CA ALA A 468 -16.94 -31.67 8.46
C ALA A 468 -15.71 -31.09 7.76
N PRO A 469 -15.80 -30.93 6.42
CA PRO A 469 -14.68 -30.32 5.70
C PRO A 469 -14.56 -28.82 5.99
N LEU A 470 -14.41 -28.47 7.26
CA LEU A 470 -14.31 -27.08 7.66
C LEU A 470 -12.87 -26.58 7.54
N THR A 471 -12.67 -25.59 6.67
CA THR A 471 -11.34 -25.03 6.44
C THR A 471 -10.81 -24.32 7.68
N ILE A 472 -9.54 -24.52 7.99
CA ILE A 472 -8.91 -23.85 9.12
C ILE A 472 -8.43 -22.47 8.72
N THR A 473 -9.24 -21.45 9.01
CA THR A 473 -8.89 -20.08 8.66
C THR A 473 -8.64 -19.24 9.90
N LEU A 474 -7.85 -18.18 9.74
CA LEU A 474 -7.52 -17.29 10.84
C LEU A 474 -8.76 -16.65 11.45
N VAL A 475 -9.69 -16.24 10.60
CA VAL A 475 -10.92 -15.58 11.03
C VAL A 475 -11.75 -16.48 11.94
N ARG A 476 -11.61 -17.79 11.77
CA ARG A 476 -12.36 -18.76 12.55
C ARG A 476 -11.59 -19.21 13.79
N GLU A 477 -10.28 -19.33 13.65
CA GLU A 477 -9.43 -19.77 14.75
C GLU A 477 -9.53 -18.80 15.93
N GLU A 478 -10.02 -17.60 15.66
CA GLU A 478 -10.16 -16.57 16.68
C GLU A 478 -11.38 -16.81 17.56
N VAL A 479 -12.43 -17.39 16.99
CA VAL A 479 -13.69 -17.59 17.71
C VAL A 479 -13.85 -19.03 18.20
N ILE A 480 -13.30 -19.98 17.45
CA ILE A 480 -13.39 -21.39 17.82
C ILE A 480 -12.01 -22.05 17.84
N ASP A 481 -11.99 -23.34 18.17
CA ASP A 481 -10.74 -24.09 18.21
C ASP A 481 -10.69 -25.15 17.11
N PHE A 482 -9.58 -25.17 16.38
CA PHE A 482 -9.38 -26.15 15.32
C PHE A 482 -8.33 -27.19 15.71
N SER A 483 -8.70 -28.46 15.64
CA SER A 483 -7.74 -29.54 15.83
C SER A 483 -6.78 -29.55 14.66
N LYS A 484 -5.69 -30.30 14.78
CA LYS A 484 -4.75 -30.44 13.68
C LYS A 484 -5.48 -30.94 12.44
N PRO A 485 -4.98 -30.57 11.25
CA PRO A 485 -5.63 -30.93 9.99
C PRO A 485 -5.76 -32.43 9.82
N PHE A 486 -6.96 -32.90 9.47
CA PHE A 486 -7.17 -34.32 9.21
C PHE A 486 -7.14 -34.58 7.70
N MET A 487 -6.85 -33.55 6.93
CA MET A 487 -6.78 -33.66 5.48
C MET A 487 -6.25 -32.38 4.85
N SER A 488 -5.01 -32.44 4.37
CA SER A 488 -4.38 -31.29 3.71
C SER A 488 -4.81 -31.20 2.25
N LEU A 489 -5.11 -29.99 1.80
CA LEU A 489 -5.55 -29.77 0.43
C LEU A 489 -5.08 -28.44 -0.13
N GLY A 490 -5.72 -28.01 -1.22
CA GLY A 490 -5.38 -26.75 -1.86
C GLY A 490 -6.19 -26.53 -3.13
N ILE A 491 -5.80 -25.53 -3.90
CA ILE A 491 -6.48 -25.23 -5.16
C ILE A 491 -5.82 -25.97 -6.33
N SER A 492 -6.63 -26.68 -7.11
CA SER A 492 -6.12 -27.49 -8.20
C SER A 492 -6.71 -27.09 -9.55
N ILE A 493 -6.23 -27.73 -10.61
CA ILE A 493 -6.70 -27.45 -11.96
C ILE A 493 -7.45 -28.65 -12.55
N MET A 494 -8.59 -28.38 -13.17
CA MET A 494 -9.39 -29.44 -13.76
C MET A 494 -9.50 -29.26 -15.28
N ILE A 495 -9.18 -30.31 -16.02
CA ILE A 495 -9.23 -30.28 -17.48
C ILE A 495 -9.98 -31.48 -18.03
N LYS A 496 -10.53 -31.33 -19.24
CA LYS A 496 -11.27 -32.41 -19.88
C LYS A 496 -10.32 -33.47 -20.42
N LYS A 497 -10.61 -34.73 -20.09
CA LYS A 497 -9.79 -35.85 -20.54
C LYS A 497 -9.65 -35.84 -22.06
N PRO A 498 -8.59 -36.49 -22.56
CA PRO A 498 -8.35 -36.55 -24.01
C PRO A 498 -9.02 -37.76 -24.63
N GLN A 499 -9.56 -37.59 -25.84
CA GLN A 499 -10.23 -38.67 -26.55
C GLN A 499 -9.23 -39.65 -27.14
N LYS A 500 -9.62 -40.30 -28.23
CA LYS A 500 -8.75 -41.27 -28.89
C LYS A 500 -9.07 -41.37 -30.38
N SER A 501 -10.37 -41.46 -30.68
CA SER A 501 -10.81 -41.56 -32.08
C SER A 501 -10.09 -40.56 -32.96
N LYS A 502 -9.71 -41.00 -34.16
CA LYS A 502 -9.02 -40.14 -35.11
C LYS A 502 -8.48 -40.95 -36.28
N PRO A 503 -9.08 -42.18 -36.50
CA PRO A 503 -8.53 -42.93 -37.64
C PRO A 503 -9.40 -42.77 -38.89
N GLY A 504 -8.97 -43.40 -39.99
CA GLY A 504 -9.71 -43.33 -41.23
C GLY A 504 -8.82 -43.00 -42.41
N VAL A 505 -8.91 -43.80 -43.47
CA VAL A 505 -8.11 -43.59 -44.67
C VAL A 505 -8.16 -42.13 -45.11
N PHE A 506 -8.99 -41.34 -44.45
CA PHE A 506 -9.13 -39.93 -44.78
C PHE A 506 -7.98 -39.08 -44.24
N SER A 507 -7.00 -39.72 -43.61
CA SER A 507 -5.80 -39.03 -43.17
C SER A 507 -4.74 -39.10 -44.27
N PHE A 508 -5.10 -39.76 -45.36
CA PHE A 508 -4.21 -39.91 -46.51
C PHE A 508 -4.68 -38.99 -47.63
N LEU A 509 -5.98 -38.70 -47.65
CA LEU A 509 -6.57 -37.82 -48.66
C LEU A 509 -6.46 -36.36 -48.21
N ASP A 510 -6.06 -36.15 -46.97
CA ASP A 510 -5.93 -34.80 -46.42
C ASP A 510 -4.64 -34.12 -46.85
N PRO A 511 -3.52 -34.79 -46.61
CA PRO A 511 -2.21 -34.27 -46.99
C PRO A 511 -2.31 -33.83 -48.44
N LEU A 512 -2.61 -34.79 -49.31
CA LEU A 512 -2.79 -34.46 -50.71
C LEU A 512 -4.29 -34.28 -50.95
N ALA A 513 -4.64 -33.05 -51.32
CA ALA A 513 -6.01 -32.59 -51.47
C ALA A 513 -6.74 -33.45 -52.49
N TYR A 514 -8.05 -33.61 -52.29
CA TYR A 514 -8.87 -34.37 -53.22
C TYR A 514 -8.75 -33.82 -54.63
N GLU A 515 -8.61 -32.50 -54.72
CA GLU A 515 -8.50 -31.84 -56.01
C GLU A 515 -7.19 -32.23 -56.69
N ILE A 516 -6.16 -32.43 -55.88
CA ILE A 516 -4.85 -32.79 -56.40
C ILE A 516 -4.79 -34.25 -56.82
N TRP A 517 -5.41 -35.13 -56.05
CA TRP A 517 -5.49 -36.53 -56.41
C TRP A 517 -6.20 -36.68 -57.75
N MET A 518 -7.16 -35.80 -58.00
CA MET A 518 -7.91 -35.83 -59.24
C MET A 518 -7.04 -35.47 -60.43
N CYS A 519 -6.44 -34.28 -60.37
CA CYS A 519 -5.61 -33.78 -61.46
C CYS A 519 -4.44 -34.70 -61.76
N ILE A 520 -3.85 -35.29 -60.73
CA ILE A 520 -2.74 -36.20 -60.91
C ILE A 520 -3.20 -37.47 -61.63
N VAL A 521 -4.50 -37.73 -61.58
CA VAL A 521 -5.09 -38.86 -62.28
C VAL A 521 -5.48 -38.47 -63.71
N PHE A 522 -5.94 -37.23 -63.87
CA PHE A 522 -6.28 -36.71 -65.19
C PHE A 522 -5.03 -36.59 -66.05
N ALA A 523 -3.95 -36.09 -65.46
CA ALA A 523 -2.67 -35.99 -66.15
C ALA A 523 -2.08 -37.37 -66.33
N TYR A 524 -2.47 -38.30 -65.45
CA TYR A 524 -2.03 -39.68 -65.52
C TYR A 524 -2.49 -40.32 -66.83
N ILE A 525 -3.80 -40.26 -67.08
CA ILE A 525 -4.35 -40.76 -68.33
C ILE A 525 -4.04 -39.80 -69.47
N GLY A 526 -3.67 -38.58 -69.11
CA GLY A 526 -3.30 -37.57 -70.09
C GLY A 526 -1.94 -37.85 -70.71
N VAL A 527 -1.15 -38.68 -70.03
CA VAL A 527 0.15 -39.07 -70.53
C VAL A 527 0.08 -40.43 -71.22
N SER A 528 -0.75 -41.31 -70.67
CA SER A 528 -0.94 -42.65 -71.24
C SER A 528 -1.67 -42.57 -72.58
N VAL A 529 -2.29 -41.41 -72.85
CA VAL A 529 -2.97 -41.19 -74.11
C VAL A 529 -2.03 -40.53 -75.12
N VAL A 530 -1.12 -39.70 -74.62
CA VAL A 530 -0.11 -39.06 -75.46
C VAL A 530 0.89 -40.10 -75.95
N LEU A 531 1.29 -40.99 -75.04
CA LEU A 531 2.18 -42.09 -75.40
C LEU A 531 1.47 -43.05 -76.35
N PHE A 532 0.16 -43.19 -76.16
CA PHE A 532 -0.65 -44.06 -77.00
C PHE A 532 -0.65 -43.61 -78.46
N LEU A 533 -0.44 -42.32 -78.66
CA LEU A 533 -0.42 -41.75 -80.02
C LEU A 533 0.96 -41.90 -80.65
N VAL A 534 1.95 -42.27 -79.84
CA VAL A 534 3.31 -42.43 -80.32
C VAL A 534 3.49 -43.73 -81.10
N SER A 535 3.04 -44.84 -80.52
CA SER A 535 3.15 -46.14 -81.15
C SER A 535 2.31 -46.21 -82.42
N THR A 559 -7.13 -54.12 -85.97
CA THR A 559 -6.56 -52.80 -85.71
C THR A 559 -7.13 -52.19 -84.43
N ASN A 560 -8.37 -52.54 -84.12
CA ASN A 560 -9.03 -52.03 -82.92
C ASN A 560 -8.46 -52.66 -81.65
N GLU A 561 -8.14 -53.94 -81.73
CA GLU A 561 -7.55 -54.66 -80.60
C GLU A 561 -6.10 -54.25 -80.41
N PHE A 562 -5.42 -53.94 -81.50
CA PHE A 562 -4.04 -53.49 -81.45
C PHE A 562 -3.93 -52.19 -80.66
N GLY A 563 -5.00 -51.43 -80.63
CA GLY A 563 -5.06 -50.19 -79.87
C GLY A 563 -5.38 -50.45 -78.40
N ILE A 564 -6.02 -51.57 -78.14
CA ILE A 564 -6.36 -51.96 -76.78
C ILE A 564 -5.15 -52.52 -76.06
N PHE A 565 -4.40 -53.39 -76.74
CA PHE A 565 -3.19 -53.98 -76.18
C PHE A 565 -2.15 -52.90 -75.90
N ASN A 566 -2.12 -51.88 -76.76
CA ASN A 566 -1.20 -50.77 -76.59
C ASN A 566 -1.65 -49.83 -75.47
N SER A 567 -2.94 -49.56 -75.40
CA SER A 567 -3.50 -48.70 -74.37
C SER A 567 -3.30 -49.32 -73.00
N LEU A 568 -3.18 -50.66 -72.97
CA LEU A 568 -2.93 -51.38 -71.73
C LEU A 568 -1.44 -51.40 -71.42
N TRP A 569 -0.63 -51.22 -72.46
CA TRP A 569 0.82 -51.17 -72.31
C TRP A 569 1.26 -49.78 -71.85
N PHE A 570 0.59 -48.76 -72.37
CA PHE A 570 0.88 -47.38 -71.98
C PHE A 570 0.30 -47.11 -70.60
N SER A 571 -0.70 -47.89 -70.21
CA SER A 571 -1.27 -47.81 -68.87
C SER A 571 -0.35 -48.50 -67.88
N LEU A 572 0.48 -49.41 -68.39
CA LEU A 572 1.50 -50.07 -67.58
C LEU A 572 2.73 -49.18 -67.50
N GLY A 573 2.96 -48.42 -68.57
CA GLY A 573 3.99 -47.39 -68.57
C GLY A 573 3.51 -46.21 -67.76
N ALA A 574 2.21 -46.23 -67.45
CA ALA A 574 1.59 -45.21 -66.61
C ALA A 574 1.72 -45.61 -65.14
N PHE A 575 1.13 -46.75 -64.79
CA PHE A 575 1.36 -47.36 -63.49
C PHE A 575 2.86 -47.27 -63.25
N MET A 576 3.26 -46.37 -62.36
CA MET A 576 4.61 -45.80 -62.37
C MET A 576 5.77 -46.73 -61.98
N GLN A 577 6.96 -46.28 -62.35
CA GLN A 577 8.22 -46.89 -61.94
C GLN A 577 9.27 -45.79 -61.77
N PRO A 584 12.91 -47.45 -77.25
CA PRO A 584 14.28 -46.93 -77.11
C PRO A 584 14.30 -45.40 -77.02
N ARG A 585 15.18 -44.78 -77.79
CA ARG A 585 15.35 -43.32 -77.75
C ARG A 585 14.42 -42.59 -78.71
N SER A 586 13.12 -42.77 -78.52
CA SER A 586 12.12 -42.03 -79.27
C SER A 586 11.94 -40.66 -78.64
N LEU A 587 12.77 -39.71 -79.06
CA LEU A 587 12.82 -38.37 -78.46
C LEU A 587 11.44 -37.81 -78.11
N SER A 588 10.47 -38.02 -79.00
CA SER A 588 9.11 -37.54 -78.77
C SER A 588 8.58 -37.97 -77.40
N GLY A 589 8.22 -39.24 -77.28
CA GLY A 589 7.70 -39.77 -76.04
C GLY A 589 8.76 -39.87 -74.96
N ARG A 590 10.01 -39.63 -75.34
CA ARG A 590 11.12 -39.70 -74.39
C ARG A 590 11.03 -38.58 -73.36
N ILE A 591 10.90 -37.35 -73.84
CA ILE A 591 10.81 -36.19 -72.95
C ILE A 591 9.50 -36.23 -72.15
N VAL A 592 8.52 -36.95 -72.67
CA VAL A 592 7.25 -37.13 -71.97
C VAL A 592 7.47 -37.92 -70.68
N GLY A 593 8.23 -39.01 -70.79
CA GLY A 593 8.55 -39.84 -69.64
C GLY A 593 9.41 -39.10 -68.64
N GLY A 594 10.28 -38.22 -69.15
CA GLY A 594 11.16 -37.44 -68.30
C GLY A 594 10.41 -36.35 -67.55
N VAL A 595 9.58 -35.60 -68.27
CA VAL A 595 8.80 -34.53 -67.68
C VAL A 595 7.76 -35.08 -66.70
N TRP A 596 7.14 -36.20 -67.05
CA TRP A 596 6.17 -36.86 -66.19
C TRP A 596 6.85 -37.34 -64.91
N TRP A 597 8.10 -37.76 -65.04
CA TRP A 597 8.88 -38.22 -63.89
C TRP A 597 9.20 -37.05 -62.97
N PHE A 598 9.60 -35.93 -63.56
CA PHE A 598 9.90 -34.73 -62.79
C PHE A 598 8.63 -34.21 -62.12
N PHE A 599 7.50 -34.43 -62.78
CA PHE A 599 6.20 -34.02 -62.25
C PHE A 599 5.84 -34.82 -61.00
N THR A 600 5.91 -36.13 -61.11
CA THR A 600 5.58 -37.01 -59.98
C THR A 600 6.61 -36.85 -58.85
N LEU A 601 7.84 -36.52 -59.22
CA LEU A 601 8.90 -36.31 -58.23
C LEU A 601 8.51 -35.16 -57.30
N ILE A 602 8.07 -34.06 -57.89
CA ILE A 602 7.66 -32.88 -57.12
C ILE A 602 6.48 -33.21 -56.22
N ILE A 603 5.49 -33.91 -56.76
CA ILE A 603 4.29 -34.25 -56.00
C ILE A 603 4.60 -35.13 -54.79
N ILE A 604 5.31 -36.23 -55.01
CA ILE A 604 5.65 -37.13 -53.91
C ILE A 604 6.54 -36.44 -52.88
N SER A 605 7.33 -35.48 -53.33
CA SER A 605 8.16 -34.68 -52.44
C SER A 605 7.27 -33.75 -51.60
N SER A 606 6.28 -33.17 -52.26
CA SER A 606 5.32 -32.29 -51.58
C SER A 606 4.52 -33.07 -50.54
N TYR A 607 4.02 -34.25 -50.94
CA TYR A 607 3.27 -35.10 -50.03
C TYR A 607 4.10 -35.45 -48.79
N THR A 608 5.35 -35.81 -49.02
CA THR A 608 6.25 -36.18 -47.92
C THR A 608 6.49 -35.01 -46.98
N ALA A 609 6.84 -33.86 -47.56
CA ALA A 609 7.12 -32.67 -46.78
C ALA A 609 5.89 -32.25 -45.97
N ASN A 610 4.75 -32.17 -46.64
CA ASN A 610 3.51 -31.76 -45.99
C ASN A 610 3.10 -32.72 -44.87
N LEU A 611 3.27 -34.01 -45.11
CA LEU A 611 2.93 -35.02 -44.12
C LEU A 611 3.82 -34.89 -42.88
N ALA A 612 5.01 -34.34 -43.07
CA ALA A 612 5.94 -34.14 -41.97
C ALA A 612 5.50 -32.99 -41.05
N ALA A 613 4.96 -31.92 -41.62
CA ALA A 613 4.55 -30.79 -40.78
C ALA A 613 3.39 -31.19 -39.87
N PHE A 614 2.50 -32.03 -40.39
CA PHE A 614 1.36 -32.49 -39.61
C PHE A 614 1.78 -33.43 -38.49
N LEU A 615 2.94 -34.06 -38.65
CA LEU A 615 3.46 -34.97 -37.64
C LEU A 615 4.40 -34.23 -36.70
N THR A 616 5.08 -33.21 -37.21
CA THR A 616 5.97 -32.39 -36.39
C THR A 616 5.16 -31.58 -35.39
N VAL A 617 4.08 -30.96 -35.87
CA VAL A 617 3.19 -30.20 -35.01
C VAL A 617 2.43 -31.12 -34.06
N GLU A 618 2.14 -32.33 -34.53
CA GLU A 618 1.43 -33.31 -33.71
C GLU A 618 2.26 -33.64 -32.49
N ARG A 619 3.56 -33.50 -32.61
CA ARG A 619 4.41 -33.75 -31.48
C ARG A 619 4.61 -32.49 -30.66
N MET A 620 4.62 -31.34 -31.33
CA MET A 620 4.74 -30.06 -30.65
C MET A 620 3.72 -29.91 -29.53
N VAL A 621 2.49 -30.37 -29.78
CA VAL A 621 1.42 -30.27 -28.80
C VAL A 621 1.87 -30.79 -27.44
N SER A 622 1.80 -29.92 -26.43
CA SER A 622 2.21 -30.28 -25.08
C SER A 622 1.13 -29.94 -24.07
N PRO A 623 0.35 -31.00 -23.63
CA PRO A 623 -0.69 -30.62 -22.65
C PRO A 623 -0.10 -29.86 -21.46
N ILE A 624 -0.96 -29.17 -20.72
CA ILE A 624 -0.53 -28.41 -19.56
C ILE A 624 0.07 -29.32 -18.48
N GLU A 625 0.06 -28.84 -17.24
CA GLU A 625 0.59 -29.61 -16.13
C GLU A 625 0.73 -28.75 -14.88
N SER A 626 1.01 -27.46 -15.08
CA SER A 626 1.18 -26.54 -13.97
C SER A 626 0.33 -25.28 -14.17
N ALA A 627 0.23 -24.46 -13.12
CA ALA A 627 -0.55 -23.24 -13.18
C ALA A 627 0.14 -22.20 -14.07
N GLU A 628 1.47 -22.24 -14.08
CA GLU A 628 2.25 -21.32 -14.90
C GLU A 628 1.94 -21.53 -16.38
N ASP A 629 1.48 -22.73 -16.71
CA ASP A 629 1.15 -23.07 -18.10
C ASP A 629 -0.13 -22.38 -18.53
N LEU A 630 -1.02 -22.10 -17.58
CA LEU A 630 -2.28 -21.42 -17.86
C LEU A 630 -2.06 -19.94 -18.13
N SER A 631 -1.01 -19.38 -17.54
CA SER A 631 -0.71 -17.97 -17.69
C SER A 631 0.10 -17.70 -18.95
N LYS A 632 0.95 -18.65 -19.33
CA LYS A 632 1.81 -18.50 -20.49
C LYS A 632 1.07 -18.62 -21.81
N GLN A 633 -0.16 -19.13 -21.75
CA GLN A 633 -0.97 -19.31 -22.95
C GLN A 633 -2.36 -18.68 -22.79
N THR A 634 -3.09 -18.61 -23.89
CA THR A 634 -4.41 -17.98 -23.89
C THR A 634 -5.45 -18.80 -24.64
N GLU A 635 -4.96 -19.74 -25.46
CA GLU A 635 -5.84 -20.59 -26.25
C GLU A 635 -6.89 -21.28 -25.38
N ILE A 636 -6.45 -21.78 -24.22
CA ILE A 636 -7.35 -22.46 -23.30
C ILE A 636 -7.80 -21.52 -22.18
N ALA A 637 -9.07 -21.13 -22.22
CA ALA A 637 -9.64 -20.26 -21.20
C ALA A 637 -9.72 -20.99 -19.87
N TYR A 638 -9.86 -20.22 -18.79
CA TYR A 638 -9.96 -20.80 -17.46
C TYR A 638 -10.54 -19.80 -16.46
N GLY A 639 -11.22 -20.31 -15.44
CA GLY A 639 -11.83 -19.46 -14.44
C GLY A 639 -12.11 -20.20 -13.14
N THR A 640 -12.71 -19.50 -12.19
CA THR A 640 -13.06 -20.09 -10.90
C THR A 640 -14.52 -19.83 -10.57
N LEU A 641 -14.92 -20.17 -9.34
CA LEU A 641 -16.26 -19.90 -8.89
C LEU A 641 -16.45 -18.39 -8.68
N ASP A 642 -17.61 -17.87 -9.07
CA ASP A 642 -17.86 -16.44 -9.01
C ASP A 642 -17.78 -15.89 -7.59
N SER A 643 -17.92 -16.77 -6.61
CA SER A 643 -17.86 -16.37 -5.21
C SER A 643 -17.29 -17.48 -4.34
N GLY A 644 -16.28 -17.14 -3.54
CA GLY A 644 -15.64 -18.12 -2.66
C GLY A 644 -14.18 -17.80 -2.41
N SER A 645 -13.57 -18.56 -1.52
CA SER A 645 -12.15 -18.35 -1.18
C SER A 645 -11.25 -18.59 -2.39
N THR A 646 -11.71 -19.44 -3.30
CA THR A 646 -10.94 -19.74 -4.51
C THR A 646 -10.74 -18.49 -5.35
N LYS A 647 -11.83 -17.78 -5.63
CA LYS A 647 -11.77 -16.56 -6.43
C LYS A 647 -11.05 -15.45 -5.66
N GLU A 648 -11.39 -15.29 -4.39
CA GLU A 648 -10.79 -14.26 -3.56
C GLU A 648 -9.29 -14.49 -3.37
N PHE A 649 -8.87 -15.73 -3.59
CA PHE A 649 -7.45 -16.07 -3.46
C PHE A 649 -6.61 -15.37 -4.51
N PHE A 650 -6.99 -15.53 -5.78
CA PHE A 650 -6.27 -14.91 -6.88
C PHE A 650 -6.31 -13.38 -6.79
N ARG A 651 -7.47 -12.86 -6.39
CA ARG A 651 -7.65 -11.41 -6.28
C ARG A 651 -6.67 -10.80 -5.30
N ARG A 652 -6.45 -11.46 -4.17
CA ARG A 652 -5.59 -10.95 -3.12
C ARG A 652 -4.16 -11.45 -3.22
N SER A 653 -3.94 -12.47 -4.05
CA SER A 653 -2.63 -13.07 -4.21
C SER A 653 -1.63 -12.10 -4.84
N LYS A 654 -0.48 -11.96 -4.19
CA LYS A 654 0.58 -11.07 -4.69
C LYS A 654 1.69 -11.87 -5.35
N ILE A 655 1.44 -13.16 -5.59
CA ILE A 655 2.42 -14.02 -6.23
C ILE A 655 2.46 -13.78 -7.74
N ALA A 656 3.65 -13.88 -8.31
CA ALA A 656 3.86 -13.58 -9.72
C ALA A 656 2.84 -14.25 -10.64
N VAL A 657 2.88 -15.58 -10.71
CA VAL A 657 2.01 -16.34 -11.61
C VAL A 657 0.54 -16.07 -11.36
N PHE A 658 0.10 -16.26 -10.12
CA PHE A 658 -1.31 -16.10 -9.78
C PHE A 658 -1.83 -14.69 -10.06
N ASP A 659 -0.91 -13.72 -10.03
CA ASP A 659 -1.27 -12.33 -10.32
C ASP A 659 -1.79 -12.21 -11.75
N LYS A 660 -0.96 -12.62 -12.71
CA LYS A 660 -1.33 -12.56 -14.12
C LYS A 660 -2.63 -13.30 -14.39
N MET A 661 -2.78 -14.47 -13.77
CA MET A 661 -3.98 -15.28 -13.92
C MET A 661 -5.23 -14.48 -13.56
N TRP A 662 -5.18 -13.81 -12.41
CA TRP A 662 -6.30 -13.01 -11.95
C TRP A 662 -6.58 -11.85 -12.91
N THR A 663 -5.52 -11.20 -13.37
CA THR A 663 -5.65 -10.10 -14.31
C THR A 663 -6.45 -10.53 -15.54
N TYR A 664 -6.17 -11.74 -16.01
CA TYR A 664 -6.87 -12.29 -17.16
C TYR A 664 -8.34 -12.57 -16.83
N MET A 665 -8.58 -13.33 -15.77
CA MET A 665 -9.93 -13.71 -15.38
C MET A 665 -10.79 -12.51 -15.01
N ARG A 666 -10.13 -11.45 -14.52
CA ARG A 666 -10.84 -10.27 -14.05
C ARG A 666 -11.53 -9.52 -15.19
N SER A 667 -11.00 -9.63 -16.39
CA SER A 667 -11.54 -8.91 -17.54
C SER A 667 -11.82 -9.83 -18.72
N ALA A 668 -11.78 -11.14 -18.49
CA ALA A 668 -12.01 -12.12 -19.54
C ALA A 668 -13.47 -12.13 -19.97
N GLU A 669 -13.70 -12.10 -21.29
CA GLU A 669 -15.04 -12.12 -21.84
C GLU A 669 -15.19 -13.24 -22.87
N PRO A 670 -16.27 -14.01 -22.79
CA PRO A 670 -17.33 -13.90 -21.79
C PRO A 670 -16.84 -14.27 -20.39
N SER A 671 -17.74 -14.19 -19.41
CA SER A 671 -17.39 -14.49 -18.02
C SER A 671 -16.80 -15.89 -17.89
N VAL A 672 -15.61 -15.96 -17.31
CA VAL A 672 -14.94 -17.24 -17.08
C VAL A 672 -15.35 -17.84 -15.74
N PHE A 673 -16.15 -17.09 -14.99
CA PHE A 673 -16.62 -17.54 -13.68
C PHE A 673 -17.98 -18.23 -13.82
N VAL A 674 -18.18 -19.27 -13.01
CA VAL A 674 -19.45 -20.01 -13.04
C VAL A 674 -20.25 -19.78 -11.76
N ARG A 675 -21.54 -20.10 -11.81
CA ARG A 675 -22.43 -19.92 -10.68
C ARG A 675 -22.18 -20.96 -9.60
N THR A 676 -22.20 -22.23 -9.99
CA THR A 676 -21.97 -23.33 -9.07
C THR A 676 -20.83 -24.23 -9.54
N THR A 677 -20.43 -25.17 -8.70
CA THR A 677 -19.36 -26.09 -9.04
C THR A 677 -19.78 -27.03 -10.17
N ALA A 678 -21.05 -27.39 -10.18
CA ALA A 678 -21.59 -28.26 -11.23
C ALA A 678 -21.49 -27.59 -12.60
N GLU A 679 -21.76 -26.29 -12.63
CA GLU A 679 -21.69 -25.53 -13.87
C GLU A 679 -20.26 -25.49 -14.41
N GLY A 680 -19.30 -25.35 -13.50
CA GLY A 680 -17.90 -25.32 -13.86
C GLY A 680 -17.44 -26.61 -14.50
N VAL A 681 -17.82 -27.73 -13.88
CA VAL A 681 -17.47 -29.04 -14.41
C VAL A 681 -18.10 -29.27 -15.77
N ALA A 682 -19.36 -28.85 -15.91
CA ALA A 682 -20.09 -28.98 -17.16
C ALA A 682 -19.41 -28.18 -18.27
N ARG A 683 -18.86 -27.03 -17.91
CA ARG A 683 -18.18 -26.17 -18.87
C ARG A 683 -16.90 -26.82 -19.38
N VAL A 684 -16.26 -27.60 -18.51
CA VAL A 684 -15.02 -28.28 -18.87
C VAL A 684 -15.31 -29.49 -19.74
N ARG A 685 -16.47 -30.10 -19.52
CA ARG A 685 -16.86 -31.31 -20.25
C ARG A 685 -17.49 -30.99 -21.61
N LYS A 686 -17.81 -29.73 -21.83
CA LYS A 686 -18.49 -29.32 -23.06
C LYS A 686 -17.68 -28.35 -23.90
N SER A 687 -16.44 -28.09 -23.48
CA SER A 687 -15.58 -27.16 -24.20
C SER A 687 -14.50 -27.89 -25.00
N LYS A 688 -14.54 -29.21 -24.97
CA LYS A 688 -13.57 -30.03 -25.72
C LYS A 688 -12.13 -29.70 -25.32
N GLY A 689 -11.93 -29.35 -24.06
CA GLY A 689 -10.60 -29.05 -23.56
C GLY A 689 -10.18 -27.61 -23.79
N LYS A 690 -11.14 -26.74 -24.03
CA LYS A 690 -10.86 -25.32 -24.27
C LYS A 690 -11.05 -24.49 -23.01
N TYR A 691 -11.63 -25.11 -21.98
CA TYR A 691 -11.87 -24.40 -20.72
C TYR A 691 -11.42 -25.23 -19.52
N ALA A 692 -10.62 -24.59 -18.66
CA ALA A 692 -10.16 -25.23 -17.42
C ALA A 692 -10.87 -24.61 -16.21
N TYR A 693 -11.11 -25.43 -15.19
CA TYR A 693 -11.79 -24.95 -14.00
C TYR A 693 -10.93 -25.13 -12.75
N LEU A 694 -10.80 -24.07 -11.96
CA LEU A 694 -10.00 -24.10 -10.76
C LEU A 694 -10.88 -24.28 -9.53
N LEU A 695 -10.60 -25.33 -8.76
CA LEU A 695 -11.40 -25.64 -7.57
C LEU A 695 -10.58 -26.39 -6.53
N GLU A 696 -11.20 -26.66 -5.39
CA GLU A 696 -10.54 -27.39 -4.31
C GLU A 696 -10.14 -28.79 -4.76
N SER A 697 -8.91 -29.18 -4.46
CA SER A 697 -8.38 -30.48 -4.87
C SER A 697 -9.27 -31.62 -4.39
N THR A 698 -9.77 -31.51 -3.16
CA THR A 698 -10.60 -32.55 -2.57
C THR A 698 -11.80 -32.88 -3.46
N MET A 699 -12.58 -31.85 -3.81
CA MET A 699 -13.76 -32.04 -4.64
C MET A 699 -13.36 -32.44 -6.05
N ASN A 700 -12.22 -31.95 -6.52
CA ASN A 700 -11.72 -32.27 -7.84
C ASN A 700 -11.39 -33.75 -7.98
N GLU A 701 -10.57 -34.26 -7.05
CA GLU A 701 -10.18 -35.66 -7.04
C GLU A 701 -11.40 -36.57 -7.07
N TYR A 702 -12.45 -36.15 -6.37
CA TYR A 702 -13.68 -36.92 -6.32
C TYR A 702 -14.40 -36.93 -7.67
N ILE A 703 -14.46 -35.77 -8.31
CA ILE A 703 -15.09 -35.65 -9.62
C ILE A 703 -14.41 -36.56 -10.64
N GLU A 704 -13.09 -36.67 -10.54
CA GLU A 704 -12.31 -37.51 -11.45
C GLU A 704 -12.72 -38.97 -11.34
N GLN A 705 -13.30 -39.34 -10.21
CA GLN A 705 -13.73 -40.70 -9.97
C GLN A 705 -15.24 -40.86 -10.17
N ARG A 706 -15.82 -40.02 -11.02
CA ARG A 706 -17.24 -40.08 -11.31
C ARG A 706 -17.47 -40.10 -12.81
N LYS A 707 -18.47 -40.88 -13.25
CA LYS A 707 -18.81 -40.99 -14.66
C LYS A 707 -19.09 -39.62 -15.27
N PRO A 708 -18.81 -39.47 -16.58
CA PRO A 708 -18.26 -40.50 -17.46
C PRO A 708 -16.73 -40.57 -17.40
N CYS A 709 -16.15 -40.17 -16.28
CA CYS A 709 -14.69 -40.21 -16.12
C CYS A 709 -14.00 -39.42 -17.21
N ASP A 710 -14.40 -38.17 -17.37
CA ASP A 710 -13.86 -37.33 -18.45
C ASP A 710 -13.14 -36.09 -17.92
N THR A 711 -12.80 -36.12 -16.63
CA THR A 711 -12.08 -35.02 -16.01
C THR A 711 -10.89 -35.53 -15.20
N MET A 712 -9.83 -34.72 -15.13
CA MET A 712 -8.63 -35.11 -14.40
C MET A 712 -7.93 -33.89 -13.81
N LYS A 713 -7.33 -34.08 -12.63
CA LYS A 713 -6.57 -33.03 -11.97
C LYS A 713 -5.13 -33.04 -12.49
N VAL A 714 -4.60 -31.86 -12.75
CA VAL A 714 -3.24 -31.73 -13.29
C VAL A 714 -2.37 -30.83 -12.42
N GLY A 715 -1.11 -31.23 -12.25
CA GLY A 715 -0.17 -30.46 -11.46
C GLY A 715 -0.51 -30.48 -9.97
N GLY A 716 0.40 -29.93 -9.16
CA GLY A 716 0.20 -29.87 -7.74
C GLY A 716 -0.71 -28.72 -7.34
N ASN A 717 -1.08 -28.67 -6.07
CA ASN A 717 -1.94 -27.61 -5.57
C ASN A 717 -1.27 -26.24 -5.63
N LEU A 718 -2.08 -25.19 -5.65
CA LEU A 718 -1.57 -23.83 -5.75
C LEU A 718 -1.25 -23.25 -4.38
N ASP A 719 -1.91 -23.77 -3.35
CA ASP A 719 -1.69 -23.33 -1.99
C ASP A 719 -1.89 -24.47 -1.00
N SER A 720 -1.51 -24.24 0.25
CA SER A 720 -1.62 -25.27 1.28
C SER A 720 -2.72 -24.94 2.29
N LYS A 721 -3.80 -25.71 2.26
CA LYS A 721 -4.90 -25.54 3.21
C LYS A 721 -5.04 -26.80 4.05
N GLY A 722 -6.19 -26.95 4.69
CA GLY A 722 -6.45 -28.12 5.52
C GLY A 722 -7.72 -28.03 6.33
N TYR A 723 -8.48 -29.11 6.36
CA TYR A 723 -9.69 -29.19 7.18
C TYR A 723 -9.35 -29.66 8.58
N GLY A 724 -10.24 -29.38 9.53
CA GLY A 724 -10.04 -29.80 10.90
C GLY A 724 -11.34 -29.89 11.68
N ILE A 725 -11.29 -30.60 12.80
CA ILE A 725 -12.45 -30.72 13.67
C ILE A 725 -12.60 -29.49 14.54
N ALA A 726 -13.74 -28.82 14.42
CA ALA A 726 -13.97 -27.56 15.15
C ALA A 726 -14.68 -27.79 16.47
N THR A 727 -14.15 -27.19 17.53
CA THR A 727 -14.74 -27.30 18.86
C THR A 727 -14.78 -25.94 19.54
N PRO A 728 -15.90 -25.64 20.23
CA PRO A 728 -16.10 -24.37 20.92
C PRO A 728 -14.88 -23.98 21.75
N LYS A 729 -14.51 -22.70 21.71
CA LYS A 729 -13.36 -22.21 22.44
C LYS A 729 -13.44 -22.58 23.91
N GLY A 730 -12.39 -23.20 24.43
CA GLY A 730 -12.34 -23.61 25.82
C GLY A 730 -13.29 -24.75 26.13
N SER A 731 -13.34 -25.73 25.24
CA SER A 731 -14.20 -26.90 25.42
C SER A 731 -13.44 -28.04 26.08
N SER A 732 -14.17 -29.01 26.60
CA SER A 732 -13.57 -30.17 27.23
C SER A 732 -13.08 -31.18 26.20
N LEU A 733 -13.79 -31.25 25.07
CA LEU A 733 -13.42 -32.16 24.00
C LEU A 733 -12.23 -31.66 23.21
N GLY A 734 -11.81 -30.43 23.49
CA GLY A 734 -10.72 -29.80 22.77
C GLY A 734 -9.50 -30.68 22.62
N THR A 735 -8.70 -30.78 23.67
CA THR A 735 -7.47 -31.55 23.62
C THR A 735 -7.66 -33.01 23.18
N PRO A 736 -8.66 -33.70 23.75
CA PRO A 736 -8.90 -35.10 23.37
C PRO A 736 -9.04 -35.30 21.87
N VAL A 737 -9.94 -34.55 21.25
CA VAL A 737 -10.17 -34.65 19.81
C VAL A 737 -8.91 -34.36 19.02
N ASN A 738 -8.18 -33.32 19.43
CA ASN A 738 -6.94 -32.96 18.78
C ASN A 738 -5.98 -34.15 18.68
N LEU A 739 -5.72 -34.78 19.82
CA LEU A 739 -4.85 -35.94 19.86
C LEU A 739 -5.43 -37.09 19.04
N ALA A 740 -6.74 -37.23 19.08
CA ALA A 740 -7.42 -38.30 18.36
C ALA A 740 -7.14 -38.20 16.85
N VAL A 741 -7.18 -36.98 16.32
CA VAL A 741 -6.90 -36.76 14.92
C VAL A 741 -5.48 -37.16 14.56
N LEU A 742 -4.53 -36.78 15.42
CA LEU A 742 -3.13 -37.13 15.23
C LEU A 742 -2.94 -38.64 15.28
N LYS A 743 -3.65 -39.29 16.20
CA LYS A 743 -3.57 -40.74 16.35
C LYS A 743 -4.09 -41.45 15.11
N LEU A 744 -5.23 -40.97 14.60
CA LEU A 744 -5.84 -41.57 13.42
C LEU A 744 -4.96 -41.47 12.19
N SER A 745 -4.30 -40.33 12.03
CA SER A 745 -3.43 -40.10 10.87
C SER A 745 -2.20 -40.99 10.92
N GLU A 746 -1.62 -41.15 12.10
CA GLU A 746 -0.42 -41.97 12.26
C GLU A 746 -0.72 -43.45 12.06
N GLN A 747 -1.95 -43.84 12.39
CA GLN A 747 -2.39 -45.22 12.18
C GLN A 747 -2.80 -45.43 10.73
N GLY A 748 -2.63 -44.39 9.92
CA GLY A 748 -2.99 -44.43 8.51
C GLY A 748 -4.49 -44.60 8.31
N LEU A 749 -5.25 -44.38 9.38
CA LEU A 749 -6.70 -44.54 9.33
C LEU A 749 -7.35 -43.45 8.49
N LEU A 750 -6.79 -42.25 8.55
CA LEU A 750 -7.29 -41.12 7.77
C LEU A 750 -7.09 -41.37 6.28
N ASP A 751 -5.87 -41.75 5.90
CA ASP A 751 -5.55 -42.07 4.52
C ASP A 751 -6.44 -43.21 4.03
N LYS A 752 -6.68 -44.17 4.90
CA LYS A 752 -7.53 -45.31 4.58
C LYS A 752 -8.95 -44.87 4.25
N LEU A 753 -9.50 -44.01 5.11
CA LEU A 753 -10.86 -43.51 4.91
C LEU A 753 -11.01 -42.79 3.57
N LYS A 754 -10.04 -41.94 3.24
CA LYS A 754 -10.07 -41.21 1.99
C LYS A 754 -10.08 -42.16 0.80
N ASN A 755 -9.18 -43.14 0.83
CA ASN A 755 -9.12 -44.15 -0.22
C ASN A 755 -10.45 -44.90 -0.35
N LYS A 756 -11.15 -45.05 0.76
CA LYS A 756 -12.41 -45.78 0.78
C LYS A 756 -13.52 -45.04 0.04
N TRP A 757 -13.55 -43.71 0.18
CA TRP A 757 -14.63 -42.92 -0.38
C TRP A 757 -14.29 -42.25 -1.71
N TRP A 758 -12.99 -42.08 -1.96
CA TRP A 758 -12.54 -41.43 -3.18
C TRP A 758 -12.24 -42.41 -4.31
N TYR A 759 -11.37 -43.38 -4.04
CA TYR A 759 -10.92 -44.30 -5.09
C TYR A 759 -11.60 -45.66 -5.03
N ASP A 760 -11.64 -46.27 -3.86
CA ASP A 760 -12.27 -47.58 -3.70
C ASP A 760 -13.75 -47.53 -4.07
N LYS A 761 -14.46 -46.58 -3.48
CA LYS A 761 -15.89 -46.42 -3.75
C LYS A 761 -16.17 -46.45 -5.25
N GLY A 762 -15.12 -46.46 -6.05
CA GLY A 762 -15.25 -46.48 -7.49
C GLY A 762 -14.97 -47.86 -8.07
N GLU A 763 -15.48 -48.12 -9.27
CA GLU A 763 -16.27 -47.13 -10.00
C GLU A 763 -15.52 -46.61 -11.22
N CYS A 764 -14.31 -46.10 -10.99
CA CYS A 764 -13.49 -45.56 -12.07
C CYS A 764 -12.06 -45.31 -11.60
N GLY A 765 -11.32 -46.38 -11.27
CA GLY A 765 -11.81 -47.74 -11.34
C GLY A 765 -11.99 -48.23 -12.76
N ALA A 766 -11.33 -47.55 -13.69
CA ALA A 766 -11.40 -47.92 -15.11
C ALA A 766 -11.00 -46.75 -16.00
N LYS A 767 -11.56 -45.58 -15.73
CA LYS A 767 -11.23 -44.38 -16.49
C LYS A 767 -9.86 -43.86 -16.09
N ASP A 768 -9.32 -44.40 -15.01
CA ASP A 768 -7.99 -44.02 -14.53
C ASP A 768 -6.93 -44.96 -15.08
N SER A 769 -7.33 -46.19 -15.38
CA SER A 769 -6.42 -47.18 -15.95
C SER A 769 -6.20 -46.90 -17.43
N GLY A 770 -7.17 -46.22 -18.05
CA GLY A 770 -7.05 -45.82 -19.44
C GLY A 770 -6.37 -44.47 -19.56
N SER A 771 -6.38 -43.71 -18.46
CA SER A 771 -5.73 -42.42 -18.42
C SER A 771 -4.25 -42.57 -18.08
N LYS A 772 -3.82 -43.82 -17.88
CA LYS A 772 -2.44 -44.11 -17.54
C LYS A 772 -1.48 -43.35 -18.45
N GLU A 773 -1.92 -43.10 -19.67
CA GLU A 773 -1.10 -42.37 -20.65
C GLU A 773 -0.01 -43.27 -21.22
N LYS A 774 -0.40 -44.46 -21.66
CA LYS A 774 0.55 -45.42 -22.23
C LYS A 774 0.95 -45.01 -23.65
N THR A 775 0.02 -45.18 -24.59
CA THR A 775 0.27 -44.84 -25.98
C THR A 775 0.86 -43.44 -26.11
N SER A 776 1.59 -43.20 -27.20
CA SER A 776 2.20 -41.90 -27.44
C SER A 776 3.09 -41.94 -28.68
N ALA A 777 2.58 -42.52 -29.75
CA ALA A 777 3.33 -42.63 -31.00
C ALA A 777 2.43 -42.38 -32.20
N LEU A 778 2.82 -42.93 -33.36
CA LEU A 778 2.05 -42.75 -34.58
C LEU A 778 0.85 -43.71 -34.64
N SER A 779 0.75 -44.42 -35.63
CA SER A 779 -0.44 -45.28 -35.61
C SER A 779 -0.53 -46.15 -36.86
N LEU A 780 -1.45 -47.10 -36.83
CA LEU A 780 -1.67 -48.00 -37.95
C LEU A 780 -2.82 -47.52 -38.83
N SER A 781 -3.70 -46.72 -38.24
CA SER A 781 -4.88 -46.21 -38.93
C SER A 781 -4.60 -45.72 -40.35
N ASN A 782 -3.81 -44.66 -40.45
CA ASN A 782 -3.48 -44.08 -41.75
C ASN A 782 -2.87 -45.09 -42.71
N VAL A 783 -1.88 -45.84 -42.22
CA VAL A 783 -1.21 -46.83 -43.04
C VAL A 783 -2.16 -47.92 -43.51
N ALA A 784 -3.20 -48.19 -42.70
CA ALA A 784 -4.17 -49.22 -43.03
C ALA A 784 -4.94 -48.90 -44.31
N GLY A 785 -5.30 -47.63 -44.48
CA GLY A 785 -6.03 -47.21 -45.66
C GLY A 785 -5.30 -47.53 -46.95
N VAL A 786 -3.97 -47.57 -46.88
CA VAL A 786 -3.14 -47.87 -48.04
C VAL A 786 -3.04 -49.38 -48.24
N PHE A 787 -3.33 -50.15 -47.20
CA PHE A 787 -3.33 -51.60 -47.29
C PHE A 787 -4.58 -52.10 -48.01
N TYR A 788 -5.71 -51.47 -47.74
CA TYR A 788 -6.98 -51.87 -48.36
C TYR A 788 -6.97 -51.57 -49.86
N ILE A 789 -6.36 -50.45 -50.24
CA ILE A 789 -6.27 -50.08 -51.65
C ILE A 789 -5.31 -51.01 -52.39
N LEU A 790 -4.41 -51.64 -51.63
CA LEU A 790 -3.47 -52.60 -52.20
C LEU A 790 -4.17 -53.91 -52.51
N VAL A 791 -4.82 -54.48 -51.49
CA VAL A 791 -5.56 -55.73 -51.65
C VAL A 791 -6.64 -55.56 -52.73
N GLY A 792 -7.22 -54.36 -52.80
CA GLY A 792 -8.21 -54.05 -53.82
C GLY A 792 -7.60 -54.12 -55.21
N GLY A 793 -6.35 -53.66 -55.32
CA GLY A 793 -5.64 -53.72 -56.59
C GLY A 793 -5.27 -55.15 -56.95
N LEU A 794 -4.91 -55.94 -55.95
CA LEU A 794 -4.60 -57.35 -56.15
C LEU A 794 -5.83 -58.10 -56.64
N GLY A 795 -6.97 -57.81 -56.02
CA GLY A 795 -8.22 -58.43 -56.40
C GLY A 795 -8.64 -58.06 -57.82
N LEU A 796 -8.43 -56.78 -58.16
CA LEU A 796 -8.72 -56.31 -59.51
C LEU A 796 -7.88 -57.04 -60.53
N ALA A 797 -6.63 -57.32 -60.17
CA ALA A 797 -5.72 -58.05 -61.05
C ALA A 797 -6.12 -59.51 -61.16
N MET A 798 -6.51 -60.10 -60.04
CA MET A 798 -6.96 -61.49 -60.02
C MET A 798 -8.21 -61.65 -60.87
N LEU A 799 -8.91 -60.53 -61.09
CA LEU A 799 -10.10 -60.53 -61.93
C LEU A 799 -9.73 -60.37 -63.39
N VAL A 800 -8.78 -59.49 -63.66
CA VAL A 800 -8.29 -59.27 -65.02
C VAL A 800 -7.55 -60.49 -65.54
N ALA A 801 -6.94 -61.25 -64.62
CA ALA A 801 -6.21 -62.44 -65.01
C ALA A 801 -7.17 -63.45 -65.63
N LEU A 802 -8.18 -63.83 -64.85
CA LEU A 802 -9.21 -64.78 -65.29
C LEU A 802 -9.92 -64.25 -66.53
N ILE A 803 -10.28 -62.98 -66.45
CA ILE A 803 -10.97 -62.27 -67.53
C ILE A 803 -10.13 -62.31 -68.81
N GLU A 804 -8.86 -62.01 -68.62
CA GLU A 804 -7.87 -61.98 -69.71
C GLU A 804 -7.82 -63.36 -70.40
N PHE A 805 -7.75 -64.38 -69.56
CA PHE A 805 -7.69 -65.77 -70.00
C PHE A 805 -8.92 -66.10 -70.85
N CYS A 806 -10.06 -65.69 -70.33
CA CYS A 806 -11.36 -65.91 -71.00
C CYS A 806 -11.34 -65.27 -72.39
N TYR A 807 -10.87 -64.04 -72.42
CA TYR A 807 -10.77 -63.25 -73.65
C TYR A 807 -9.91 -63.99 -74.68
N LYS A 808 -8.79 -64.47 -74.19
CA LYS A 808 -7.82 -65.21 -75.01
C LYS A 808 -8.48 -66.44 -75.63
N SER A 809 -9.20 -67.15 -74.79
CA SER A 809 -9.93 -68.36 -75.17
C SER A 809 -10.92 -68.04 -76.30
N ARG A 810 -11.64 -66.96 -76.08
CA ARG A 810 -12.65 -66.48 -77.04
C ARG A 810 -12.00 -66.21 -78.40
N ALA A 811 -10.88 -65.52 -78.33
CA ALA A 811 -10.09 -65.16 -79.51
C ALA A 811 -9.70 -66.41 -80.29
N GLY A 820 -14.09 -59.23 -80.60
CA GLY A 820 -13.25 -58.07 -80.88
C GLY A 820 -13.50 -57.54 -82.29
N LEU A 821 -13.74 -58.44 -83.24
CA LEU A 821 -13.99 -58.05 -84.61
C LEU A 821 -15.32 -57.32 -84.74
N PHE A 822 -16.28 -57.71 -83.90
CA PHE A 822 -17.60 -57.07 -83.89
C PHE A 822 -17.50 -55.60 -83.51
N ASP A 823 -16.69 -55.32 -82.50
CA ASP A 823 -16.48 -53.95 -82.02
C ASP A 823 -15.88 -53.07 -83.09
N ARG A 824 -14.89 -53.59 -83.81
CA ARG A 824 -14.23 -52.84 -84.86
C ARG A 824 -15.23 -52.16 -85.77
N GLY A 825 -16.33 -52.85 -86.07
CA GLY A 825 -17.37 -52.31 -86.93
C GLY A 825 -18.31 -51.39 -86.19
N VAL A 826 -18.84 -51.86 -85.07
CA VAL A 826 -19.76 -51.06 -84.26
C VAL A 826 -19.01 -50.29 -83.18
N GLN A 827 -17.70 -50.50 -83.10
CA GLN A 827 -16.87 -49.82 -82.12
C GLN A 827 -16.59 -48.38 -82.56
N MET A 828 -16.34 -48.22 -83.85
CA MET A 828 -16.15 -46.90 -84.44
C MET A 828 -17.36 -46.01 -84.22
N LEU A 829 -18.55 -46.55 -84.51
CA LEU A 829 -19.78 -45.81 -84.34
C LEU A 829 -20.04 -45.51 -82.87
N LEU A 830 -19.79 -46.50 -82.04
CA LEU A 830 -19.95 -46.39 -80.60
C LEU A 830 -19.05 -45.31 -80.01
N THR A 831 -17.78 -45.35 -80.38
CA THR A 831 -16.82 -44.37 -79.90
C THR A 831 -17.12 -42.97 -80.36
N THR A 832 -17.63 -42.85 -81.58
CA THR A 832 -17.98 -41.55 -82.15
C THR A 832 -19.13 -40.90 -81.38
N VAL A 833 -20.16 -41.68 -81.08
CA VAL A 833 -21.31 -41.17 -80.35
C VAL A 833 -20.98 -40.91 -78.88
N GLY A 834 -20.05 -41.66 -78.32
CA GLY A 834 -19.60 -41.44 -76.95
C GLY A 834 -18.86 -40.11 -76.86
N ALA A 835 -17.99 -39.86 -77.84
CA ALA A 835 -17.25 -38.62 -77.92
C ALA A 835 -18.19 -37.42 -78.07
N PHE A 836 -19.16 -37.57 -78.97
CA PHE A 836 -20.15 -36.53 -79.19
C PHE A 836 -20.96 -36.26 -77.93
N ALA A 837 -21.26 -37.31 -77.17
CA ALA A 837 -22.01 -37.18 -75.94
C ALA A 837 -21.19 -36.46 -74.88
N ALA A 838 -19.91 -36.82 -74.78
CA ALA A 838 -19.01 -36.19 -73.84
C ALA A 838 -18.81 -34.70 -74.13
N PHE A 839 -18.66 -34.36 -75.40
CA PHE A 839 -18.49 -32.97 -75.81
C PHE A 839 -19.71 -32.15 -75.45
N SER A 840 -20.88 -32.68 -75.79
CA SER A 840 -22.15 -32.00 -75.50
C SER A 840 -22.34 -31.76 -74.00
N LEU A 841 -21.91 -32.73 -73.19
CA LEU A 841 -22.04 -32.61 -71.75
C LEU A 841 -21.01 -31.67 -71.16
N MET A 842 -19.84 -31.58 -71.80
CA MET A 842 -18.82 -30.63 -71.42
C MET A 842 -19.34 -29.20 -71.59
N THR A 843 -20.07 -28.98 -72.68
CA THR A 843 -20.69 -27.69 -72.92
C THR A 843 -21.79 -27.42 -71.92
N ILE A 844 -22.49 -28.46 -71.51
CA ILE A 844 -23.54 -28.36 -70.49
C ILE A 844 -22.93 -28.08 -69.12
N ALA A 845 -21.76 -28.67 -68.88
CA ALA A 845 -21.07 -28.50 -67.61
C ALA A 845 -20.60 -27.06 -67.42
N VAL A 846 -20.04 -26.49 -68.48
CA VAL A 846 -19.49 -25.14 -68.44
C VAL A 846 -20.57 -24.09 -68.21
N GLY A 847 -21.76 -24.34 -68.72
CA GLY A 847 -22.88 -23.42 -68.58
C GLY A 847 -23.69 -23.70 -67.32
N THR A 848 -23.38 -24.78 -66.64
CA THR A 848 -24.09 -25.15 -65.42
C THR A 848 -24.29 -23.95 -64.51
N ASP A 849 -25.49 -23.38 -64.54
CA ASP A 849 -25.81 -22.22 -63.71
C ASP A 849 -25.31 -22.41 -62.28
N TYR A 850 -24.36 -23.33 -62.11
CA TYR A 850 -23.79 -23.61 -60.80
C TYR A 850 -22.35 -24.09 -60.84
N TRP A 851 -21.44 -23.17 -61.12
CA TRP A 851 -20.02 -23.46 -61.07
C TRP A 851 -19.51 -23.35 -59.62
N LEU A 852 -20.15 -22.48 -58.84
CA LEU A 852 -19.84 -22.36 -57.42
C LEU A 852 -21.02 -21.77 -56.65
N TYR A 853 -21.29 -22.20 -55.43
CA TYR A 853 -22.30 -21.63 -54.57
C TYR A 853 -21.61 -21.13 -53.35
N SER A 854 -21.81 -19.84 -53.05
CA SER A 854 -21.19 -19.23 -51.88
C SER A 854 -22.23 -18.94 -50.80
N ARG A 855 -22.64 -19.98 -50.09
CA ARG A 855 -23.64 -19.84 -49.02
C ARG A 855 -23.32 -18.65 -48.13
N GLY A 856 -24.37 -18.01 -47.61
CA GLY A 856 -24.20 -16.86 -46.75
C GLY A 856 -25.47 -16.49 -46.02
N VAL A 857 -26.24 -17.51 -45.64
CA VAL A 857 -27.50 -17.30 -44.92
C VAL A 857 -27.34 -16.26 -43.81
N VAL A 875 -29.63 -16.09 -47.36
CA VAL A 875 -29.74 -16.23 -48.81
C VAL A 875 -28.88 -17.38 -49.34
N MET A 876 -28.87 -17.53 -50.66
CA MET A 876 -28.09 -18.57 -51.32
C MET A 876 -27.60 -18.09 -52.68
N THR A 877 -26.29 -18.05 -52.87
CA THR A 877 -25.69 -17.59 -54.11
C THR A 877 -25.08 -18.75 -54.90
N HIS A 878 -25.45 -18.87 -56.17
CA HIS A 878 -24.81 -19.84 -57.05
C HIS A 878 -24.47 -19.19 -58.40
N SER A 879 -23.29 -19.52 -58.92
CA SER A 879 -22.80 -18.91 -60.15
C SER A 879 -22.24 -19.93 -61.13
N GLY A 880 -22.25 -19.58 -62.41
CA GLY A 880 -21.42 -20.28 -63.38
C GLY A 880 -20.49 -19.28 -64.04
N LEU A 881 -20.12 -19.52 -65.29
CA LEU A 881 -19.21 -18.62 -65.99
C LEU A 881 -19.97 -17.46 -66.63
N TRP A 882 -21.29 -17.52 -66.59
CA TRP A 882 -22.12 -16.55 -67.32
C TRP A 882 -23.08 -15.79 -66.43
N ARG A 883 -23.55 -16.43 -65.37
CA ARG A 883 -24.54 -15.80 -64.50
C ARG A 883 -24.19 -15.91 -63.02
N THR A 884 -24.56 -14.87 -62.28
CA THR A 884 -24.49 -14.88 -60.82
C THR A 884 -25.91 -14.76 -60.29
N CYS A 885 -26.34 -15.75 -59.51
CA CYS A 885 -27.73 -15.80 -59.09
C CYS A 885 -27.87 -15.81 -57.58
N CYS A 886 -29.11 -15.61 -57.11
CA CYS A 886 -29.40 -15.58 -55.68
C CYS A 886 -30.82 -16.03 -55.40
N LEU A 887 -30.97 -16.95 -54.45
CA LEU A 887 -32.28 -17.43 -54.03
C LEU A 887 -32.67 -16.84 -52.68
N GLU A 888 -33.68 -15.98 -52.69
CA GLU A 888 -34.09 -15.27 -51.49
C GLU A 888 -35.23 -15.98 -50.77
N GLY A 889 -35.36 -15.72 -49.47
CA GLY A 889 -36.43 -16.30 -48.67
C GLY A 889 -37.80 -15.78 -49.11
N ASN A 890 -38.67 -16.69 -49.52
CA ASN A 890 -38.35 -18.11 -49.53
C ASN A 890 -38.56 -18.73 -50.90
N PHE A 891 -37.46 -19.15 -51.53
CA PHE A 891 -37.53 -19.88 -52.79
C PHE A 891 -37.28 -19.05 -54.03
N LYS A 892 -37.70 -17.79 -54.03
CA LYS A 892 -37.59 -16.93 -55.19
C LYS A 892 -36.12 -16.72 -55.60
N GLY A 893 -35.83 -17.03 -56.87
CA GLY A 893 -34.46 -16.92 -57.38
C GLY A 893 -34.35 -15.87 -58.47
N LEU A 894 -33.27 -15.10 -58.42
CA LEU A 894 -32.98 -14.09 -59.44
C LEU A 894 -31.58 -14.26 -59.98
N CYS A 895 -31.39 -13.94 -61.27
CA CYS A 895 -30.08 -14.08 -61.89
C CYS A 895 -29.65 -12.81 -62.61
N LYS A 896 -28.36 -12.51 -62.53
CA LYS A 896 -27.81 -11.32 -63.17
C LYS A 896 -26.98 -11.69 -64.39
N GLN A 897 -27.66 -12.06 -65.48
CA GLN A 897 -26.99 -12.44 -66.72
C GLN A 897 -25.87 -11.45 -67.06
N ILE A 898 -24.63 -11.95 -67.04
CA ILE A 898 -23.47 -11.12 -67.35
C ILE A 898 -22.67 -11.71 -68.49
N ASP A 899 -22.69 -13.03 -68.61
CA ASP A 899 -21.96 -13.73 -69.66
C ASP A 899 -20.47 -13.79 -69.34
N HIS A 900 -20.00 -14.99 -68.97
CA HIS A 900 -18.60 -15.19 -68.64
C HIS A 900 -18.13 -14.21 -67.57
N PHE A 901 -16.91 -14.25 -67.03
CA PHE A 901 -16.73 -13.29 -65.91
C PHE A 901 -15.51 -12.41 -65.56
N PRO A 902 -14.49 -12.24 -66.49
CA PRO A 902 -13.41 -11.33 -66.04
C PRO A 902 -13.97 -9.96 -65.63
N GLU A 903 -13.73 -9.55 -64.38
CA GLU A 903 -14.22 -8.27 -63.89
C GLU A 903 -13.10 -7.47 -63.23
N ASP A 904 -13.47 -6.56 -62.35
CA ASP A 904 -12.49 -5.72 -61.65
C ASP A 904 -12.12 -6.32 -60.31
N ALA A 905 -11.34 -7.41 -60.34
CA ALA A 905 -10.90 -8.08 -59.13
C ALA A 905 -9.43 -7.80 -58.84
N ASP A 906 -8.86 -6.84 -59.56
CA ASP A 906 -7.47 -6.47 -59.39
C ASP A 906 -6.58 -7.72 -59.32
N TYR A 907 -7.09 -8.83 -59.83
CA TYR A 907 -6.35 -10.08 -59.83
C TYR A 907 -5.01 -9.94 -60.55
N GLU A 908 -5.06 -10.02 -61.88
CA GLU A 908 -3.91 -9.91 -62.78
C GLU A 908 -3.40 -11.26 -63.29
N ALA A 909 -2.73 -12.04 -62.45
CA ALA A 909 -2.46 -11.66 -61.07
C ALA A 909 -1.07 -11.04 -60.93
N ASP A 910 -0.41 -10.83 -62.06
CA ASP A 910 0.93 -10.24 -62.07
C ASP A 910 1.52 -10.23 -63.48
N THR A 911 0.68 -10.56 -64.46
CA THR A 911 1.12 -10.59 -65.85
C THR A 911 0.57 -9.40 -66.63
N ALA A 912 -0.68 -9.52 -67.08
CA ALA A 912 -1.32 -8.46 -67.84
C ALA A 912 -2.81 -8.73 -67.99
N GLU A 913 -3.18 -9.50 -69.01
CA GLU A 913 -4.57 -9.83 -69.26
C GLU A 913 -4.73 -11.28 -69.70
N TYR A 914 -5.84 -11.90 -69.31
CA TYR A 914 -6.12 -13.28 -69.65
C TYR A 914 -7.30 -13.83 -68.86
N PHE A 915 -7.40 -13.42 -67.61
CA PHE A 915 -8.49 -13.87 -66.74
C PHE A 915 -8.99 -12.73 -65.84
N LEU A 916 -10.27 -12.74 -65.49
CA LEU A 916 -11.21 -13.77 -65.93
C LEU A 916 -11.30 -13.84 -67.45
N ARG A 917 -12.08 -14.78 -67.96
CA ARG A 917 -12.24 -14.96 -69.39
C ARG A 917 -11.39 -16.11 -69.90
N ALA A 918 -10.13 -16.16 -69.47
CA ALA A 918 -9.24 -17.21 -69.90
C ALA A 918 -9.92 -18.57 -69.93
N VAL A 919 -10.78 -18.82 -68.96
CA VAL A 919 -11.52 -20.07 -68.91
C VAL A 919 -12.54 -20.11 -70.05
N ARG A 920 -13.09 -18.95 -70.39
CA ARG A 920 -13.96 -18.83 -71.55
C ARG A 920 -13.22 -19.27 -72.83
N ALA A 921 -12.01 -18.77 -72.99
CA ALA A 921 -11.22 -19.03 -74.19
C ALA A 921 -10.85 -20.50 -74.31
N SER A 922 -10.55 -21.14 -73.19
CA SER A 922 -10.18 -22.55 -73.20
C SER A 922 -11.38 -23.46 -73.47
N SER A 923 -12.55 -23.07 -72.96
CA SER A 923 -13.76 -23.84 -73.17
C SER A 923 -14.25 -23.73 -74.61
N ILE A 924 -14.22 -22.51 -75.14
CA ILE A 924 -14.64 -22.26 -76.52
C ILE A 924 -13.72 -23.00 -77.49
N PHE A 925 -12.42 -22.95 -77.22
CA PHE A 925 -11.43 -23.66 -78.04
C PHE A 925 -11.69 -25.16 -78.01
N PRO A 926 -11.97 -25.69 -76.82
CA PRO A 926 -12.24 -27.11 -76.63
C PRO A 926 -13.42 -27.58 -77.47
N ILE A 927 -14.48 -26.79 -77.49
CA ILE A 927 -15.69 -27.13 -78.23
C ILE A 927 -15.45 -27.05 -79.74
N LEU A 928 -14.71 -26.04 -80.17
CA LEU A 928 -14.36 -25.90 -81.58
C LEU A 928 -13.47 -27.04 -82.05
N SER A 929 -12.51 -27.43 -81.21
CA SER A 929 -11.63 -28.54 -81.52
C SER A 929 -12.41 -29.86 -81.57
N VAL A 930 -13.37 -30.00 -80.67
CA VAL A 930 -14.19 -31.20 -80.61
C VAL A 930 -15.12 -31.32 -81.79
N ILE A 931 -15.58 -30.18 -82.31
CA ILE A 931 -16.42 -30.17 -83.50
C ILE A 931 -15.64 -30.57 -84.74
N LEU A 932 -14.42 -30.05 -84.85
CA LEU A 932 -13.55 -30.38 -85.97
C LEU A 932 -13.16 -31.86 -85.89
N LEU A 933 -12.98 -32.35 -84.67
CA LEU A 933 -12.61 -33.74 -84.45
C LEU A 933 -13.76 -34.70 -84.74
N PHE A 934 -14.96 -34.32 -84.30
CA PHE A 934 -16.15 -35.12 -84.57
C PHE A 934 -16.41 -35.23 -86.07
N MET A 935 -16.30 -34.11 -86.76
CA MET A 935 -16.52 -34.06 -88.20
C MET A 935 -15.51 -34.92 -88.96
N GLY A 936 -14.23 -34.71 -88.69
CA GLY A 936 -13.18 -35.47 -89.36
C GLY A 936 -13.20 -36.94 -88.96
N GLY A 937 -13.61 -37.20 -87.72
CA GLY A 937 -13.72 -38.56 -87.23
C GLY A 937 -14.83 -39.31 -87.92
N LEU A 938 -15.92 -38.61 -88.19
CA LEU A 938 -17.07 -39.19 -88.86
C LEU A 938 -16.73 -39.59 -90.29
N CYS A 939 -15.93 -38.75 -90.95
CA CYS A 939 -15.49 -39.01 -92.32
C CYS A 939 -14.47 -40.15 -92.33
N ILE A 940 -13.75 -40.31 -91.23
CA ILE A 940 -12.68 -41.29 -91.14
C ILE A 940 -13.10 -42.69 -90.77
N ALA A 941 -14.37 -42.87 -90.42
CA ALA A 941 -14.88 -44.18 -90.04
C ALA A 941 -15.53 -44.89 -91.23
N ALA A 942 -14.93 -44.75 -92.40
CA ALA A 942 -15.46 -45.40 -93.59
C ALA A 942 -16.52 -44.51 -94.25
N SER A 943 -16.63 -44.62 -95.57
CA SER A 943 -17.58 -43.82 -96.34
C SER A 943 -17.22 -44.02 -97.83
N GLU A 944 -17.63 -43.17 -98.78
CA GLU A 944 -18.42 -41.94 -98.64
C GLU A 944 -17.53 -40.78 -98.21
N PHE A 945 -16.26 -41.11 -97.95
CA PHE A 945 -15.25 -40.17 -97.50
C PHE A 945 -13.91 -40.63 -98.06
N TYR A 946 -12.80 -40.01 -97.64
CA TYR A 946 -12.80 -38.91 -96.69
C TYR A 946 -12.62 -37.58 -97.41
N LYS A 947 -11.73 -37.58 -98.39
CA LYS A 947 -10.98 -38.77 -98.78
C LYS A 947 -9.61 -38.80 -98.11
N THR A 948 -9.57 -38.51 -96.81
CA THR A 948 -8.32 -38.50 -96.07
C THR A 948 -8.15 -39.78 -95.25
N ARG A 949 -7.73 -40.84 -95.92
CA ARG A 949 -7.52 -42.13 -95.27
C ARG A 949 -6.78 -41.96 -93.95
N HIS A 950 -7.26 -42.67 -92.92
CA HIS A 950 -6.65 -42.61 -91.60
C HIS A 950 -6.25 -41.17 -91.24
N ASN A 951 -4.99 -40.84 -91.47
CA ASN A 951 -4.49 -39.53 -91.17
C ASN A 951 -5.58 -38.74 -90.51
N ILE A 952 -6.81 -38.82 -91.04
CA ILE A 952 -7.90 -38.03 -90.54
C ILE A 952 -8.22 -38.43 -89.13
N ILE A 953 -8.24 -39.75 -88.86
CA ILE A 953 -8.57 -40.26 -87.57
C ILE A 953 -7.54 -39.83 -86.57
N LEU A 954 -6.26 -39.81 -86.97
CA LEU A 954 -5.22 -39.37 -86.09
C LEU A 954 -5.49 -37.94 -85.74
N SER A 955 -5.86 -37.12 -86.73
CA SER A 955 -6.11 -35.74 -86.49
C SER A 955 -7.29 -35.61 -85.58
N ALA A 956 -8.37 -36.35 -85.87
CA ALA A 956 -9.57 -36.24 -85.09
C ALA A 956 -9.28 -36.63 -83.68
N GLY A 957 -8.46 -37.69 -83.50
CA GLY A 957 -8.18 -38.17 -82.18
C GLY A 957 -7.49 -37.11 -81.37
N ILE A 958 -6.51 -36.41 -81.98
CA ILE A 958 -5.75 -35.42 -81.26
C ILE A 958 -6.67 -34.31 -80.85
N PHE A 959 -7.59 -33.92 -81.74
CA PHE A 959 -8.50 -32.83 -81.47
C PHE A 959 -9.37 -33.14 -80.28
N PHE A 960 -9.87 -34.39 -80.16
CA PHE A 960 -10.68 -34.75 -79.04
C PHE A 960 -9.86 -34.65 -77.78
N VAL A 961 -8.60 -35.12 -77.85
CA VAL A 961 -7.74 -35.09 -76.69
C VAL A 961 -7.50 -33.67 -76.30
N SER A 962 -7.22 -32.80 -77.28
CA SER A 962 -6.92 -31.43 -77.00
C SER A 962 -8.15 -30.79 -76.40
N ALA A 963 -9.33 -31.17 -76.92
CA ALA A 963 -10.56 -30.61 -76.46
C ALA A 963 -10.75 -30.97 -75.02
N GLY A 964 -10.46 -32.24 -74.68
CA GLY A 964 -10.57 -32.74 -73.35
C GLY A 964 -9.58 -32.05 -72.47
N LEU A 965 -8.36 -31.84 -72.99
CA LEU A 965 -7.29 -31.23 -72.25
C LEU A 965 -7.67 -29.82 -71.95
N SER A 966 -8.28 -29.13 -72.92
CA SER A 966 -8.66 -27.76 -72.69
C SER A 966 -9.69 -27.74 -71.61
N ASN A 967 -10.66 -28.69 -71.66
CA ASN A 967 -11.75 -28.76 -70.72
C ASN A 967 -11.20 -29.06 -69.36
N ILE A 968 -10.19 -29.94 -69.28
CA ILE A 968 -9.69 -30.28 -67.99
C ILE A 968 -9.06 -29.05 -67.40
N ILE A 969 -8.30 -28.28 -68.20
CA ILE A 969 -7.64 -27.10 -67.70
C ILE A 969 -8.63 -26.06 -67.26
N GLY A 970 -9.67 -25.80 -68.07
CA GLY A 970 -10.59 -24.75 -67.74
C GLY A 970 -11.30 -25.06 -66.47
N ILE A 971 -11.73 -26.31 -66.28
CA ILE A 971 -12.43 -26.70 -65.10
C ILE A 971 -11.52 -26.55 -63.93
N ILE A 972 -10.28 -27.06 -64.06
CA ILE A 972 -9.34 -27.02 -62.98
C ILE A 972 -8.98 -25.60 -62.66
N VAL A 973 -8.74 -24.77 -63.69
CA VAL A 973 -8.33 -23.41 -63.45
C VAL A 973 -9.39 -22.69 -62.71
N TYR A 974 -10.66 -22.89 -63.11
CA TYR A 974 -11.74 -22.21 -62.46
C TYR A 974 -11.81 -22.73 -61.05
N ILE A 975 -11.65 -24.07 -60.89
CA ILE A 975 -11.74 -24.73 -59.62
C ILE A 975 -10.68 -24.28 -58.68
N SER A 976 -9.42 -24.16 -59.15
CA SER A 976 -8.34 -23.82 -58.27
C SER A 976 -8.59 -22.51 -57.62
N ALA A 977 -9.08 -21.62 -58.05
CA ALA A 977 -9.30 -20.24 -57.77
C ALA A 977 -10.32 -20.12 -56.67
N ASN A 978 -11.41 -20.89 -56.77
CA ASN A 978 -12.43 -20.81 -55.77
C ASN A 978 -11.96 -21.41 -54.48
N ALA A 979 -11.21 -22.52 -54.52
CA ALA A 979 -10.82 -23.18 -53.30
C ALA A 979 -9.94 -22.28 -52.49
N GLY A 980 -9.02 -21.56 -53.14
CA GLY A 980 -8.09 -20.77 -52.39
C GLY A 980 -8.81 -19.76 -51.56
N ASP A 981 -9.75 -19.06 -52.18
CA ASP A 981 -10.55 -18.04 -51.51
C ASP A 981 -10.56 -18.24 -50.00
N PRO A 982 -9.56 -17.70 -49.32
CA PRO A 982 -9.45 -17.83 -47.86
C PRO A 982 -10.57 -17.06 -47.14
N SER A 983 -11.43 -17.79 -46.43
CA SER A 983 -12.54 -17.17 -45.71
C SER A 983 -13.15 -18.16 -44.71
N LYS A 984 -12.36 -18.63 -43.76
CA LYS A 984 -10.94 -18.29 -43.63
C LYS A 984 -10.28 -19.07 -42.51
N SER A 985 -10.92 -20.14 -42.07
CA SER A 985 -10.40 -20.98 -41.00
C SER A 985 -11.45 -21.97 -40.51
N ASP A 986 -12.70 -21.55 -40.54
CA ASP A 986 -13.81 -22.40 -40.09
C ASP A 986 -14.82 -22.63 -41.22
N SER A 987 -14.32 -22.72 -42.45
CA SER A 987 -15.18 -22.93 -43.61
C SER A 987 -14.81 -24.21 -44.33
N LYS A 988 -15.18 -24.29 -45.61
CA LYS A 988 -14.89 -25.46 -46.42
C LYS A 988 -15.55 -26.71 -45.85
N LYS A 989 -16.88 -26.72 -45.83
CA LYS A 989 -17.64 -27.85 -45.31
C LYS A 989 -19.16 -27.64 -45.19
N ASN A 990 -19.63 -26.46 -44.78
CA ASN A 990 -18.85 -25.27 -44.42
C ASN A 990 -18.36 -24.44 -45.61
N SER A 991 -18.56 -23.13 -45.53
CA SER A 991 -18.15 -22.23 -46.61
C SER A 991 -19.18 -22.19 -47.73
N TYR A 992 -18.98 -23.03 -48.73
CA TYR A 992 -19.89 -23.10 -49.87
C TYR A 992 -20.22 -24.54 -50.23
N SER A 993 -20.54 -24.77 -51.51
CA SER A 993 -20.87 -26.11 -51.98
C SER A 993 -19.94 -26.54 -53.11
N TYR A 994 -19.53 -25.58 -53.94
CA TYR A 994 -18.64 -25.85 -55.05
C TYR A 994 -19.39 -26.52 -56.21
N GLY A 995 -18.68 -27.31 -56.99
CA GLY A 995 -19.27 -28.00 -58.13
C GLY A 995 -19.76 -29.39 -57.77
N TRP A 996 -20.92 -29.76 -58.30
CA TRP A 996 -21.69 -28.87 -59.16
C TRP A 996 -21.08 -28.80 -60.56
N SER A 997 -21.79 -28.16 -61.48
CA SER A 997 -21.33 -28.02 -62.83
C SER A 997 -19.95 -28.58 -62.95
N PHE A 998 -19.12 -28.37 -61.91
CA PHE A 998 -17.78 -28.85 -61.97
C PHE A 998 -17.77 -30.33 -62.09
N TYR A 999 -18.68 -30.80 -61.25
CA TYR A 999 -18.66 -32.22 -61.29
C TYR A 999 -18.92 -32.67 -62.70
N PHE A 1000 -19.95 -32.06 -63.32
CA PHE A 1000 -20.30 -32.46 -64.64
C PHE A 1000 -19.19 -32.20 -65.59
N GLY A 1001 -18.57 -31.04 -65.46
CA GLY A 1001 -17.46 -30.66 -66.30
C GLY A 1001 -16.32 -31.61 -65.99
N ALA A 1002 -16.27 -32.08 -64.75
CA ALA A 1002 -15.24 -33.01 -64.32
C ALA A 1002 -15.51 -34.35 -64.97
N LEU A 1003 -16.78 -34.67 -65.17
CA LEU A 1003 -17.17 -35.92 -65.81
C LEU A 1003 -17.23 -35.77 -67.33
N SER A 1004 -17.87 -34.70 -67.79
CA SER A 1004 -18.01 -34.44 -69.22
C SER A 1004 -16.64 -34.35 -69.88
N PHE A 1005 -15.75 -33.57 -69.27
CA PHE A 1005 -14.41 -33.40 -69.82
C PHE A 1005 -13.72 -34.76 -69.96
N ILE A 1006 -13.81 -35.54 -68.89
CA ILE A 1006 -13.22 -36.88 -68.82
C ILE A 1006 -13.76 -37.76 -69.95
N ILE A 1007 -15.07 -37.69 -70.10
CA ILE A 1007 -15.80 -38.45 -71.13
C ILE A 1007 -15.26 -38.09 -72.52
N ALA A 1008 -15.13 -36.79 -72.72
CA ALA A 1008 -14.63 -36.23 -73.99
C ALA A 1008 -13.23 -36.79 -74.29
N GLU A 1009 -12.40 -36.76 -73.27
CA GLU A 1009 -11.03 -37.24 -73.35
C GLU A 1009 -11.00 -38.71 -73.78
N MET A 1010 -11.86 -39.47 -73.12
CA MET A 1010 -12.00 -40.91 -73.38
C MET A 1010 -12.37 -41.15 -74.85
N VAL A 1011 -13.34 -40.37 -75.30
CA VAL A 1011 -13.83 -40.42 -76.67
C VAL A 1011 -12.69 -40.18 -77.66
N GLY A 1012 -11.93 -39.14 -77.35
CA GLY A 1012 -10.78 -38.73 -78.17
C GLY A 1012 -9.78 -39.88 -78.28
N VAL A 1013 -9.51 -40.48 -77.13
CA VAL A 1013 -8.57 -41.60 -77.01
C VAL A 1013 -9.02 -42.75 -77.92
N LEU A 1014 -10.31 -43.04 -77.81
CA LEU A 1014 -10.96 -44.11 -78.59
C LEU A 1014 -10.76 -43.86 -80.09
N ALA A 1015 -11.02 -42.62 -80.46
CA ALA A 1015 -10.89 -42.16 -81.85
C ALA A 1015 -9.47 -42.40 -82.36
N VAL A 1016 -8.53 -42.00 -81.52
CA VAL A 1016 -7.09 -42.13 -81.81
C VAL A 1016 -6.75 -43.61 -82.07
N HIS A 1017 -7.22 -44.47 -81.18
CA HIS A 1017 -6.95 -45.90 -81.30
C HIS A 1017 -7.52 -46.41 -82.60
N MET A 1018 -8.75 -46.01 -82.90
CA MET A 1018 -9.43 -46.41 -84.15
C MET A 1018 -8.56 -46.05 -85.35
N PHE A 1019 -8.07 -44.82 -85.37
CA PHE A 1019 -7.23 -44.35 -86.47
C PHE A 1019 -5.98 -45.21 -86.57
N ILE A 1020 -5.38 -45.46 -85.42
CA ILE A 1020 -4.16 -46.30 -85.35
C ILE A 1020 -4.43 -47.65 -86.01
N ASP A 1021 -5.54 -48.28 -85.64
CA ASP A 1021 -5.90 -49.58 -86.18
C ASP A 1021 -6.06 -49.47 -87.69
N ARG A 1022 -6.75 -48.43 -88.13
CA ARG A 1022 -6.97 -48.19 -89.56
C ARG A 1022 -5.64 -48.15 -90.29
N HIS A 1023 -4.72 -47.40 -89.71
CA HIS A 1023 -3.36 -47.22 -90.25
C HIS A 1023 -2.68 -48.59 -90.39
N LYS A 1024 -2.79 -49.36 -89.33
CA LYS A 1024 -2.21 -50.70 -89.26
C LYS A 1024 -2.75 -51.56 -90.39
N GLN A 1025 -4.06 -51.54 -90.58
CA GLN A 1025 -4.70 -52.32 -91.64
C GLN A 1025 -4.14 -51.96 -93.01
N LEU A 1026 -4.02 -50.67 -93.28
CA LEU A 1026 -3.50 -50.21 -94.57
C LEU A 1026 -2.09 -50.75 -94.81
N THR A 1027 -1.24 -50.65 -93.80
CA THR A 1027 0.13 -51.12 -93.91
C THR A 1027 0.18 -52.60 -94.26
N ASN B 1 -56.55 39.53 50.93
CA ASN B 1 -56.37 38.15 50.49
C ASN B 1 -54.95 37.66 50.77
N SER B 2 -54.80 36.88 51.84
CA SER B 2 -53.49 36.37 52.24
C SER B 2 -53.41 34.85 52.03
N ILE B 3 -52.63 34.44 51.04
CA ILE B 3 -52.45 33.02 50.74
C ILE B 3 -51.12 32.51 51.27
N GLN B 4 -51.20 31.71 52.34
CA GLN B 4 -50.00 31.16 52.96
C GLN B 4 -49.49 29.92 52.22
N ILE B 5 -48.20 29.93 51.90
CA ILE B 5 -47.58 28.80 51.22
C ILE B 5 -46.28 28.40 51.93
N GLY B 6 -45.85 27.16 51.69
CA GLY B 6 -44.64 26.64 52.30
C GLY B 6 -43.45 26.73 51.37
N GLY B 7 -42.26 26.89 51.94
CA GLY B 7 -41.04 26.97 51.16
C GLY B 7 -39.93 26.13 51.75
N LEU B 8 -39.63 25.01 51.09
CA LEU B 8 -38.58 24.11 51.55
C LEU B 8 -37.29 24.29 50.73
N PHE B 9 -36.39 25.13 51.23
CA PHE B 9 -35.14 25.40 50.54
C PHE B 9 -33.96 24.73 51.23
N PRO B 10 -33.24 23.86 50.50
CA PRO B 10 -32.06 23.18 51.01
C PRO B 10 -30.95 24.19 51.34
N ARG B 11 -30.29 24.00 52.47
CA ARG B 11 -29.21 24.89 52.87
C ARG B 11 -28.16 25.00 51.77
N GLY B 12 -27.99 26.21 51.25
CA GLY B 12 -27.03 26.45 50.18
C GLY B 12 -27.69 26.96 48.92
N ALA B 13 -29.02 26.89 48.89
CA ALA B 13 -29.79 27.37 47.74
C ALA B 13 -29.94 28.89 47.79
N ASP B 14 -28.82 29.60 47.73
CA ASP B 14 -28.82 31.05 47.81
C ASP B 14 -29.46 31.69 46.59
N GLN B 15 -28.92 31.40 45.41
CA GLN B 15 -29.44 31.97 44.17
C GLN B 15 -30.88 31.53 43.92
N GLU B 16 -31.20 30.30 44.32
CA GLU B 16 -32.56 29.80 44.17
C GLU B 16 -33.54 30.61 45.00
N TYR B 17 -33.18 30.90 46.23
CA TYR B 17 -34.03 31.69 47.13
C TYR B 17 -34.07 33.15 46.66
N SER B 18 -32.93 33.66 46.21
CA SER B 18 -32.86 35.01 45.69
C SER B 18 -33.82 35.18 44.51
N ALA B 19 -33.84 34.18 43.64
CA ALA B 19 -34.76 34.17 42.50
C ALA B 19 -36.19 34.01 42.99
N PHE B 20 -36.35 33.30 44.11
CA PHE B 20 -37.66 33.09 44.71
C PHE B 20 -38.22 34.41 45.24
N ARG B 21 -37.32 35.24 45.77
CA ARG B 21 -37.70 36.54 46.30
C ARG B 21 -38.08 37.49 45.18
N VAL B 22 -37.23 37.56 44.15
CA VAL B 22 -37.48 38.42 43.01
C VAL B 22 -38.83 38.11 42.36
N GLY B 23 -39.18 36.83 42.34
CA GLY B 23 -40.46 36.40 41.80
C GLY B 23 -41.62 36.92 42.62
N MET B 24 -41.45 36.91 43.93
CA MET B 24 -42.48 37.42 44.84
C MET B 24 -42.77 38.89 44.57
N VAL B 25 -41.73 39.61 44.16
CA VAL B 25 -41.84 41.05 43.90
C VAL B 25 -42.43 41.32 42.52
N GLN B 26 -41.95 40.59 41.52
CA GLN B 26 -42.38 40.80 40.15
C GLN B 26 -43.81 40.36 39.90
N PHE B 27 -44.28 39.40 40.69
CA PHE B 27 -45.63 38.87 40.52
C PHE B 27 -46.53 39.17 41.71
N SER B 28 -46.28 40.29 42.38
CA SER B 28 -47.10 40.72 43.50
C SER B 28 -48.22 41.63 43.02
N THR B 29 -49.46 41.29 43.38
CA THR B 29 -50.62 42.07 42.98
C THR B 29 -51.46 42.48 44.19
N SER B 30 -52.36 43.43 43.96
CA SER B 30 -53.23 43.93 45.03
C SER B 30 -54.38 42.96 45.31
N GLU B 31 -54.72 42.16 44.31
CA GLU B 31 -55.81 41.20 44.43
C GLU B 31 -55.54 40.20 45.55
N PHE B 32 -54.28 39.81 45.68
CA PHE B 32 -53.88 38.86 46.73
C PHE B 32 -52.36 38.82 46.87
N ARG B 33 -51.90 38.52 48.09
CA ARG B 33 -50.47 38.45 48.37
C ARG B 33 -50.09 37.07 48.90
N LEU B 34 -48.94 36.57 48.47
CA LEU B 34 -48.45 35.26 48.90
C LEU B 34 -47.55 35.39 50.13
N THR B 35 -47.82 34.57 51.14
CA THR B 35 -47.04 34.60 52.37
C THR B 35 -46.18 33.35 52.52
N PRO B 36 -44.92 33.44 52.08
CA PRO B 36 -43.98 32.31 52.12
C PRO B 36 -43.45 32.03 53.53
N HIS B 37 -43.59 30.79 53.98
CA HIS B 37 -43.01 30.37 55.25
C HIS B 37 -41.78 29.49 54.97
N ILE B 38 -40.60 30.10 55.02
CA ILE B 38 -39.37 29.43 54.63
C ILE B 38 -38.82 28.50 55.69
N ASP B 39 -38.41 27.31 55.26
CA ASP B 39 -37.79 26.33 56.15
C ASP B 39 -36.53 25.75 55.54
N ASN B 40 -35.38 26.15 56.07
CA ASN B 40 -34.10 25.68 55.56
C ASN B 40 -33.65 24.40 56.25
N LEU B 41 -33.83 23.27 55.57
CA LEU B 41 -33.45 21.97 56.12
C LEU B 41 -32.60 21.18 55.13
N GLU B 42 -31.88 20.18 55.64
CA GLU B 42 -31.10 19.28 54.80
C GLU B 42 -32.04 18.43 53.95
N VAL B 43 -32.20 18.82 52.69
CA VAL B 43 -33.14 18.17 51.79
C VAL B 43 -32.92 16.65 51.71
N ALA B 44 -31.68 16.22 51.89
CA ALA B 44 -31.34 14.81 51.81
C ALA B 44 -32.00 14.00 52.91
N ASN B 45 -31.97 14.53 54.13
CA ASN B 45 -32.53 13.86 55.29
C ASN B 45 -34.05 13.68 55.16
N SER B 46 -34.48 12.43 55.02
CA SER B 46 -35.90 12.13 54.86
C SER B 46 -36.71 12.51 56.08
N PHE B 47 -36.17 12.27 57.26
CA PHE B 47 -36.84 12.60 58.51
C PHE B 47 -37.15 14.09 58.60
N ALA B 48 -36.12 14.91 58.42
CA ALA B 48 -36.26 16.36 58.48
C ALA B 48 -37.32 16.85 57.50
N VAL B 49 -37.29 16.31 56.29
CA VAL B 49 -38.25 16.69 55.26
C VAL B 49 -39.68 16.38 55.70
N THR B 50 -39.84 15.29 56.44
CA THR B 50 -41.15 14.89 56.94
C THR B 50 -41.68 15.91 57.95
N ASN B 51 -40.81 16.37 58.84
CA ASN B 51 -41.18 17.39 59.81
C ASN B 51 -41.51 18.72 59.16
N ALA B 52 -40.65 19.15 58.23
CA ALA B 52 -40.86 20.42 57.54
C ALA B 52 -42.17 20.42 56.76
N PHE B 53 -42.59 19.24 56.32
CA PHE B 53 -43.85 19.11 55.58
C PHE B 53 -45.04 19.17 56.53
N CYS B 54 -44.98 18.40 57.61
CA CYS B 54 -46.06 18.38 58.59
C CYS B 54 -46.17 19.70 59.33
N SER B 55 -45.03 20.39 59.46
CA SER B 55 -44.99 21.70 60.12
C SER B 55 -45.72 22.73 59.26
N GLN B 56 -45.40 22.75 57.97
CA GLN B 56 -46.03 23.66 57.04
C GLN B 56 -47.50 23.27 56.82
N PHE B 57 -47.82 22.02 57.10
CA PHE B 57 -49.18 21.53 56.94
C PHE B 57 -50.06 21.92 58.12
N SER B 58 -49.47 21.90 59.32
CA SER B 58 -50.19 22.31 60.52
C SER B 58 -50.40 23.82 60.52
N ARG B 59 -49.46 24.54 59.92
CA ARG B 59 -49.59 25.99 59.79
C ARG B 59 -50.69 26.33 58.78
N GLY B 60 -51.23 25.30 58.15
CA GLY B 60 -52.33 25.47 57.21
C GLY B 60 -51.95 26.22 55.94
N VAL B 61 -51.15 25.59 55.10
CA VAL B 61 -50.76 26.17 53.82
C VAL B 61 -51.65 25.65 52.70
N TYR B 62 -51.69 26.38 51.60
CA TYR B 62 -52.51 25.98 50.45
C TYR B 62 -51.67 25.24 49.41
N ALA B 63 -50.37 25.50 49.43
CA ALA B 63 -49.44 24.85 48.51
C ALA B 63 -48.03 24.92 49.05
N ILE B 64 -47.17 24.01 48.58
CA ILE B 64 -45.79 23.96 49.04
C ILE B 64 -44.80 23.96 47.88
N PHE B 65 -43.83 24.87 47.94
CA PHE B 65 -42.75 24.90 46.97
C PHE B 65 -41.43 24.56 47.63
N GLY B 66 -40.73 23.56 47.10
CA GLY B 66 -39.46 23.14 47.65
C GLY B 66 -38.66 22.25 46.74
N PHE B 67 -37.73 21.51 47.32
CA PHE B 67 -36.87 20.61 46.56
C PHE B 67 -36.81 19.25 47.26
N TYR B 68 -36.41 18.23 46.50
CA TYR B 68 -36.21 16.90 47.09
C TYR B 68 -35.01 16.20 46.48
N ASP B 69 -34.47 15.23 47.21
CA ASP B 69 -33.32 14.46 46.75
C ASP B 69 -33.78 13.07 46.31
N LYS B 70 -32.86 12.29 45.75
CA LYS B 70 -33.17 10.93 45.33
C LYS B 70 -33.62 10.07 46.51
N LYS B 71 -33.42 10.58 47.71
CA LYS B 71 -33.77 9.84 48.92
C LYS B 71 -35.08 10.31 49.55
N SER B 72 -35.30 11.62 49.53
CA SER B 72 -36.48 12.21 50.18
C SER B 72 -37.65 12.37 49.21
N VAL B 73 -37.39 12.17 47.92
CA VAL B 73 -38.42 12.36 46.90
C VAL B 73 -39.66 11.52 47.17
N ASN B 74 -39.47 10.29 47.63
CA ASN B 74 -40.59 9.40 47.91
C ASN B 74 -41.46 9.89 49.05
N THR B 75 -40.85 10.55 50.03
CA THR B 75 -41.58 11.11 51.16
C THR B 75 -42.56 12.18 50.68
N ILE B 76 -42.04 13.11 49.88
CA ILE B 76 -42.86 14.21 49.35
C ILE B 76 -44.02 13.69 48.50
N THR B 77 -43.69 12.92 47.46
CA THR B 77 -44.69 12.40 46.55
C THR B 77 -45.78 11.64 47.28
N SER B 78 -45.41 10.97 48.37
CA SER B 78 -46.35 10.15 49.11
C SER B 78 -47.29 10.99 49.97
N PHE B 79 -46.72 11.84 50.81
CA PHE B 79 -47.51 12.70 51.69
C PHE B 79 -48.42 13.64 50.90
N CYS B 80 -47.85 14.30 49.89
CA CYS B 80 -48.60 15.23 49.06
C CYS B 80 -49.76 14.54 48.35
N GLY B 81 -49.60 13.25 48.10
CA GLY B 81 -50.65 12.47 47.44
C GLY B 81 -51.74 12.04 48.41
N THR B 82 -51.34 11.78 49.64
CA THR B 82 -52.29 11.35 50.68
C THR B 82 -53.06 12.53 51.25
N LEU B 83 -52.35 13.62 51.52
CA LEU B 83 -52.96 14.80 52.12
C LEU B 83 -53.47 15.77 51.07
N HIS B 84 -53.42 15.36 49.80
CA HIS B 84 -53.92 16.17 48.70
C HIS B 84 -53.28 17.57 48.68
N VAL B 85 -52.04 17.65 49.15
CA VAL B 85 -51.31 18.91 49.15
C VAL B 85 -50.49 19.04 47.86
N SER B 86 -50.56 20.21 47.24
CA SER B 86 -49.82 20.48 46.00
C SER B 86 -48.37 20.84 46.30
N PHE B 87 -47.45 20.24 45.54
CA PHE B 87 -46.03 20.47 45.74
C PHE B 87 -45.34 20.87 44.44
N ILE B 88 -44.92 22.13 44.37
CA ILE B 88 -44.20 22.64 43.20
C ILE B 88 -42.69 22.57 43.43
N THR B 89 -41.97 22.00 42.49
CA THR B 89 -40.53 21.81 42.65
C THR B 89 -39.78 21.91 41.33
N PRO B 90 -38.63 22.58 41.34
CA PRO B 90 -37.73 22.68 40.18
C PRO B 90 -36.84 21.46 40.06
N SER B 91 -36.83 20.62 41.09
CA SER B 91 -35.97 19.44 41.11
C SER B 91 -36.29 18.48 39.95
N PHE B 92 -35.51 17.41 39.86
CA PHE B 92 -35.68 16.43 38.79
C PHE B 92 -37.08 15.84 38.80
N PRO B 93 -37.63 15.57 37.60
CA PRO B 93 -38.97 14.99 37.44
C PRO B 93 -39.07 13.62 38.12
N THR B 94 -40.24 13.32 38.67
CA THR B 94 -40.47 12.04 39.33
C THR B 94 -40.56 10.91 38.30
N ASP B 95 -39.99 9.76 38.65
CA ASP B 95 -40.01 8.60 37.77
C ASP B 95 -41.36 7.88 37.85
N GLY B 96 -42.38 8.48 37.25
CA GLY B 96 -43.71 7.90 37.26
C GLY B 96 -44.79 8.96 37.18
N THR B 97 -45.98 8.60 37.67
CA THR B 97 -47.12 9.52 37.65
C THR B 97 -47.63 9.80 39.06
N HIS B 98 -46.96 10.71 39.76
CA HIS B 98 -47.34 11.07 41.12
C HIS B 98 -48.20 12.33 41.15
N PRO B 99 -49.46 12.20 41.54
CA PRO B 99 -50.41 13.31 41.61
C PRO B 99 -50.01 14.35 42.65
N PHE B 100 -50.57 15.54 42.54
CA PHE B 100 -50.31 16.63 43.49
C PHE B 100 -48.83 17.03 43.52
N VAL B 101 -48.18 16.94 42.37
CA VAL B 101 -46.78 17.35 42.25
C VAL B 101 -46.57 18.11 40.94
N ILE B 102 -46.11 19.35 41.04
CA ILE B 102 -45.84 20.18 39.88
C ILE B 102 -44.32 20.29 39.66
N GLN B 103 -43.86 19.82 38.51
CA GLN B 103 -42.42 19.78 38.23
C GLN B 103 -42.01 20.82 37.20
N MET B 104 -41.12 21.72 37.62
CA MET B 104 -40.67 22.81 36.75
C MET B 104 -39.63 22.35 35.73
N ARG B 105 -38.90 21.30 36.07
CA ARG B 105 -37.84 20.80 35.20
C ARG B 105 -38.40 19.85 34.13
N PRO B 106 -38.20 20.19 32.86
CA PRO B 106 -38.61 19.35 31.73
C PRO B 106 -37.74 18.10 31.64
N ASP B 107 -38.28 17.05 31.03
CA ASP B 107 -37.53 15.79 30.90
C ASP B 107 -36.45 15.90 29.83
N LEU B 108 -35.20 15.72 30.24
CA LEU B 108 -34.07 15.83 29.33
C LEU B 108 -33.80 14.51 28.61
N LYS B 109 -34.31 13.42 29.17
CA LYS B 109 -34.11 12.08 28.62
C LYS B 109 -34.30 12.05 27.11
N GLY B 110 -35.36 12.70 26.63
CA GLY B 110 -35.66 12.74 25.21
C GLY B 110 -34.63 13.51 24.41
N ALA B 111 -34.31 14.71 24.87
CA ALA B 111 -33.37 15.58 24.16
C ALA B 111 -31.99 14.95 24.06
N LEU B 112 -31.60 14.18 25.08
CA LEU B 112 -30.30 13.54 25.10
C LEU B 112 -30.20 12.46 24.03
N LEU B 113 -31.16 11.54 24.04
CA LEU B 113 -31.18 10.44 23.09
C LEU B 113 -31.18 10.94 21.65
N SER B 114 -31.88 12.04 21.40
CA SER B 114 -31.94 12.62 20.07
C SER B 114 -30.59 13.16 19.64
N LEU B 115 -29.88 13.78 20.58
CA LEU B 115 -28.57 14.36 20.30
C LEU B 115 -27.55 13.29 19.95
N ILE B 116 -27.63 12.14 20.64
CA ILE B 116 -26.72 11.03 20.40
C ILE B 116 -26.83 10.55 18.96
N GLU B 117 -28.06 10.40 18.48
CA GLU B 117 -28.30 9.95 17.11
C GLU B 117 -27.83 11.00 16.09
N TYR B 118 -27.96 12.27 16.46
CA TYR B 118 -27.54 13.35 15.58
C TYR B 118 -26.05 13.25 15.26
N TYR B 119 -25.24 13.07 16.30
CA TYR B 119 -23.80 12.92 16.13
C TYR B 119 -23.47 11.51 15.66
N GLN B 120 -24.49 10.66 15.57
CA GLN B 120 -24.32 9.29 15.11
C GLN B 120 -23.30 8.52 15.96
N TRP B 121 -23.57 8.44 17.26
CA TRP B 121 -22.70 7.74 18.18
C TRP B 121 -23.12 6.27 18.32
N ASP B 122 -22.15 5.38 18.30
CA ASP B 122 -22.41 3.95 18.45
C ASP B 122 -21.67 3.38 19.67
N LYS B 123 -20.58 4.04 20.05
CA LYS B 123 -19.82 3.63 21.21
C LYS B 123 -19.35 4.85 22.00
N PHE B 124 -19.86 4.99 23.23
CA PHE B 124 -19.54 6.15 24.06
C PHE B 124 -19.52 5.80 25.54
N ALA B 125 -18.82 6.61 26.32
CA ALA B 125 -18.78 6.44 27.77
C ALA B 125 -19.85 7.31 28.44
N TYR B 126 -20.51 6.76 29.44
CA TYR B 126 -21.58 7.47 30.12
C TYR B 126 -21.30 7.62 31.62
N LEU B 127 -20.65 8.72 31.98
CA LEU B 127 -20.36 9.00 33.39
C LEU B 127 -21.58 9.64 34.04
N TYR B 128 -22.17 8.95 35.00
CA TYR B 128 -23.42 9.40 35.61
C TYR B 128 -23.28 9.66 37.11
N ASP B 129 -24.24 10.40 37.65
CA ASP B 129 -24.29 10.68 39.07
C ASP B 129 -25.66 10.28 39.62
N SER B 130 -25.67 9.44 40.65
CA SER B 130 -26.90 8.88 41.18
C SER B 130 -27.74 9.89 41.97
N ASP B 131 -27.37 11.16 41.88
CA ASP B 131 -28.06 12.20 42.64
C ASP B 131 -29.47 12.49 42.11
N ARG B 132 -29.61 12.51 40.79
CA ARG B 132 -30.89 12.83 40.17
C ARG B 132 -31.60 11.57 39.66
N GLY B 133 -31.27 10.43 40.26
CA GLY B 133 -31.88 9.17 39.88
C GLY B 133 -31.32 8.61 38.59
N LEU B 134 -31.31 7.28 38.48
CA LEU B 134 -30.80 6.62 37.29
C LEU B 134 -31.85 6.56 36.18
N SER B 135 -32.74 7.55 36.18
CA SER B 135 -33.81 7.60 35.19
C SER B 135 -33.24 7.77 33.77
N THR B 136 -32.24 8.62 33.64
CA THR B 136 -31.60 8.85 32.34
C THR B 136 -30.63 7.74 31.99
N LEU B 137 -30.05 7.11 33.02
CA LEU B 137 -29.15 5.98 32.81
C LEU B 137 -29.89 4.81 32.19
N GLN B 138 -31.05 4.49 32.75
CA GLN B 138 -31.90 3.43 32.21
C GLN B 138 -32.31 3.77 30.78
N ALA B 139 -32.50 5.06 30.51
CA ALA B 139 -32.92 5.53 29.20
C ALA B 139 -31.89 5.15 28.14
N VAL B 140 -30.63 5.49 28.38
CA VAL B 140 -29.57 5.22 27.41
C VAL B 140 -29.23 3.74 27.33
N LEU B 141 -29.40 3.03 28.45
CA LEU B 141 -29.12 1.59 28.48
C LEU B 141 -30.18 0.81 27.70
N ASP B 142 -31.44 1.18 27.89
CA ASP B 142 -32.54 0.53 27.18
C ASP B 142 -32.46 0.81 25.68
N SER B 143 -32.09 2.06 25.34
CA SER B 143 -31.96 2.45 23.95
C SER B 143 -30.72 1.83 23.33
N ALA B 144 -29.75 1.48 24.17
CA ALA B 144 -28.53 0.85 23.70
C ALA B 144 -28.81 -0.54 23.16
N ALA B 145 -29.92 -1.13 23.62
CA ALA B 145 -30.33 -2.45 23.15
C ALA B 145 -30.96 -2.34 21.77
N GLU B 146 -31.83 -1.36 21.59
CA GLU B 146 -32.52 -1.16 20.32
C GLU B 146 -31.59 -0.56 19.27
N LYS B 147 -31.03 0.60 19.57
CA LYS B 147 -30.16 1.30 18.64
C LYS B 147 -28.79 0.62 18.53
N LYS B 148 -28.58 -0.41 19.35
CA LYS B 148 -27.33 -1.17 19.33
C LYS B 148 -26.12 -0.27 19.62
N TRP B 149 -25.99 0.16 20.88
CA TRP B 149 -24.85 0.95 21.30
C TRP B 149 -23.97 0.18 22.28
N GLN B 150 -22.69 0.52 22.32
CA GLN B 150 -21.77 -0.05 23.29
C GLN B 150 -21.47 0.98 24.37
N VAL B 151 -22.39 1.12 25.32
CA VAL B 151 -22.26 2.12 26.37
C VAL B 151 -21.41 1.64 27.53
N THR B 152 -20.50 2.50 27.99
CA THR B 152 -19.66 2.20 29.14
C THR B 152 -20.08 3.07 30.32
N ALA B 153 -21.11 2.61 31.04
CA ALA B 153 -21.65 3.36 32.17
C ALA B 153 -20.74 3.26 33.39
N ILE B 154 -20.43 4.40 33.99
CA ILE B 154 -19.56 4.45 35.16
C ILE B 154 -20.09 5.43 36.20
N ASN B 155 -20.41 4.93 37.39
CA ASN B 155 -20.90 5.77 38.46
C ASN B 155 -19.80 6.66 39.04
N VAL B 156 -19.76 7.90 38.59
CA VAL B 156 -18.75 8.86 39.01
C VAL B 156 -19.21 9.61 40.26
N GLY B 157 -20.23 9.06 40.93
CA GLY B 157 -20.81 9.71 42.08
C GLY B 157 -20.20 9.33 43.42
N ASN B 158 -20.08 8.02 43.66
CA ASN B 158 -19.59 7.53 44.95
C ASN B 158 -18.10 7.76 45.17
N ILE B 159 -17.52 8.67 44.39
CA ILE B 159 -16.11 8.97 44.51
C ILE B 159 -15.84 9.87 45.73
N ASN B 160 -15.18 9.32 46.73
CA ASN B 160 -14.82 10.08 47.93
C ASN B 160 -13.91 11.26 47.59
N ASN B 161 -14.33 12.47 47.95
CA ASN B 161 -13.65 13.69 47.51
C ASN B 161 -12.34 14.07 48.23
N ASP B 162 -12.03 13.40 49.36
CA ASP B 162 -10.83 13.67 50.16
C ASP B 162 -9.63 12.80 49.75
N LYS B 163 -9.54 12.52 48.44
CA LYS B 163 -8.52 11.63 47.88
C LYS B 163 -8.96 11.22 46.49
N LYS B 164 -9.82 12.03 45.86
CA LYS B 164 -10.37 11.68 44.55
C LYS B 164 -9.44 12.06 43.39
N ASP B 165 -8.39 11.28 43.20
CA ASP B 165 -7.42 11.56 42.16
C ASP B 165 -6.89 10.26 41.57
N GLU B 166 -6.54 9.33 42.46
CA GLU B 166 -6.15 7.99 42.05
C GLU B 166 -7.36 7.24 41.52
N THR B 167 -8.53 7.85 41.67
CA THR B 167 -9.78 7.28 41.17
C THR B 167 -10.04 7.74 39.74
N TYR B 168 -9.78 9.02 39.48
CA TYR B 168 -9.93 9.57 38.14
C TYR B 168 -8.89 9.02 37.18
N ARG B 169 -7.67 8.83 37.69
CA ARG B 169 -6.59 8.25 36.90
C ARG B 169 -6.93 6.81 36.53
N SER B 170 -7.59 6.12 37.46
CA SER B 170 -8.02 4.74 37.22
C SER B 170 -9.34 4.72 36.46
N LEU B 171 -9.97 5.89 36.34
CA LEU B 171 -11.23 6.01 35.61
C LEU B 171 -10.98 6.12 34.12
N PHE B 172 -10.06 7.01 33.73
CA PHE B 172 -9.71 7.19 32.33
C PHE B 172 -8.73 6.12 31.86
N GLN B 173 -8.35 5.23 32.78
CA GLN B 173 -7.52 4.09 32.45
C GLN B 173 -8.40 3.00 31.82
N ASP B 174 -9.63 2.91 32.31
CA ASP B 174 -10.60 1.98 31.75
C ASP B 174 -11.22 2.57 30.48
N LEU B 175 -11.25 3.89 30.42
CA LEU B 175 -11.77 4.58 29.24
C LEU B 175 -10.71 4.68 28.15
N GLU B 176 -9.62 3.93 28.33
CA GLU B 176 -8.54 3.90 27.36
C GLU B 176 -8.36 2.49 26.79
N LEU B 177 -8.91 1.50 27.49
CA LEU B 177 -8.89 0.12 27.02
C LEU B 177 -9.63 0.02 25.70
N LYS B 178 -10.71 0.77 25.57
CA LYS B 178 -11.49 0.81 24.34
C LYS B 178 -11.27 2.15 23.63
N LYS B 179 -10.28 2.90 24.09
CA LYS B 179 -9.94 4.19 23.50
C LYS B 179 -11.17 5.09 23.37
N GLU B 180 -11.94 5.20 24.44
CA GLU B 180 -13.13 6.03 24.45
C GLU B 180 -12.78 7.50 24.22
N ARG B 181 -13.37 8.09 23.18
CA ARG B 181 -13.13 9.49 22.85
C ARG B 181 -14.41 10.31 22.97
N ARG B 182 -15.52 9.63 23.23
CA ARG B 182 -16.82 10.28 23.32
C ARG B 182 -17.47 10.03 24.69
N VAL B 183 -17.51 11.07 25.51
CA VAL B 183 -18.01 10.93 26.88
C VAL B 183 -19.26 11.77 27.11
N ILE B 184 -20.21 11.21 27.86
CA ILE B 184 -21.42 11.94 28.25
C ILE B 184 -21.42 12.18 29.75
N LEU B 185 -21.36 13.45 30.15
CA LEU B 185 -21.34 13.80 31.56
C LEU B 185 -22.74 14.11 32.10
N ASP B 186 -23.32 13.15 32.80
CA ASP B 186 -24.62 13.34 33.42
C ASP B 186 -24.46 13.65 34.90
N CYS B 187 -24.12 14.90 35.21
CA CYS B 187 -23.87 15.30 36.59
C CYS B 187 -24.43 16.69 36.88
N GLU B 188 -24.28 17.11 38.13
CA GLU B 188 -24.70 18.45 38.53
C GLU B 188 -23.67 19.48 38.07
N ARG B 189 -24.02 20.75 38.18
CA ARG B 189 -23.14 21.83 37.74
C ARG B 189 -21.79 21.79 38.46
N ASP B 190 -21.75 21.14 39.62
CA ASP B 190 -20.54 21.06 40.42
C ASP B 190 -19.66 19.88 40.01
N LYS B 191 -20.25 18.69 40.01
CA LYS B 191 -19.52 17.47 39.65
C LYS B 191 -18.98 17.56 38.22
N VAL B 192 -19.58 18.43 37.42
CA VAL B 192 -19.14 18.62 36.04
C VAL B 192 -17.82 19.39 35.99
N ASN B 193 -17.74 20.48 36.75
CA ASN B 193 -16.52 21.27 36.81
C ASN B 193 -15.34 20.46 37.33
N ASP B 194 -15.60 19.58 38.29
CA ASP B 194 -14.56 18.71 38.82
C ASP B 194 -14.01 17.81 37.72
N ILE B 195 -14.90 17.21 36.95
CA ILE B 195 -14.52 16.34 35.85
C ILE B 195 -13.79 17.13 34.76
N VAL B 196 -14.37 18.26 34.37
CA VAL B 196 -13.78 19.11 33.35
C VAL B 196 -12.36 19.52 33.72
N ASP B 197 -12.15 19.83 35.00
CA ASP B 197 -10.82 20.21 35.49
C ASP B 197 -9.85 19.03 35.37
N GLN B 198 -10.30 17.84 35.76
CA GLN B 198 -9.47 16.64 35.65
C GLN B 198 -9.15 16.35 34.19
N VAL B 199 -10.15 16.52 33.32
CA VAL B 199 -9.99 16.27 31.90
C VAL B 199 -8.87 17.13 31.32
N ILE B 200 -8.82 18.39 31.72
CA ILE B 200 -7.80 19.31 31.23
C ILE B 200 -6.43 18.93 31.77
N THR B 201 -6.39 18.49 33.02
CA THR B 201 -5.13 18.10 33.66
C THR B 201 -4.48 16.94 32.92
N ILE B 202 -5.25 15.89 32.65
CA ILE B 202 -4.73 14.73 31.94
C ILE B 202 -4.61 14.99 30.44
N GLY B 203 -5.15 16.14 30.01
CA GLY B 203 -5.02 16.56 28.62
C GLY B 203 -5.98 15.88 27.67
N LYS B 204 -7.07 15.34 28.20
CA LYS B 204 -8.08 14.70 27.36
C LYS B 204 -9.15 15.70 26.91
N HIS B 205 -8.73 16.93 26.66
CA HIS B 205 -9.64 17.99 26.23
C HIS B 205 -9.21 18.54 24.88
N VAL B 206 -8.29 17.84 24.22
CA VAL B 206 -7.78 18.26 22.93
C VAL B 206 -8.64 17.69 21.81
N LYS B 207 -8.33 18.09 20.57
CA LYS B 207 -9.06 17.62 19.41
C LYS B 207 -9.11 16.10 19.35
N GLY B 208 -10.29 15.55 19.14
CA GLY B 208 -10.46 14.11 19.09
C GLY B 208 -11.49 13.63 20.10
N TYR B 209 -11.62 14.39 21.20
CA TYR B 209 -12.59 14.06 22.24
C TYR B 209 -13.89 14.84 22.05
N HIS B 210 -14.99 14.24 22.48
CA HIS B 210 -16.30 14.89 22.36
C HIS B 210 -17.10 14.67 23.64
N TYR B 211 -17.39 15.76 24.34
CA TYR B 211 -18.13 15.68 25.60
C TYR B 211 -19.55 16.22 25.45
N ILE B 212 -20.48 15.63 26.19
CA ILE B 212 -21.86 16.07 26.21
C ILE B 212 -22.33 16.27 27.64
N ILE B 213 -22.57 17.53 28.01
CA ILE B 213 -23.04 17.84 29.36
C ILE B 213 -24.53 17.59 29.45
N ALA B 214 -24.90 16.50 30.12
CA ALA B 214 -26.29 16.08 30.22
C ALA B 214 -27.06 16.83 31.32
N ASN B 215 -27.22 18.13 31.15
CA ASN B 215 -28.03 18.93 32.06
C ASN B 215 -28.66 20.12 31.33
N LEU B 216 -29.61 20.78 31.98
CA LEU B 216 -30.33 21.89 31.38
C LEU B 216 -29.58 23.20 31.56
N GLY B 217 -28.37 23.12 32.13
CA GLY B 217 -27.57 24.31 32.36
C GLY B 217 -26.20 24.20 31.73
N PHE B 218 -26.14 24.32 30.40
CA PHE B 218 -24.89 24.21 29.67
C PHE B 218 -23.99 25.42 29.89
N THR B 219 -24.59 26.60 29.94
CA THR B 219 -23.84 27.84 30.13
C THR B 219 -23.74 28.20 31.60
N ASP B 220 -24.30 27.35 32.46
CA ASP B 220 -24.28 27.60 33.90
C ASP B 220 -22.89 27.35 34.49
N GLY B 221 -22.11 26.48 33.84
CA GLY B 221 -20.78 26.16 34.32
C GLY B 221 -19.71 26.90 33.56
N ASP B 222 -18.48 26.84 34.07
CA ASP B 222 -17.35 27.49 33.43
C ASP B 222 -16.87 26.65 32.23
N LEU B 223 -16.92 27.25 31.05
CA LEU B 223 -16.51 26.56 29.83
C LEU B 223 -15.25 27.16 29.22
N LEU B 224 -14.85 28.33 29.72
CA LEU B 224 -13.67 29.02 29.21
C LEU B 224 -12.42 28.15 29.31
N LYS B 225 -12.46 27.13 30.16
CA LYS B 225 -11.31 26.27 30.36
C LYS B 225 -11.16 25.21 29.26
N ILE B 226 -12.24 24.48 28.98
CA ILE B 226 -12.23 23.49 27.91
C ILE B 226 -12.76 24.07 26.61
N GLN B 227 -12.64 25.39 26.45
CA GLN B 227 -13.15 26.06 25.27
C GLN B 227 -12.10 26.13 24.17
N PHE B 228 -10.85 26.31 24.55
CA PHE B 228 -9.76 26.42 23.59
C PHE B 228 -8.93 25.15 23.50
N GLY B 229 -9.35 24.13 24.25
CA GLY B 229 -8.65 22.86 24.27
C GLY B 229 -8.63 22.17 22.91
N GLY B 230 -9.77 22.19 22.23
CA GLY B 230 -9.88 21.56 20.92
C GLY B 230 -11.00 20.55 20.87
N ALA B 231 -11.22 19.86 21.99
CA ALA B 231 -12.29 18.86 22.07
C ALA B 231 -13.65 19.53 21.97
N GLU B 232 -14.53 18.96 21.14
CA GLU B 232 -15.88 19.49 20.97
C GLU B 232 -16.74 19.22 22.19
N VAL B 233 -17.42 20.25 22.66
CA VAL B 233 -18.31 20.11 23.82
C VAL B 233 -19.73 20.55 23.48
N SER B 234 -20.69 19.67 23.75
CA SER B 234 -22.09 19.97 23.49
C SER B 234 -22.89 19.87 24.79
N GLY B 235 -24.11 20.41 24.78
CA GLY B 235 -24.95 20.39 25.95
C GLY B 235 -26.35 20.89 25.69
N PHE B 236 -27.07 21.23 26.77
CA PHE B 236 -28.45 21.69 26.65
C PHE B 236 -28.68 22.96 27.47
N GLN B 237 -29.45 23.88 26.90
CA GLN B 237 -29.77 25.13 27.59
C GLN B 237 -31.28 25.35 27.61
N ILE B 238 -31.82 25.56 28.80
CA ILE B 238 -33.27 25.77 28.96
C ILE B 238 -33.59 27.25 29.09
N VAL B 239 -32.63 28.03 29.58
CA VAL B 239 -32.81 29.46 29.72
C VAL B 239 -32.22 30.19 28.52
N ASP B 240 -33.07 30.50 27.55
CA ASP B 240 -32.63 31.19 26.34
C ASP B 240 -32.41 32.67 26.62
N TYR B 241 -31.15 33.08 26.64
CA TYR B 241 -30.80 34.47 26.91
C TYR B 241 -31.03 35.36 25.69
N ASP B 242 -31.59 34.78 24.64
CA ASP B 242 -31.89 35.53 23.42
C ASP B 242 -33.34 36.02 23.41
N ASP B 243 -34.14 35.49 24.33
CA ASP B 243 -35.53 35.94 24.48
C ASP B 243 -35.56 37.32 25.13
N SER B 244 -36.32 38.24 24.55
CA SER B 244 -36.47 39.58 25.11
C SER B 244 -37.01 39.50 26.53
N LEU B 245 -37.74 38.44 26.82
CA LEU B 245 -38.30 38.22 28.16
C LEU B 245 -37.17 37.96 29.15
N VAL B 246 -36.30 37.01 28.81
CA VAL B 246 -35.17 36.67 29.67
C VAL B 246 -34.15 37.81 29.68
N SER B 247 -33.92 38.41 28.52
CA SER B 247 -32.98 39.51 28.39
C SER B 247 -33.35 40.66 29.33
N LYS B 248 -34.65 40.91 29.46
CA LYS B 248 -35.13 41.98 30.35
C LYS B 248 -34.94 41.59 31.81
N PHE B 249 -35.10 40.31 32.10
CA PHE B 249 -34.93 39.81 33.47
C PHE B 249 -33.49 40.02 33.94
N ILE B 250 -32.54 39.67 33.08
CA ILE B 250 -31.12 39.82 33.39
C ILE B 250 -30.75 41.28 33.61
N GLU B 251 -31.36 42.17 32.82
CA GLU B 251 -31.10 43.59 32.93
C GLU B 251 -31.30 44.09 34.37
N ARG B 252 -32.27 43.50 35.06
CA ARG B 252 -32.57 43.89 36.44
C ARG B 252 -31.88 42.96 37.43
N TRP B 253 -31.68 41.71 37.02
CA TRP B 253 -31.04 40.72 37.88
C TRP B 253 -29.55 41.04 38.07
N SER B 254 -28.86 41.34 36.98
CA SER B 254 -27.43 41.59 37.02
C SER B 254 -27.07 42.84 37.83
N THR B 255 -28.07 43.69 38.08
CA THR B 255 -27.83 44.94 38.80
C THR B 255 -28.15 44.83 40.29
N LEU B 256 -28.99 43.86 40.65
CA LEU B 256 -29.40 43.67 42.04
C LEU B 256 -28.19 43.59 42.97
N GLU B 257 -28.35 44.11 44.18
CA GLU B 257 -27.29 44.09 45.18
C GLU B 257 -26.99 42.67 45.62
N GLU B 258 -25.73 42.26 45.51
CA GLU B 258 -25.32 40.91 45.86
C GLU B 258 -25.36 40.68 47.37
N LYS B 259 -25.43 41.78 48.12
CA LYS B 259 -25.50 41.70 49.57
C LYS B 259 -26.85 41.14 50.04
N GLU B 260 -27.92 41.77 49.57
CA GLU B 260 -29.27 41.35 49.92
C GLU B 260 -29.69 40.12 49.11
N TYR B 261 -29.25 40.08 47.86
CA TYR B 261 -29.55 38.94 46.98
C TYR B 261 -28.28 38.18 46.64
N PRO B 262 -27.95 37.17 47.47
CA PRO B 262 -26.74 36.35 47.31
C PRO B 262 -26.64 35.72 45.92
N GLY B 263 -25.45 35.78 45.33
CA GLY B 263 -25.22 35.20 44.02
C GLY B 263 -26.24 35.62 42.98
N ALA B 264 -26.52 36.92 42.92
CA ALA B 264 -27.51 37.44 41.99
C ALA B 264 -26.97 38.60 41.16
N HIS B 265 -25.68 38.88 41.32
CA HIS B 265 -25.06 39.98 40.58
C HIS B 265 -24.27 39.47 39.37
N THR B 266 -24.93 38.66 38.55
CA THR B 266 -24.30 38.10 37.36
C THR B 266 -25.20 38.26 36.14
N ALA B 267 -24.63 38.04 34.96
CA ALA B 267 -25.38 38.16 33.72
C ALA B 267 -26.09 36.86 33.36
N THR B 268 -25.79 35.80 34.11
CA THR B 268 -26.41 34.50 33.87
C THR B 268 -27.13 34.01 35.12
N ILE B 269 -27.82 32.88 34.98
CA ILE B 269 -28.57 32.30 36.09
C ILE B 269 -28.72 30.79 35.94
N LYS B 270 -28.49 30.06 37.02
CA LYS B 270 -28.63 28.61 37.02
C LYS B 270 -30.06 28.23 36.67
N TYR B 271 -30.21 27.15 35.90
CA TYR B 271 -31.54 26.73 35.45
C TYR B 271 -32.45 26.37 36.63
N THR B 272 -31.84 25.91 37.72
CA THR B 272 -32.59 25.61 38.93
C THR B 272 -33.20 26.87 39.53
N SER B 273 -32.44 27.96 39.50
CA SER B 273 -32.91 29.24 40.01
C SER B 273 -33.96 29.84 39.08
N ALA B 274 -33.74 29.70 37.78
CA ALA B 274 -34.67 30.23 36.78
C ALA B 274 -36.02 29.55 36.88
N LEU B 275 -36.01 28.27 37.21
CA LEU B 275 -37.25 27.51 37.38
C LEU B 275 -37.98 27.95 38.65
N THR B 276 -37.21 28.31 39.67
CA THR B 276 -37.78 28.80 40.92
C THR B 276 -38.58 30.08 40.67
N TYR B 277 -37.99 30.99 39.88
CA TYR B 277 -38.64 32.24 39.52
C TYR B 277 -39.92 31.95 38.73
N ASP B 278 -39.83 31.02 37.79
CA ASP B 278 -40.99 30.65 36.98
C ASP B 278 -42.04 29.92 37.81
N ALA B 279 -41.60 29.31 38.92
CA ALA B 279 -42.51 28.61 39.82
C ALA B 279 -43.45 29.60 40.50
N VAL B 280 -42.90 30.73 40.93
CA VAL B 280 -43.70 31.77 41.57
C VAL B 280 -44.79 32.26 40.63
N GLN B 281 -44.44 32.44 39.36
CA GLN B 281 -45.40 32.90 38.37
C GLN B 281 -46.53 31.90 38.16
N VAL B 282 -46.20 30.62 38.22
CA VAL B 282 -47.19 29.56 38.05
C VAL B 282 -48.16 29.54 39.23
N MET B 283 -47.64 29.71 40.44
CA MET B 283 -48.45 29.70 41.65
C MET B 283 -49.36 30.93 41.70
N THR B 284 -48.88 32.05 41.16
CA THR B 284 -49.66 33.27 41.11
C THR B 284 -50.83 33.13 40.15
N GLU B 285 -50.54 32.71 38.93
CA GLU B 285 -51.56 32.54 37.90
C GLU B 285 -52.58 31.48 38.32
N ALA B 286 -52.15 30.53 39.14
CA ALA B 286 -53.03 29.46 39.60
C ALA B 286 -54.03 29.96 40.63
N PHE B 287 -53.53 30.69 41.62
CA PHE B 287 -54.39 31.23 42.67
C PHE B 287 -55.26 32.34 42.13
N ARG B 288 -54.85 32.91 40.99
CA ARG B 288 -55.62 33.98 40.34
C ARG B 288 -56.77 33.40 39.53
N ASN B 289 -56.55 32.25 38.91
CA ASN B 289 -57.58 31.58 38.14
C ASN B 289 -58.66 30.96 39.03
N LEU B 290 -58.37 30.92 40.33
CA LEU B 290 -59.33 30.41 41.30
C LEU B 290 -60.24 31.52 41.81
N ARG B 291 -59.71 32.74 41.87
CA ARG B 291 -60.48 33.90 42.28
C ARG B 291 -61.47 34.30 41.19
N LYS B 292 -60.99 34.28 39.94
CA LYS B 292 -61.82 34.66 38.80
C LYS B 292 -62.81 33.56 38.45
N GLN B 293 -62.59 32.36 39.00
CA GLN B 293 -63.47 31.23 38.75
C GLN B 293 -64.50 31.08 39.86
N ARG B 294 -64.47 32.01 40.81
CA ARG B 294 -65.41 32.00 41.93
C ARG B 294 -65.36 30.69 42.70
N ILE B 295 -64.16 30.27 43.08
CA ILE B 295 -63.97 29.03 43.82
C ILE B 295 -63.41 29.29 45.22
N GLU B 296 -64.22 29.00 46.24
CA GLU B 296 -63.81 29.18 47.62
C GLU B 296 -63.00 27.98 48.11
N ILE B 297 -61.81 28.25 48.64
CA ILE B 297 -60.92 27.20 49.10
C ILE B 297 -60.28 27.56 50.43
N SER B 298 -60.53 28.79 50.88
CA SER B 298 -59.85 29.33 52.06
C SER B 298 -60.12 28.52 53.33
N ARG B 299 -59.14 28.54 54.23
CA ARG B 299 -59.25 27.84 55.50
C ARG B 299 -58.42 28.55 56.57
N ARG B 300 -58.10 27.85 57.64
CA ARG B 300 -57.32 28.41 58.73
C ARG B 300 -56.11 27.55 59.05
N GLY B 301 -55.34 27.94 60.06
CA GLY B 301 -54.17 27.20 60.47
C GLY B 301 -54.49 26.11 61.46
N ASN B 302 -55.50 25.30 61.14
CA ASN B 302 -55.91 24.20 62.00
C ASN B 302 -56.22 22.92 61.23
N ALA B 303 -55.48 22.71 60.15
CA ALA B 303 -55.56 21.47 59.38
C ALA B 303 -55.31 20.26 60.29
N GLY B 304 -54.64 20.50 61.41
CA GLY B 304 -54.34 19.45 62.36
C GLY B 304 -53.04 18.74 62.08
N ASP B 305 -52.73 17.72 62.87
CA ASP B 305 -51.51 16.96 62.69
C ASP B 305 -51.59 16.11 61.43
N CYS B 306 -50.52 16.11 60.64
CA CYS B 306 -50.49 15.37 59.38
C CYS B 306 -50.54 13.87 59.61
N LEU B 307 -50.12 13.42 60.78
CA LEU B 307 -50.14 12.00 61.11
C LEU B 307 -51.52 11.56 61.58
N ALA B 308 -52.48 12.46 61.51
CA ALA B 308 -53.84 12.17 61.94
C ALA B 308 -54.36 10.88 61.28
N ASN B 309 -54.89 9.99 62.10
CA ASN B 309 -55.40 8.71 61.61
C ASN B 309 -56.83 8.45 62.10
N PRO B 310 -57.75 8.24 61.17
CA PRO B 310 -57.52 8.22 59.71
C PRO B 310 -57.21 9.60 59.16
N ALA B 311 -56.36 9.65 58.13
CA ALA B 311 -56.00 10.91 57.49
C ALA B 311 -57.05 11.32 56.47
N VAL B 312 -57.68 12.47 56.69
CA VAL B 312 -58.72 12.97 55.80
C VAL B 312 -58.22 14.14 54.96
N PRO B 313 -58.21 13.96 53.63
CA PRO B 313 -57.78 14.98 52.68
C PRO B 313 -58.83 16.08 52.54
N TRP B 314 -58.42 17.34 52.69
CA TRP B 314 -59.33 18.46 52.54
C TRP B 314 -59.66 18.69 51.07
N GLY B 315 -60.96 18.60 50.74
CA GLY B 315 -61.41 18.67 49.36
C GLY B 315 -60.96 19.88 48.59
N GLN B 316 -60.65 20.97 49.31
CA GLN B 316 -60.22 22.20 48.67
C GLN B 316 -58.89 22.04 47.94
N GLY B 317 -58.17 20.96 48.26
CA GLY B 317 -56.88 20.69 47.64
C GLY B 317 -57.00 20.21 46.22
N VAL B 318 -58.09 19.49 45.93
CA VAL B 318 -58.32 18.96 44.58
C VAL B 318 -58.43 20.09 43.56
N GLU B 319 -58.99 21.22 43.98
CA GLU B 319 -59.16 22.37 43.11
C GLU B 319 -57.85 23.12 42.91
N ILE B 320 -57.03 23.18 43.95
CA ILE B 320 -55.74 23.85 43.87
C ILE B 320 -54.83 23.15 42.88
N GLU B 321 -54.99 21.83 42.75
CA GLU B 321 -54.22 21.06 41.78
C GLU B 321 -54.66 21.35 40.36
N ARG B 322 -55.98 21.31 40.14
CA ARG B 322 -56.54 21.57 38.82
C ARG B 322 -56.25 22.99 38.36
N ALA B 323 -55.83 23.83 39.30
CA ALA B 323 -55.50 25.22 39.00
C ALA B 323 -54.07 25.33 38.48
N LEU B 324 -53.12 24.84 39.28
CA LEU B 324 -51.71 24.87 38.93
C LEU B 324 -51.46 24.14 37.62
N LYS B 325 -52.08 22.97 37.47
CA LYS B 325 -51.89 22.15 36.28
C LYS B 325 -52.53 22.77 35.05
N GLN B 326 -53.45 23.70 35.25
CA GLN B 326 -54.15 24.36 34.15
C GLN B 326 -53.42 25.63 33.72
N VAL B 327 -52.48 26.08 34.55
CA VAL B 327 -51.72 27.29 34.27
C VAL B 327 -50.93 27.16 32.97
N GLN B 328 -50.82 28.26 32.24
CA GLN B 328 -50.04 28.30 31.01
C GLN B 328 -49.58 29.71 30.69
N VAL B 329 -48.38 30.05 31.15
CA VAL B 329 -47.81 31.38 30.91
C VAL B 329 -46.43 31.28 30.28
N GLU B 330 -45.82 32.43 30.01
CA GLU B 330 -44.49 32.46 29.41
C GLU B 330 -43.45 32.87 30.45
N GLY B 331 -42.40 32.06 30.59
CA GLY B 331 -41.37 32.33 31.57
C GLY B 331 -39.98 32.25 31.01
N LEU B 332 -38.98 32.25 31.89
CA LEU B 332 -37.58 32.19 31.49
C LEU B 332 -37.27 30.88 30.77
N SER B 333 -37.96 29.81 31.17
CA SER B 333 -37.74 28.49 30.60
C SER B 333 -38.73 28.20 29.47
N GLY B 334 -38.96 29.18 28.62
CA GLY B 334 -39.84 29.02 27.48
C GLY B 334 -41.30 28.86 27.87
N ASN B 335 -42.09 28.34 26.94
CA ASN B 335 -43.52 28.14 27.18
C ASN B 335 -43.79 27.11 28.27
N ILE B 336 -44.52 27.51 29.30
CA ILE B 336 -44.82 26.64 30.42
C ILE B 336 -46.22 26.05 30.33
N LYS B 337 -46.28 24.72 30.22
CA LYS B 337 -47.56 24.02 30.18
C LYS B 337 -47.45 22.69 30.93
N PHE B 338 -48.58 22.17 31.38
CA PHE B 338 -48.58 20.94 32.16
C PHE B 338 -49.64 19.95 31.68
N ASP B 339 -49.47 18.69 32.05
CA ASP B 339 -50.48 17.68 31.78
C ASP B 339 -51.22 17.34 33.06
N GLN B 340 -52.07 16.31 33.01
CA GLN B 340 -52.88 15.93 34.16
C GLN B 340 -52.03 15.48 35.35
N ASN B 341 -50.80 15.08 35.08
CA ASN B 341 -49.91 14.57 36.13
C ASN B 341 -49.08 15.66 36.78
N GLY B 342 -48.47 16.52 35.96
CA GLY B 342 -47.64 17.60 36.47
C GLY B 342 -46.37 17.79 35.67
N LYS B 343 -46.08 16.82 34.80
CA LYS B 343 -44.91 16.90 33.94
C LYS B 343 -45.12 17.96 32.86
N ARG B 344 -44.11 18.79 32.63
CA ARG B 344 -44.21 19.87 31.64
C ARG B 344 -44.33 19.32 30.22
N ILE B 345 -45.08 20.03 29.40
CA ILE B 345 -45.29 19.64 28.01
C ILE B 345 -45.18 20.85 27.09
N ASN B 346 -45.11 20.59 25.79
CA ASN B 346 -44.99 21.66 24.80
C ASN B 346 -43.87 22.64 25.15
N TYR B 347 -42.72 22.10 25.53
CA TYR B 347 -41.57 22.92 25.88
C TYR B 347 -40.48 22.84 24.83
N THR B 348 -39.43 23.64 24.99
CA THR B 348 -38.35 23.69 24.03
C THR B 348 -36.99 23.71 24.71
N ILE B 349 -36.12 22.78 24.31
CA ILE B 349 -34.76 22.72 24.85
C ILE B 349 -33.74 22.96 23.74
N ASN B 350 -33.01 24.06 23.84
CA ASN B 350 -32.02 24.42 22.85
C ASN B 350 -30.77 23.56 22.93
N ILE B 351 -30.36 23.00 21.80
CA ILE B 351 -29.13 22.21 21.73
C ILE B 351 -27.94 23.14 21.51
N MET B 352 -26.93 23.02 22.36
CA MET B 352 -25.79 23.93 22.32
C MET B 352 -24.49 23.24 21.95
N GLU B 353 -23.62 23.95 21.24
CA GLU B 353 -22.28 23.49 20.94
C GLU B 353 -21.28 24.57 21.33
N LEU B 354 -20.12 24.16 21.83
CA LEU B 354 -19.09 25.10 22.25
C LEU B 354 -18.04 25.32 21.17
N LYS B 355 -18.06 26.50 20.57
CA LYS B 355 -17.10 26.86 19.53
C LYS B 355 -15.98 27.72 20.09
N THR B 356 -15.15 28.26 19.22
CA THR B 356 -14.02 29.10 19.62
C THR B 356 -14.50 30.43 20.20
N ASN B 357 -15.52 31.02 19.58
CA ASN B 357 -16.05 32.30 20.03
C ASN B 357 -16.98 32.16 21.23
N GLY B 358 -17.26 30.92 21.62
CA GLY B 358 -18.12 30.65 22.74
C GLY B 358 -19.30 29.77 22.36
N PRO B 359 -20.19 29.49 23.33
CA PRO B 359 -21.39 28.67 23.12
C PRO B 359 -22.23 29.21 21.98
N ARG B 360 -22.95 28.30 21.30
CA ARG B 360 -23.78 28.68 20.17
C ARG B 360 -24.90 27.68 19.93
N LYS B 361 -26.13 28.17 19.86
CA LYS B 361 -27.28 27.31 19.62
C LYS B 361 -27.30 26.79 18.18
N ILE B 362 -27.31 25.47 18.05
CA ILE B 362 -27.32 24.85 16.72
C ILE B 362 -28.70 24.30 16.38
N GLY B 363 -29.63 24.44 17.31
CA GLY B 363 -30.99 23.96 17.11
C GLY B 363 -31.74 23.79 18.42
N TYR B 364 -32.93 23.21 18.35
CA TYR B 364 -33.74 22.99 19.53
C TYR B 364 -34.36 21.60 19.52
N TRP B 365 -35.03 21.24 20.60
CA TRP B 365 -35.68 19.94 20.72
C TRP B 365 -37.11 20.08 21.23
N SER B 366 -38.07 19.66 20.42
CA SER B 366 -39.48 19.68 20.83
C SER B 366 -39.96 18.26 21.12
N GLU B 367 -40.85 18.13 22.09
CA GLU B 367 -41.38 16.82 22.45
C GLU B 367 -42.18 16.21 21.32
N VAL B 368 -42.50 17.03 20.32
CA VAL B 368 -43.33 16.58 19.21
C VAL B 368 -42.59 16.63 17.87
N ASP B 369 -41.50 17.39 17.83
CA ASP B 369 -40.75 17.56 16.60
C ASP B 369 -39.33 17.00 16.72
N LYS B 370 -39.01 16.41 17.86
CA LYS B 370 -37.68 15.92 18.13
C LYS B 370 -36.65 17.04 17.93
N MET B 371 -35.50 16.70 17.36
CA MET B 371 -34.46 17.70 17.12
C MET B 371 -34.64 18.43 15.80
N VAL B 372 -34.49 19.75 15.83
CA VAL B 372 -34.60 20.57 14.62
C VAL B 372 -33.48 21.61 14.60
N LEU B 373 -32.59 21.50 13.61
CA LEU B 373 -31.46 22.42 13.52
C LEU B 373 -31.85 23.76 12.93
N THR B 374 -31.22 24.81 13.47
CA THR B 374 -31.46 26.18 13.02
C THR B 374 -30.25 26.67 12.25
N GLU B 375 -30.41 27.78 11.52
CA GLU B 375 -29.32 28.35 10.75
C GLU B 375 -28.05 28.41 11.57
N ASP B 376 -26.91 28.23 10.90
CA ASP B 376 -25.62 28.26 11.58
C ASP B 376 -24.53 27.59 10.73
N ASP B 377 -24.96 26.81 9.75
CA ASP B 377 -24.03 26.11 8.87
C ASP B 377 -23.00 27.07 8.30
N THR B 378 -21.73 26.80 8.57
CA THR B 378 -20.64 27.63 8.08
C THR B 378 -20.47 27.50 6.57
N SER B 379 -21.58 27.23 5.87
CA SER B 379 -21.55 27.06 4.43
C SER B 379 -20.73 28.17 3.77
N GLY B 380 -19.74 27.79 2.96
CA GLY B 380 -19.41 26.40 2.68
C GLY B 380 -18.05 26.01 3.24
N LEU B 381 -17.49 24.92 2.71
CA LEU B 381 -16.19 24.44 3.15
C LEU B 381 -15.25 24.24 1.97
N GLU B 382 -14.69 25.34 1.48
CA GLU B 382 -13.77 25.29 0.35
C GLU B 382 -14.34 24.45 -0.79
N GLN B 383 -15.66 24.28 -0.79
CA GLN B 383 -16.33 23.50 -1.83
C GLN B 383 -15.81 23.87 -3.22
N LYS B 384 -15.33 25.10 -3.35
CA LYS B 384 -14.80 25.58 -4.63
C LYS B 384 -13.87 24.54 -5.26
N THR B 385 -14.45 23.47 -5.78
CA THR B 385 -13.68 22.41 -6.42
C THR B 385 -12.87 22.95 -7.60
N VAL B 386 -12.35 22.04 -8.42
CA VAL B 386 -11.56 22.41 -9.59
C VAL B 386 -12.20 21.90 -10.87
N VAL B 387 -12.41 22.80 -11.82
CA VAL B 387 -13.02 22.45 -13.09
C VAL B 387 -11.98 21.87 -14.05
N VAL B 388 -12.05 20.57 -14.29
CA VAL B 388 -11.11 19.90 -15.18
C VAL B 388 -11.71 19.70 -16.57
N THR B 389 -11.13 20.36 -17.56
CA THR B 389 -11.59 20.21 -18.94
C THR B 389 -10.80 19.11 -19.65
N THR B 390 -11.50 18.35 -20.50
CA THR B 390 -10.87 17.28 -21.24
C THR B 390 -11.66 16.95 -22.51
N ILE B 391 -11.01 16.28 -23.45
CA ILE B 391 -11.64 15.94 -24.72
C ILE B 391 -11.97 14.45 -24.79
N LEU B 392 -13.00 14.10 -25.54
CA LEU B 392 -13.38 12.70 -25.71
C LEU B 392 -12.51 12.04 -26.78
N GLU B 393 -11.44 11.39 -26.34
CA GLU B 393 -10.52 10.73 -27.25
C GLU B 393 -10.02 9.41 -26.65
N SER B 394 -10.37 8.32 -27.30
CA SER B 394 -9.97 6.99 -26.83
C SER B 394 -8.47 6.77 -27.01
N PRO B 395 -7.83 6.12 -26.04
CA PRO B 395 -8.44 5.60 -24.81
C PRO B 395 -8.17 6.51 -23.62
N TYR B 396 -8.03 7.81 -23.86
CA TYR B 396 -7.74 8.76 -22.79
C TYR B 396 -8.99 9.09 -21.98
N VAL B 397 -10.06 9.47 -22.68
CA VAL B 397 -11.34 9.76 -22.02
C VAL B 397 -12.49 9.21 -22.85
N MET B 398 -13.17 8.22 -22.31
CA MET B 398 -14.27 7.57 -23.01
C MET B 398 -15.51 7.47 -22.13
N MET B 399 -16.67 7.34 -22.75
CA MET B 399 -17.92 7.17 -22.01
C MET B 399 -18.04 5.74 -21.51
N LYS B 400 -18.17 5.58 -20.19
CA LYS B 400 -18.30 4.26 -19.59
C LYS B 400 -19.51 3.53 -20.18
N LYS B 401 -19.49 2.20 -20.07
CA LYS B 401 -20.57 1.38 -20.61
C LYS B 401 -21.94 1.90 -20.20
N ASN B 402 -22.27 1.75 -18.93
CA ASN B 402 -23.54 2.24 -18.39
C ASN B 402 -23.44 3.68 -17.92
N HIS B 403 -23.00 4.57 -18.80
CA HIS B 403 -22.83 5.97 -18.46
C HIS B 403 -24.18 6.66 -18.24
N GLU B 404 -25.24 6.09 -18.79
CA GLU B 404 -26.58 6.64 -18.66
C GLU B 404 -27.11 6.41 -17.24
N MET B 405 -26.58 5.39 -16.57
CA MET B 405 -27.01 5.06 -15.21
C MET B 405 -26.04 5.64 -14.19
N LEU B 406 -25.09 6.46 -14.67
CA LEU B 406 -24.10 7.08 -13.79
C LEU B 406 -24.14 8.59 -13.91
N GLU B 407 -23.44 9.26 -13.01
CA GLU B 407 -23.37 10.72 -13.01
C GLU B 407 -22.02 11.20 -12.49
N GLY B 408 -21.75 12.49 -12.68
CA GLY B 408 -20.51 13.08 -12.22
C GLY B 408 -19.30 12.58 -12.97
N ASN B 409 -18.24 12.26 -12.24
CA ASN B 409 -17.00 11.81 -12.84
C ASN B 409 -17.00 10.31 -13.13
N GLU B 410 -17.96 9.60 -12.53
CA GLU B 410 -18.07 8.16 -12.70
C GLU B 410 -18.51 7.80 -14.12
N ARG B 411 -19.01 8.79 -14.84
CA ARG B 411 -19.49 8.59 -16.21
C ARG B 411 -18.35 8.27 -17.17
N TYR B 412 -17.16 8.79 -16.86
CA TYR B 412 -16.03 8.66 -17.77
C TYR B 412 -14.96 7.67 -17.29
N GLU B 413 -14.19 7.16 -18.24
CA GLU B 413 -13.10 6.24 -17.93
C GLU B 413 -12.02 6.35 -19.00
N GLY B 414 -10.76 6.19 -18.59
CA GLY B 414 -9.66 6.27 -19.52
C GLY B 414 -8.35 6.65 -18.88
N TYR B 415 -7.31 6.80 -19.71
CA TYR B 415 -5.98 7.15 -19.23
C TYR B 415 -5.99 8.48 -18.49
N CYS B 416 -6.55 9.50 -19.12
CA CYS B 416 -6.60 10.83 -18.53
C CYS B 416 -7.55 10.89 -17.33
N VAL B 417 -8.60 10.08 -17.37
CA VAL B 417 -9.54 10.01 -16.26
C VAL B 417 -8.84 9.53 -15.01
N ASP B 418 -7.98 8.53 -15.16
CA ASP B 418 -7.19 8.01 -14.05
C ASP B 418 -6.08 9.00 -13.69
N LEU B 419 -5.48 9.60 -14.70
CA LEU B 419 -4.42 10.57 -14.50
C LEU B 419 -4.93 11.77 -13.71
N ALA B 420 -6.21 12.10 -13.90
CA ALA B 420 -6.83 13.20 -13.19
C ALA B 420 -6.90 12.91 -11.69
N ALA B 421 -7.39 11.73 -11.35
CA ALA B 421 -7.51 11.32 -9.96
C ALA B 421 -6.16 11.31 -9.27
N GLU B 422 -5.13 10.87 -9.99
CA GLU B 422 -3.79 10.81 -9.45
C GLU B 422 -3.24 12.21 -9.18
N ILE B 423 -3.40 13.11 -10.14
CA ILE B 423 -2.96 14.49 -9.99
C ILE B 423 -3.68 15.16 -8.83
N ALA B 424 -4.99 14.91 -8.74
CA ALA B 424 -5.80 15.51 -7.70
C ALA B 424 -5.43 14.99 -6.31
N LYS B 425 -4.91 13.76 -6.27
CA LYS B 425 -4.52 13.15 -5.00
C LYS B 425 -3.22 13.74 -4.47
N HIS B 426 -2.28 14.02 -5.38
CA HIS B 426 -0.98 14.56 -4.99
C HIS B 426 -1.02 16.07 -4.81
N CYS B 427 -2.03 16.71 -5.40
CA CYS B 427 -2.18 18.16 -5.27
C CYS B 427 -3.25 18.51 -4.24
N GLY B 428 -4.04 17.50 -3.86
CA GLY B 428 -5.07 17.68 -2.85
C GLY B 428 -6.17 18.63 -3.25
N PHE B 429 -7.10 18.15 -4.06
CA PHE B 429 -8.25 18.94 -4.47
C PHE B 429 -9.34 18.09 -5.11
N LYS B 430 -10.59 18.51 -4.95
CA LYS B 430 -11.71 17.86 -5.60
C LYS B 430 -11.88 18.44 -7.00
N TYR B 431 -12.42 17.65 -7.92
CA TYR B 431 -12.56 18.11 -9.30
C TYR B 431 -13.83 17.61 -9.96
N LYS B 432 -14.22 18.28 -11.05
CA LYS B 432 -15.39 17.88 -11.82
C LYS B 432 -15.01 17.75 -13.29
N LEU B 433 -14.96 16.52 -13.78
CA LEU B 433 -14.61 16.26 -15.17
C LEU B 433 -15.66 16.82 -16.13
N THR B 434 -15.22 17.68 -17.05
CA THR B 434 -16.12 18.28 -18.02
C THR B 434 -15.54 18.17 -19.43
N ILE B 435 -16.40 17.85 -20.40
CA ILE B 435 -15.98 17.75 -21.78
C ILE B 435 -16.06 19.12 -22.47
N VAL B 436 -15.00 19.47 -23.19
CA VAL B 436 -14.95 20.74 -23.90
C VAL B 436 -16.11 20.87 -24.89
N GLY B 437 -16.67 22.06 -24.98
CA GLY B 437 -17.81 22.31 -25.84
C GLY B 437 -17.60 21.94 -27.29
N ASP B 438 -16.81 22.75 -28.00
CA ASP B 438 -16.58 22.55 -29.43
C ASP B 438 -15.85 21.23 -29.73
N GLY B 439 -15.29 20.61 -28.70
CA GLY B 439 -14.62 19.34 -28.85
C GLY B 439 -13.29 19.44 -29.58
N LYS B 440 -12.65 20.60 -29.50
CA LYS B 440 -11.35 20.80 -30.11
C LYS B 440 -10.26 20.82 -29.06
N TYR B 441 -9.00 20.76 -29.50
CA TYR B 441 -7.86 20.76 -28.58
C TYR B 441 -7.46 22.18 -28.19
N GLY B 442 -6.79 22.89 -29.10
CA GLY B 442 -6.34 24.24 -28.83
C GLY B 442 -5.68 24.90 -30.02
N ALA B 443 -6.48 25.57 -30.85
CA ALA B 443 -5.96 26.30 -32.00
C ALA B 443 -6.31 27.77 -31.89
N ARG B 444 -5.80 28.57 -32.83
CA ARG B 444 -6.05 30.00 -32.81
C ARG B 444 -6.44 30.54 -34.18
N ASP B 445 -7.72 30.85 -34.35
CA ASP B 445 -8.22 31.42 -35.60
C ASP B 445 -7.46 32.70 -35.91
N ALA B 446 -6.82 32.74 -37.08
CA ALA B 446 -6.01 33.88 -37.48
C ALA B 446 -6.79 35.19 -37.46
N ASP B 447 -7.99 35.18 -38.02
CA ASP B 447 -8.81 36.38 -38.12
C ASP B 447 -9.27 36.89 -36.76
N THR B 448 -10.18 36.15 -36.13
CA THR B 448 -10.75 36.56 -34.85
C THR B 448 -9.73 36.55 -33.73
N LYS B 449 -8.62 35.84 -33.94
CA LYS B 449 -7.57 35.74 -32.93
C LYS B 449 -8.11 35.13 -31.64
N ILE B 450 -9.08 34.23 -31.78
CA ILE B 450 -9.72 33.59 -30.63
C ILE B 450 -9.25 32.15 -30.46
N TRP B 451 -8.98 31.77 -29.22
CA TRP B 451 -8.60 30.39 -28.91
C TRP B 451 -9.83 29.52 -28.77
N ASN B 452 -9.73 28.28 -29.25
CA ASN B 452 -10.84 27.34 -29.16
C ASN B 452 -10.42 26.05 -28.45
N GLY B 453 -11.41 25.22 -28.11
CA GLY B 453 -11.15 23.97 -27.44
C GLY B 453 -10.75 24.16 -25.98
N MET B 454 -10.00 23.20 -25.45
CA MET B 454 -9.57 23.24 -24.06
C MET B 454 -8.67 24.43 -23.78
N VAL B 455 -7.67 24.64 -24.63
CA VAL B 455 -6.76 25.76 -24.48
C VAL B 455 -7.54 27.06 -24.38
N GLY B 456 -8.66 27.13 -25.11
CA GLY B 456 -9.51 28.30 -25.07
C GLY B 456 -10.21 28.46 -23.73
N GLU B 457 -10.85 27.39 -23.27
CA GLU B 457 -11.58 27.41 -22.01
C GLU B 457 -10.68 27.74 -20.83
N LEU B 458 -9.37 27.60 -21.03
CA LEU B 458 -8.40 27.93 -19.99
C LEU B 458 -8.11 29.43 -19.97
N VAL B 459 -7.90 30.00 -21.16
CA VAL B 459 -7.55 31.41 -21.28
C VAL B 459 -8.73 32.32 -20.92
N TYR B 460 -9.94 31.83 -21.12
CA TYR B 460 -11.13 32.64 -20.88
C TYR B 460 -11.83 32.29 -19.56
N GLY B 461 -11.13 31.56 -18.71
CA GLY B 461 -11.60 31.28 -17.36
C GLY B 461 -12.75 30.30 -17.24
N LYS B 462 -12.97 29.51 -18.29
CA LYS B 462 -14.03 28.51 -18.28
C LYS B 462 -13.65 27.31 -17.43
N ALA B 463 -12.36 26.98 -17.43
CA ALA B 463 -11.86 25.84 -16.66
C ALA B 463 -10.62 26.21 -15.85
N ASP B 464 -10.28 25.39 -14.87
CA ASP B 464 -9.13 25.65 -14.01
C ASP B 464 -7.90 24.88 -14.45
N ILE B 465 -8.11 23.79 -15.17
CA ILE B 465 -7.02 22.92 -15.58
C ILE B 465 -7.43 22.01 -16.73
N ALA B 466 -6.47 21.62 -17.55
CA ALA B 466 -6.75 20.77 -18.70
C ALA B 466 -5.95 19.47 -18.63
N ILE B 467 -6.65 18.36 -18.38
CA ILE B 467 -6.02 17.05 -18.34
C ILE B 467 -6.46 16.20 -19.53
N ALA B 468 -5.66 16.24 -20.58
CA ALA B 468 -5.98 15.54 -21.82
C ALA B 468 -4.71 15.39 -22.66
N PRO B 469 -4.80 14.67 -23.79
CA PRO B 469 -3.64 14.54 -24.68
C PRO B 469 -3.33 15.86 -25.39
N LEU B 470 -3.09 16.92 -24.63
CA LEU B 470 -2.81 18.22 -25.21
C LEU B 470 -1.33 18.36 -25.54
N THR B 471 -1.03 18.54 -26.82
CA THR B 471 0.35 18.66 -27.28
C THR B 471 0.99 19.94 -26.75
N ILE B 472 2.23 19.84 -26.32
CA ILE B 472 2.97 21.00 -25.83
C ILE B 472 3.62 21.74 -26.99
N THR B 473 2.94 22.78 -27.47
CA THR B 473 3.44 23.57 -28.59
C THR B 473 3.85 24.98 -28.16
N LEU B 474 4.74 25.59 -28.91
CA LEU B 474 5.22 26.93 -28.62
C LEU B 474 4.08 27.95 -28.62
N VAL B 475 3.19 27.82 -29.60
CA VAL B 475 2.07 28.74 -29.75
C VAL B 475 1.15 28.73 -28.53
N ARG B 476 1.13 27.60 -27.82
CA ARG B 476 0.28 27.46 -26.65
C ARG B 476 1.03 27.82 -25.37
N GLU B 477 2.32 27.49 -25.31
CA GLU B 477 3.13 27.76 -24.14
C GLU B 477 3.19 29.26 -23.85
N GLU B 478 2.84 30.06 -24.86
CA GLU B 478 2.86 31.51 -24.73
C GLU B 478 1.65 32.03 -23.97
N VAL B 479 0.52 31.34 -24.10
CA VAL B 479 -0.73 31.79 -23.49
C VAL B 479 -1.06 31.02 -22.20
N ILE B 480 -0.66 29.76 -22.14
CA ILE B 480 -0.90 28.94 -20.97
C ILE B 480 0.38 28.29 -20.45
N ASP B 481 0.25 27.52 -19.38
CA ASP B 481 1.40 26.83 -18.80
C ASP B 481 1.29 25.32 -18.97
N PHE B 482 2.37 24.71 -19.45
CA PHE B 482 2.41 23.26 -19.63
C PHE B 482 3.33 22.60 -18.61
N SER B 483 2.81 21.63 -17.87
CA SER B 483 3.63 20.83 -16.98
C SER B 483 4.55 19.96 -17.83
N LYS B 484 5.54 19.34 -17.19
CA LYS B 484 6.43 18.42 -17.89
C LYS B 484 5.61 17.33 -18.58
N PRO B 485 6.11 16.81 -19.70
CA PRO B 485 5.38 15.80 -20.48
C PRO B 485 5.06 14.55 -19.66
N PHE B 486 3.81 14.12 -19.69
CA PHE B 486 3.41 12.89 -19.01
C PHE B 486 3.37 11.73 -19.98
N MET B 487 3.76 11.98 -21.23
CA MET B 487 3.77 10.97 -22.27
C MET B 487 4.45 11.48 -23.53
N SER B 488 5.66 10.98 -23.81
CA SER B 488 6.39 11.37 -25.00
C SER B 488 5.95 10.55 -26.21
N LEU B 489 5.78 11.23 -27.35
CA LEU B 489 5.32 10.56 -28.56
C LEU B 489 5.94 11.16 -29.81
N GLY B 490 5.33 10.87 -30.96
CA GLY B 490 5.80 11.38 -32.24
C GLY B 490 4.99 10.83 -33.39
N ILE B 491 5.48 11.05 -34.61
CA ILE B 491 4.80 10.56 -35.80
C ILE B 491 5.33 9.17 -36.18
N SER B 492 4.41 8.23 -36.39
CA SER B 492 4.79 6.85 -36.67
C SER B 492 4.21 6.36 -38.01
N ILE B 493 4.58 5.13 -38.38
CA ILE B 493 4.11 4.54 -39.63
C ILE B 493 3.21 3.33 -39.36
N MET B 494 2.09 3.27 -40.07
CA MET B 494 1.16 2.16 -39.91
C MET B 494 0.99 1.38 -41.22
N ILE B 495 1.26 0.08 -41.18
CA ILE B 495 1.13 -0.76 -42.35
C ILE B 495 0.23 -1.96 -42.08
N LYS B 496 -0.17 -2.66 -43.14
CA LYS B 496 -1.04 -3.82 -43.03
C LYS B 496 -0.39 -4.91 -42.19
N LYS B 497 -1.11 -6.01 -41.98
CA LYS B 497 -0.61 -7.12 -41.20
C LYS B 497 -0.19 -8.28 -42.10
N PRO B 498 1.18 -8.52 -42.19
CA PRO B 498 1.54 -9.64 -43.09
C PRO B 498 0.80 -10.92 -42.70
N GLN B 499 0.18 -11.57 -43.69
CA GLN B 499 -0.55 -12.80 -43.45
C GLN B 499 -1.44 -13.15 -44.65
N LYS B 500 -1.00 -14.14 -45.43
CA LYS B 500 -1.76 -14.57 -46.60
C LYS B 500 -0.92 -15.50 -47.48
N SER B 501 -1.32 -15.63 -48.74
CA SER B 501 -0.61 -16.49 -49.68
C SER B 501 -1.00 -16.17 -51.12
N LYS B 502 -0.17 -16.61 -52.06
CA LYS B 502 -0.42 -16.37 -53.47
C LYS B 502 0.20 -17.46 -54.34
N PRO B 503 -0.29 -17.56 -55.64
CA PRO B 503 0.34 -18.61 -56.44
C PRO B 503 1.43 -18.05 -57.36
N GLY B 504 1.51 -18.58 -58.58
CA GLY B 504 2.50 -18.14 -59.54
C GLY B 504 3.61 -19.15 -59.74
N VAL B 505 3.33 -20.40 -59.37
CA VAL B 505 4.31 -21.48 -59.51
C VAL B 505 5.64 -21.06 -58.90
N PHE B 506 5.74 -19.79 -58.50
CA PHE B 506 6.97 -19.25 -57.91
C PHE B 506 7.15 -19.67 -56.44
N SER B 507 6.23 -20.48 -55.93
CA SER B 507 6.37 -21.02 -54.58
C SER B 507 7.09 -22.36 -54.66
N PHE B 508 7.42 -22.77 -55.88
CA PHE B 508 8.14 -24.02 -56.12
C PHE B 508 9.59 -23.71 -56.48
N LEU B 509 9.82 -22.53 -57.03
CA LEU B 509 11.16 -22.10 -57.40
C LEU B 509 11.86 -21.44 -56.21
N ASP B 510 11.10 -21.19 -55.15
CA ASP B 510 11.64 -20.56 -53.95
C ASP B 510 12.40 -21.53 -53.05
N PRO B 511 11.73 -22.63 -52.70
CA PRO B 511 12.35 -23.67 -51.88
C PRO B 511 13.71 -23.86 -52.50
N LEU B 512 13.70 -24.21 -53.78
CA LEU B 512 14.94 -24.35 -54.50
C LEU B 512 15.19 -23.04 -55.27
N ALA B 513 16.26 -22.38 -54.89
CA ALA B 513 16.63 -21.06 -55.37
C ALA B 513 16.77 -21.05 -56.87
N TYR B 514 16.47 -19.91 -57.48
CA TYR B 514 16.60 -19.78 -58.93
C TYR B 514 18.03 -20.10 -59.37
N GLU B 515 18.99 -19.73 -58.53
CA GLU B 515 20.39 -19.95 -58.82
C GLU B 515 20.69 -21.45 -58.84
N ILE B 516 20.00 -22.18 -57.98
CA ILE B 516 20.21 -23.62 -57.87
C ILE B 516 19.53 -24.37 -59.03
N TRP B 517 18.34 -23.93 -59.42
CA TRP B 517 17.66 -24.52 -60.57
C TRP B 517 18.53 -24.37 -61.81
N MET B 518 19.26 -23.27 -61.87
CA MET B 518 20.13 -22.99 -63.01
C MET B 518 21.29 -23.97 -63.06
N CYS B 519 22.07 -24.01 -61.98
CA CYS B 519 23.25 -24.87 -61.92
C CYS B 519 22.90 -26.35 -62.11
N ILE B 520 21.76 -26.76 -61.57
CA ILE B 520 21.33 -28.14 -61.72
C ILE B 520 20.99 -28.45 -63.17
N VAL B 521 20.72 -27.40 -63.94
CA VAL B 521 20.46 -27.54 -65.38
C VAL B 521 21.77 -27.48 -66.16
N PHE B 522 22.69 -26.64 -65.71
CA PHE B 522 24.01 -26.55 -66.33
C PHE B 522 24.78 -27.85 -66.17
N ALA B 523 24.73 -28.41 -64.96
CA ALA B 523 25.35 -29.71 -64.69
C ALA B 523 24.58 -30.82 -65.39
N TYR B 524 23.30 -30.56 -65.63
CA TYR B 524 22.43 -31.51 -66.33
C TYR B 524 22.96 -31.74 -67.75
N ILE B 525 23.13 -30.66 -68.50
CA ILE B 525 23.69 -30.74 -69.85
C ILE B 525 25.19 -30.99 -69.76
N GLY B 526 25.77 -30.73 -68.59
CA GLY B 526 27.18 -30.95 -68.37
C GLY B 526 27.51 -32.43 -68.25
N VAL B 527 26.48 -33.23 -67.98
CA VAL B 527 26.65 -34.68 -67.89
C VAL B 527 26.24 -35.34 -69.20
N SER B 528 25.20 -34.79 -69.84
CA SER B 528 24.73 -35.32 -71.11
C SER B 528 25.75 -35.06 -72.22
N VAL B 529 26.69 -34.16 -71.96
CA VAL B 529 27.75 -33.86 -72.91
C VAL B 529 28.97 -34.72 -72.64
N VAL B 530 29.20 -35.05 -71.37
CA VAL B 530 30.29 -35.93 -70.98
C VAL B 530 30.00 -37.35 -71.44
N LEU B 531 28.76 -37.78 -71.27
CA LEU B 531 28.31 -39.08 -71.74
C LEU B 531 28.34 -39.12 -73.27
N PHE B 532 28.06 -37.97 -73.88
CA PHE B 532 28.05 -37.86 -75.33
C PHE B 532 29.43 -38.13 -75.92
N LEU B 533 30.47 -37.87 -75.13
CA LEU B 533 31.84 -38.08 -75.56
C LEU B 533 32.28 -39.53 -75.36
N VAL B 534 31.46 -40.28 -74.64
CA VAL B 534 31.78 -41.68 -74.36
C VAL B 534 31.49 -42.57 -75.56
N SER B 535 30.29 -42.44 -76.12
CA SER B 535 29.89 -43.24 -77.28
C SER B 535 30.75 -42.91 -78.50
N THR B 559 28.09 -38.67 -90.31
CA THR B 559 28.79 -38.60 -89.03
C THR B 559 28.23 -37.49 -88.16
N ASN B 560 27.74 -36.43 -88.79
CA ASN B 560 27.16 -35.30 -88.08
C ASN B 560 25.82 -35.64 -87.45
N GLU B 561 25.03 -36.42 -88.17
CA GLU B 561 23.72 -36.86 -87.69
C GLU B 561 23.87 -37.92 -86.61
N PHE B 562 24.92 -38.73 -86.73
CA PHE B 562 25.21 -39.77 -85.74
C PHE B 562 25.48 -39.14 -84.38
N GLY B 563 25.94 -37.89 -84.39
CA GLY B 563 26.20 -37.16 -83.17
C GLY B 563 24.93 -36.53 -82.63
N ILE B 564 23.96 -36.30 -83.51
CA ILE B 564 22.69 -35.72 -83.11
C ILE B 564 21.80 -36.77 -82.46
N PHE B 565 21.75 -37.96 -83.07
CA PHE B 565 20.96 -39.07 -82.53
C PHE B 565 21.49 -39.49 -81.17
N ASN B 566 22.81 -39.41 -81.01
CA ASN B 566 23.46 -39.75 -79.74
C ASN B 566 23.24 -38.67 -78.68
N SER B 567 23.33 -37.41 -79.11
CA SER B 567 23.12 -36.29 -78.21
C SER B 567 21.68 -36.27 -77.69
N LEU B 568 20.78 -36.86 -78.48
CA LEU B 568 19.38 -36.96 -78.10
C LEU B 568 19.16 -38.18 -77.21
N TRP B 569 20.07 -39.15 -77.32
CA TRP B 569 20.02 -40.36 -76.50
C TRP B 569 20.62 -40.09 -75.12
N PHE B 570 21.68 -39.29 -75.09
CA PHE B 570 22.31 -38.89 -73.83
C PHE B 570 21.45 -37.86 -73.11
N SER B 571 20.61 -37.16 -73.87
CA SER B 571 19.66 -36.22 -73.30
C SER B 571 18.47 -36.97 -72.72
N LEU B 572 18.27 -38.19 -73.21
CA LEU B 572 17.25 -39.08 -72.67
C LEU B 572 17.81 -39.81 -71.46
N GLY B 573 19.12 -40.06 -71.49
CA GLY B 573 19.82 -40.59 -70.32
C GLY B 573 19.98 -39.47 -69.31
N ALA B 574 19.72 -38.24 -69.76
CA ALA B 574 19.76 -37.07 -68.90
C ALA B 574 18.40 -36.88 -68.23
N PHE B 575 17.36 -36.67 -69.04
CA PHE B 575 15.99 -36.71 -68.56
C PHE B 575 15.91 -37.92 -67.64
N MET B 576 15.84 -37.66 -66.34
CA MET B 576 16.26 -38.63 -65.33
C MET B 576 15.38 -39.87 -65.13
N GLN B 577 15.98 -40.87 -64.49
CA GLN B 577 15.29 -42.07 -64.04
C GLN B 577 15.91 -42.53 -62.72
N PRO B 584 26.43 -51.09 -71.20
CA PRO B 584 26.70 -52.05 -70.12
C PRO B 584 27.65 -51.47 -69.07
N ARG B 585 28.66 -52.25 -68.69
CA ARG B 585 29.60 -51.86 -67.65
C ARG B 585 30.78 -51.06 -68.19
N SER B 586 30.48 -49.93 -68.83
CA SER B 586 31.53 -49.02 -69.27
C SER B 586 31.97 -48.14 -68.09
N LEU B 587 32.93 -48.65 -67.33
CA LEU B 587 33.38 -48.02 -66.08
C LEU B 587 33.45 -46.50 -66.17
N SER B 588 33.96 -45.99 -67.30
CA SER B 588 34.09 -44.55 -67.51
C SER B 588 32.77 -43.83 -67.23
N GLY B 589 31.82 -43.95 -68.16
CA GLY B 589 30.53 -43.30 -68.02
C GLY B 589 29.68 -43.93 -66.94
N ARG B 590 30.15 -45.06 -66.40
CA ARG B 590 29.41 -45.76 -65.36
C ARG B 590 29.39 -44.96 -64.06
N ILE B 591 30.56 -44.54 -63.60
CA ILE B 591 30.67 -43.75 -62.38
C ILE B 591 30.03 -42.38 -62.55
N VAL B 592 29.92 -41.93 -63.80
CA VAL B 592 29.25 -40.68 -64.11
C VAL B 592 27.77 -40.77 -63.77
N GLY B 593 27.15 -41.87 -64.18
CA GLY B 593 25.74 -42.11 -63.87
C GLY B 593 25.50 -42.29 -62.38
N GLY B 594 26.48 -42.87 -61.70
CA GLY B 594 26.38 -43.09 -60.27
C GLY B 594 26.53 -41.81 -59.48
N VAL B 595 27.56 -41.03 -59.82
CA VAL B 595 27.81 -39.75 -59.16
C VAL B 595 26.69 -38.75 -59.42
N TRP B 596 26.21 -38.74 -60.67
CA TRP B 596 25.10 -37.86 -61.03
C TRP B 596 23.83 -38.24 -60.27
N TRP B 597 23.67 -39.54 -60.03
CA TRP B 597 22.53 -40.03 -59.27
C TRP B 597 22.63 -39.60 -57.80
N PHE B 598 23.82 -39.72 -57.24
CA PHE B 598 24.06 -39.29 -55.87
C PHE B 598 23.88 -37.78 -55.75
N PHE B 599 24.20 -37.08 -56.82
CA PHE B 599 24.04 -35.62 -56.86
C PHE B 599 22.58 -35.22 -56.81
N THR B 600 21.78 -35.81 -57.70
CA THR B 600 20.35 -35.50 -57.75
C THR B 600 19.63 -36.00 -56.50
N LEU B 601 20.15 -37.06 -55.91
CA LEU B 601 19.59 -37.59 -54.67
C LEU B 601 19.65 -36.56 -53.56
N ILE B 602 20.81 -35.93 -53.41
CA ILE B 602 21.01 -34.91 -52.39
C ILE B 602 20.10 -33.71 -52.64
N ILE B 603 20.01 -33.27 -53.88
CA ILE B 603 19.19 -32.12 -54.24
C ILE B 603 17.71 -32.34 -53.94
N ILE B 604 17.16 -33.44 -54.44
CA ILE B 604 15.75 -33.74 -54.22
C ILE B 604 15.46 -33.93 -52.73
N SER B 605 16.45 -34.42 -51.99
CA SER B 605 16.32 -34.56 -50.54
C SER B 605 16.31 -33.19 -49.88
N SER B 606 17.17 -32.30 -50.37
CA SER B 606 17.22 -30.94 -49.86
C SER B 606 15.91 -30.21 -50.14
N TYR B 607 15.42 -30.33 -51.37
CA TYR B 607 14.16 -29.70 -51.75
C TYR B 607 13.03 -30.17 -50.84
N THR B 608 12.97 -31.48 -50.61
CA THR B 608 11.92 -32.06 -49.78
C THR B 608 12.01 -31.55 -48.34
N ALA B 609 13.20 -31.62 -47.77
CA ALA B 609 13.43 -31.18 -46.40
C ALA B 609 13.09 -29.69 -46.24
N ASN B 610 13.61 -28.87 -47.13
CA ASN B 610 13.36 -27.43 -47.09
C ASN B 610 11.89 -27.08 -47.24
N LEU B 611 11.21 -27.79 -48.14
CA LEU B 611 9.80 -27.56 -48.38
C LEU B 611 8.97 -27.91 -47.14
N ALA B 612 9.50 -28.82 -46.32
CA ALA B 612 8.82 -29.20 -45.09
C ALA B 612 8.88 -28.06 -44.07
N ALA B 613 9.88 -27.20 -44.17
CA ALA B 613 10.12 -26.16 -43.17
C ALA B 613 9.06 -25.06 -43.17
N PHE B 614 8.80 -24.48 -44.34
CA PHE B 614 7.83 -23.40 -44.46
C PHE B 614 6.44 -23.84 -44.00
N LEU B 615 6.10 -25.09 -44.28
CA LEU B 615 4.77 -25.60 -43.97
C LEU B 615 4.68 -26.05 -42.51
N THR B 616 5.81 -26.09 -41.82
CA THR B 616 5.84 -26.47 -40.42
C THR B 616 5.74 -25.25 -39.50
N VAL B 617 6.73 -24.36 -39.59
CA VAL B 617 6.74 -23.15 -38.78
C VAL B 617 5.70 -22.15 -39.27
N GLU B 618 5.83 -21.74 -40.54
CA GLU B 618 4.88 -20.84 -41.17
C GLU B 618 4.70 -19.53 -40.41
N ARG B 619 5.79 -18.79 -40.25
CA ARG B 619 5.75 -17.51 -39.54
C ARG B 619 5.37 -16.37 -40.49
N MET B 620 4.51 -15.48 -40.02
CA MET B 620 4.07 -14.35 -40.81
C MET B 620 5.22 -13.39 -41.09
N VAL B 621 5.17 -12.75 -42.26
CA VAL B 621 6.22 -11.81 -42.65
C VAL B 621 5.76 -10.38 -42.44
N SER B 622 6.46 -9.43 -43.08
CA SER B 622 6.12 -8.02 -42.97
C SER B 622 7.19 -7.14 -43.60
N PRO B 623 6.74 -6.20 -44.52
CA PRO B 623 7.80 -5.38 -45.11
C PRO B 623 7.89 -4.02 -44.43
N ILE B 624 9.12 -3.58 -44.12
CA ILE B 624 9.34 -2.30 -43.47
C ILE B 624 10.85 -1.96 -43.38
N GLU B 625 11.26 -0.96 -42.61
CA GLU B 625 10.39 -0.11 -41.78
C GLU B 625 10.82 1.35 -41.67
N SER B 626 12.11 1.58 -41.45
CA SER B 626 12.66 2.94 -41.33
C SER B 626 12.06 3.86 -42.39
N ALA B 627 11.36 4.90 -41.95
CA ALA B 627 10.72 5.80 -42.91
C ALA B 627 11.51 5.85 -44.22
N GLU B 628 12.81 6.07 -44.10
CA GLU B 628 13.68 6.15 -45.27
C GLU B 628 13.31 5.08 -46.29
N ASP B 629 12.68 4.01 -45.81
CA ASP B 629 12.25 2.92 -46.67
C ASP B 629 11.06 3.32 -47.53
N LEU B 630 10.25 4.24 -47.02
CA LEU B 630 9.09 4.73 -47.74
C LEU B 630 9.48 5.66 -48.88
N SER B 631 10.62 6.33 -48.73
CA SER B 631 11.10 7.27 -49.73
C SER B 631 11.90 6.57 -50.82
N LYS B 632 12.59 5.50 -50.45
CA LYS B 632 13.44 4.77 -51.39
C LYS B 632 12.63 3.92 -52.37
N GLN B 633 11.35 3.72 -52.07
CA GLN B 633 10.48 2.92 -52.92
C GLN B 633 9.20 3.66 -53.29
N THR B 634 8.45 3.11 -54.22
CA THR B 634 7.22 3.75 -54.69
C THR B 634 6.07 2.76 -54.81
N GLU B 635 6.39 1.47 -54.81
CA GLU B 635 5.38 0.43 -54.92
C GLU B 635 4.28 0.59 -53.87
N ILE B 636 4.69 0.89 -52.65
CA ILE B 636 3.75 1.08 -51.56
C ILE B 636 3.46 2.56 -51.33
N ALA B 637 2.24 2.99 -51.68
CA ALA B 637 1.83 4.37 -51.49
C ALA B 637 1.70 4.69 -50.00
N TYR B 638 1.70 5.97 -49.67
CA TYR B 638 1.57 6.40 -48.28
C TYR B 638 1.15 7.86 -48.20
N GLY B 639 0.45 8.21 -47.12
CA GLY B 639 0.00 9.57 -46.92
C GLY B 639 -0.34 9.87 -45.48
N THR B 640 -0.82 11.09 -45.23
CA THR B 640 -1.20 11.51 -43.89
C THR B 640 -2.60 12.10 -43.88
N LEU B 641 -3.00 12.68 -42.75
CA LEU B 641 -4.28 13.34 -42.65
C LEU B 641 -4.25 14.63 -43.46
N ASP B 642 -5.35 14.92 -44.17
CA ASP B 642 -5.42 16.08 -45.05
C ASP B 642 -5.21 17.39 -44.30
N SER B 643 -5.43 17.37 -42.99
CA SER B 643 -5.27 18.57 -42.17
C SER B 643 -4.83 18.21 -40.76
N GLY B 644 -3.76 18.84 -40.30
CA GLY B 644 -3.23 18.60 -38.97
C GLY B 644 -1.73 18.81 -38.90
N SER B 645 -1.18 18.73 -37.69
CA SER B 645 0.25 18.94 -37.47
C SER B 645 1.07 17.88 -38.20
N THR B 646 0.48 16.70 -38.39
CA THR B 646 1.15 15.61 -39.07
C THR B 646 1.50 16.00 -40.51
N LYS B 647 0.50 16.48 -41.24
CA LYS B 647 0.69 16.90 -42.62
C LYS B 647 1.58 18.13 -42.71
N GLU B 648 1.30 19.11 -41.85
CA GLU B 648 2.06 20.35 -41.84
C GLU B 648 3.52 20.11 -41.45
N PHE B 649 3.77 18.98 -40.80
CA PHE B 649 5.13 18.63 -40.41
C PHE B 649 6.03 18.39 -41.62
N PHE B 650 5.59 17.51 -42.50
CA PHE B 650 6.35 17.20 -43.70
C PHE B 650 6.50 18.41 -44.61
N ARG B 651 5.44 19.21 -44.71
CA ARG B 651 5.44 20.39 -45.56
C ARG B 651 6.54 21.37 -45.14
N ARG B 652 6.70 21.56 -43.84
CA ARG B 652 7.66 22.53 -43.31
C ARG B 652 9.01 21.89 -42.98
N SER B 653 9.06 20.56 -42.96
CA SER B 653 10.28 19.85 -42.61
C SER B 653 11.37 20.07 -43.66
N LYS B 654 12.57 20.44 -43.19
CA LYS B 654 13.70 20.67 -44.07
C LYS B 654 14.68 19.50 -44.01
N ILE B 655 14.25 18.40 -43.38
CA ILE B 655 15.09 17.21 -43.26
C ILE B 655 15.11 16.43 -44.57
N ALA B 656 16.26 15.84 -44.88
CA ALA B 656 16.46 15.13 -46.14
C ALA B 656 15.33 14.17 -46.47
N VAL B 657 15.20 13.11 -45.67
CA VAL B 657 14.21 12.07 -45.93
C VAL B 657 12.79 12.61 -46.01
N PHE B 658 12.37 13.31 -44.96
CA PHE B 658 11.00 13.83 -44.88
C PHE B 658 10.68 14.78 -46.03
N ASP B 659 11.70 15.42 -46.57
CA ASP B 659 11.53 16.32 -47.70
C ASP B 659 10.98 15.57 -48.91
N LYS B 660 11.71 14.55 -49.32
CA LYS B 660 11.31 13.73 -50.47
C LYS B 660 9.91 13.16 -50.28
N MET B 661 9.64 12.69 -49.06
CA MET B 661 8.33 12.12 -48.74
C MET B 661 7.22 13.11 -49.05
N TRP B 662 7.38 14.35 -48.58
CA TRP B 662 6.39 15.39 -48.81
C TRP B 662 6.23 15.69 -50.30
N THR B 663 7.36 15.76 -51.01
CA THR B 663 7.35 16.01 -52.45
C THR B 663 6.46 15.00 -53.16
N TYR B 664 6.56 13.74 -52.73
CA TYR B 664 5.75 12.66 -53.30
C TYR B 664 4.27 12.84 -52.96
N MET B 665 3.98 12.98 -51.67
CA MET B 665 2.60 13.10 -51.21
C MET B 665 1.92 14.36 -51.74
N ARG B 666 2.72 15.39 -52.00
CA ARG B 666 2.18 16.67 -52.45
C ARG B 666 1.56 16.61 -53.83
N SER B 667 2.03 15.67 -54.65
CA SER B 667 1.55 15.55 -56.03
C SER B 667 1.12 14.14 -56.37
N ALA B 668 1.00 13.30 -55.35
CA ALA B 668 0.61 11.91 -55.54
C ALA B 668 -0.86 11.79 -55.95
N GLU B 669 -1.12 11.01 -57.00
CA GLU B 669 -2.48 10.79 -57.48
C GLU B 669 -2.80 9.30 -57.57
N PRO B 670 -3.98 8.89 -57.07
CA PRO B 670 -4.98 9.76 -56.44
C PRO B 670 -4.50 10.31 -55.11
N SER B 671 -5.34 11.11 -54.46
CA SER B 671 -4.99 11.73 -53.18
C SER B 671 -4.58 10.68 -52.14
N VAL B 672 -3.39 10.84 -51.59
CA VAL B 672 -2.89 9.94 -50.56
C VAL B 672 -3.33 10.40 -49.18
N PHE B 673 -3.99 11.55 -49.12
CA PHE B 673 -4.48 12.09 -47.86
C PHE B 673 -5.92 11.65 -47.60
N VAL B 674 -6.24 11.40 -46.33
CA VAL B 674 -7.59 10.98 -45.95
C VAL B 674 -8.31 12.06 -45.17
N ARG B 675 -9.63 11.94 -45.08
CA ARG B 675 -10.45 12.92 -44.38
C ARG B 675 -10.31 12.79 -42.87
N THR B 676 -10.50 11.58 -42.36
CA THR B 676 -10.39 11.32 -40.93
C THR B 676 -9.39 10.18 -40.66
N THR B 677 -9.10 9.96 -39.39
CA THR B 677 -8.17 8.91 -39.00
C THR B 677 -8.74 7.53 -39.29
N ALA B 678 -10.05 7.40 -39.15
CA ALA B 678 -10.73 6.13 -39.43
C ALA B 678 -10.58 5.76 -40.90
N GLU B 679 -10.69 6.75 -41.78
CA GLU B 679 -10.55 6.53 -43.21
C GLU B 679 -9.16 6.04 -43.56
N GLY B 680 -8.15 6.61 -42.89
CA GLY B 680 -6.77 6.23 -43.12
C GLY B 680 -6.52 4.78 -42.75
N VAL B 681 -7.01 4.38 -41.58
CA VAL B 681 -6.85 3.00 -41.12
C VAL B 681 -7.57 2.04 -42.06
N ALA B 682 -8.76 2.43 -42.50
CA ALA B 682 -9.54 1.60 -43.43
C ALA B 682 -8.80 1.42 -44.76
N ARG B 683 -8.09 2.46 -45.18
CA ARG B 683 -7.33 2.42 -46.43
C ARG B 683 -6.16 1.44 -46.33
N VAL B 684 -5.60 1.34 -45.13
CA VAL B 684 -4.47 0.43 -44.90
C VAL B 684 -4.95 -1.01 -44.79
N ARG B 685 -6.18 -1.20 -44.32
CA ARG B 685 -6.74 -2.52 -44.13
C ARG B 685 -7.36 -3.08 -45.41
N LYS B 686 -7.53 -2.22 -46.41
CA LYS B 686 -8.19 -2.62 -47.65
C LYS B 686 -7.28 -2.51 -48.87
N SER B 687 -6.01 -2.20 -48.64
CA SER B 687 -5.06 -2.07 -49.73
C SER B 687 -4.10 -3.26 -49.82
N LYS B 688 -4.32 -4.24 -48.96
CA LYS B 688 -3.50 -5.45 -48.95
C LYS B 688 -2.01 -5.13 -48.77
N GLY B 689 -1.72 -4.07 -48.02
CA GLY B 689 -0.35 -3.68 -47.74
C GLY B 689 0.25 -2.80 -48.81
N LYS B 690 -0.61 -2.17 -49.61
CA LYS B 690 -0.14 -1.29 -50.68
C LYS B 690 -0.19 0.18 -50.26
N TYR B 691 -0.80 0.44 -49.10
CA TYR B 691 -0.91 1.80 -48.59
C TYR B 691 -0.52 1.90 -47.12
N ALA B 692 0.37 2.83 -46.81
CA ALA B 692 0.78 3.09 -45.44
C ALA B 692 0.22 4.41 -44.95
N TYR B 693 -0.11 4.48 -43.67
CA TYR B 693 -0.68 5.69 -43.09
C TYR B 693 0.20 6.23 -41.97
N LEU B 694 0.48 7.54 -42.04
CA LEU B 694 1.32 8.19 -41.04
C LEU B 694 0.46 8.95 -40.03
N LEU B 695 0.63 8.60 -38.75
CA LEU B 695 -0.16 9.23 -37.70
C LEU B 695 0.58 9.22 -36.36
N GLU B 696 -0.04 9.82 -35.35
CA GLU B 696 0.56 9.88 -34.01
C GLU B 696 0.76 8.48 -33.45
N SER B 697 1.94 8.23 -32.90
CA SER B 697 2.28 6.93 -32.35
C SER B 697 1.26 6.47 -31.30
N THR B 698 0.82 7.40 -30.46
CA THR B 698 -0.12 7.09 -29.40
C THR B 698 -1.38 6.42 -29.94
N MET B 699 -2.03 7.08 -30.90
CA MET B 699 -3.25 6.54 -31.50
C MET B 699 -2.96 5.27 -32.30
N ASN B 700 -1.78 5.22 -32.90
CA ASN B 700 -1.37 4.06 -33.69
C ASN B 700 -1.24 2.81 -32.82
N GLU B 701 -0.46 2.93 -31.74
CA GLU B 701 -0.26 1.82 -30.82
C GLU B 701 -1.59 1.26 -30.33
N TYR B 702 -2.55 2.15 -30.12
CA TYR B 702 -3.87 1.74 -29.66
C TYR B 702 -4.62 0.96 -30.74
N ILE B 703 -4.55 1.44 -31.97
CA ILE B 703 -5.20 0.77 -33.09
C ILE B 703 -4.68 -0.65 -33.26
N GLU B 704 -3.39 -0.83 -33.04
CA GLU B 704 -2.75 -2.14 -33.15
C GLU B 704 -3.35 -3.14 -32.16
N GLN B 705 -3.94 -2.61 -31.09
CA GLN B 705 -4.54 -3.46 -30.06
C GLN B 705 -6.05 -3.51 -30.19
N ARG B 706 -6.54 -3.35 -31.42
CA ARG B 706 -7.97 -3.41 -31.70
C ARG B 706 -8.26 -4.37 -32.85
N LYS B 707 -9.36 -5.10 -32.74
CA LYS B 707 -9.75 -6.06 -33.77
C LYS B 707 -9.87 -5.38 -35.13
N PRO B 708 -9.61 -6.12 -36.22
CA PRO B 708 -9.23 -7.54 -36.19
C PRO B 708 -7.73 -7.74 -36.02
N CYS B 709 -7.07 -6.80 -35.37
CA CYS B 709 -5.63 -6.89 -35.15
C CYS B 709 -4.88 -7.08 -36.46
N ASP B 710 -5.11 -6.19 -37.40
CA ASP B 710 -4.51 -6.31 -38.73
C ASP B 710 -3.60 -5.11 -39.06
N THR B 711 -3.23 -4.35 -38.04
CA THR B 711 -2.36 -3.21 -38.23
C THR B 711 -1.22 -3.22 -37.21
N MET B 712 -0.06 -2.69 -37.61
CA MET B 712 1.10 -2.66 -36.73
C MET B 712 1.98 -1.44 -37.00
N LYS B 713 2.58 -0.92 -35.94
CA LYS B 713 3.51 0.21 -36.07
C LYS B 713 4.90 -0.30 -36.38
N VAL B 714 5.59 0.36 -37.30
CA VAL B 714 6.92 -0.05 -37.71
C VAL B 714 7.93 1.09 -37.57
N GLY B 715 9.13 0.74 -37.11
CA GLY B 715 10.19 1.72 -36.94
C GLY B 715 9.91 2.69 -35.81
N GLY B 716 10.90 3.51 -35.48
CA GLY B 716 10.77 4.50 -34.44
C GLY B 716 10.02 5.74 -34.92
N ASN B 717 9.72 6.64 -34.00
CA ASN B 717 9.01 7.87 -34.33
C ASN B 717 9.85 8.78 -35.21
N LEU B 718 9.19 9.67 -35.95
CA LEU B 718 9.87 10.57 -36.87
C LEU B 718 10.31 11.85 -36.17
N ASP B 719 9.61 12.19 -35.08
CA ASP B 719 9.94 13.37 -34.31
C ASP B 719 9.62 13.16 -32.83
N SER B 720 10.07 14.09 -31.99
CA SER B 720 9.85 13.99 -30.55
C SER B 720 8.85 15.02 -30.05
N LYS B 721 7.67 14.54 -29.65
CA LYS B 721 6.64 15.40 -29.09
C LYS B 721 6.36 15.01 -27.65
N GLY B 722 5.22 15.45 -27.12
CA GLY B 722 4.84 15.12 -25.76
C GLY B 722 3.62 15.87 -25.27
N TYR B 723 2.72 15.15 -24.60
CA TYR B 723 1.54 15.76 -24.00
C TYR B 723 1.86 16.27 -22.60
N GLY B 724 1.05 17.19 -22.11
CA GLY B 724 1.24 17.74 -20.77
C GLY B 724 -0.02 18.32 -20.20
N ILE B 725 -0.03 18.50 -18.88
CA ILE B 725 -1.18 19.09 -18.20
C ILE B 725 -1.13 20.61 -18.34
N ALA B 726 -2.19 21.18 -18.91
CA ALA B 726 -2.22 22.62 -19.17
C ALA B 726 -2.92 23.38 -18.05
N THR B 727 -2.27 24.45 -17.59
CA THR B 727 -2.82 25.29 -16.53
C THR B 727 -2.67 26.77 -16.89
N PRO B 728 -3.71 27.56 -16.61
CA PRO B 728 -3.72 28.99 -16.91
C PRO B 728 -2.44 29.68 -16.44
N LYS B 729 -1.91 30.58 -17.27
CA LYS B 729 -0.67 31.28 -16.96
C LYS B 729 -0.75 31.96 -15.59
N GLY B 730 0.23 31.67 -14.73
CA GLY B 730 0.26 32.25 -13.41
C GLY B 730 -0.81 31.71 -12.49
N SER B 731 -1.03 30.40 -12.56
CA SER B 731 -2.03 29.73 -11.72
C SER B 731 -1.40 29.19 -10.45
N SER B 732 -2.24 28.88 -9.47
CA SER B 732 -1.77 28.33 -8.20
C SER B 732 -1.45 26.84 -8.33
N LEU B 733 -2.20 26.16 -9.19
CA LEU B 733 -1.99 24.72 -9.41
C LEU B 733 -0.76 24.47 -10.27
N GLY B 734 -0.19 25.53 -10.81
CA GLY B 734 0.95 25.42 -11.70
C GLY B 734 2.05 24.49 -11.19
N THR B 735 2.87 24.99 -10.27
CA THR B 735 3.98 24.23 -9.73
C THR B 735 3.58 22.85 -9.16
N PRO B 736 2.52 22.82 -8.34
CA PRO B 736 2.08 21.55 -7.74
C PRO B 736 1.87 20.45 -8.78
N VAL B 737 1.06 20.74 -9.79
CA VAL B 737 0.76 19.76 -10.84
C VAL B 737 2.03 19.32 -11.56
N ASN B 738 2.90 20.29 -11.86
CA ASN B 738 4.16 19.99 -12.53
C ASN B 738 4.95 18.92 -11.79
N LEU B 739 5.16 19.14 -10.50
CA LEU B 739 5.87 18.17 -9.67
C LEU B 739 5.12 16.85 -9.60
N ALA B 740 3.80 16.93 -9.56
CA ALA B 740 2.96 15.73 -9.47
C ALA B 740 3.21 14.81 -10.67
N VAL B 741 3.31 15.40 -11.86
CA VAL B 741 3.57 14.64 -13.07
C VAL B 741 4.92 13.93 -12.99
N LEU B 742 5.93 14.66 -12.53
CA LEU B 742 7.27 14.10 -12.37
C LEU B 742 7.26 12.96 -11.35
N LYS B 743 6.50 13.14 -10.27
CA LYS B 743 6.41 12.13 -9.24
C LYS B 743 5.74 10.86 -9.76
N LEU B 744 4.67 11.03 -10.52
CA LEU B 744 3.94 9.90 -11.08
C LEU B 744 4.80 9.08 -12.04
N SER B 745 5.59 9.77 -12.86
CA SER B 745 6.44 9.09 -13.83
C SER B 745 7.54 8.29 -13.16
N GLU B 746 8.14 8.86 -12.12
CA GLU B 746 9.23 8.20 -11.40
C GLU B 746 8.72 6.98 -10.62
N GLN B 747 7.47 7.04 -10.19
CA GLN B 747 6.85 5.91 -9.50
C GLN B 747 6.36 4.88 -10.51
N GLY B 748 6.63 5.14 -11.79
CA GLY B 748 6.23 4.24 -12.85
C GLY B 748 4.71 4.17 -12.99
N LEU B 749 4.03 5.11 -12.35
CA LEU B 749 2.57 5.13 -12.38
C LEU B 749 2.04 5.50 -13.76
N LEU B 750 2.75 6.39 -14.44
CA LEU B 750 2.37 6.80 -15.79
C LEU B 750 2.49 5.62 -16.75
N ASP B 751 3.65 4.96 -16.74
CA ASP B 751 3.87 3.79 -17.59
C ASP B 751 2.83 2.72 -17.29
N LYS B 752 2.48 2.58 -16.01
CA LYS B 752 1.49 1.61 -15.58
C LYS B 752 0.13 1.91 -16.20
N LEU B 753 -0.28 3.17 -16.13
CA LEU B 753 -1.57 3.59 -16.68
C LEU B 753 -1.66 3.30 -18.17
N LYS B 754 -0.60 3.62 -18.91
CA LYS B 754 -0.58 3.37 -20.34
C LYS B 754 -0.75 1.89 -20.64
N ASN B 755 0.02 1.06 -19.95
CA ASN B 755 -0.10 -0.38 -20.10
C ASN B 755 -1.51 -0.88 -19.81
N LYS B 756 -2.19 -0.18 -18.89
CA LYS B 756 -3.53 -0.57 -18.49
C LYS B 756 -4.56 -0.36 -19.60
N TRP B 757 -4.41 0.73 -20.34
CA TRP B 757 -5.41 1.11 -21.34
C TRP B 757 -5.01 0.74 -22.76
N TRP B 758 -3.71 0.55 -22.99
CA TRP B 758 -3.22 0.20 -24.31
C TRP B 758 -3.10 -1.31 -24.54
N TYR B 759 -2.35 -1.98 -23.67
CA TYR B 759 -2.05 -3.39 -23.85
C TYR B 759 -2.91 -4.31 -22.99
N ASP B 760 -2.99 -4.02 -21.69
CA ASP B 760 -3.78 -4.83 -20.76
C ASP B 760 -5.25 -4.85 -21.17
N LYS B 761 -5.83 -3.66 -21.36
CA LYS B 761 -7.22 -3.56 -21.75
C LYS B 761 -7.34 -3.91 -23.22
N GLY B 762 -6.55 -4.89 -23.63
CA GLY B 762 -6.55 -5.33 -25.02
C GLY B 762 -7.19 -6.67 -25.28
N GLU B 763 -7.62 -6.84 -26.52
CA GLU B 763 -8.27 -8.06 -27.00
C GLU B 763 -7.34 -8.87 -27.91
N CYS B 764 -6.11 -8.38 -28.07
CA CYS B 764 -5.17 -9.00 -28.99
C CYS B 764 -3.78 -9.22 -28.40
N GLY B 765 -3.58 -10.32 -27.69
CA GLY B 765 -2.25 -10.65 -27.21
C GLY B 765 -1.37 -10.97 -28.41
N ALA B 766 -0.47 -10.06 -28.78
CA ALA B 766 0.27 -10.21 -30.02
C ALA B 766 1.10 -11.49 -30.04
N LYS B 767 1.90 -11.69 -29.00
CA LYS B 767 2.70 -12.90 -28.88
C LYS B 767 1.83 -14.09 -28.51
N ASP B 768 0.59 -13.82 -28.13
CA ASP B 768 -0.36 -14.86 -27.77
C ASP B 768 -1.21 -15.27 -28.97
N SER B 769 -1.38 -14.33 -29.90
CA SER B 769 -2.14 -14.58 -31.12
C SER B 769 -1.29 -15.38 -32.11
N GLY B 770 0.02 -15.28 -31.97
CA GLY B 770 0.95 -16.05 -32.79
C GLY B 770 1.23 -17.39 -32.15
N SER B 771 0.99 -17.48 -30.86
CA SER B 771 1.18 -18.73 -30.12
C SER B 771 -0.09 -19.58 -30.17
N LYS B 772 -1.18 -19.00 -30.68
CA LYS B 772 -2.47 -19.67 -30.71
C LYS B 772 -3.02 -19.79 -32.13
N GLU B 773 -2.17 -19.52 -33.11
CA GLU B 773 -2.57 -19.60 -34.51
C GLU B 773 -2.20 -20.95 -35.12
N LYS B 774 -2.90 -21.99 -34.72
CA LYS B 774 -2.65 -23.33 -35.22
C LYS B 774 -3.45 -23.61 -36.50
N THR B 775 -2.98 -24.56 -37.29
CA THR B 775 -3.65 -24.92 -38.52
C THR B 775 -2.76 -25.80 -39.41
N SER B 776 -3.18 -26.00 -40.65
CA SER B 776 -2.41 -26.82 -41.59
C SER B 776 -3.04 -26.79 -42.98
N ALA B 777 -3.89 -27.77 -43.26
CA ALA B 777 -4.57 -27.86 -44.55
C ALA B 777 -3.56 -27.88 -45.69
N LEU B 778 -4.06 -27.92 -46.93
CA LEU B 778 -3.21 -27.95 -48.10
C LEU B 778 -3.51 -26.77 -49.02
N SER B 779 -2.92 -26.79 -50.21
CA SER B 779 -3.13 -25.73 -51.19
C SER B 779 -2.78 -26.19 -52.61
N LEU B 780 -3.80 -26.57 -53.37
CA LEU B 780 -3.60 -27.04 -54.73
C LEU B 780 -2.78 -26.03 -55.53
N SER B 781 -2.79 -24.78 -55.08
CA SER B 781 -2.10 -23.69 -55.78
C SER B 781 -0.69 -24.07 -56.24
N ASN B 782 0.20 -24.33 -55.28
CA ASN B 782 1.58 -24.66 -55.59
C ASN B 782 1.69 -25.87 -56.53
N VAL B 783 0.96 -26.92 -56.21
CA VAL B 783 0.98 -28.15 -57.01
C VAL B 783 0.49 -27.89 -58.43
N ALA B 784 -0.41 -26.91 -58.57
CA ALA B 784 -0.98 -26.57 -59.87
C ALA B 784 0.08 -26.09 -60.85
N GLY B 785 1.00 -25.26 -60.35
CA GLY B 785 2.07 -24.73 -61.18
C GLY B 785 2.89 -25.82 -61.85
N VAL B 786 2.97 -26.97 -61.20
CA VAL B 786 3.73 -28.10 -61.72
C VAL B 786 2.90 -28.89 -62.74
N PHE B 787 1.59 -28.71 -62.68
CA PHE B 787 0.69 -29.36 -63.63
C PHE B 787 0.73 -28.66 -64.99
N TYR B 788 0.80 -27.33 -64.96
CA TYR B 788 0.84 -26.55 -66.20
C TYR B 788 2.14 -26.78 -66.96
N ILE B 789 3.25 -26.92 -66.23
CA ILE B 789 4.54 -27.18 -66.85
C ILE B 789 4.59 -28.59 -67.42
N LEU B 790 3.73 -29.46 -66.90
CA LEU B 790 3.62 -30.83 -67.40
C LEU B 790 2.89 -30.85 -68.74
N VAL B 791 1.68 -30.29 -68.75
CA VAL B 791 0.89 -30.22 -69.97
C VAL B 791 1.65 -29.47 -71.06
N GLY B 792 2.42 -28.47 -70.65
CA GLY B 792 3.25 -27.72 -71.57
C GLY B 792 4.32 -28.60 -72.20
N GLY B 793 4.86 -29.52 -71.41
CA GLY B 793 5.84 -30.46 -71.89
C GLY B 793 5.21 -31.49 -72.83
N LEU B 794 3.99 -31.89 -72.50
CA LEU B 794 3.25 -32.83 -73.34
C LEU B 794 2.95 -32.19 -74.70
N GLY B 795 2.55 -30.93 -74.68
CA GLY B 795 2.26 -30.19 -75.89
C GLY B 795 3.49 -30.01 -76.75
N LEU B 796 4.62 -29.73 -76.10
CA LEU B 796 5.88 -29.58 -76.79
C LEU B 796 6.26 -30.88 -77.50
N ALA B 797 5.97 -32.00 -76.84
CA ALA B 797 6.26 -33.31 -77.40
C ALA B 797 5.32 -33.62 -78.56
N MET B 798 4.05 -33.28 -78.39
CA MET B 798 3.05 -33.47 -79.45
C MET B 798 3.42 -32.64 -80.68
N LEU B 799 4.22 -31.62 -80.47
CA LEU B 799 4.69 -30.77 -81.57
C LEU B 799 5.92 -31.38 -82.22
N VAL B 800 6.83 -31.89 -81.39
CA VAL B 800 8.05 -32.54 -81.89
C VAL B 800 7.70 -33.83 -82.61
N ALA B 801 6.60 -34.47 -82.20
CA ALA B 801 6.16 -35.71 -82.83
C ALA B 801 5.69 -35.45 -84.25
N LEU B 802 4.82 -34.46 -84.41
CA LEU B 802 4.26 -34.13 -85.73
C LEU B 802 5.34 -33.83 -86.76
N ILE B 803 6.33 -33.03 -86.36
CA ILE B 803 7.40 -32.65 -87.28
C ILE B 803 8.23 -33.85 -87.72
N GLU B 804 8.45 -34.78 -86.79
CA GLU B 804 9.23 -35.98 -87.09
C GLU B 804 8.58 -36.82 -88.19
N PHE B 805 7.27 -37.01 -88.09
CA PHE B 805 6.52 -37.76 -89.09
C PHE B 805 6.51 -37.04 -90.43
N CYS B 806 6.62 -35.71 -90.37
CA CYS B 806 6.63 -34.90 -91.59
C CYS B 806 7.94 -35.05 -92.36
N TYR B 807 9.06 -34.96 -91.66
CA TYR B 807 10.37 -35.11 -92.28
C TYR B 807 10.53 -36.49 -92.90
N LYS B 808 10.03 -37.51 -92.19
CA LYS B 808 10.10 -38.88 -92.67
C LYS B 808 9.21 -39.10 -93.89
N ASN C 1 22.00 86.95 24.07
CA ASN C 1 21.41 85.64 24.33
C ASN C 1 22.45 84.52 24.22
N SER C 2 22.95 84.06 25.36
CA SER C 2 23.95 83.01 25.39
C SER C 2 23.38 81.70 25.95
N ILE C 3 23.22 80.71 25.07
CA ILE C 3 22.69 79.42 25.47
C ILE C 3 23.81 78.39 25.60
N GLN C 4 24.14 78.03 26.83
CA GLN C 4 25.20 77.07 27.10
C GLN C 4 24.71 75.62 26.93
N ILE C 5 25.46 74.84 26.16
CA ILE C 5 25.13 73.44 25.94
C ILE C 5 26.35 72.55 26.16
N GLY C 6 26.11 71.27 26.42
CA GLY C 6 27.18 70.32 26.64
C GLY C 6 27.51 69.52 25.40
N GLY C 7 28.78 69.12 25.28
CA GLY C 7 29.22 68.34 24.14
C GLY C 7 30.11 67.18 24.55
N LEU C 8 29.55 65.97 24.48
CA LEU C 8 30.30 64.77 24.85
C LEU C 8 30.80 64.03 23.60
N PHE C 9 32.04 64.31 23.21
CA PHE C 9 32.63 63.68 22.03
C PHE C 9 33.67 62.65 22.42
N PRO C 10 33.45 61.38 21.99
CA PRO C 10 34.40 60.30 22.24
C PRO C 10 35.73 60.57 21.54
N ARG C 11 36.84 60.31 22.23
CA ARG C 11 38.16 60.52 21.66
C ARG C 11 38.30 59.77 20.34
N GLY C 12 38.51 60.53 19.26
CA GLY C 12 38.63 59.95 17.94
C GLY C 12 37.57 60.45 16.98
N ALA C 13 36.56 61.12 17.54
CA ALA C 13 35.47 61.67 16.73
C ALA C 13 35.89 62.98 16.08
N ASP C 14 36.91 62.91 15.22
CA ASP C 14 37.45 64.10 14.57
C ASP C 14 36.45 64.69 13.57
N GLN C 15 36.04 63.90 12.59
CA GLN C 15 35.11 64.37 11.57
C GLN C 15 33.77 64.76 12.18
N GLU C 16 33.37 64.05 13.23
CA GLU C 16 32.13 64.35 13.92
C GLU C 16 32.18 65.73 14.56
N TYR C 17 33.29 66.04 15.21
CA TYR C 17 33.46 67.34 15.84
C TYR C 17 33.65 68.43 14.79
N SER C 18 34.37 68.11 13.72
CA SER C 18 34.56 69.05 12.62
C SER C 18 33.21 69.44 12.02
N ALA C 19 32.33 68.46 11.86
CA ALA C 19 30.99 68.70 11.37
C ALA C 19 30.18 69.47 12.41
N PHE C 20 30.49 69.24 13.68
CA PHE C 20 29.83 69.94 14.77
C PHE C 20 30.19 71.42 14.75
N ARG C 21 31.44 71.72 14.40
CA ARG C 21 31.92 73.09 14.31
C ARG C 21 31.28 73.80 13.13
N VAL C 22 31.30 73.16 11.96
CA VAL C 22 30.73 73.74 10.76
C VAL C 22 29.26 74.08 10.97
N GLY C 23 28.56 73.24 11.73
CA GLY C 23 27.16 73.48 12.04
C GLY C 23 26.99 74.72 12.90
N MET C 24 27.90 74.92 13.84
CA MET C 24 27.86 76.10 14.70
C MET C 24 27.99 77.38 13.88
N VAL C 25 28.73 77.30 12.79
CA VAL C 25 28.97 78.44 11.92
C VAL C 25 27.81 78.68 10.96
N GLN C 26 27.31 77.62 10.37
CA GLN C 26 26.23 77.71 9.37
C GLN C 26 24.90 78.11 9.99
N PHE C 27 24.71 77.77 11.27
CA PHE C 27 23.45 78.04 11.95
C PHE C 27 23.62 79.05 13.09
N SER C 28 24.58 79.96 12.93
CA SER C 28 24.79 81.01 13.92
C SER C 28 24.00 82.25 13.56
N THR C 29 23.21 82.74 14.51
CA THR C 29 22.38 83.91 14.29
C THR C 29 22.64 84.99 15.35
N SER C 30 22.16 86.20 15.08
CA SER C 30 22.34 87.31 16.00
C SER C 30 21.34 87.24 17.16
N GLU C 31 20.22 86.57 16.93
CA GLU C 31 19.18 86.42 17.95
C GLU C 31 19.73 85.72 19.19
N PHE C 32 20.59 84.73 18.98
CA PHE C 32 21.20 83.98 20.08
C PHE C 32 22.38 83.15 19.60
N ARG C 33 23.34 82.93 20.48
CA ARG C 33 24.52 82.14 20.16
C ARG C 33 24.66 80.94 21.10
N LEU C 34 25.07 79.81 20.54
CA LEU C 34 25.24 78.59 21.32
C LEU C 34 26.67 78.47 21.82
N THR C 35 26.82 78.18 23.12
CA THR C 35 28.14 78.05 23.74
C THR C 35 28.43 76.60 24.11
N PRO C 36 29.12 75.88 23.22
CA PRO C 36 29.45 74.46 23.43
C PRO C 36 30.57 74.27 24.44
N HIS C 37 30.34 73.43 25.45
CA HIS C 37 31.38 73.06 26.39
C HIS C 37 31.81 71.63 26.11
N ILE C 38 32.91 71.47 25.37
CA ILE C 38 33.35 70.17 24.89
C ILE C 38 34.08 69.35 25.95
N ASP C 39 33.72 68.08 26.04
CA ASP C 39 34.37 67.15 26.97
C ASP C 39 34.72 65.85 26.25
N ASN C 40 36.02 65.65 26.00
CA ASN C 40 36.49 64.45 25.33
C ASN C 40 36.80 63.33 26.31
N LEU C 41 35.88 62.36 26.42
CA LEU C 41 36.06 61.24 27.32
C LEU C 41 35.81 59.91 26.61
N GLU C 42 36.30 58.83 27.21
CA GLU C 42 36.07 57.49 26.69
C GLU C 42 34.59 57.13 26.84
N VAL C 43 33.85 57.26 25.74
CA VAL C 43 32.41 57.05 25.77
C VAL C 43 32.01 55.70 26.36
N ALA C 44 32.88 54.70 26.20
CA ALA C 44 32.59 53.36 26.71
C ALA C 44 32.53 53.32 28.23
N ASN C 45 33.46 54.01 28.88
CA ASN C 45 33.51 54.04 30.33
C ASN C 45 32.27 54.70 30.94
N SER C 46 31.47 53.92 31.63
CA SER C 46 30.23 54.41 32.22
C SER C 46 30.50 55.45 33.31
N PHE C 47 31.53 55.21 34.11
CA PHE C 47 31.90 56.14 35.19
C PHE C 47 32.23 57.52 34.64
N ALA C 48 33.14 57.56 33.67
CA ALA C 48 33.56 58.82 33.06
C ALA C 48 32.38 59.59 32.50
N VAL C 49 31.49 58.87 31.82
CA VAL C 49 30.29 59.47 31.24
C VAL C 49 29.42 60.11 32.32
N THR C 50 29.38 59.48 33.49
CA THR C 50 28.59 60.01 34.61
C THR C 50 29.16 61.34 35.08
N ASN C 51 30.48 61.43 35.18
CA ASN C 51 31.13 62.67 35.58
C ASN C 51 30.94 63.77 34.55
N ALA C 52 31.15 63.44 33.27
CA ALA C 52 31.01 64.41 32.19
C ALA C 52 29.59 64.97 32.14
N PHE C 53 28.62 64.16 32.55
CA PHE C 53 27.23 64.58 32.57
C PHE C 53 26.95 65.50 33.75
N CYS C 54 27.39 65.10 34.93
CA CYS C 54 27.18 65.89 36.14
C CYS C 54 27.99 67.17 36.10
N SER C 55 29.12 67.13 35.40
CA SER C 55 29.98 68.31 35.24
C SER C 55 29.28 69.34 34.36
N GLN C 56 28.75 68.89 33.23
CA GLN C 56 28.03 69.78 32.32
C GLN C 56 26.70 70.22 32.94
N PHE C 57 26.22 69.45 33.91
CA PHE C 57 24.97 69.77 34.58
C PHE C 57 25.18 70.84 35.66
N SER C 58 26.31 70.76 36.35
CA SER C 58 26.65 71.76 37.36
C SER C 58 26.99 73.09 36.71
N ARG C 59 27.56 73.03 35.50
CA ARG C 59 27.87 74.22 34.73
C ARG C 59 26.58 74.87 34.23
N GLY C 60 25.46 74.21 34.48
CA GLY C 60 24.16 74.74 34.12
C GLY C 60 23.93 74.85 32.63
N VAL C 61 23.79 73.71 31.97
CA VAL C 61 23.49 73.68 30.54
C VAL C 61 22.00 73.49 30.30
N TYR C 62 21.54 73.86 29.11
CA TYR C 62 20.14 73.74 28.76
C TYR C 62 19.87 72.45 27.98
N ALA C 63 20.91 71.94 27.33
CA ALA C 63 20.82 70.70 26.57
C ALA C 63 22.19 70.09 26.37
N ILE C 64 22.23 68.78 26.12
CA ILE C 64 23.49 68.07 25.94
C ILE C 64 23.52 67.27 24.65
N PHE C 65 24.56 67.48 23.85
CA PHE C 65 24.77 66.69 22.64
C PHE C 65 26.02 65.84 22.78
N GLY C 66 25.86 64.53 22.59
CA GLY C 66 26.99 63.61 22.71
C GLY C 66 26.71 62.25 22.11
N PHE C 67 27.51 61.26 22.54
CA PHE C 67 27.36 59.89 22.06
C PHE C 67 27.38 58.93 23.23
N TYR C 68 26.87 57.72 23.01
CA TYR C 68 26.93 56.67 24.03
C TYR C 68 27.20 55.30 23.42
N ASP C 69 27.71 54.40 24.24
CA ASP C 69 28.01 53.04 23.81
C ASP C 69 26.95 52.08 24.35
N LYS C 70 27.03 50.82 23.93
CA LYS C 70 26.09 49.81 24.40
C LYS C 70 26.18 49.64 25.91
N LYS C 71 27.22 50.21 26.50
CA LYS C 71 27.45 50.07 27.94
C LYS C 71 27.04 51.32 28.71
N SER C 72 27.31 52.49 28.15
CA SER C 72 27.03 53.75 28.84
C SER C 72 25.65 54.33 28.49
N VAL C 73 25.00 53.72 27.50
CA VAL C 73 23.71 54.21 27.04
C VAL C 73 22.67 54.30 28.17
N ASN C 74 22.68 53.30 29.05
CA ASN C 74 21.75 53.26 30.16
C ASN C 74 21.96 54.40 31.16
N THR C 75 23.21 54.80 31.33
CA THR C 75 23.54 55.91 32.21
C THR C 75 22.91 57.20 31.71
N ILE C 76 23.10 57.50 30.43
CA ILE C 76 22.56 58.70 29.82
C ILE C 76 21.04 58.74 29.88
N THR C 77 20.40 57.71 29.34
CA THR C 77 18.94 57.64 29.30
C THR C 77 18.32 57.79 30.69
N SER C 78 19.03 57.29 31.70
CA SER C 78 18.52 57.32 33.07
C SER C 78 18.64 58.71 33.69
N PHE C 79 19.84 59.27 33.69
CA PHE C 79 20.08 60.59 34.25
C PHE C 79 19.26 61.67 33.55
N CYS C 80 19.29 61.65 32.22
CA CYS C 80 18.56 62.64 31.43
C CYS C 80 17.06 62.57 31.69
N GLY C 81 16.58 61.39 32.08
CA GLY C 81 15.18 61.19 32.38
C GLY C 81 14.82 61.67 33.78
N THR C 82 15.76 61.52 34.70
CA THR C 82 15.56 61.93 36.09
C THR C 82 15.74 63.43 36.26
N LEU C 83 16.77 63.96 35.64
CA LEU C 83 17.08 65.39 35.76
C LEU C 83 16.40 66.22 34.68
N HIS C 84 15.55 65.57 33.90
CA HIS C 84 14.79 66.26 32.85
C HIS C 84 15.70 67.01 31.89
N VAL C 85 16.92 66.50 31.70
CA VAL C 85 17.86 67.10 30.77
C VAL C 85 17.73 66.47 29.39
N SER C 86 17.70 67.31 28.35
CA SER C 86 17.57 66.83 26.99
C SER C 86 18.93 66.38 26.44
N PHE C 87 18.94 65.23 25.78
CA PHE C 87 20.17 64.67 25.24
C PHE C 87 20.03 64.32 23.75
N ILE C 88 20.71 65.09 22.90
CA ILE C 88 20.69 64.83 21.47
C ILE C 88 21.91 64.00 21.07
N THR C 89 21.67 62.92 20.34
CA THR C 89 22.76 62.01 19.96
C THR C 89 22.54 61.38 18.59
N PRO C 90 23.61 61.28 17.80
CA PRO C 90 23.60 60.62 16.49
C PRO C 90 23.77 59.11 16.64
N SER C 91 24.11 58.65 17.84
CA SER C 91 24.35 57.23 18.09
C SER C 91 23.11 56.39 17.81
N PHE C 92 23.26 55.08 17.95
CA PHE C 92 22.17 54.14 17.69
C PHE C 92 20.95 54.45 18.56
N PRO C 93 19.75 54.28 17.99
CA PRO C 93 18.49 54.52 18.71
C PRO C 93 18.37 53.63 19.94
N THR C 94 17.74 54.15 20.99
CA THR C 94 17.55 53.40 22.22
C THR C 94 16.50 52.31 22.04
N ASP C 95 16.73 51.15 22.64
CA ASP C 95 15.80 50.04 22.54
C ASP C 95 14.64 50.22 23.51
N GLY C 96 13.72 51.13 23.17
CA GLY C 96 12.57 51.40 24.00
C GLY C 96 12.09 52.83 23.87
N THR C 97 11.41 53.32 24.90
CA THR C 97 10.87 54.67 24.90
C THR C 97 11.44 55.51 26.05
N HIS C 98 12.65 56.02 25.86
CA HIS C 98 13.31 56.82 26.88
C HIS C 98 13.13 58.31 26.62
N PRO C 99 12.39 59.00 27.51
CA PRO C 99 12.12 60.43 27.40
C PRO C 99 13.39 61.27 27.52
N PHE C 100 13.31 62.53 27.07
CA PHE C 100 14.44 63.46 27.15
C PHE C 100 15.65 62.97 26.38
N VAL C 101 15.41 62.27 25.28
CA VAL C 101 16.48 61.81 24.40
C VAL C 101 16.10 62.00 22.94
N ILE C 102 16.92 62.77 22.23
CA ILE C 102 16.70 63.01 20.80
C ILE C 102 17.70 62.23 19.96
N GLN C 103 17.20 61.33 19.13
CA GLN C 103 18.04 60.44 18.35
C GLN C 103 18.08 60.82 16.87
N MET C 104 19.27 61.14 16.37
CA MET C 104 19.44 61.58 15.00
C MET C 104 19.43 60.40 14.02
N ARG C 105 19.82 59.23 14.49
CA ARG C 105 19.89 58.04 13.64
C ARG C 105 18.54 57.34 13.53
N PRO C 106 18.02 57.24 12.30
CA PRO C 106 16.76 56.53 12.03
C PRO C 106 16.92 55.03 12.22
N ASP C 107 15.83 54.34 12.49
CA ASP C 107 15.86 52.89 12.70
C ASP C 107 16.05 52.15 11.38
N LEU C 108 17.14 51.40 11.29
CA LEU C 108 17.45 50.65 10.07
C LEU C 108 16.78 49.29 10.06
N LYS C 109 16.38 48.82 11.24
CA LYS C 109 15.75 47.52 11.40
C LYS C 109 14.68 47.26 10.33
N GLY C 110 13.85 48.26 10.07
CA GLY C 110 12.79 48.13 9.09
C GLY C 110 13.31 48.01 7.68
N ALA C 111 14.22 48.89 7.29
CA ALA C 111 14.77 48.91 5.94
C ALA C 111 15.50 47.61 5.62
N LEU C 112 16.14 47.02 6.62
CA LEU C 112 16.89 45.78 6.42
C LEU C 112 15.95 44.63 6.10
N LEU C 113 14.95 44.42 6.96
CA LEU C 113 13.99 43.35 6.78
C LEU C 113 13.30 43.41 5.42
N SER C 114 13.02 44.63 4.97
CA SER C 114 12.35 44.82 3.69
C SER C 114 13.27 44.42 2.54
N LEU C 115 14.56 44.73 2.67
CA LEU C 115 15.53 44.41 1.63
C LEU C 115 15.70 42.90 1.48
N ILE C 116 15.68 42.20 2.60
CA ILE C 116 15.81 40.75 2.60
C ILE C 116 14.71 40.09 1.78
N GLU C 117 13.48 40.54 1.99
CA GLU C 117 12.34 40.01 1.26
C GLU C 117 12.41 40.36 -0.23
N TYR C 118 12.95 41.54 -0.53
CA TYR C 118 13.10 41.97 -1.91
C TYR C 118 13.96 40.99 -2.71
N TYR C 119 15.12 40.64 -2.17
CA TYR C 119 16.00 39.67 -2.81
C TYR C 119 15.49 38.26 -2.60
N GLN C 120 14.42 38.13 -1.83
CA GLN C 120 13.81 36.83 -1.57
C GLN C 120 14.80 35.84 -0.96
N TRP C 121 15.36 36.22 0.19
CA TRP C 121 16.31 35.37 0.90
C TRP C 121 15.60 34.46 1.89
N ASP C 122 16.00 33.20 1.92
CA ASP C 122 15.42 32.24 2.85
C ASP C 122 16.49 31.64 3.77
N LYS C 123 17.74 31.66 3.29
CA LYS C 123 18.86 31.17 4.08
C LYS C 123 20.08 32.07 3.89
N PHE C 124 20.49 32.72 4.97
CA PHE C 124 21.61 33.66 4.90
C PHE C 124 22.40 33.71 6.21
N ALA C 125 23.64 34.15 6.12
CA ALA C 125 24.49 34.31 7.29
C ALA C 125 24.40 35.74 7.80
N TYR C 126 24.34 35.90 9.13
CA TYR C 126 24.21 37.21 9.73
C TYR C 126 25.36 37.51 10.69
N LEU C 127 26.42 38.12 10.15
CA LEU C 127 27.57 38.50 10.98
C LEU C 127 27.30 39.84 11.65
N TYR C 128 27.20 39.82 12.98
CA TYR C 128 26.82 41.01 13.73
C TYR C 128 27.90 41.48 14.69
N ASP C 129 27.78 42.73 15.13
CA ASP C 129 28.70 43.30 16.10
C ASP C 129 27.88 43.85 17.28
N SER C 130 28.24 43.41 18.49
CA SER C 130 27.46 43.76 19.68
C SER C 130 27.67 45.21 20.12
N ASP C 131 28.31 46.02 19.29
CA ASP C 131 28.61 47.40 19.63
C ASP C 131 27.36 48.29 19.65
N ARG C 132 26.48 48.10 18.68
CA ARG C 132 25.27 48.92 18.57
C ARG C 132 24.04 48.18 19.10
N GLY C 133 24.26 47.22 19.98
CA GLY C 133 23.16 46.46 20.56
C GLY C 133 22.61 45.41 19.63
N LEU C 134 22.11 44.32 20.19
CA LEU C 134 21.54 43.24 19.40
C LEU C 134 20.09 43.53 19.02
N SER C 135 19.77 44.82 18.88
CA SER C 135 18.42 45.23 18.52
C SER C 135 18.03 44.73 17.14
N THR C 136 18.97 44.81 16.19
CA THR C 136 18.73 44.36 14.83
C THR C 136 18.85 42.85 14.72
N LEU C 137 19.68 42.26 15.58
CA LEU C 137 19.85 40.81 15.61
C LEU C 137 18.53 40.14 16.02
N GLN C 138 17.92 40.66 17.08
CA GLN C 138 16.63 40.15 17.53
C GLN C 138 15.58 40.34 16.43
N ALA C 139 15.71 41.42 15.68
CA ALA C 139 14.77 41.72 14.60
C ALA C 139 14.75 40.62 13.55
N VAL C 140 15.93 40.25 13.06
CA VAL C 140 16.03 39.23 12.02
C VAL C 140 15.72 37.84 12.56
N LEU C 141 16.04 37.60 13.83
CA LEU C 141 15.79 36.32 14.45
C LEU C 141 14.29 36.09 14.67
N ASP C 142 13.61 37.13 15.14
CA ASP C 142 12.17 37.05 15.37
C ASP C 142 11.43 36.90 14.05
N SER C 143 11.89 37.62 13.03
CA SER C 143 11.29 37.55 11.70
C SER C 143 11.61 36.22 11.03
N ALA C 144 12.71 35.60 11.46
CA ALA C 144 13.11 34.31 10.92
C ALA C 144 12.10 33.23 11.31
N ALA C 145 11.38 33.47 12.40
CA ALA C 145 10.36 32.54 12.85
C ALA C 145 9.11 32.66 12.00
N GLU C 146 8.70 33.89 11.74
CA GLU C 146 7.50 34.15 10.94
C GLU C 146 7.74 33.88 9.46
N LYS C 147 8.71 34.58 8.88
CA LYS C 147 9.02 34.43 7.46
C LYS C 147 9.73 33.12 7.17
N LYS C 148 10.02 32.36 8.21
CA LYS C 148 10.67 31.06 8.07
C LYS C 148 12.01 31.17 7.36
N TRP C 149 13.01 31.72 8.06
CA TRP C 149 14.36 31.81 7.52
C TRP C 149 15.33 30.93 8.30
N GLN C 150 16.39 30.50 7.64
CA GLN C 150 17.46 29.75 8.29
C GLN C 150 18.67 30.66 8.49
N VAL C 151 18.62 31.49 9.51
CA VAL C 151 19.68 32.47 9.77
C VAL C 151 20.84 31.87 10.55
N THR C 152 22.06 32.15 10.11
CA THR C 152 23.25 31.70 10.80
C THR C 152 23.94 32.89 11.46
N ALA C 153 23.49 33.26 12.64
CA ALA C 153 24.03 34.42 13.36
C ALA C 153 25.39 34.10 13.98
N ILE C 154 26.35 34.98 13.74
CA ILE C 154 27.70 34.80 14.27
C ILE C 154 28.26 36.12 14.79
N ASN C 155 28.58 36.15 16.08
CA ASN C 155 29.15 37.35 16.69
C ASN C 155 30.60 37.58 16.24
N VAL C 156 30.76 38.46 15.26
CA VAL C 156 32.08 38.75 14.70
C VAL C 156 32.73 39.89 15.48
N GLY C 157 32.23 40.16 16.67
CA GLY C 157 32.71 41.27 17.49
C GLY C 157 33.83 40.92 18.44
N ASN C 158 33.62 39.87 19.23
CA ASN C 158 34.58 39.48 20.26
C ASN C 158 35.88 38.90 19.71
N ILE C 159 36.13 39.12 18.42
CA ILE C 159 37.34 38.62 17.79
C ILE C 159 38.56 39.46 18.17
N ASN C 160 39.47 38.87 18.95
CA ASN C 160 40.70 39.56 19.34
C ASN C 160 41.56 39.92 18.12
N ASN C 161 41.87 41.21 17.98
CA ASN C 161 42.50 41.71 16.76
C ASN C 161 44.01 41.45 16.59
N ASP C 162 44.68 41.00 17.65
CA ASP C 162 46.14 40.73 17.64
C ASP C 162 46.46 39.28 17.26
N LYS C 163 45.67 38.71 16.37
CA LYS C 163 45.77 37.29 15.96
C LYS C 163 44.46 36.90 15.28
N LYS C 164 43.74 37.89 14.74
CA LYS C 164 42.44 37.62 14.13
C LYS C 164 42.54 37.15 12.68
N ASP C 165 42.93 35.90 12.49
CA ASP C 165 43.10 35.35 11.15
C ASP C 165 42.69 33.88 11.14
N GLU C 166 43.17 33.14 12.14
CA GLU C 166 42.77 31.76 12.34
C GLU C 166 41.31 31.72 12.79
N THR C 167 40.76 32.88 13.07
CA THR C 167 39.37 33.00 13.48
C THR C 167 38.46 33.20 12.27
N TYR C 168 38.93 34.02 11.32
CA TYR C 168 38.19 34.25 10.09
C TYR C 168 38.20 33.01 9.20
N ARG C 169 39.32 32.30 9.19
CA ARG C 169 39.43 31.06 8.43
C ARG C 169 38.49 30.02 9.00
N SER C 170 38.32 30.03 10.32
CA SER C 170 37.42 29.12 11.00
C SER C 170 35.99 29.65 10.97
N LEU C 171 35.85 30.91 10.54
CA LEU C 171 34.55 31.54 10.44
C LEU C 171 33.86 31.15 9.13
N PHE C 172 34.60 31.27 8.03
CA PHE C 172 34.07 30.91 6.73
C PHE C 172 34.14 29.40 6.49
N GLN C 173 34.68 28.69 7.49
CA GLN C 173 34.70 27.23 7.45
C GLN C 173 33.33 26.71 7.87
N ASP C 174 32.68 27.42 8.78
CA ASP C 174 31.34 27.10 9.22
C ASP C 174 30.32 27.62 8.21
N LEU C 175 30.70 28.69 7.51
CA LEU C 175 29.85 29.27 6.48
C LEU C 175 30.00 28.51 5.17
N GLU C 176 30.63 27.35 5.24
CA GLU C 176 30.82 26.51 4.06
C GLU C 176 30.15 25.16 4.26
N LEU C 177 29.84 24.83 5.50
CA LEU C 177 29.12 23.59 5.81
C LEU C 177 27.75 23.63 5.14
N LYS C 178 27.14 24.80 5.13
CA LYS C 178 25.85 25.00 4.48
C LYS C 178 26.02 25.79 3.18
N LYS C 179 27.27 25.94 2.76
CA LYS C 179 27.59 26.66 1.52
C LYS C 179 26.92 28.03 1.48
N GLU C 180 27.04 28.79 2.57
CA GLU C 180 26.46 30.12 2.64
C GLU C 180 27.07 31.05 1.59
N ARG C 181 26.20 31.61 0.75
CA ARG C 181 26.65 32.53 -0.29
C ARG C 181 26.06 33.92 -0.09
N ARG C 182 25.18 34.05 0.90
CA ARG C 182 24.52 35.32 1.17
C ARG C 182 24.78 35.77 2.61
N VAL C 183 25.59 36.81 2.75
CA VAL C 183 26.00 37.29 4.06
C VAL C 183 25.51 38.72 4.35
N ILE C 184 25.10 38.96 5.58
CA ILE C 184 24.70 40.29 6.01
C ILE C 184 25.68 40.82 7.05
N LEU C 185 26.39 41.89 6.70
CA LEU C 185 27.37 42.48 7.59
C LEU C 185 26.77 43.62 8.42
N ASP C 186 26.45 43.33 9.67
CA ASP C 186 25.94 44.34 10.59
C ASP C 186 27.05 44.83 11.50
N CYS C 187 27.89 45.72 10.98
CA CYS C 187 29.04 46.20 11.73
C CYS C 187 29.27 47.69 11.51
N GLU C 188 30.28 48.24 12.19
CA GLU C 188 30.67 49.63 12.01
C GLU C 188 31.48 49.78 10.73
N ARG C 189 31.72 51.03 10.33
CA ARG C 189 32.45 51.31 9.10
C ARG C 189 33.84 50.69 9.12
N ASP C 190 34.36 50.41 10.31
CA ASP C 190 35.69 49.84 10.46
C ASP C 190 35.68 48.33 10.38
N LYS C 191 34.86 47.69 11.21
CA LYS C 191 34.76 46.23 11.24
C LYS C 191 34.33 45.68 9.89
N VAL C 192 33.70 46.53 9.08
CA VAL C 192 33.26 46.13 7.75
C VAL C 192 34.44 46.00 6.79
N ASN C 193 35.31 47.00 6.80
CA ASN C 193 36.50 46.98 5.95
C ASN C 193 37.41 45.79 6.27
N ASP C 194 37.50 45.44 7.55
CA ASP C 194 38.28 44.29 7.97
C ASP C 194 37.73 43.01 7.35
N ILE C 195 36.41 42.86 7.42
CA ILE C 195 35.74 41.70 6.85
C ILE C 195 35.88 41.68 5.33
N VAL C 196 35.60 42.83 4.71
CA VAL C 196 35.70 42.96 3.26
C VAL C 196 37.09 42.58 2.77
N ASP C 197 38.12 43.00 3.50
CA ASP C 197 39.50 42.68 3.15
C ASP C 197 39.74 41.17 3.24
N GLN C 198 39.25 40.56 4.31
CA GLN C 198 39.38 39.11 4.49
C GLN C 198 38.64 38.36 3.39
N VAL C 199 37.46 38.86 3.05
CA VAL C 199 36.64 38.25 2.00
C VAL C 199 37.39 38.19 0.68
N ILE C 200 38.07 39.27 0.33
CA ILE C 200 38.83 39.33 -0.91
C ILE C 200 40.03 38.38 -0.86
N THR C 201 40.66 38.29 0.30
CA THR C 201 41.82 37.42 0.47
C THR C 201 41.48 35.97 0.21
N ILE C 202 40.41 35.49 0.83
CA ILE C 202 39.96 34.11 0.66
C ILE C 202 39.23 33.93 -0.67
N GLY C 203 38.97 35.04 -1.35
CA GLY C 203 38.37 35.00 -2.67
C GLY C 203 36.87 34.78 -2.69
N LYS C 204 36.22 35.06 -1.57
CA LYS C 204 34.77 34.92 -1.49
C LYS C 204 34.05 36.21 -1.88
N HIS C 205 34.62 36.91 -2.86
CA HIS C 205 34.05 38.16 -3.33
C HIS C 205 33.74 38.08 -4.82
N VAL C 206 33.77 36.85 -5.35
CA VAL C 206 33.51 36.62 -6.76
C VAL C 206 32.02 36.39 -7.00
N LYS C 207 31.64 36.26 -8.27
CA LYS C 207 30.24 36.04 -8.62
C LYS C 207 29.68 34.81 -7.90
N GLY C 208 28.50 34.99 -7.30
CA GLY C 208 27.87 33.92 -6.56
C GLY C 208 27.57 34.33 -5.13
N TYR C 209 28.38 35.25 -4.60
CA TYR C 209 28.21 35.76 -3.25
C TYR C 209 27.41 37.06 -3.26
N HIS C 210 26.66 37.29 -2.18
CA HIS C 210 25.86 38.50 -2.06
C HIS C 210 25.97 39.07 -0.64
N TYR C 211 26.55 40.25 -0.52
CA TYR C 211 26.73 40.88 0.78
C TYR C 211 25.80 42.06 0.99
N ILE C 212 25.37 42.26 2.22
CA ILE C 212 24.52 43.40 2.57
C ILE C 212 25.11 44.14 3.77
N ILE C 213 25.58 45.36 3.52
CA ILE C 213 26.14 46.17 4.59
C ILE C 213 25.04 46.83 5.41
N ALA C 214 24.81 46.29 6.61
CA ALA C 214 23.72 46.76 7.46
C ALA C 214 24.07 48.02 8.25
N ASN C 215 24.28 49.12 7.54
CA ASN C 215 24.51 50.42 8.17
C ASN C 215 24.02 51.55 7.27
N LEU C 216 23.93 52.75 7.85
CA LEU C 216 23.42 53.91 7.12
C LEU C 216 24.51 54.59 6.30
N GLY C 217 25.70 53.99 6.29
CA GLY C 217 26.82 54.54 5.53
C GLY C 217 27.41 53.55 4.55
N PHE C 218 26.69 53.32 3.46
CA PHE C 218 27.11 52.37 2.44
C PHE C 218 28.31 52.89 1.64
N THR C 219 28.29 54.19 1.33
CA THR C 219 29.36 54.80 0.56
C THR C 219 30.45 55.37 1.47
N ASP C 220 30.27 55.19 2.78
CA ASP C 220 31.23 55.69 3.75
C ASP C 220 32.51 54.86 3.76
N GLY C 221 32.39 53.60 3.39
CA GLY C 221 33.54 52.70 3.36
C GLY C 221 34.12 52.54 1.97
N ASP C 222 35.29 51.92 1.90
CA ASP C 222 35.94 51.67 0.62
C ASP C 222 35.30 50.47 -0.08
N LEU C 223 34.75 50.71 -1.27
CA LEU C 223 34.08 49.65 -2.02
C LEU C 223 34.84 49.30 -3.30
N LEU C 224 35.80 50.13 -3.65
CA LEU C 224 36.59 49.92 -4.87
C LEU C 224 37.27 48.55 -4.89
N LYS C 225 37.41 47.95 -3.70
CA LYS C 225 38.09 46.65 -3.59
C LYS C 225 37.19 45.48 -3.97
N ILE C 226 35.98 45.44 -3.40
CA ILE C 226 35.02 44.40 -3.72
C ILE C 226 34.04 44.86 -4.80
N GLN C 227 34.47 45.81 -5.60
CA GLN C 227 33.61 46.38 -6.64
C GLN C 227 33.73 45.59 -7.95
N PHE C 228 34.94 45.14 -8.26
CA PHE C 228 35.19 44.41 -9.50
C PHE C 228 35.31 42.91 -9.25
N GLY C 229 35.11 42.49 -8.01
CA GLY C 229 35.21 41.10 -7.64
C GLY C 229 34.19 40.23 -8.36
N GLY C 230 32.95 40.71 -8.43
CA GLY C 230 31.89 39.98 -9.07
C GLY C 230 30.69 39.77 -8.16
N ALA C 231 30.97 39.60 -6.87
CA ALA C 231 29.92 39.41 -5.89
C ALA C 231 29.09 40.67 -5.73
N GLU C 232 27.76 40.52 -5.72
CA GLU C 232 26.86 41.65 -5.58
C GLU C 232 26.87 42.18 -4.15
N VAL C 233 27.00 43.50 -4.01
CA VAL C 233 27.02 44.13 -2.70
C VAL C 233 25.92 45.19 -2.60
N SER C 234 25.10 45.07 -1.57
CA SER C 234 24.03 46.04 -1.34
C SER C 234 24.18 46.70 0.03
N GLY C 235 23.48 47.80 0.24
CA GLY C 235 23.56 48.51 1.51
C GLY C 235 22.55 49.63 1.63
N PHE C 236 22.80 50.54 2.57
CA PHE C 236 21.89 51.64 2.82
C PHE C 236 22.62 52.97 2.91
N GLN C 237 22.03 54.01 2.34
CA GLN C 237 22.62 55.35 2.37
C GLN C 237 21.61 56.36 2.89
N ILE C 238 22.00 57.10 3.93
CA ILE C 238 21.13 58.09 4.54
C ILE C 238 21.46 59.50 4.03
N VAL C 239 22.71 59.69 3.62
CA VAL C 239 23.15 60.97 3.10
C VAL C 239 23.09 60.97 1.57
N ASP C 240 22.00 61.47 1.02
CA ASP C 240 21.82 61.51 -0.42
C ASP C 240 22.64 62.64 -1.03
N TYR C 241 23.71 62.28 -1.74
CA TYR C 241 24.58 63.26 -2.35
C TYR C 241 23.98 63.83 -3.63
N ASP C 242 22.75 63.44 -3.93
CA ASP C 242 22.04 63.94 -5.11
C ASP C 242 21.16 65.12 -4.77
N ASP C 243 20.94 65.34 -3.48
CA ASP C 243 20.19 66.51 -3.02
C ASP C 243 21.01 67.78 -3.18
N SER C 244 20.41 68.81 -3.77
CA SER C 244 21.08 70.08 -3.95
C SER C 244 21.52 70.64 -2.61
N LEU C 245 20.81 70.26 -1.56
CA LEU C 245 21.13 70.69 -0.20
C LEU C 245 22.46 70.08 0.24
N VAL C 246 22.58 68.77 0.09
CA VAL C 246 23.80 68.06 0.45
C VAL C 246 24.93 68.41 -0.51
N SER C 247 24.59 68.51 -1.80
CA SER C 247 25.58 68.84 -2.83
C SER C 247 26.25 70.18 -2.53
N LYS C 248 25.48 71.13 -2.02
CA LYS C 248 26.00 72.44 -1.67
C LYS C 248 26.89 72.36 -0.43
N PHE C 249 26.53 71.48 0.50
CA PHE C 249 27.31 71.30 1.71
C PHE C 249 28.70 70.77 1.39
N ILE C 250 28.76 69.77 0.51
CA ILE C 250 30.03 69.18 0.10
C ILE C 250 30.92 70.19 -0.61
N GLU C 251 30.29 71.07 -1.40
CA GLU C 251 31.02 72.10 -2.13
C GLU C 251 31.91 72.92 -1.20
N ARG C 252 31.42 73.15 0.02
CA ARG C 252 32.15 73.93 1.01
C ARG C 252 32.95 73.02 1.95
N TRP C 253 32.44 71.82 2.18
CA TRP C 253 33.09 70.85 3.05
C TRP C 253 34.39 70.34 2.45
N SER C 254 34.33 69.95 1.19
CA SER C 254 35.48 69.38 0.50
C SER C 254 36.64 70.35 0.36
N THR C 255 36.35 71.64 0.54
CA THR C 255 37.37 72.68 0.37
C THR C 255 38.00 73.10 1.70
N LEU C 256 37.29 72.88 2.79
CA LEU C 256 37.76 73.26 4.11
C LEU C 256 39.17 72.73 4.39
N GLU C 257 39.95 73.51 5.12
CA GLU C 257 41.32 73.13 5.46
C GLU C 257 41.33 71.92 6.39
N GLU C 258 42.03 70.87 5.98
CA GLU C 258 42.09 69.64 6.76
C GLU C 258 42.90 69.81 8.04
N LYS C 259 43.66 70.90 8.11
CA LYS C 259 44.46 71.19 9.29
C LYS C 259 43.58 71.60 10.46
N GLU C 260 42.72 72.60 10.24
CA GLU C 260 41.81 73.08 11.27
C GLU C 260 40.62 72.14 11.42
N TYR C 261 40.17 71.59 10.32
CA TYR C 261 39.05 70.66 10.32
C TYR C 261 39.51 69.25 9.92
N PRO C 262 39.91 68.45 10.91
CA PRO C 262 40.42 67.09 10.71
C PRO C 262 39.45 66.22 9.92
N GLY C 263 39.97 65.48 8.94
CA GLY C 263 39.17 64.59 8.13
C GLY C 263 37.94 65.26 7.54
N ALA C 264 38.13 66.44 6.97
CA ALA C 264 37.03 67.20 6.41
C ALA C 264 37.31 67.64 4.97
N HIS C 265 38.43 67.19 4.42
CA HIS C 265 38.81 67.57 3.06
C HIS C 265 38.48 66.46 2.07
N THR C 266 37.25 65.97 2.11
CA THR C 266 36.80 64.92 1.22
C THR C 266 35.46 65.27 0.57
N ALA C 267 35.09 64.51 -0.46
CA ALA C 267 33.84 64.74 -1.18
C ALA C 267 32.68 64.01 -0.51
N THR C 268 32.99 63.17 0.46
CA THR C 268 31.97 62.41 1.18
C THR C 268 32.02 62.69 2.68
N ILE C 269 31.07 62.14 3.41
CA ILE C 269 31.01 62.34 4.86
C ILE C 269 30.30 61.18 5.55
N LYS C 270 30.88 60.70 6.65
CA LYS C 270 30.29 59.62 7.42
C LYS C 270 28.91 60.02 7.93
N TYR C 271 27.97 59.08 7.93
CA TYR C 271 26.60 59.37 8.34
C TYR C 271 26.54 59.85 9.79
N THR C 272 27.47 59.39 10.60
CA THR C 272 27.55 59.83 11.99
C THR C 272 27.89 61.31 12.06
N SER C 273 28.79 61.76 11.20
CA SER C 273 29.18 63.16 11.15
C SER C 273 28.05 64.02 10.56
N ALA C 274 27.40 63.50 9.54
CA ALA C 274 26.29 64.21 8.89
C ALA C 274 25.14 64.44 9.87
N LEU C 275 24.91 63.48 10.75
CA LEU C 275 23.87 63.60 11.76
C LEU C 275 24.25 64.63 12.81
N THR C 276 25.54 64.73 13.10
CA THR C 276 26.04 65.72 14.04
C THR C 276 25.74 67.13 13.55
N TYR C 277 26.00 67.35 12.26
CA TYR C 277 25.71 68.63 11.62
C TYR C 277 24.22 68.94 11.68
N ASP C 278 23.41 67.93 11.39
CA ASP C 278 21.96 68.08 11.42
C ASP C 278 21.46 68.27 12.85
N ALA C 279 22.24 67.79 13.81
CA ALA C 279 21.89 67.93 15.21
C ALA C 279 21.93 69.40 15.64
N VAL C 280 22.97 70.09 15.19
CA VAL C 280 23.13 71.51 15.49
C VAL C 280 21.94 72.31 14.98
N GLN C 281 21.48 71.97 13.77
CA GLN C 281 20.35 72.65 13.16
C GLN C 281 19.07 72.43 13.96
N VAL C 282 18.91 71.23 14.51
CA VAL C 282 17.74 70.89 15.31
C VAL C 282 17.73 71.67 16.61
N MET C 283 18.90 71.78 17.24
CA MET C 283 19.03 72.50 18.51
C MET C 283 18.81 74.00 18.31
N THR C 284 19.20 74.51 17.15
CA THR C 284 19.02 75.91 16.83
C THR C 284 17.54 76.24 16.63
N GLU C 285 16.88 75.47 15.78
CA GLU C 285 15.46 75.66 15.50
C GLU C 285 14.62 75.47 16.76
N ALA C 286 15.11 74.65 17.68
CA ALA C 286 14.39 74.37 18.92
C ALA C 286 14.46 75.56 19.87
N PHE C 287 15.66 76.09 20.08
CA PHE C 287 15.85 77.24 20.96
C PHE C 287 15.26 78.50 20.34
N ARG C 288 15.05 78.47 19.03
CA ARG C 288 14.46 79.60 18.31
C ARG C 288 12.95 79.60 18.45
N ASN C 289 12.36 78.42 18.44
CA ASN C 289 10.91 78.27 18.61
C ASN C 289 10.47 78.57 20.03
N LEU C 290 11.44 78.67 20.94
CA LEU C 290 11.15 79.01 22.33
C LEU C 290 11.17 80.52 22.54
N ARG C 291 11.99 81.21 21.76
CA ARG C 291 12.07 82.67 21.82
C ARG C 291 10.83 83.29 21.18
N LYS C 292 10.43 82.74 20.05
CA LYS C 292 9.26 83.24 19.32
C LYS C 292 7.96 82.82 20.00
N GLN C 293 8.06 81.87 20.92
CA GLN C 293 6.89 81.39 21.65
C GLN C 293 6.76 82.09 23.00
N ARG C 294 7.66 83.03 23.26
CA ARG C 294 7.65 83.79 24.51
C ARG C 294 7.71 82.88 25.73
N ILE C 295 8.67 81.96 25.73
CA ILE C 295 8.85 81.03 26.84
C ILE C 295 10.17 81.26 27.55
N GLU C 296 10.10 81.69 28.80
CA GLU C 296 11.29 81.92 29.61
C GLU C 296 11.77 80.62 30.25
N ILE C 297 13.04 80.30 30.03
CA ILE C 297 13.62 79.06 30.55
C ILE C 297 14.99 79.30 31.16
N SER C 298 15.46 80.54 31.09
CA SER C 298 16.82 80.88 31.49
C SER C 298 17.09 80.60 32.97
N ARG C 299 18.35 80.29 33.28
CA ARG C 299 18.78 80.03 34.65
C ARG C 299 20.25 80.41 34.82
N ARG C 300 20.87 79.87 35.87
CA ARG C 300 22.27 80.14 36.14
C ARG C 300 23.07 78.85 36.28
N GLY C 301 24.36 78.98 36.59
CA GLY C 301 25.23 77.84 36.76
C GLY C 301 25.20 77.30 38.18
N ASN C 302 23.99 77.10 38.71
CA ASN C 302 23.82 76.58 40.06
C ASN C 302 22.72 75.52 40.17
N ALA C 303 22.59 74.69 39.14
CA ALA C 303 21.67 73.58 39.17
C ALA C 303 21.98 72.67 40.36
N GLY C 304 23.22 72.73 40.83
CA GLY C 304 23.64 71.94 41.97
C GLY C 304 24.19 70.58 41.56
N ASP C 305 24.54 69.77 42.55
CA ASP C 305 25.07 68.43 42.30
C ASP C 305 23.97 67.52 41.77
N CYS C 306 24.28 66.75 40.73
CA CYS C 306 23.30 65.87 40.10
C CYS C 306 22.88 64.74 41.03
N LEU C 307 23.74 64.40 41.99
CA LEU C 307 23.45 63.35 42.94
C LEU C 307 22.58 63.85 44.08
N ALA C 308 22.13 65.10 43.98
CA ALA C 308 21.29 65.71 45.01
C ALA C 308 20.10 64.82 45.34
N ASN C 309 19.90 64.57 46.63
CA ASN C 309 18.81 63.72 47.07
C ASN C 309 17.97 64.41 48.16
N PRO C 310 16.67 64.54 47.92
CA PRO C 310 15.97 64.08 46.72
C PRO C 310 16.32 64.89 45.48
N ALA C 311 16.34 64.24 44.32
CA ALA C 311 16.65 64.91 43.07
C ALA C 311 15.41 65.61 42.51
N VAL C 312 15.48 66.93 42.37
CA VAL C 312 14.36 67.70 41.85
C VAL C 312 14.61 68.18 40.43
N PRO C 313 13.77 67.74 39.49
CA PRO C 313 13.86 68.12 38.08
C PRO C 313 13.39 69.56 37.86
N TRP C 314 14.20 70.37 37.19
CA TRP C 314 13.82 71.74 36.89
C TRP C 314 12.78 71.79 35.79
N GLY C 315 11.61 72.35 36.10
CA GLY C 315 10.48 72.36 35.19
C GLY C 315 10.76 72.92 33.81
N GLN C 316 11.78 73.77 33.71
CA GLN C 316 12.13 74.40 32.44
C GLN C 316 12.61 73.36 31.42
N GLY C 317 12.95 72.18 31.90
CA GLY C 317 13.43 71.11 31.04
C GLY C 317 12.33 70.48 30.22
N VAL C 318 11.13 70.43 30.78
CA VAL C 318 9.98 69.84 30.10
C VAL C 318 9.67 70.59 28.80
N GLU C 319 9.90 71.90 28.80
CA GLU C 319 9.64 72.72 27.63
C GLU C 319 10.72 72.56 26.58
N ILE C 320 11.95 72.38 27.03
CA ILE C 320 13.08 72.18 26.12
C ILE C 320 12.91 70.90 25.32
N GLU C 321 12.28 69.91 25.93
CA GLU C 321 12.00 68.64 25.26
C GLU C 321 10.93 68.82 24.19
N ARG C 322 9.83 69.46 24.57
CA ARG C 322 8.71 69.69 23.66
C ARG C 322 9.13 70.58 22.49
N ALA C 323 10.27 71.22 22.63
CA ALA C 323 10.81 72.08 21.58
C ALA C 323 11.58 71.27 20.55
N LEU C 324 12.59 70.53 21.03
CA LEU C 324 13.41 69.70 20.16
C LEU C 324 12.56 68.67 19.41
N LYS C 325 11.62 68.05 20.12
CA LYS C 325 10.77 67.03 19.52
C LYS C 325 9.78 67.60 18.53
N GLN C 326 9.55 68.91 18.61
CA GLN C 326 8.62 69.58 17.72
C GLN C 326 9.31 70.10 16.47
N VAL C 327 10.64 70.13 16.50
CA VAL C 327 11.44 70.62 15.38
C VAL C 327 11.19 69.80 14.13
N GLN C 328 11.20 70.47 12.97
CA GLN C 328 11.04 69.78 11.70
C GLN C 328 11.68 70.60 10.56
N VAL C 329 12.93 70.31 10.26
CA VAL C 329 13.66 71.00 9.20
C VAL C 329 14.24 70.02 8.20
N GLU C 330 14.91 70.55 7.19
CA GLU C 330 15.54 69.71 6.16
C GLU C 330 17.06 69.69 6.34
N GLY C 331 17.62 68.50 6.43
CA GLY C 331 19.05 68.34 6.64
C GLY C 331 19.70 67.38 5.67
N LEU C 332 20.96 67.04 5.95
CA LEU C 332 21.71 66.12 5.09
C LEU C 332 21.07 64.74 5.07
N SER C 333 20.44 64.36 6.18
CA SER C 333 19.81 63.05 6.29
C SER C 333 18.32 63.10 5.96
N GLY C 334 17.98 63.83 4.91
CA GLY C 334 16.61 63.94 4.47
C GLY C 334 15.72 64.71 5.44
N ASN C 335 14.42 64.53 5.31
CA ASN C 335 13.45 65.21 6.17
C ASN C 335 13.57 64.77 7.62
N ILE C 336 13.78 65.73 8.52
CA ILE C 336 13.94 65.44 9.93
C ILE C 336 12.66 65.71 10.73
N LYS C 337 12.11 64.66 11.31
CA LYS C 337 10.91 64.79 12.14
C LYS C 337 10.99 63.82 13.32
N PHE C 338 10.27 64.14 14.39
CA PHE C 338 10.31 63.32 15.60
C PHE C 338 8.92 63.01 16.13
N ASP C 339 8.83 61.98 16.97
CA ASP C 339 7.60 61.66 17.67
C ASP C 339 7.71 62.08 19.13
N GLN C 340 6.72 61.71 19.94
CA GLN C 340 6.68 62.10 21.33
C GLN C 340 7.86 61.54 22.13
N ASN C 341 8.47 60.47 21.62
CA ASN C 341 9.57 59.81 22.31
C ASN C 341 10.94 60.36 21.94
N GLY C 342 11.17 60.54 20.65
CA GLY C 342 12.44 61.06 20.17
C GLY C 342 12.96 60.33 18.95
N LYS C 343 12.32 59.20 18.63
CA LYS C 343 12.69 58.44 17.45
C LYS C 343 12.24 59.17 16.19
N ARG C 344 13.12 59.23 15.20
CA ARG C 344 12.82 59.92 13.95
C ARG C 344 11.70 59.24 13.17
N ILE C 345 10.90 60.04 12.50
CA ILE C 345 9.79 59.53 11.69
C ILE C 345 9.73 60.25 10.35
N ASN C 346 8.92 59.72 9.44
CA ASN C 346 8.77 60.29 8.10
C ASN C 346 10.12 60.54 7.44
N TYR C 347 11.01 59.56 7.53
CA TYR C 347 12.34 59.66 6.94
C TYR C 347 12.47 58.76 5.72
N THR C 348 13.61 58.86 5.03
CA THR C 348 13.84 58.08 3.81
C THR C 348 15.25 57.49 3.79
N ILE C 349 15.33 56.18 3.57
CA ILE C 349 16.60 55.50 3.47
C ILE C 349 16.77 54.88 2.09
N ASN C 350 17.73 55.39 1.33
CA ASN C 350 17.98 54.90 -0.02
C ASN C 350 18.65 53.53 -0.04
N ILE C 351 18.07 52.61 -0.80
CA ILE C 351 18.67 51.28 -0.97
C ILE C 351 19.71 51.33 -2.08
N MET C 352 20.91 50.86 -1.78
CA MET C 352 22.03 50.95 -2.71
C MET C 352 22.53 49.59 -3.18
N GLU C 353 22.97 49.53 -4.43
CA GLU C 353 23.62 48.35 -4.98
C GLU C 353 24.93 48.75 -5.62
N LEU C 354 25.94 47.88 -5.50
CA LEU C 354 27.26 48.17 -6.05
C LEU C 354 27.44 47.53 -7.42
N LYS C 355 27.48 48.36 -8.46
CA LYS C 355 27.67 47.88 -9.82
C LYS C 355 29.11 48.08 -10.26
N THR C 356 29.38 47.87 -11.54
CA THR C 356 30.72 48.01 -12.09
C THR C 356 31.17 49.46 -12.11
N ASN C 357 30.26 50.36 -12.47
CA ASN C 357 30.57 51.78 -12.54
C ASN C 357 30.57 52.45 -11.16
N GLY C 358 30.18 51.69 -10.14
CA GLY C 358 30.13 52.21 -8.78
C GLY C 358 28.75 52.06 -8.17
N PRO C 359 28.60 52.55 -6.93
CA PRO C 359 27.32 52.50 -6.21
C PRO C 359 26.19 53.15 -7.00
N ARG C 360 24.97 52.67 -6.79
CA ARG C 360 23.81 53.19 -7.52
C ARG C 360 22.52 52.95 -6.75
N LYS C 361 21.74 54.00 -6.55
CA LYS C 361 20.47 53.90 -5.84
C LYS C 361 19.43 53.18 -6.69
N ILE C 362 18.89 52.09 -6.15
CA ILE C 362 17.88 51.30 -6.86
C ILE C 362 16.49 51.55 -6.30
N GLY C 363 16.41 52.39 -5.27
CA GLY C 363 15.14 52.71 -4.64
C GLY C 363 15.33 53.27 -3.24
N TYR C 364 14.22 53.45 -2.53
CA TYR C 364 14.26 53.98 -1.17
C TYR C 364 13.32 53.22 -0.25
N TRP C 365 13.37 53.53 1.03
CA TRP C 365 12.52 52.87 2.02
C TRP C 365 11.85 53.89 2.92
N SER C 366 10.51 53.90 2.91
CA SER C 366 9.75 54.77 3.77
C SER C 366 9.09 53.97 4.88
N GLU C 367 8.98 54.56 6.06
CA GLU C 367 8.37 53.90 7.21
C GLU C 367 6.89 53.60 6.95
N VAL C 368 6.34 54.21 5.91
CA VAL C 368 4.92 54.06 5.60
C VAL C 368 4.68 53.40 4.26
N ASP C 369 5.71 53.40 3.41
CA ASP C 369 5.58 52.85 2.06
C ASP C 369 6.49 51.65 1.85
N LYS C 370 7.20 51.25 2.90
CA LYS C 370 8.17 50.16 2.80
C LYS C 370 9.18 50.46 1.69
N MET C 371 9.56 49.43 0.94
CA MET C 371 10.51 49.60 -0.15
C MET C 371 9.83 50.01 -1.45
N VAL C 372 10.41 50.98 -2.14
CA VAL C 372 9.89 51.44 -3.43
C VAL C 372 11.05 51.65 -4.41
N LEU C 373 11.07 50.84 -5.47
CA LEU C 373 12.16 50.87 -6.43
C LEU C 373 12.12 52.08 -7.36
N THR C 374 13.23 52.36 -8.02
CA THR C 374 13.32 53.50 -8.93
C THR C 374 13.59 53.03 -10.36
N GLU C 375 14.22 51.86 -10.49
CA GLU C 375 14.54 51.31 -11.79
C GLU C 375 15.37 52.28 -12.62
N ASP C 376 16.66 52.35 -12.33
CA ASP C 376 17.57 53.24 -13.05
C ASP C 376 18.22 52.53 -14.22
N ASP C 377 17.39 51.89 -15.06
CA ASP C 377 17.90 51.18 -16.22
C ASP C 377 18.92 52.01 -16.98
N THR C 378 18.66 53.30 -17.11
CA THR C 378 19.57 54.20 -17.81
C THR C 378 20.94 54.20 -17.17
N SER C 379 21.04 53.65 -15.97
CA SER C 379 22.31 53.58 -15.25
C SER C 379 23.36 52.82 -16.06
N GLY C 380 22.95 52.32 -17.23
CA GLY C 380 23.85 51.57 -18.09
C GLY C 380 23.40 50.15 -18.30
N LEU C 381 22.44 49.96 -19.21
CA LEU C 381 21.91 48.63 -19.51
C LEU C 381 22.99 47.76 -20.15
N GLU C 382 24.25 48.05 -19.86
CA GLU C 382 25.37 47.29 -20.41
C GLU C 382 25.11 45.79 -20.32
N GLN C 383 24.37 45.27 -21.29
CA GLN C 383 24.05 43.84 -21.33
C GLN C 383 25.27 42.99 -21.03
N LYS C 384 25.35 42.47 -19.81
CA LYS C 384 26.46 41.64 -19.40
C LYS C 384 26.52 40.34 -20.20
N THR C 385 27.07 39.29 -19.59
CA THR C 385 27.18 38.01 -20.25
C THR C 385 26.39 36.93 -19.52
N VAL C 386 26.84 35.68 -19.62
CA VAL C 386 26.17 34.57 -18.96
C VAL C 386 27.13 33.39 -18.75
N VAL C 387 27.20 32.91 -17.51
CA VAL C 387 28.04 31.76 -17.20
C VAL C 387 27.29 30.46 -17.47
N VAL C 388 27.71 29.75 -18.52
CA VAL C 388 27.07 28.50 -18.89
C VAL C 388 27.87 27.30 -18.41
N THR C 389 27.31 26.54 -17.48
CA THR C 389 27.97 25.35 -16.97
C THR C 389 27.56 24.12 -17.77
N THR C 390 28.52 23.21 -17.98
CA THR C 390 28.26 21.99 -18.74
C THR C 390 29.26 20.91 -18.38
N ILE C 391 28.92 19.66 -18.68
CA ILE C 391 29.79 18.53 -18.35
C ILE C 391 30.44 17.97 -19.61
N LEU C 392 31.63 17.40 -19.45
CA LEU C 392 32.34 16.78 -20.56
C LEU C 392 31.80 15.38 -20.84
N GLU C 393 30.86 15.30 -21.77
CA GLU C 393 30.24 14.02 -22.12
C GLU C 393 29.99 13.95 -23.63
N SER C 394 30.66 13.02 -24.30
CA SER C 394 30.52 12.86 -25.74
C SER C 394 29.15 12.28 -26.08
N PRO C 395 28.55 12.75 -27.18
CA PRO C 395 29.10 13.80 -28.05
C PRO C 395 28.47 15.15 -27.79
N TYR C 396 28.06 15.40 -26.55
CA TYR C 396 27.42 16.66 -26.19
C TYR C 396 28.44 17.79 -26.05
N VAL C 397 29.47 17.55 -25.24
CA VAL C 397 30.55 18.52 -25.06
C VAL C 397 31.90 17.83 -25.02
N MET C 398 32.72 18.07 -26.04
CA MET C 398 34.02 17.43 -26.15
C MET C 398 35.11 18.46 -26.41
N MET C 399 36.35 18.11 -26.10
CA MET C 399 37.48 18.97 -26.36
C MET C 399 37.86 18.91 -27.84
N LYS C 400 37.85 20.05 -28.51
CA LYS C 400 38.21 20.12 -29.92
C LYS C 400 39.61 19.57 -30.14
N LYS C 401 39.88 19.15 -31.38
CA LYS C 401 41.18 18.59 -31.72
C LYS C 401 42.33 19.45 -31.21
N ASN C 402 42.51 20.62 -31.83
CA ASN C 402 43.54 21.55 -31.41
C ASN C 402 43.05 22.51 -30.34
N HIS C 403 42.55 21.96 -29.25
CA HIS C 403 42.02 22.76 -28.15
C HIS C 403 43.13 23.53 -27.43
N GLU C 404 44.36 23.03 -27.54
CA GLU C 404 45.50 23.66 -26.91
C GLU C 404 45.88 24.96 -27.62
N MET C 405 45.52 25.05 -28.90
CA MET C 405 45.81 26.24 -29.69
C MET C 405 44.60 27.18 -29.75
N LEU C 406 43.58 26.85 -28.97
CA LEU C 406 42.36 27.66 -28.94
C LEU C 406 42.06 28.13 -27.52
N GLU C 407 41.11 29.07 -27.41
CA GLU C 407 40.71 29.61 -26.12
C GLU C 407 39.23 29.96 -26.11
N GLY C 408 38.69 30.23 -24.93
CA GLY C 408 37.30 30.60 -24.78
C GLY C 408 36.34 29.46 -25.10
N ASN C 409 35.29 29.77 -25.85
CA ASN C 409 34.29 28.78 -26.21
C ASN C 409 34.68 27.95 -27.42
N GLU C 410 35.69 28.43 -28.17
CA GLU C 410 36.14 27.74 -29.36
C GLU C 410 36.84 26.43 -29.01
N ARG C 411 37.19 26.26 -27.75
CA ARG C 411 37.89 25.07 -27.28
C ARG C 411 36.99 23.84 -27.34
N TYR C 412 35.68 24.05 -27.19
CA TYR C 412 34.75 22.94 -27.10
C TYR C 412 33.89 22.77 -28.35
N GLU C 413 33.38 21.55 -28.53
CA GLU C 413 32.51 21.23 -29.65
C GLU C 413 31.58 20.08 -29.27
N GLY C 414 30.36 20.11 -29.78
CA GLY C 414 29.41 19.05 -29.50
C GLY C 414 27.95 19.50 -29.62
N TYR C 415 27.04 18.59 -29.31
CA TYR C 415 25.61 18.85 -29.40
C TYR C 415 25.21 20.03 -28.52
N CYS C 416 25.60 19.98 -27.25
CA CYS C 416 25.26 21.04 -26.30
C CYS C 416 25.99 22.34 -26.60
N VAL C 417 27.20 22.23 -27.15
CA VAL C 417 27.98 23.41 -27.52
C VAL C 417 27.25 24.19 -28.60
N ASP C 418 26.67 23.48 -29.56
CA ASP C 418 25.88 24.11 -30.61
C ASP C 418 24.54 24.57 -30.06
N LEU C 419 23.96 23.76 -29.18
CA LEU C 419 22.67 24.09 -28.57
C LEU C 419 22.78 25.37 -27.74
N ALA C 420 23.97 25.59 -27.18
CA ALA C 420 24.21 26.80 -26.39
C ALA C 420 24.14 28.04 -27.26
N ALA C 421 24.86 28.00 -28.39
CA ALA C 421 24.87 29.12 -29.32
C ALA C 421 23.48 29.43 -29.83
N GLU C 422 22.69 28.39 -30.08
CA GLU C 422 21.33 28.56 -30.57
C GLU C 422 20.45 29.23 -29.51
N ILE C 423 20.52 28.74 -28.28
CA ILE C 423 19.75 29.31 -27.18
C ILE C 423 20.15 30.76 -26.96
N ALA C 424 21.44 31.03 -27.01
CA ALA C 424 21.97 32.38 -26.79
C ALA C 424 21.53 33.34 -27.89
N LYS C 425 21.31 32.81 -29.08
CA LYS C 425 20.90 33.62 -30.23
C LYS C 425 19.44 34.04 -30.12
N HIS C 426 18.60 33.13 -29.64
CA HIS C 426 17.17 33.39 -29.52
C HIS C 426 16.83 34.14 -28.23
N CYS C 427 17.72 34.08 -27.26
CA CYS C 427 17.53 34.78 -25.99
C CYS C 427 18.33 36.07 -25.95
N GLY C 428 19.28 36.21 -26.88
CA GLY C 428 20.09 37.40 -26.99
C GLY C 428 20.98 37.64 -25.80
N PHE C 429 22.11 36.93 -25.75
CA PHE C 429 23.09 37.13 -24.68
C PHE C 429 24.42 36.45 -25.01
N LYS C 430 25.50 37.05 -24.52
CA LYS C 430 26.83 36.45 -24.65
C LYS C 430 27.05 35.46 -23.52
N TYR C 431 27.86 34.44 -23.75
CA TYR C 431 28.08 33.42 -22.74
C TYR C 431 29.52 32.90 -22.71
N LYS C 432 29.88 32.26 -21.60
CA LYS C 432 31.20 31.67 -21.45
C LYS C 432 31.07 30.22 -21.00
N LEU C 433 31.36 29.29 -21.92
CA LEU C 433 31.28 27.87 -21.61
C LEU C 433 32.29 27.47 -20.55
N THR C 434 31.79 26.87 -19.47
CA THR C 434 32.65 26.42 -18.38
C THR C 434 32.31 24.99 -17.97
N ILE C 435 33.34 24.19 -17.72
CA ILE C 435 33.15 22.82 -17.29
C ILE C 435 33.01 22.73 -15.78
N VAL C 436 32.00 21.99 -15.31
CA VAL C 436 31.76 21.83 -13.90
C VAL C 436 32.98 21.24 -13.18
N GLY C 437 33.25 21.74 -11.98
CA GLY C 437 34.41 21.31 -11.23
C GLY C 437 34.49 19.82 -10.98
N ASP C 438 33.64 19.32 -10.09
CA ASP C 438 33.65 17.91 -9.71
C ASP C 438 33.30 16.99 -10.87
N GLY C 439 32.76 17.55 -11.93
CA GLY C 439 32.42 16.78 -13.12
C GLY C 439 31.23 15.87 -12.94
N LYS C 440 30.34 16.25 -12.02
CA LYS C 440 29.12 15.49 -11.78
C LYS C 440 27.91 16.21 -12.39
N TYR C 441 26.77 15.52 -12.44
CA TYR C 441 25.56 16.09 -13.00
C TYR C 441 24.78 16.90 -11.97
N GLY C 442 24.10 16.21 -11.06
CA GLY C 442 23.32 16.87 -10.03
C GLY C 442 22.69 15.91 -9.03
N ALA C 443 23.42 15.61 -7.97
CA ALA C 443 22.92 14.74 -6.92
C ALA C 443 22.88 15.47 -5.58
N ARG C 444 22.34 14.83 -4.57
CA ARG C 444 22.24 15.44 -3.25
C ARG C 444 22.68 14.50 -2.14
N ASP C 445 23.87 14.75 -1.59
CA ASP C 445 24.38 13.96 -0.48
C ASP C 445 23.41 14.00 0.69
N ALA C 446 22.94 12.83 1.10
CA ALA C 446 21.94 12.73 2.17
C ALA C 446 22.39 13.43 3.45
N ASP C 447 23.63 13.17 3.86
CA ASP C 447 24.16 13.72 5.10
C ASP C 447 24.30 15.24 5.07
N THR C 448 25.25 15.72 4.28
CA THR C 448 25.54 17.15 4.20
C THR C 448 24.40 17.94 3.55
N LYS C 449 23.52 17.24 2.85
CA LYS C 449 22.40 17.87 2.17
C LYS C 449 22.90 18.92 1.17
N ILE C 450 24.05 18.65 0.56
CA ILE C 450 24.65 19.57 -0.39
C ILE C 450 24.52 19.08 -1.82
N TRP C 451 24.17 19.98 -2.73
CA TRP C 451 24.08 19.65 -4.14
C TRP C 451 25.46 19.70 -4.79
N ASN C 452 25.71 18.79 -5.71
CA ASN C 452 26.99 18.75 -6.42
C ASN C 452 26.79 18.80 -7.94
N GLY C 453 27.88 18.99 -8.67
CA GLY C 453 27.82 19.06 -10.11
C GLY C 453 27.20 20.35 -10.61
N MET C 454 26.61 20.29 -11.81
CA MET C 454 26.02 21.47 -12.42
C MET C 454 24.83 21.99 -11.61
N VAL C 455 23.94 21.09 -11.24
CA VAL C 455 22.78 21.45 -10.43
C VAL C 455 23.22 22.21 -9.18
N GLY C 456 24.38 21.83 -8.65
CA GLY C 456 24.94 22.50 -7.49
C GLY C 456 25.38 23.91 -7.80
N GLU C 457 26.19 24.05 -8.84
CA GLU C 457 26.72 25.35 -9.25
C GLU C 457 25.60 26.34 -9.59
N LEU C 458 24.40 25.82 -9.82
CA LEU C 458 23.25 26.67 -10.11
C LEU C 458 22.63 27.20 -8.82
N VAL C 459 22.45 26.31 -7.86
CA VAL C 459 21.82 26.65 -6.59
C VAL C 459 22.68 27.58 -5.75
N TYR C 460 24.00 27.49 -5.92
CA TYR C 460 24.93 28.27 -5.11
C TYR C 460 25.50 29.47 -5.87
N GLY C 461 24.87 29.80 -6.99
CA GLY C 461 25.21 31.01 -7.73
C GLY C 461 26.52 30.99 -8.48
N LYS C 462 27.06 29.80 -8.71
CA LYS C 462 28.32 29.66 -9.44
C LYS C 462 28.11 29.87 -10.94
N ALA C 463 26.95 29.47 -11.44
CA ALA C 463 26.62 29.62 -12.85
C ALA C 463 25.24 30.21 -13.04
N ASP C 464 24.97 30.70 -14.25
CA ASP C 464 23.69 31.33 -14.55
C ASP C 464 22.73 30.37 -15.25
N ILE C 465 23.29 29.35 -15.90
CA ILE C 465 22.48 28.41 -16.66
C ILE C 465 23.25 27.12 -16.93
N ALA C 466 22.53 26.02 -17.08
CA ALA C 466 23.13 24.73 -17.33
C ALA C 466 22.66 24.12 -18.64
N ILE C 467 23.56 24.07 -19.62
CA ILE C 467 23.25 23.47 -20.91
C ILE C 467 24.02 22.17 -21.10
N ALA C 468 23.38 21.06 -20.75
CA ALA C 468 24.02 19.75 -20.81
C ALA C 468 22.95 18.66 -20.79
N PRO C 469 23.35 17.39 -20.94
CA PRO C 469 22.39 16.29 -20.86
C PRO C 469 21.88 16.09 -19.44
N LEU C 470 21.31 17.13 -18.84
CA LEU C 470 20.81 17.05 -17.48
C LEU C 470 19.40 16.48 -17.45
N THR C 471 19.24 15.34 -16.79
CA THR C 471 17.95 14.67 -16.70
C THR C 471 16.96 15.50 -15.88
N ILE C 472 15.73 15.57 -16.35
CA ILE C 472 14.68 16.30 -15.63
C ILE C 472 14.04 15.40 -14.58
N THR C 473 14.51 15.52 -13.35
CA THR C 473 14.01 14.70 -12.24
C THR C 473 13.24 15.55 -11.23
N LEU C 474 12.33 14.90 -10.51
CA LEU C 474 11.53 15.58 -9.50
C LEU C 474 12.39 16.21 -8.42
N VAL C 475 13.42 15.47 -7.98
CA VAL C 475 14.30 15.95 -6.92
C VAL C 475 15.02 17.24 -7.31
N ARG C 476 15.21 17.45 -8.60
CA ARG C 476 15.90 18.63 -9.10
C ARG C 476 14.92 19.76 -9.42
N GLU C 477 13.76 19.39 -9.94
CA GLU C 477 12.74 20.37 -10.32
C GLU C 477 12.30 21.20 -9.10
N GLU C 478 12.60 20.67 -7.91
CA GLU C 478 12.22 21.34 -6.67
C GLU C 478 13.17 22.49 -6.34
N VAL C 479 14.43 22.34 -6.72
CA VAL C 479 15.45 23.34 -6.39
C VAL C 479 15.76 24.27 -7.56
N ILE C 480 15.66 23.76 -8.78
CA ILE C 480 15.94 24.55 -9.97
C ILE C 480 14.78 24.48 -10.96
N ASP C 481 14.92 25.17 -12.09
CA ASP C 481 13.90 25.19 -13.12
C ASP C 481 14.38 24.47 -14.38
N PHE C 482 13.55 23.58 -14.90
CA PHE C 482 13.87 22.85 -16.12
C PHE C 482 12.99 23.32 -17.27
N SER C 483 13.63 23.72 -18.38
CA SER C 483 12.89 24.03 -19.59
C SER C 483 12.32 22.73 -20.16
N LYS C 484 11.42 22.86 -21.14
CA LYS C 484 10.88 21.68 -21.80
C LYS C 484 12.01 20.83 -22.36
N PRO C 485 11.79 19.51 -22.45
CA PRO C 485 12.84 18.59 -22.91
C PRO C 485 13.32 18.92 -24.32
N PHE C 486 14.64 18.99 -24.49
CA PHE C 486 15.20 19.22 -25.82
C PHE C 486 15.65 17.91 -26.45
N MET C 487 15.38 16.81 -25.74
CA MET C 487 15.74 15.47 -26.22
C MET C 487 15.15 14.39 -25.34
N SER C 488 14.14 13.70 -25.86
CA SER C 488 13.49 12.61 -25.12
C SER C 488 14.28 11.31 -25.28
N LEU C 489 14.43 10.58 -24.18
CA LEU C 489 15.19 9.34 -24.19
C LEU C 489 14.62 8.31 -23.22
N GLY C 490 15.43 7.30 -22.90
CA GLY C 490 15.04 6.25 -21.99
C GLY C 490 16.10 5.17 -21.87
N ILE C 491 15.75 4.07 -21.23
CA ILE C 491 16.67 2.94 -21.07
C ILE C 491 16.54 1.96 -22.23
N SER C 492 17.67 1.61 -22.85
CA SER C 492 17.66 0.74 -24.02
C SER C 492 18.50 -0.51 -23.80
N ILE C 493 18.49 -1.40 -24.81
CA ILE C 493 19.24 -2.65 -24.75
C ILE C 493 20.35 -2.67 -25.79
N MET C 494 21.55 -3.08 -25.38
CA MET C 494 22.68 -3.16 -26.29
C MET C 494 23.20 -4.59 -26.42
N ILE C 495 23.22 -5.10 -27.65
CA ILE C 495 23.72 -6.45 -27.92
C ILE C 495 24.87 -6.41 -28.92
N LYS C 496 25.53 -7.55 -29.10
CA LYS C 496 26.66 -7.63 -30.03
C LYS C 496 26.17 -7.89 -31.45
N LYS C 497 26.69 -7.11 -32.39
CA LYS C 497 26.32 -7.24 -33.79
C LYS C 497 26.33 -8.70 -34.23
N PRO C 498 25.12 -9.23 -34.64
CA PRO C 498 25.18 -10.63 -35.06
C PRO C 498 25.25 -10.77 -36.58
N GLN C 499 25.80 -11.88 -37.05
CA GLN C 499 25.92 -12.13 -38.48
C GLN C 499 26.84 -13.31 -38.77
N LYS C 500 26.49 -14.08 -39.79
CA LYS C 500 27.29 -15.25 -40.17
C LYS C 500 26.57 -16.07 -41.24
N SER C 501 27.36 -16.83 -42.01
CA SER C 501 26.80 -17.67 -43.07
C SER C 501 27.92 -18.23 -43.96
N LYS C 502 27.64 -19.36 -44.60
CA LYS C 502 28.60 -20.00 -45.48
C LYS C 502 28.07 -21.32 -46.02
N PRO C 503 28.73 -21.83 -47.14
CA PRO C 503 28.19 -23.11 -47.62
C PRO C 503 29.02 -24.29 -47.14
N GLY C 504 30.07 -24.62 -47.88
CA GLY C 504 30.94 -25.73 -47.52
C GLY C 504 30.24 -27.07 -47.65
N VAL C 505 30.91 -28.02 -48.29
CA VAL C 505 30.35 -29.35 -48.49
C VAL C 505 30.18 -30.06 -47.14
N PHE C 506 30.71 -29.43 -46.09
CA PHE C 506 30.63 -29.99 -44.73
C PHE C 506 29.25 -29.81 -44.09
N SER C 507 28.32 -29.24 -44.84
CA SER C 507 26.94 -29.13 -44.37
C SER C 507 26.15 -30.35 -44.83
N PHE C 508 26.84 -31.23 -45.55
CA PHE C 508 26.23 -32.47 -46.06
C PHE C 508 26.73 -33.65 -45.23
N LEU C 509 27.93 -33.51 -44.68
CA LEU C 509 28.52 -34.54 -43.83
C LEU C 509 28.05 -34.41 -42.39
N ASP C 510 27.38 -33.29 -42.09
CA ASP C 510 26.89 -33.04 -40.74
C ASP C 510 25.60 -33.79 -40.44
N PRO C 511 24.60 -33.61 -41.31
CA PRO C 511 23.31 -34.29 -41.15
C PRO C 511 23.71 -35.74 -41.00
N LEU C 512 24.45 -36.23 -41.97
CA LEU C 512 24.96 -37.59 -41.90
C LEU C 512 26.40 -37.51 -41.40
N ALA C 513 26.61 -38.08 -40.21
CA ALA C 513 27.86 -38.02 -39.48
C ALA C 513 29.00 -38.58 -40.30
N TYR C 514 30.19 -38.04 -40.08
CA TYR C 514 31.38 -38.52 -40.78
C TYR C 514 31.56 -40.02 -40.56
N GLU C 515 31.21 -40.47 -39.37
CA GLU C 515 31.35 -41.88 -39.01
C GLU C 515 30.39 -42.73 -39.83
N ILE C 516 29.23 -42.16 -40.13
CA ILE C 516 28.21 -42.87 -40.90
C ILE C 516 28.55 -42.90 -42.38
N TRP C 517 29.08 -41.80 -42.91
CA TRP C 517 29.53 -41.77 -44.30
C TRP C 517 30.60 -42.82 -44.53
N MET C 518 31.41 -43.05 -43.49
CA MET C 518 32.49 -44.03 -43.57
C MET C 518 31.94 -45.45 -43.66
N CYS C 519 31.12 -45.84 -42.68
CA CYS C 519 30.57 -47.18 -42.63
C CYS C 519 29.72 -47.51 -43.86
N ILE C 520 28.99 -46.53 -44.36
CA ILE C 520 28.17 -46.73 -45.55
C ILE C 520 29.05 -46.97 -46.77
N VAL C 521 30.30 -46.55 -46.68
CA VAL C 521 31.28 -46.78 -47.75
C VAL C 521 31.97 -48.13 -47.55
N PHE C 522 32.23 -48.48 -46.29
CA PHE C 522 32.82 -49.77 -45.97
C PHE C 522 31.87 -50.91 -46.33
N ALA C 523 30.60 -50.74 -46.01
CA ALA C 523 29.57 -51.71 -46.37
C ALA C 523 29.32 -51.67 -47.88
N TYR C 524 29.61 -50.51 -48.48
CA TYR C 524 29.48 -50.34 -49.91
C TYR C 524 30.41 -51.30 -50.66
N ILE C 525 31.70 -51.24 -50.31
CA ILE C 525 32.67 -52.15 -50.90
C ILE C 525 32.53 -53.54 -50.29
N GLY C 526 31.84 -53.59 -49.15
CA GLY C 526 31.60 -54.86 -48.47
C GLY C 526 30.55 -55.69 -49.20
N VAL C 527 29.77 -55.02 -50.05
CA VAL C 527 28.76 -55.70 -50.85
C VAL C 527 29.28 -55.99 -52.26
N SER C 528 30.07 -55.06 -52.79
CA SER C 528 30.66 -55.21 -54.11
C SER C 528 31.72 -56.31 -54.10
N VAL C 529 32.15 -56.71 -52.91
CA VAL C 529 33.12 -57.80 -52.77
C VAL C 529 32.39 -59.13 -52.58
N VAL C 530 31.24 -59.08 -51.92
CA VAL C 530 30.42 -60.27 -51.72
C VAL C 530 29.82 -60.70 -53.06
N LEU C 531 29.34 -59.72 -53.83
CA LEU C 531 28.83 -59.98 -55.17
C LEU C 531 29.94 -60.46 -56.08
N PHE C 532 31.15 -59.94 -55.84
CA PHE C 532 32.32 -60.31 -56.64
C PHE C 532 32.65 -61.79 -56.49
N LEU C 533 32.27 -62.37 -55.35
CA LEU C 533 32.53 -63.79 -55.09
C LEU C 533 31.44 -64.67 -55.69
N VAL C 534 30.36 -64.05 -56.14
CA VAL C 534 29.24 -64.78 -56.72
C VAL C 534 29.55 -65.23 -58.16
N SER C 535 30.00 -64.28 -58.97
CA SER C 535 30.32 -64.58 -60.36
C SER C 535 31.49 -65.56 -60.46
N THR C 559 42.81 -64.97 -65.96
CA THR C 559 41.93 -65.18 -64.82
C THR C 559 41.99 -64.00 -63.85
N ASN C 560 43.14 -63.35 -63.79
CA ASN C 560 43.32 -62.19 -62.91
C ASN C 560 42.57 -60.96 -63.43
N GLU C 561 42.57 -60.79 -64.75
CA GLU C 561 41.87 -59.68 -65.37
C GLU C 561 40.37 -59.90 -65.35
N PHE C 562 39.97 -61.17 -65.44
CA PHE C 562 38.55 -61.54 -65.38
C PHE C 562 37.95 -61.12 -64.04
N GLY C 563 38.79 -61.05 -63.01
CA GLY C 563 38.37 -60.62 -61.71
C GLY C 563 38.32 -59.11 -61.59
N ILE C 564 39.11 -58.44 -62.44
CA ILE C 564 39.13 -56.99 -62.45
C ILE C 564 37.92 -56.43 -63.18
N PHE C 565 37.60 -57.03 -64.32
CA PHE C 565 36.44 -56.61 -65.10
C PHE C 565 35.16 -56.84 -64.32
N ASN C 566 35.14 -57.90 -63.52
CA ASN C 566 33.99 -58.23 -62.68
C ASN C 566 33.89 -57.30 -61.48
N SER C 567 35.03 -57.03 -60.86
CA SER C 567 35.09 -56.13 -59.71
C SER C 567 34.67 -54.72 -60.11
N LEU C 568 34.83 -54.39 -61.38
CA LEU C 568 34.42 -53.10 -61.90
C LEU C 568 32.94 -53.13 -62.27
N TRP C 569 32.43 -54.33 -62.52
CA TRP C 569 31.01 -54.51 -62.84
C TRP C 569 30.18 -54.52 -61.57
N PHE C 570 30.72 -55.12 -60.50
CA PHE C 570 30.06 -55.14 -59.21
C PHE C 570 30.16 -53.78 -58.55
N SER C 571 31.17 -53.00 -58.95
CA SER C 571 31.32 -51.64 -58.47
C SER C 571 30.33 -50.73 -59.19
N LEU C 572 29.88 -51.17 -60.36
CA LEU C 572 28.86 -50.46 -61.11
C LEU C 572 27.49 -50.88 -60.59
N GLY C 573 27.40 -52.12 -60.14
CA GLY C 573 26.21 -52.59 -59.46
C GLY C 573 26.19 -52.02 -58.05
N ALA C 574 27.32 -51.44 -57.66
CA ALA C 574 27.45 -50.76 -56.38
C ALA C 574 27.01 -49.30 -56.52
N PHE C 575 27.73 -48.56 -57.37
CA PHE C 575 27.29 -47.23 -57.77
C PHE C 575 25.80 -47.35 -58.06
N MET C 576 24.99 -46.82 -57.15
CA MET C 576 23.60 -47.26 -56.99
C MET C 576 22.60 -46.91 -58.10
N GLN C 577 21.49 -47.64 -58.07
CA GLN C 577 20.33 -47.37 -58.92
C GLN C 577 19.07 -47.71 -58.13
N PRO C 584 20.21 -62.72 -63.51
CA PRO C 584 18.78 -63.01 -63.37
C PRO C 584 18.41 -63.30 -61.92
N ARG C 585 17.65 -64.37 -61.71
CA ARG C 585 17.16 -64.72 -60.38
C ARG C 585 18.14 -65.61 -59.61
N SER C 586 19.35 -65.10 -59.39
CA SER C 586 20.33 -65.79 -58.56
C SER C 586 20.03 -65.50 -57.09
N LEU C 587 19.15 -66.30 -56.50
CA LEU C 587 18.66 -66.08 -55.14
C LEU C 587 19.73 -65.58 -54.17
N SER C 588 20.92 -66.15 -54.26
CA SER C 588 22.03 -65.76 -53.40
C SER C 588 22.24 -64.25 -53.41
N GLY C 589 22.84 -63.75 -54.49
CA GLY C 589 23.10 -62.33 -54.62
C GLY C 589 21.84 -61.50 -54.81
N ARG C 590 20.72 -62.19 -54.99
CA ARG C 590 19.43 -61.52 -55.19
C ARG C 590 18.98 -60.81 -53.92
N ILE C 591 18.97 -61.53 -52.81
CA ILE C 591 18.57 -60.96 -51.53
C ILE C 591 19.58 -59.91 -51.05
N VAL C 592 20.81 -60.02 -51.56
CA VAL C 592 21.84 -59.04 -51.25
C VAL C 592 21.46 -57.67 -51.83
N GLY C 593 21.01 -57.68 -53.09
CA GLY C 593 20.59 -56.46 -53.75
C GLY C 593 19.35 -55.88 -53.10
N GLY C 594 18.47 -56.75 -52.61
CA GLY C 594 17.25 -56.34 -51.95
C GLY C 594 17.51 -55.73 -50.58
N VAL C 595 18.32 -56.42 -49.79
CA VAL C 595 18.65 -55.94 -48.44
C VAL C 595 19.48 -54.66 -48.50
N TRP C 596 20.40 -54.60 -49.46
CA TRP C 596 21.21 -53.40 -49.65
C TRP C 596 20.34 -52.22 -50.07
N TRP C 597 19.30 -52.51 -50.83
CA TRP C 597 18.36 -51.49 -51.26
C TRP C 597 17.55 -50.98 -50.08
N PHE C 598 17.09 -51.89 -49.24
CA PHE C 598 16.34 -51.52 -48.04
C PHE C 598 17.24 -50.75 -47.08
N PHE C 599 18.53 -51.07 -47.10
CA PHE C 599 19.51 -50.39 -46.26
C PHE C 599 19.68 -48.93 -46.69
N THR C 600 19.93 -48.72 -47.97
CA THR C 600 20.12 -47.37 -48.50
C THR C 600 18.83 -46.57 -48.44
N LEU C 601 17.69 -47.26 -48.52
CA LEU C 601 16.39 -46.61 -48.42
C LEU C 601 16.24 -45.93 -47.06
N ILE C 602 16.58 -46.66 -46.01
CA ILE C 602 16.50 -46.13 -44.65
C ILE C 602 17.43 -44.94 -44.47
N ILE C 603 18.66 -45.06 -44.96
CA ILE C 603 19.65 -44.01 -44.82
C ILE C 603 19.23 -42.72 -45.51
N ILE C 604 18.86 -42.80 -46.78
CA ILE C 604 18.43 -41.62 -47.53
C ILE C 604 17.17 -41.01 -46.93
N SER C 605 16.35 -41.85 -46.32
CA SER C 605 15.16 -41.37 -45.62
C SER C 605 15.55 -40.63 -44.35
N SER C 606 16.54 -41.17 -43.65
CA SER C 606 17.06 -40.54 -42.44
C SER C 606 17.70 -39.19 -42.78
N TYR C 607 18.52 -39.17 -43.82
CA TYR C 607 19.17 -37.94 -44.25
C TYR C 607 18.14 -36.86 -44.58
N THR C 608 17.10 -37.25 -45.30
CA THR C 608 16.06 -36.32 -45.70
C THR C 608 15.30 -35.78 -44.49
N ALA C 609 14.88 -36.68 -43.61
CA ALA C 609 14.15 -36.29 -42.40
C ALA C 609 14.99 -35.37 -41.52
N ASN C 610 16.23 -35.77 -41.27
CA ASN C 610 17.13 -34.99 -40.43
C ASN C 610 17.42 -33.61 -41.02
N LEU C 611 17.60 -33.55 -42.33
CA LEU C 611 17.86 -32.30 -43.02
C LEU C 611 16.67 -31.35 -42.90
N ALA C 612 15.48 -31.91 -42.77
CA ALA C 612 14.26 -31.11 -42.64
C ALA C 612 14.22 -30.46 -41.27
N ALA C 613 14.79 -31.17 -40.30
CA ALA C 613 14.82 -30.74 -38.91
C ALA C 613 15.83 -29.63 -38.69
N PHE C 614 16.91 -29.65 -39.46
CA PHE C 614 17.95 -28.63 -39.33
C PHE C 614 17.47 -27.28 -39.86
N LEU C 615 16.46 -27.32 -40.73
CA LEU C 615 15.89 -26.10 -41.29
C LEU C 615 14.68 -25.64 -40.48
N THR C 616 13.98 -26.61 -39.89
CA THR C 616 12.84 -26.30 -39.03
C THR C 616 13.32 -25.62 -37.75
N VAL C 617 14.35 -26.17 -37.14
CA VAL C 617 14.94 -25.59 -35.94
C VAL C 617 15.63 -24.27 -36.26
N GLU C 618 16.17 -24.16 -37.47
CA GLU C 618 16.85 -22.95 -37.89
C GLU C 618 15.86 -21.81 -37.91
N ARG C 619 14.59 -22.14 -38.11
CA ARG C 619 13.56 -21.12 -38.09
C ARG C 619 13.02 -20.90 -36.69
N MET C 620 13.00 -21.97 -35.90
CA MET C 620 12.57 -21.88 -34.52
C MET C 620 13.33 -20.80 -33.74
N VAL C 621 14.63 -20.71 -33.99
CA VAL C 621 15.47 -19.72 -33.33
C VAL C 621 14.92 -18.31 -33.52
N SER C 622 14.70 -17.61 -32.42
CA SER C 622 14.17 -16.25 -32.47
C SER C 622 15.13 -15.27 -31.79
N PRO C 623 15.25 -14.03 -32.41
CA PRO C 623 16.18 -13.11 -31.73
C PRO C 623 15.44 -12.12 -30.84
N ILE C 624 16.12 -11.63 -29.81
CA ILE C 624 15.53 -10.66 -28.89
C ILE C 624 14.94 -9.47 -29.64
N GLU C 625 13.68 -9.17 -29.39
CA GLU C 625 13.01 -8.05 -30.03
C GLU C 625 12.65 -6.97 -29.03
N SER C 626 12.48 -7.36 -27.78
CA SER C 626 12.13 -6.42 -26.72
C SER C 626 12.71 -6.87 -25.37
N ALA C 627 12.40 -6.10 -24.32
CA ALA C 627 12.88 -6.42 -22.99
C ALA C 627 12.29 -7.73 -22.47
N GLU C 628 10.98 -7.90 -22.69
CA GLU C 628 10.29 -9.11 -22.25
C GLU C 628 11.03 -10.35 -22.74
N ASP C 629 11.80 -10.20 -23.81
CA ASP C 629 12.56 -11.31 -24.37
C ASP C 629 13.75 -11.67 -23.48
N LEU C 630 14.26 -10.68 -22.75
CA LEU C 630 15.37 -10.90 -21.84
C LEU C 630 14.95 -11.65 -20.59
N SER C 631 13.68 -11.49 -20.21
CA SER C 631 13.15 -12.13 -19.02
C SER C 631 12.67 -13.56 -19.30
N LYS C 632 12.19 -13.78 -20.51
CA LYS C 632 11.66 -15.09 -20.90
C LYS C 632 12.75 -16.12 -21.14
N GLN C 633 13.99 -15.65 -21.25
CA GLN C 633 15.12 -16.54 -21.50
C GLN C 633 16.25 -16.31 -20.49
N THR C 634 17.24 -17.21 -20.49
CA THR C 634 18.34 -17.13 -19.54
C THR C 634 19.69 -17.37 -20.22
N GLU C 635 19.65 -17.92 -21.42
CA GLU C 635 20.87 -18.22 -22.17
C GLU C 635 21.75 -16.98 -22.30
N ILE C 636 21.12 -15.84 -22.60
CA ILE C 636 21.85 -14.58 -22.75
C ILE C 636 21.77 -13.75 -21.48
N ALA C 637 22.90 -13.64 -20.78
CA ALA C 637 22.97 -12.85 -19.56
C ALA C 637 22.84 -11.37 -19.88
N TYR C 638 22.50 -10.58 -18.86
CA TYR C 638 22.35 -9.14 -19.04
C TYR C 638 22.43 -8.41 -17.70
N GLY C 639 22.88 -7.16 -17.74
CA GLY C 639 23.00 -6.35 -16.54
C GLY C 639 23.06 -4.86 -16.82
N THR C 640 23.23 -4.08 -15.77
CA THR C 640 23.31 -2.63 -15.90
C THR C 640 24.54 -2.10 -15.17
N LEU C 641 24.64 -0.78 -15.07
CA LEU C 641 25.73 -0.17 -14.33
C LEU C 641 25.54 -0.41 -12.84
N ASP C 642 26.63 -0.70 -12.14
CA ASP C 642 26.55 -1.03 -10.72
C ASP C 642 25.97 0.11 -9.87
N SER C 643 26.02 1.33 -10.41
CA SER C 643 25.48 2.49 -9.71
C SER C 643 24.93 3.52 -10.68
N GLY C 644 23.70 3.95 -10.46
CA GLY C 644 23.06 4.94 -11.31
C GLY C 644 21.56 4.76 -11.36
N SER C 645 20.89 5.71 -12.01
CA SER C 645 19.44 5.67 -12.12
C SER C 645 18.96 4.44 -12.88
N THR C 646 19.82 3.94 -13.78
CA THR C 646 19.49 2.77 -14.57
C THR C 646 19.28 1.55 -13.67
N LYS C 647 20.23 1.29 -12.79
CA LYS C 647 20.14 0.17 -11.87
C LYS C 647 19.03 0.38 -10.85
N GLU C 648 18.97 1.59 -10.29
CA GLU C 648 17.96 1.92 -9.28
C GLU C 648 16.56 1.86 -9.87
N PHE C 649 16.47 1.94 -11.20
CA PHE C 649 15.18 1.89 -11.88
C PHE C 649 14.53 0.51 -11.70
N PHE C 650 15.26 -0.53 -12.07
CA PHE C 650 14.76 -1.90 -11.96
C PHE C 650 14.48 -2.27 -10.51
N ARG C 651 15.34 -1.83 -9.60
CA ARG C 651 15.19 -2.13 -8.19
C ARG C 651 13.87 -1.62 -7.64
N ARG C 652 13.49 -0.41 -8.04
CA ARG C 652 12.29 0.23 -7.52
C ARG C 652 11.07 0.00 -8.42
N SER C 653 11.31 -0.51 -9.63
CA SER C 653 10.24 -0.73 -10.59
C SER C 653 9.27 -1.81 -10.12
N LYS C 654 7.98 -1.50 -10.15
CA LYS C 654 6.95 -2.45 -9.74
C LYS C 654 6.25 -3.05 -10.95
N ILE C 655 6.81 -2.82 -12.14
CA ILE C 655 6.25 -3.35 -13.37
C ILE C 655 6.57 -4.82 -13.52
N ALA C 656 5.63 -5.57 -14.09
CA ALA C 656 5.76 -7.03 -14.23
C ALA C 656 7.11 -7.46 -14.79
N VAL C 657 7.36 -7.11 -16.06
CA VAL C 657 8.58 -7.54 -16.75
C VAL C 657 9.85 -7.10 -16.02
N PHE C 658 9.96 -5.79 -15.77
CA PHE C 658 11.15 -5.23 -15.16
C PHE C 658 11.42 -5.83 -13.78
N ASP C 659 10.35 -6.29 -13.11
CA ASP C 659 10.49 -6.92 -11.80
C ASP C 659 11.35 -8.18 -11.89
N LYS C 660 10.92 -9.10 -12.75
CA LYS C 660 11.63 -10.35 -12.94
C LYS C 660 13.09 -10.10 -13.33
N MET C 661 13.29 -9.14 -14.23
CA MET C 661 14.63 -8.79 -14.68
C MET C 661 15.54 -8.43 -13.51
N TRP C 662 15.05 -7.60 -12.61
CA TRP C 662 15.81 -7.19 -11.44
C TRP C 662 16.09 -8.37 -10.53
N THR C 663 15.09 -9.22 -10.33
CA THR C 663 15.24 -10.41 -9.50
C THR C 663 16.42 -11.25 -10.00
N TYR C 664 16.53 -11.37 -11.31
CA TYR C 664 17.63 -12.12 -11.93
C TYR C 664 18.98 -11.44 -11.69
N MET C 665 19.06 -10.17 -12.07
CA MET C 665 20.30 -9.42 -11.95
C MET C 665 20.75 -9.26 -10.50
N ARG C 666 19.80 -9.27 -9.58
CA ARG C 666 20.09 -9.05 -8.17
C ARG C 666 20.90 -10.20 -7.56
N SER C 667 20.75 -11.40 -8.12
CA SER C 667 21.43 -12.57 -7.59
C SER C 667 22.20 -13.33 -8.66
N ALA C 668 22.36 -12.71 -9.82
CA ALA C 668 23.08 -13.34 -10.93
C ALA C 668 24.57 -13.44 -10.65
N GLU C 669 25.14 -14.62 -10.88
CA GLU C 669 26.56 -14.84 -10.67
C GLU C 669 27.21 -15.43 -11.93
N PRO C 670 28.37 -14.90 -12.33
CA PRO C 670 29.06 -13.77 -11.68
C PRO C 670 28.29 -12.46 -11.81
N SER C 671 28.84 -11.39 -11.24
CA SER C 671 28.20 -10.09 -11.27
C SER C 671 27.89 -9.64 -12.70
N VAL C 672 26.63 -9.33 -12.96
CA VAL C 672 26.20 -8.87 -14.27
C VAL C 672 26.34 -7.36 -14.38
N PHE C 673 26.72 -6.72 -13.28
CA PHE C 673 26.91 -5.27 -13.25
C PHE C 673 28.35 -4.90 -13.55
N VAL C 674 28.55 -3.80 -14.25
CA VAL C 674 29.88 -3.33 -14.60
C VAL C 674 30.24 -2.06 -13.85
N ARG C 675 31.53 -1.75 -13.81
CA ARG C 675 32.01 -0.56 -13.10
C ARG C 675 31.70 0.71 -13.88
N THR C 676 32.08 0.75 -15.15
CA THR C 676 31.84 1.90 -16.00
C THR C 676 31.09 1.50 -17.26
N THR C 677 30.67 2.49 -18.04
CA THR C 677 29.95 2.24 -19.28
C THR C 677 30.84 1.57 -20.32
N ALA C 678 32.13 1.92 -20.30
CA ALA C 678 33.09 1.33 -21.22
C ALA C 678 33.24 -0.16 -20.97
N GLU C 679 33.24 -0.55 -19.70
CA GLU C 679 33.35 -1.94 -19.31
C GLU C 679 32.15 -2.74 -19.81
N GLY C 680 30.97 -2.14 -19.71
CA GLY C 680 29.75 -2.79 -20.16
C GLY C 680 29.76 -3.07 -21.65
N VAL C 681 30.16 -2.07 -22.43
CA VAL C 681 30.25 -2.22 -23.87
C VAL C 681 31.28 -3.28 -24.24
N ALA C 682 32.40 -3.28 -23.54
CA ALA C 682 33.46 -4.25 -23.78
C ALA C 682 32.97 -5.67 -23.50
N ARG C 683 32.12 -5.81 -22.49
CA ARG C 683 31.56 -7.10 -22.11
C ARG C 683 30.63 -7.64 -23.19
N VAL C 684 29.95 -6.72 -23.87
CA VAL C 684 29.03 -7.11 -24.95
C VAL C 684 29.79 -7.47 -26.21
N ARG C 685 30.95 -6.85 -26.39
CA ARG C 685 31.76 -7.07 -27.59
C ARG C 685 32.66 -8.30 -27.47
N LYS C 686 32.77 -8.83 -26.26
CA LYS C 686 33.66 -9.96 -26.00
C LYS C 686 32.93 -11.21 -25.53
N SER C 687 31.60 -11.15 -25.52
CA SER C 687 30.79 -12.28 -25.07
C SER C 687 30.15 -13.03 -26.25
N LYS C 688 30.45 -12.58 -27.46
CA LYS C 688 29.92 -13.22 -28.67
C LYS C 688 28.39 -13.25 -28.67
N GLY C 689 27.77 -12.23 -28.07
CA GLY C 689 26.33 -12.12 -28.03
C GLY C 689 25.70 -12.88 -26.87
N LYS C 690 26.49 -13.16 -25.86
CA LYS C 690 26.00 -13.88 -24.69
C LYS C 690 25.66 -12.93 -23.55
N TYR C 691 26.05 -11.67 -23.71
CA TYR C 691 25.79 -10.66 -22.68
C TYR C 691 25.19 -9.38 -23.26
N ALA C 692 24.08 -8.94 -22.68
CA ALA C 692 23.44 -7.70 -23.09
C ALA C 692 23.64 -6.63 -22.02
N TYR C 693 23.76 -5.38 -22.45
CA TYR C 693 23.97 -4.27 -21.53
C TYR C 693 22.86 -3.24 -21.63
N LEU C 694 22.30 -2.86 -20.48
CA LEU C 694 21.22 -1.89 -20.43
C LEU C 694 21.74 -0.51 -20.05
N LEU C 695 21.48 0.48 -20.91
CA LEU C 695 21.97 1.83 -20.68
C LEU C 695 21.07 2.87 -21.35
N GLU C 696 21.39 4.14 -21.15
CA GLU C 696 20.63 5.24 -21.74
C GLU C 696 20.67 5.16 -23.26
N SER C 697 19.50 5.31 -23.88
CA SER C 697 19.38 5.22 -25.34
C SER C 697 20.32 6.21 -26.04
N THR C 698 20.43 7.41 -25.49
CA THR C 698 21.27 8.45 -26.08
C THR C 698 22.71 7.97 -26.27
N MET C 699 23.32 7.49 -25.19
CA MET C 699 24.69 7.02 -25.25
C MET C 699 24.80 5.75 -26.09
N ASN C 700 23.75 4.94 -26.05
CA ASN C 700 23.71 3.69 -26.82
C ASN C 700 23.73 3.96 -28.32
N GLU C 701 22.82 4.81 -28.78
CA GLU C 701 22.73 5.17 -30.19
C GLU C 701 24.08 5.67 -30.71
N TYR C 702 24.79 6.41 -29.86
CA TYR C 702 26.09 6.95 -30.21
C TYR C 702 27.12 5.85 -30.37
N ILE C 703 27.13 4.90 -29.44
CA ILE C 703 28.05 3.78 -29.47
C ILE C 703 27.88 2.97 -30.76
N GLU C 704 26.63 2.82 -31.19
CA GLU C 704 26.33 2.09 -32.41
C GLU C 704 26.99 2.72 -33.63
N GLN C 705 27.29 4.01 -33.52
CA GLN C 705 27.92 4.73 -34.62
C GLN C 705 29.41 4.92 -34.39
N ARG C 706 30.01 3.99 -33.67
CA ARG C 706 31.45 4.02 -33.40
C ARG C 706 32.09 2.68 -33.75
N LYS C 707 33.30 2.72 -34.29
CA LYS C 707 34.03 1.51 -34.67
C LYS C 707 34.18 0.58 -33.46
N PRO C 708 34.25 -0.74 -33.72
CA PRO C 708 34.19 -1.35 -35.05
C PRO C 708 32.75 -1.59 -35.52
N CYS C 709 31.81 -0.78 -35.04
CA CYS C 709 30.41 -0.92 -35.43
C CYS C 709 29.90 -2.33 -35.16
N ASP C 710 30.06 -2.80 -33.93
CA ASP C 710 29.69 -4.16 -33.57
C ASP C 710 28.60 -4.18 -32.48
N THR C 711 27.94 -3.05 -32.29
CA THR C 711 26.86 -2.96 -31.30
C THR C 711 25.63 -2.29 -31.90
N MET C 712 24.46 -2.70 -31.42
CA MET C 712 23.21 -2.15 -31.93
C MET C 712 22.12 -2.11 -30.85
N LYS C 713 21.28 -1.09 -30.90
CA LYS C 713 20.17 -0.97 -29.98
C LYS C 713 18.97 -1.74 -30.51
N VAL C 714 18.29 -2.45 -29.62
CA VAL C 714 17.14 -3.27 -30.01
C VAL C 714 15.90 -2.92 -29.20
N GLY C 715 14.75 -2.89 -29.87
CA GLY C 715 13.49 -2.58 -29.21
C GLY C 715 13.39 -1.14 -28.78
N GLY C 716 12.21 -0.74 -28.32
CA GLY C 716 11.99 0.61 -27.85
C GLY C 716 12.50 0.81 -26.43
N ASN C 717 12.48 2.05 -25.96
CA ASN C 717 12.93 2.37 -24.62
C ASN C 717 12.04 1.75 -23.55
N LEU C 718 12.60 1.57 -22.36
CA LEU C 718 11.87 0.95 -21.26
C LEU C 718 11.07 1.98 -20.47
N ASP C 719 11.52 3.22 -20.51
CA ASP C 719 10.84 4.32 -19.82
C ASP C 719 11.00 5.63 -20.58
N SER C 720 10.24 6.64 -20.16
CA SER C 720 10.28 7.94 -20.84
C SER C 720 10.96 9.00 -19.98
N LYS C 721 12.14 9.43 -20.40
CA LYS C 721 12.87 10.48 -19.72
C LYS C 721 13.03 11.69 -20.63
N GLY C 722 13.96 12.58 -20.29
CA GLY C 722 14.22 13.75 -21.10
C GLY C 722 15.17 14.74 -20.46
N TYR C 723 16.10 15.25 -21.26
CA TYR C 723 17.03 16.27 -20.79
C TYR C 723 16.42 17.66 -20.97
N GLY C 724 16.93 18.63 -20.23
CA GLY C 724 16.45 20.00 -20.34
C GLY C 724 17.47 21.01 -19.88
N ILE C 725 17.26 22.26 -20.26
CA ILE C 725 18.15 23.35 -19.84
C ILE C 725 17.79 23.80 -18.44
N ALA C 726 18.76 23.72 -17.53
CA ALA C 726 18.52 24.05 -16.13
C ALA C 726 18.87 25.51 -15.81
N THR C 727 17.95 26.19 -15.14
CA THR C 727 18.16 27.57 -14.74
C THR C 727 17.74 27.80 -13.29
N PRO C 728 18.54 28.57 -12.55
CA PRO C 728 18.28 28.86 -11.14
C PRO C 728 16.82 29.26 -10.90
N LYS C 729 16.23 28.75 -9.83
CA LYS C 729 14.83 29.05 -9.50
C LYS C 729 14.59 30.55 -9.46
N GLY C 730 13.58 31.00 -10.21
CA GLY C 730 13.24 32.41 -10.25
C GLY C 730 14.27 33.25 -10.98
N SER C 731 14.77 32.73 -12.09
CA SER C 731 15.77 33.43 -12.88
C SER C 731 15.10 34.24 -13.99
N SER C 732 15.86 35.18 -14.56
CA SER C 732 15.35 36.01 -15.65
C SER C 732 15.38 35.25 -16.97
N LEU C 733 16.36 34.37 -17.13
CA LEU C 733 16.51 33.58 -18.35
C LEU C 733 15.50 32.44 -18.40
N GLY C 734 14.78 32.24 -17.30
CA GLY C 734 13.82 31.17 -17.19
C GLY C 734 12.90 31.03 -18.39
N THR C 735 11.88 31.87 -18.44
CA THR C 735 10.89 31.83 -19.52
C THR C 735 11.50 31.90 -20.92
N PRO C 736 12.42 32.85 -21.15
CA PRO C 736 13.04 32.99 -22.48
C PRO C 736 13.62 31.68 -22.99
N VAL C 737 14.49 31.05 -22.20
CA VAL C 737 15.12 29.80 -22.60
C VAL C 737 14.09 28.71 -22.87
N ASN C 738 13.08 28.63 -22.01
CA ASN C 738 12.02 27.65 -22.17
C ASN C 738 11.39 27.73 -23.56
N LEU C 739 10.96 28.93 -23.93
CA LEU C 739 10.37 29.16 -25.25
C LEU C 739 11.37 28.86 -26.36
N ALA C 740 12.63 29.21 -26.12
CA ALA C 740 13.69 29.00 -27.10
C ALA C 740 13.81 27.52 -27.46
N VAL C 741 13.76 26.67 -26.45
CA VAL C 741 13.84 25.23 -26.66
C VAL C 741 12.67 24.74 -27.52
N LEU C 742 11.48 25.22 -27.21
CA LEU C 742 10.28 24.86 -27.97
C LEU C 742 10.38 25.34 -29.42
N LYS C 743 10.95 26.53 -29.59
CA LYS C 743 11.11 27.11 -30.92
C LYS C 743 12.10 26.28 -31.74
N LEU C 744 13.20 25.89 -31.11
CA LEU C 744 14.23 25.12 -31.79
C LEU C 744 13.71 23.76 -32.25
N SER C 745 12.91 23.12 -31.41
CA SER C 745 12.37 21.80 -31.73
C SER C 745 11.38 21.86 -32.89
N GLU C 746 10.55 22.89 -32.90
CA GLU C 746 9.54 23.05 -33.95
C GLU C 746 10.19 23.38 -35.29
N GLN C 747 11.32 24.06 -35.24
CA GLN C 747 12.08 24.38 -36.45
C GLN C 747 12.91 23.18 -36.89
N GLY C 748 12.76 22.08 -36.16
CA GLY C 748 13.50 20.86 -36.46
C GLY C 748 14.99 21.03 -36.25
N LEU C 749 15.37 22.11 -35.58
CA LEU C 749 16.77 22.41 -35.33
C LEU C 749 17.39 21.43 -34.35
N LEU C 750 16.60 20.99 -33.37
CA LEU C 750 17.06 20.02 -32.39
C LEU C 750 17.33 18.68 -33.05
N ASP C 751 16.36 18.19 -33.81
CA ASP C 751 16.52 16.94 -34.54
C ASP C 751 17.73 17.02 -35.48
N LYS C 752 17.90 18.17 -36.09
CA LYS C 752 19.02 18.41 -37.01
C LYS C 752 20.35 18.26 -36.28
N LEU C 753 20.47 18.89 -35.12
CA LEU C 753 21.69 18.83 -34.33
C LEU C 753 22.05 17.40 -33.95
N LYS C 754 21.05 16.63 -33.52
CA LYS C 754 21.28 15.25 -33.13
C LYS C 754 21.81 14.45 -34.31
N ASN C 755 21.16 14.58 -35.46
CA ASN C 755 21.60 13.91 -36.68
C ASN C 755 23.03 14.28 -37.04
N LYS C 756 23.41 15.52 -36.71
CA LYS C 756 24.74 16.03 -37.03
C LYS C 756 25.84 15.32 -36.22
N TRP C 757 25.55 15.05 -34.95
CA TRP C 757 26.57 14.52 -34.05
C TRP C 757 26.46 13.01 -33.85
N TRP C 758 25.29 12.46 -34.12
CA TRP C 758 25.06 11.01 -33.94
C TRP C 758 25.31 10.22 -35.22
N TYR C 759 24.61 10.59 -36.29
CA TYR C 759 24.66 9.82 -37.52
C TYR C 759 25.57 10.42 -38.59
N ASP C 760 25.40 11.71 -38.86
CA ASP C 760 26.22 12.39 -39.85
C ASP C 760 27.70 12.33 -39.49
N LYS C 761 28.00 12.76 -38.28
CA LYS C 761 29.37 12.80 -37.78
C LYS C 761 29.80 11.40 -37.35
N GLY C 762 28.82 10.51 -37.22
CA GLY C 762 29.08 9.14 -36.85
C GLY C 762 29.86 8.49 -37.97
N GLU C 763 29.72 7.18 -38.11
CA GLU C 763 30.43 6.48 -39.18
C GLU C 763 29.80 5.14 -39.51
N CYS C 764 28.47 5.07 -39.54
CA CYS C 764 27.85 3.79 -39.87
C CYS C 764 26.49 3.93 -40.54
N GLY C 765 26.51 4.05 -41.87
CA GLY C 765 25.30 3.95 -42.68
C GLY C 765 25.43 2.72 -43.54
N ALA C 766 26.53 2.00 -43.33
CA ALA C 766 26.86 0.79 -44.08
C ALA C 766 26.27 -0.45 -43.43
N LYS C 767 26.46 -0.58 -42.11
CA LYS C 767 25.92 -1.70 -41.36
C LYS C 767 24.42 -1.53 -41.18
N ASP C 768 23.92 -0.33 -41.49
CA ASP C 768 22.49 -0.03 -41.37
C ASP C 768 21.79 -0.26 -42.70
N SER C 769 22.53 -0.12 -43.79
CA SER C 769 22.00 -0.36 -45.13
C SER C 769 21.89 -1.86 -45.41
N GLY C 770 22.69 -2.64 -44.71
CA GLY C 770 22.64 -4.09 -44.82
C GLY C 770 21.65 -4.65 -43.83
N SER C 771 21.34 -3.89 -42.79
CA SER C 771 20.36 -4.28 -41.79
C SER C 771 18.95 -3.92 -42.26
N LYS C 772 18.89 -3.27 -43.42
CA LYS C 772 17.61 -3.00 -44.07
C LYS C 772 16.96 -4.31 -44.45
N GLU C 773 17.78 -5.35 -44.62
CA GLU C 773 17.26 -6.67 -44.97
C GLU C 773 18.31 -7.77 -45.13
N LYS C 774 18.04 -8.92 -44.52
CA LYS C 774 16.82 -9.12 -43.76
C LYS C 774 15.67 -9.58 -44.66
N THR C 775 15.76 -10.80 -45.18
CA THR C 775 16.89 -11.70 -44.95
C THR C 775 17.05 -12.71 -46.09
N SER C 776 16.40 -13.86 -45.94
CA SER C 776 16.48 -14.90 -46.96
C SER C 776 15.89 -16.22 -46.44
N ALA C 777 16.03 -17.28 -47.23
CA ALA C 777 15.53 -18.58 -46.85
C ALA C 777 16.62 -19.65 -46.95
N LEU C 778 16.78 -20.21 -48.14
CA LEU C 778 17.79 -21.24 -48.37
C LEU C 778 19.15 -20.62 -48.70
N SER C 779 20.01 -21.41 -49.32
CA SER C 779 21.34 -20.95 -49.70
C SER C 779 22.00 -21.89 -50.70
N LEU C 780 22.66 -21.32 -51.70
CA LEU C 780 23.33 -22.11 -52.72
C LEU C 780 24.57 -22.79 -52.16
N SER C 781 25.10 -22.22 -51.08
CA SER C 781 26.33 -22.70 -50.46
C SER C 781 26.38 -24.22 -50.31
N ASN C 782 25.47 -24.77 -49.50
CA ASN C 782 25.43 -26.21 -49.26
C ASN C 782 25.30 -27.01 -50.55
N VAL C 783 24.37 -26.60 -51.40
CA VAL C 783 24.12 -27.30 -52.66
C VAL C 783 25.36 -27.25 -53.56
N ALA C 784 26.14 -26.19 -53.42
CA ALA C 784 27.34 -26.01 -54.24
C ALA C 784 28.36 -27.11 -54.00
N GLY C 785 28.54 -27.49 -52.74
CA GLY C 785 29.48 -28.54 -52.38
C GLY C 785 29.20 -29.84 -53.11
N VAL C 786 27.93 -30.07 -53.44
CA VAL C 786 27.53 -31.29 -54.14
C VAL C 786 27.76 -31.15 -55.64
N PHE C 787 27.87 -29.91 -56.11
CA PHE C 787 28.15 -29.65 -57.52
C PHE C 787 29.61 -29.92 -57.84
N TYR C 788 30.50 -29.53 -56.93
CA TYR C 788 31.93 -29.74 -57.12
C TYR C 788 32.31 -31.21 -57.12
N ILE C 789 31.65 -31.98 -56.26
CA ILE C 789 31.89 -33.42 -56.18
C ILE C 789 31.35 -34.12 -57.43
N LEU C 790 30.39 -33.47 -58.11
CA LEU C 790 29.84 -34.00 -59.35
C LEU C 790 30.82 -33.80 -60.49
N VAL C 791 31.24 -32.56 -60.70
CA VAL C 791 32.21 -32.24 -61.75
C VAL C 791 33.50 -33.03 -61.53
N GLY C 792 33.85 -33.25 -60.27
CA GLY C 792 35.01 -34.05 -59.93
C GLY C 792 34.84 -35.49 -60.40
N GLY C 793 33.63 -36.00 -60.28
CA GLY C 793 33.31 -37.35 -60.73
C GLY C 793 33.32 -37.43 -62.24
N LEU C 794 32.83 -36.39 -62.89
CA LEU C 794 32.83 -36.31 -64.35
C LEU C 794 34.27 -36.30 -64.88
N GLY C 795 35.12 -35.52 -64.22
CA GLY C 795 36.52 -35.42 -64.59
C GLY C 795 37.24 -36.75 -64.40
N LEU C 796 36.93 -37.43 -63.30
CA LEU C 796 37.50 -38.74 -63.03
C LEU C 796 37.12 -39.73 -64.12
N ALA C 797 35.89 -39.62 -64.60
CA ALA C 797 35.41 -40.49 -65.67
C ALA C 797 36.06 -40.15 -66.99
N MET C 798 36.21 -38.85 -67.26
CA MET C 798 36.88 -38.40 -68.47
C MET C 798 38.33 -38.86 -68.49
N LEU C 799 38.86 -39.17 -67.31
CA LEU C 799 40.22 -39.67 -67.19
C LEU C 799 40.25 -41.18 -67.40
N VAL C 800 39.27 -41.88 -66.83
CA VAL C 800 39.16 -43.32 -66.98
C VAL C 800 38.82 -43.69 -68.42
N ALA C 801 38.11 -42.79 -69.10
CA ALA C 801 37.75 -43.00 -70.49
C ALA C 801 38.97 -42.99 -71.39
N LEU C 802 39.79 -41.95 -71.25
CA LEU C 802 40.99 -41.78 -72.06
C LEU C 802 41.92 -42.99 -71.97
N ILE C 803 42.15 -43.47 -70.75
CA ILE C 803 43.06 -44.60 -70.55
C ILE C 803 42.53 -45.87 -71.20
N GLU C 804 41.22 -46.07 -71.17
CA GLU C 804 40.60 -47.24 -71.77
C GLU C 804 40.85 -47.30 -73.27
N PHE C 805 40.68 -46.18 -73.94
CA PHE C 805 40.92 -46.09 -75.39
C PHE C 805 42.39 -46.30 -75.70
N CYS C 806 43.26 -45.95 -74.75
CA CYS C 806 44.70 -46.10 -74.93
C CYS C 806 45.13 -47.56 -74.88
N TYR C 807 44.64 -48.29 -73.88
CA TYR C 807 44.97 -49.70 -73.74
C TYR C 807 44.46 -50.51 -74.94
N LYS C 808 43.27 -50.15 -75.42
CA LYS C 808 42.68 -50.83 -76.56
C LYS C 808 43.45 -50.52 -77.84
N ASN D 1 34.30 45.44 67.25
CA ASN D 1 34.57 45.39 65.81
C ASN D 1 33.29 45.55 64.99
N SER D 2 33.07 46.76 64.48
CA SER D 2 31.87 47.04 63.69
C SER D 2 32.21 47.28 62.23
N ILE D 3 31.83 46.33 61.38
CA ILE D 3 32.08 46.44 59.95
C ILE D 3 30.82 46.85 59.19
N GLN D 4 30.81 48.10 58.73
CA GLN D 4 29.66 48.62 58.00
C GLN D 4 29.67 48.21 56.54
N ILE D 5 28.55 47.67 56.07
CA ILE D 5 28.41 47.26 54.68
C ILE D 5 27.12 47.80 54.08
N GLY D 6 27.07 47.88 52.75
CA GLY D 6 25.91 48.38 52.05
C GLY D 6 25.02 47.26 51.54
N GLY D 7 23.72 47.54 51.46
CA GLY D 7 22.75 46.56 51.00
C GLY D 7 21.77 47.15 50.01
N LEU D 8 21.92 46.82 48.73
CA LEU D 8 21.03 47.31 47.69
C LEU D 8 20.01 46.26 47.30
N PHE D 9 18.83 46.32 47.90
CA PHE D 9 17.76 45.37 47.63
C PHE D 9 16.65 46.00 46.80
N PRO D 10 16.39 45.44 45.61
CA PRO D 10 15.30 45.90 44.74
C PRO D 10 13.95 45.71 45.42
N ARG D 11 13.08 46.71 45.31
CA ARG D 11 11.75 46.63 45.90
C ARG D 11 11.02 45.37 45.42
N GLY D 12 10.71 44.49 46.37
CA GLY D 12 10.03 43.24 46.04
C GLY D 12 10.86 42.02 46.42
N ALA D 13 12.13 42.26 46.76
CA ALA D 13 13.02 41.17 47.16
C ALA D 13 12.79 40.80 48.62
N ASP D 14 11.58 40.33 48.91
CA ASP D 14 11.21 39.97 50.27
C ASP D 14 11.98 38.75 50.78
N GLN D 15 11.84 37.63 50.07
CA GLN D 15 12.51 36.40 50.47
C GLN D 15 14.03 36.56 50.45
N GLU D 16 14.52 37.36 49.50
CA GLU D 16 15.95 37.62 49.39
C GLU D 16 16.46 38.34 50.64
N TYR D 17 15.72 39.33 51.09
CA TYR D 17 16.10 40.08 52.29
C TYR D 17 15.91 39.23 53.54
N SER D 18 14.84 38.44 53.56
CA SER D 18 14.58 37.54 54.67
C SER D 18 15.74 36.56 54.83
N ALA D 19 16.23 36.04 53.71
CA ALA D 19 17.38 35.16 53.72
C ALA D 19 18.64 35.92 54.11
N PHE D 20 18.66 37.20 53.77
CA PHE D 20 19.79 38.07 54.11
C PHE D 20 19.85 38.27 55.62
N ARG D 21 18.68 38.37 56.25
CA ARG D 21 18.59 38.54 57.70
C ARG D 21 19.01 37.27 58.42
N VAL D 22 18.47 36.15 57.99
CA VAL D 22 18.78 34.86 58.59
C VAL D 22 20.27 34.59 58.55
N GLY D 23 20.91 35.01 57.47
CA GLY D 23 22.35 34.87 57.32
C GLY D 23 23.10 35.69 58.35
N MET D 24 22.62 36.90 58.61
CA MET D 24 23.22 37.78 59.59
C MET D 24 23.20 37.14 60.98
N VAL D 25 22.16 36.35 61.24
CA VAL D 25 21.99 35.71 62.54
C VAL D 25 22.82 34.43 62.65
N GLN D 26 22.82 33.63 61.59
CA GLN D 26 23.53 32.35 61.60
C GLN D 26 25.04 32.52 61.57
N PHE D 27 25.50 33.63 61.01
CA PHE D 27 26.94 33.87 60.88
C PHE D 27 27.39 35.06 61.71
N SER D 28 26.72 35.31 62.83
CA SER D 28 27.09 36.38 63.73
C SER D 28 28.05 35.88 64.81
N THR D 29 29.18 36.54 64.94
CA THR D 29 30.19 36.14 65.92
C THR D 29 30.56 37.30 66.84
N SER D 30 31.24 36.97 67.94
CA SER D 30 31.66 37.99 68.91
C SER D 30 32.89 38.74 68.44
N GLU D 31 33.67 38.10 67.57
CA GLU D 31 34.89 38.70 67.03
C GLU D 31 34.59 40.00 66.29
N PHE D 32 33.47 40.02 65.57
CA PHE D 32 33.05 41.20 64.82
C PHE D 32 31.60 41.08 64.36
N ARG D 33 30.93 42.22 64.23
CA ARG D 33 29.54 42.24 63.80
C ARG D 33 29.38 43.08 62.53
N LEU D 34 28.53 42.62 61.63
CA LEU D 34 28.28 43.32 60.37
C LEU D 34 27.09 44.26 60.50
N THR D 35 27.27 45.50 60.06
CA THR D 35 26.22 46.51 60.14
C THR D 35 25.68 46.86 58.76
N PRO D 36 24.58 46.20 58.36
CA PRO D 36 23.97 46.41 57.04
C PRO D 36 23.18 47.71 56.96
N HIS D 37 23.49 48.53 55.95
CA HIS D 37 22.72 49.73 55.68
C HIS D 37 21.85 49.51 54.44
N ILE D 38 20.59 49.16 54.66
CA ILE D 38 19.70 48.76 53.58
C ILE D 38 19.13 49.94 52.80
N ASP D 39 19.15 49.82 51.47
CA ASP D 39 18.59 50.83 50.59
C ASP D 39 17.70 50.19 49.54
N ASN D 40 16.38 50.36 49.68
CA ASN D 40 15.43 49.80 48.74
C ASN D 40 15.14 50.75 47.58
N LEU D 41 15.76 50.48 46.43
CA LEU D 41 15.57 51.30 45.24
C LEU D 41 15.23 50.46 44.02
N GLU D 42 14.67 51.10 43.00
CA GLU D 42 14.37 50.44 41.74
C GLU D 42 15.67 50.07 41.04
N VAL D 43 16.05 48.80 41.15
CA VAL D 43 17.32 48.33 40.62
C VAL D 43 17.50 48.66 39.14
N ALA D 44 16.40 48.73 38.40
CA ALA D 44 16.44 49.01 36.97
C ALA D 44 16.97 50.42 36.69
N ASN D 45 16.49 51.39 37.47
CA ASN D 45 16.89 52.77 37.28
C ASN D 45 18.39 52.99 37.55
N SER D 46 19.13 53.30 36.49
CA SER D 46 20.57 53.50 36.59
C SER D 46 20.92 54.69 37.49
N PHE D 47 20.16 55.76 37.37
CA PHE D 47 20.39 56.96 38.17
C PHE D 47 20.29 56.65 39.66
N ALA D 48 19.18 56.05 40.07
CA ALA D 48 18.95 55.71 41.47
C ALA D 48 20.07 54.83 42.02
N VAL D 49 20.49 53.85 41.23
CA VAL D 49 21.56 52.95 41.62
C VAL D 49 22.85 53.72 41.86
N THR D 50 23.08 54.77 41.08
CA THR D 50 24.27 55.59 41.23
C THR D 50 24.26 56.32 42.57
N ASN D 51 23.10 56.86 42.94
CA ASN D 51 22.96 57.54 44.22
C ASN D 51 23.12 56.59 45.40
N ALA D 52 22.45 55.44 45.32
CA ALA D 52 22.51 54.45 46.38
C ALA D 52 23.94 53.97 46.60
N PHE D 53 24.73 53.98 45.54
CA PHE D 53 26.13 53.56 45.62
C PHE D 53 26.99 54.64 46.26
N CYS D 54 26.84 55.87 45.79
CA CYS D 54 27.61 56.99 46.32
C CYS D 54 27.19 57.31 47.75
N SER D 55 25.93 57.03 48.07
CA SER D 55 25.41 57.24 49.42
C SER D 55 26.06 56.26 50.39
N GLN D 56 26.08 54.99 50.02
CA GLN D 56 26.70 53.96 50.84
C GLN D 56 28.22 54.14 50.87
N PHE D 57 28.75 54.83 49.87
CA PHE D 57 30.18 55.07 49.79
C PHE D 57 30.60 56.23 50.69
N SER D 58 29.75 57.25 50.78
CA SER D 58 30.01 58.38 51.65
C SER D 58 29.86 57.98 53.11
N ARG D 59 28.96 57.03 53.36
CA ARG D 59 28.76 56.49 54.70
C ARG D 59 29.96 55.64 55.11
N GLY D 60 30.89 55.46 54.18
CA GLY D 60 32.12 54.73 54.45
C GLY D 60 31.90 53.25 54.74
N VAL D 61 31.53 52.51 53.70
CA VAL D 61 31.36 51.05 53.83
C VAL D 61 32.60 50.32 53.34
N TYR D 62 32.76 49.08 53.78
CA TYR D 62 33.91 48.27 53.39
C TYR D 62 33.57 47.37 52.21
N ALA D 63 32.29 47.07 52.06
CA ALA D 63 31.82 46.23 50.96
C ALA D 63 30.33 46.45 50.71
N ILE D 64 29.87 46.13 49.51
CA ILE D 64 28.47 46.33 49.15
C ILE D 64 27.85 45.06 48.59
N PHE D 65 26.71 44.67 49.15
CA PHE D 65 25.94 43.55 48.62
C PHE D 65 24.61 44.04 48.06
N GLY D 66 24.35 43.70 46.81
CA GLY D 66 23.11 44.13 46.17
C GLY D 66 22.80 43.38 44.88
N PHE D 67 21.96 43.97 44.05
CA PHE D 67 21.58 43.38 42.78
C PHE D 67 21.66 44.42 41.67
N TYR D 68 21.73 43.95 40.42
CA TYR D 68 21.72 44.85 39.28
C TYR D 68 20.91 44.27 38.11
N ASP D 69 20.46 45.15 37.23
CA ASP D 69 19.69 44.74 36.07
C ASP D 69 20.56 44.83 34.81
N LYS D 70 20.04 44.38 33.69
CA LYS D 70 20.76 44.43 32.43
C LYS D 70 21.09 45.86 32.04
N LYS D 71 20.47 46.82 32.74
CA LYS D 71 20.65 48.23 32.45
C LYS D 71 21.61 48.91 33.42
N SER D 72 21.50 48.56 34.70
CA SER D 72 22.30 49.20 35.75
C SER D 72 23.60 48.45 36.04
N VAL D 73 23.75 47.26 35.46
CA VAL D 73 24.93 46.44 35.71
C VAL D 73 26.22 47.17 35.38
N ASN D 74 26.22 47.92 34.28
CA ASN D 74 27.40 48.66 33.86
C ASN D 74 27.81 49.74 34.85
N THR D 75 26.82 50.35 35.49
CA THR D 75 27.08 51.37 36.50
C THR D 75 27.86 50.79 37.68
N ILE D 76 27.37 49.66 38.20
CA ILE D 76 28.00 49.00 39.33
C ILE D 76 29.42 48.56 39.01
N THR D 77 29.57 47.75 37.96
CA THR D 77 30.88 47.24 37.56
C THR D 77 31.89 48.35 37.35
N SER D 78 31.43 49.49 36.87
CA SER D 78 32.31 50.61 36.58
C SER D 78 32.76 51.34 37.84
N PHE D 79 31.81 51.77 38.65
CA PHE D 79 32.12 52.48 39.89
C PHE D 79 32.94 51.62 40.85
N CYS D 80 32.51 50.37 41.05
CA CYS D 80 33.20 49.46 41.94
C CYS D 80 34.64 49.21 41.49
N GLY D 81 34.87 49.34 40.19
CA GLY D 81 36.20 49.14 39.64
C GLY D 81 37.06 50.37 39.80
N THR D 82 36.44 51.55 39.72
CA THR D 82 37.16 52.81 39.85
C THR D 82 37.46 53.12 41.31
N LEU D 83 36.46 52.93 42.17
CA LEU D 83 36.60 53.25 43.59
C LEU D 83 37.11 52.06 44.39
N HIS D 84 37.49 51.00 43.70
CA HIS D 84 38.03 49.81 44.34
C HIS D 84 37.12 49.26 45.42
N VAL D 85 35.82 49.45 45.24
CA VAL D 85 34.82 48.93 46.18
C VAL D 85 34.36 47.55 45.76
N SER D 86 34.30 46.63 46.71
CA SER D 86 33.87 45.26 46.43
C SER D 86 32.35 45.17 46.40
N PHE D 87 31.82 44.46 45.39
CA PHE D 87 30.39 44.33 45.22
C PHE D 87 29.98 42.86 45.09
N ILE D 88 29.31 42.34 46.11
CA ILE D 88 28.82 40.97 46.09
C ILE D 88 27.37 40.93 45.62
N THR D 89 27.07 40.09 44.64
CA THR D 89 25.72 40.02 44.08
C THR D 89 25.34 38.62 43.63
N PRO D 90 24.10 38.22 43.91
CA PRO D 90 23.53 36.94 43.46
C PRO D 90 23.02 37.02 42.03
N SER D 91 22.94 38.24 41.50
CA SER D 91 22.43 38.46 40.14
C SER D 91 23.25 37.72 39.09
N PHE D 92 22.80 37.80 37.84
CA PHE D 92 23.48 37.13 36.73
C PHE D 92 24.93 37.56 36.62
N PRO D 93 25.82 36.62 36.26
CA PRO D 93 27.25 36.90 36.08
C PRO D 93 27.50 37.95 35.02
N THR D 94 28.53 38.77 35.21
CA THR D 94 28.88 39.81 34.25
C THR D 94 29.50 39.20 33.00
N ASP D 95 29.15 39.76 31.85
CA ASP D 95 29.68 39.29 30.57
C ASP D 95 31.08 39.82 30.33
N GLY D 96 32.06 39.27 31.05
CA GLY D 96 33.43 39.69 30.92
C GLY D 96 34.22 39.51 32.21
N THR D 97 35.29 40.29 32.35
CA THR D 97 36.14 40.20 33.54
C THR D 97 36.19 41.53 34.30
N HIS D 98 35.16 41.80 35.09
CA HIS D 98 35.08 43.03 35.85
C HIS D 98 35.56 42.84 37.28
N PRO D 99 36.69 43.48 37.63
CA PRO D 99 37.28 43.38 38.98
C PRO D 99 36.39 43.98 40.06
N PHE D 100 36.65 43.62 41.31
CA PHE D 100 35.90 44.14 42.44
C PHE D 100 34.41 43.78 42.37
N VAL D 101 34.12 42.61 41.83
CA VAL D 101 32.75 42.12 41.76
C VAL D 101 32.71 40.62 42.08
N ILE D 102 31.95 40.28 43.12
CA ILE D 102 31.79 38.88 43.51
C ILE D 102 30.41 38.37 43.12
N GLN D 103 30.38 37.35 42.28
CA GLN D 103 29.13 36.83 41.74
C GLN D 103 28.75 35.48 42.33
N MET D 104 27.60 35.43 43.00
CA MET D 104 27.13 34.22 43.67
C MET D 104 26.54 33.21 42.68
N ARG D 105 26.02 33.71 41.57
CA ARG D 105 25.38 32.85 40.57
C ARG D 105 26.40 32.24 39.62
N PRO D 106 26.47 30.90 39.58
CA PRO D 106 27.34 30.18 38.66
C PRO D 106 26.86 30.31 37.22
N ASP D 107 27.76 30.15 36.26
CA ASP D 107 27.41 30.26 34.86
C ASP D 107 26.64 29.02 34.38
N LEU D 108 25.41 29.25 33.93
CA LEU D 108 24.56 28.15 33.47
C LEU D 108 24.82 27.82 32.01
N LYS D 109 25.42 28.76 31.29
CA LYS D 109 25.69 28.61 29.86
C LYS D 109 26.27 27.22 29.53
N GLY D 110 27.22 26.78 30.34
CA GLY D 110 27.86 25.49 30.13
C GLY D 110 26.92 24.33 30.34
N ALA D 111 26.22 24.34 31.47
CA ALA D 111 25.31 23.25 31.81
C ALA D 111 24.18 23.09 30.79
N LEU D 112 23.75 24.21 30.21
CA LEU D 112 22.68 24.18 29.22
C LEU D 112 23.14 23.48 27.95
N LEU D 113 24.25 23.95 27.39
CA LEU D 113 24.77 23.38 26.16
C LEU D 113 25.02 21.88 26.28
N SER D 114 25.48 21.45 27.45
CA SER D 114 25.74 20.04 27.69
C SER D 114 24.45 19.23 27.69
N LEU D 115 23.39 19.79 28.26
CA LEU D 115 22.10 19.12 28.33
C LEU D 115 21.50 18.93 26.94
N ILE D 116 21.67 19.93 26.09
CA ILE D 116 21.16 19.86 24.73
C ILE D 116 21.74 18.68 23.97
N GLU D 117 23.05 18.50 24.09
CA GLU D 117 23.74 17.39 23.43
C GLU D 117 23.32 16.05 24.01
N TYR D 118 23.04 16.03 25.31
CA TYR D 118 22.61 14.81 25.98
C TYR D 118 21.32 14.27 25.36
N TYR D 119 20.34 15.15 25.20
CA TYR D 119 19.07 14.77 24.57
C TYR D 119 19.22 14.69 23.06
N GLN D 120 20.41 15.05 22.57
CA GLN D 120 20.70 15.00 21.14
C GLN D 120 19.71 15.83 20.33
N TRP D 121 19.65 17.12 20.63
CA TRP D 121 18.76 18.04 19.93
C TRP D 121 19.48 18.68 18.74
N ASP D 122 18.78 18.75 17.62
CA ASP D 122 19.33 19.37 16.42
C ASP D 122 18.46 20.53 15.95
N LYS D 123 17.19 20.50 16.33
CA LYS D 123 16.26 21.57 15.98
C LYS D 123 15.34 21.87 17.16
N PHE D 124 15.46 23.06 17.72
CA PHE D 124 14.67 23.44 18.88
C PHE D 124 14.36 24.93 18.90
N ALA D 125 13.31 25.30 19.64
CA ALA D 125 12.93 26.69 19.80
C ALA D 125 13.54 27.25 21.08
N TYR D 126 14.04 28.48 21.01
CA TYR D 126 14.69 29.10 22.16
C TYR D 126 14.00 30.40 22.55
N LEU D 127 13.04 30.30 23.46
CA LEU D 127 12.34 31.48 23.96
C LEU D 127 13.15 32.12 25.08
N TYR D 128 13.63 33.34 24.84
CA TYR D 128 14.52 34.01 25.78
C TYR D 128 13.95 35.30 26.33
N ASP D 129 14.53 35.77 27.43
CA ASP D 129 14.14 37.03 28.05
C ASP D 129 15.38 37.90 28.21
N SER D 130 15.31 39.12 27.68
CA SER D 130 16.48 40.01 27.66
C SER D 130 16.81 40.60 29.03
N ASP D 131 16.18 40.08 30.07
CA ASP D 131 16.37 40.61 31.42
C ASP D 131 17.76 40.28 31.99
N ARG D 132 18.22 39.06 31.75
CA ARG D 132 19.51 38.61 32.27
C ARG D 132 20.60 38.65 31.21
N GLY D 133 20.41 39.48 30.20
CA GLY D 133 21.39 39.61 29.13
C GLY D 133 21.34 38.47 28.15
N LEU D 134 21.67 38.76 26.89
CA LEU D 134 21.66 37.75 25.84
C LEU D 134 22.95 36.93 25.84
N SER D 135 23.55 36.78 27.02
CA SER D 135 24.79 36.03 27.17
C SER D 135 24.59 34.55 26.81
N THR D 136 23.47 33.99 27.27
CA THR D 136 23.15 32.59 26.98
C THR D 136 22.61 32.42 25.58
N LEU D 137 21.96 33.46 25.06
CA LEU D 137 21.43 33.45 23.70
C LEU D 137 22.57 33.34 22.70
N GLN D 138 23.59 34.18 22.89
CA GLN D 138 24.77 34.13 22.04
C GLN D 138 25.45 32.77 22.14
N ALA D 139 25.39 32.18 23.33
CA ALA D 139 26.00 30.88 23.58
C ALA D 139 25.41 29.80 22.67
N VAL D 140 24.09 29.70 22.65
CA VAL D 140 23.40 28.68 21.87
C VAL D 140 23.48 29.00 20.37
N LEU D 141 23.50 30.28 20.03
CA LEU D 141 23.59 30.69 18.63
C LEU D 141 24.96 30.39 18.04
N ASP D 142 26.01 30.68 18.81
CA ASP D 142 27.37 30.40 18.37
C ASP D 142 27.61 28.90 18.26
N SER D 143 27.07 28.16 19.21
CA SER D 143 27.21 26.70 19.21
C SER D 143 26.36 26.08 18.11
N ALA D 144 25.32 26.79 17.70
CA ALA D 144 24.44 26.32 16.63
C ALA D 144 25.19 26.29 15.31
N ALA D 145 26.24 27.08 15.20
CA ALA D 145 27.07 27.12 14.01
C ALA D 145 27.99 25.91 13.96
N GLU D 146 28.61 25.60 15.10
CA GLU D 146 29.53 24.48 15.19
C GLU D 146 28.79 23.15 15.21
N LYS D 147 27.91 22.97 16.20
CA LYS D 147 27.17 21.74 16.36
C LYS D 147 26.09 21.59 15.29
N LYS D 148 25.93 22.62 14.47
CA LYS D 148 24.95 22.61 13.38
C LYS D 148 23.52 22.40 13.91
N TRP D 149 22.97 23.43 14.56
CA TRP D 149 21.60 23.37 15.05
C TRP D 149 20.71 24.36 14.30
N GLN D 150 19.42 24.06 14.24
CA GLN D 150 18.45 24.97 13.65
C GLN D 150 17.63 25.62 14.77
N VAL D 151 18.22 26.63 15.41
CA VAL D 151 17.59 27.29 16.55
C VAL D 151 16.60 28.36 16.11
N THR D 152 15.43 28.38 16.74
CA THR D 152 14.43 29.39 16.48
C THR D 152 14.31 30.33 17.68
N ALA D 153 15.19 31.32 17.74
CA ALA D 153 15.21 32.26 18.86
C ALA D 153 14.07 33.26 18.77
N ILE D 154 13.35 33.43 19.88
CA ILE D 154 12.24 34.36 19.92
C ILE D 154 12.23 35.13 21.25
N ASN D 155 12.33 36.45 21.16
CA ASN D 155 12.31 37.30 22.34
C ASN D 155 10.92 37.37 22.96
N VAL D 156 10.70 36.56 24.00
CA VAL D 156 9.41 36.51 24.66
C VAL D 156 9.35 37.54 25.79
N GLY D 157 10.25 38.51 25.75
CA GLY D 157 10.34 39.51 26.80
C GLY D 157 9.51 40.76 26.57
N ASN D 158 9.66 41.35 25.39
CA ASN D 158 8.98 42.62 25.08
C ASN D 158 7.48 42.49 24.90
N ILE D 159 6.92 41.37 25.37
CA ILE D 159 5.48 41.14 25.27
C ILE D 159 4.71 41.96 26.29
N ASN D 160 3.96 42.95 25.82
CA ASN D 160 3.13 43.77 26.70
C ASN D 160 2.07 42.95 27.43
N ASN D 161 2.08 43.00 28.76
CA ASN D 161 1.27 42.10 29.58
C ASN D 161 -0.23 42.42 29.70
N ASP D 162 -0.65 43.61 29.25
CA ASP D 162 -2.04 44.07 29.33
C ASP D 162 -2.85 43.71 28.06
N LYS D 163 -2.53 42.56 27.47
CA LYS D 163 -3.13 42.12 26.21
C LYS D 163 -2.25 41.01 25.64
N LYS D 164 -1.48 40.35 26.49
CA LYS D 164 -0.55 39.32 26.04
C LYS D 164 -1.21 37.95 25.83
N ASP D 165 -1.96 37.81 24.74
CA ASP D 165 -2.66 36.58 24.47
C ASP D 165 -2.69 36.32 22.96
N GLU D 166 -3.02 37.37 22.21
CA GLU D 166 -2.96 37.31 20.76
C GLU D 166 -1.50 37.25 20.31
N THR D 167 -0.59 37.43 21.27
CA THR D 167 0.83 37.36 21.00
C THR D 167 1.34 35.93 21.17
N TYR D 168 0.86 35.26 22.21
CA TYR D 168 1.22 33.86 22.45
C TYR D 168 0.61 32.95 21.39
N ARG D 169 -0.61 33.25 20.98
CA ARG D 169 -1.27 32.49 19.93
C ARG D 169 -0.51 32.63 18.61
N SER D 170 0.04 33.82 18.39
CA SER D 170 0.82 34.09 17.20
C SER D 170 2.26 33.63 17.40
N LEU D 171 2.60 33.28 18.63
CA LEU D 171 3.94 32.79 18.96
C LEU D 171 4.06 31.31 18.62
N PHE D 172 3.09 30.52 19.08
CA PHE D 172 3.08 29.09 18.81
C PHE D 172 2.55 28.80 17.42
N GLN D 173 2.17 29.85 16.70
CA GLN D 173 1.76 29.72 15.31
C GLN D 173 2.99 29.62 14.43
N ASP D 174 4.05 30.32 14.83
CA ASP D 174 5.32 30.25 14.14
C ASP D 174 6.09 29.00 14.57
N LEU D 175 5.81 28.55 15.78
CA LEU D 175 6.43 27.35 16.31
C LEU D 175 5.70 26.11 15.82
N GLU D 176 4.82 26.30 14.83
CA GLU D 176 4.08 25.20 14.26
C GLU D 176 4.39 25.06 12.76
N LEU D 177 4.96 26.10 12.19
CA LEU D 177 5.39 26.07 10.80
C LEU D 177 6.45 24.99 10.61
N LYS D 178 7.31 24.85 11.60
CA LYS D 178 8.34 23.83 11.60
C LYS D 178 8.01 22.72 12.59
N LYS D 179 6.78 22.75 13.09
CA LYS D 179 6.30 21.75 14.05
C LYS D 179 7.28 21.58 15.22
N GLU D 180 7.69 22.70 15.81
CA GLU D 180 8.59 22.67 16.94
C GLU D 180 7.98 21.96 18.14
N ARG D 181 8.66 20.91 18.61
CA ARG D 181 8.18 20.15 19.76
C ARG D 181 9.16 20.24 20.92
N ARG D 182 10.29 20.89 20.69
CA ARG D 182 11.31 21.02 21.72
C ARG D 182 11.62 22.49 21.99
N VAL D 183 11.21 22.97 23.16
CA VAL D 183 11.36 24.38 23.51
C VAL D 183 12.27 24.57 24.72
N ILE D 184 13.10 25.62 24.67
CA ILE D 184 13.94 25.98 25.80
C ILE D 184 13.50 27.32 26.37
N LEU D 185 13.04 27.31 27.61
CA LEU D 185 12.56 28.52 28.27
C LEU D 185 13.65 29.18 29.10
N ASP D 186 14.25 30.23 28.55
CA ASP D 186 15.27 31.00 29.26
C ASP D 186 14.66 32.26 29.85
N CYS D 187 13.98 32.11 30.98
CA CYS D 187 13.28 33.24 31.59
C CYS D 187 13.39 33.21 33.11
N GLU D 188 12.82 34.22 33.76
CA GLU D 188 12.79 34.28 35.21
C GLU D 188 11.69 33.36 35.74
N ARG D 189 11.68 33.14 37.06
CA ARG D 189 10.71 32.25 37.68
C ARG D 189 9.28 32.69 37.41
N ASP D 190 9.10 33.96 37.07
CA ASP D 190 7.77 34.51 36.82
C ASP D 190 7.35 34.32 35.35
N LYS D 191 8.19 34.78 34.43
CA LYS D 191 7.90 34.67 33.01
C LYS D 191 7.73 33.21 32.59
N VAL D 192 8.30 32.31 33.38
CA VAL D 192 8.19 30.88 33.10
C VAL D 192 6.78 30.37 33.39
N ASN D 193 6.25 30.73 34.55
CA ASN D 193 4.90 30.33 34.94
C ASN D 193 3.86 30.84 33.96
N ASP D 194 4.07 32.05 33.44
CA ASP D 194 3.17 32.62 32.45
C ASP D 194 3.16 31.77 31.18
N ILE D 195 4.34 31.38 30.72
CA ILE D 195 4.46 30.53 29.55
C ILE D 195 3.88 29.15 29.80
N VAL D 196 4.25 28.56 30.93
CA VAL D 196 3.76 27.24 31.30
C VAL D 196 2.23 27.21 31.32
N ASP D 197 1.62 28.28 31.86
CA ASP D 197 0.17 28.38 31.91
C ASP D 197 -0.43 28.43 30.51
N GLN D 198 0.18 29.24 29.64
CA GLN D 198 -0.26 29.34 28.26
C GLN D 198 -0.12 28.01 27.54
N VAL D 199 0.99 27.32 27.80
CA VAL D 199 1.26 26.03 27.19
C VAL D 199 0.16 25.03 27.50
N ILE D 200 -0.28 25.01 28.75
CA ILE D 200 -1.34 24.09 29.17
C ILE D 200 -2.67 24.47 28.53
N THR D 201 -2.92 25.76 28.40
CA THR D 201 -4.16 26.25 27.82
C THR D 201 -4.32 25.78 26.37
N ILE D 202 -3.27 25.98 25.58
CA ILE D 202 -3.29 25.57 24.18
C ILE D 202 -3.08 24.07 24.03
N GLY D 203 -2.74 23.42 25.16
CA GLY D 203 -2.61 21.98 25.18
C GLY D 203 -1.30 21.45 24.63
N LYS D 204 -0.28 22.30 24.57
CA LYS D 204 1.04 21.89 24.10
C LYS D 204 1.90 21.37 25.24
N HIS D 205 1.28 20.70 26.19
CA HIS D 205 2.00 20.15 27.34
C HIS D 205 1.79 18.64 27.40
N VAL D 206 1.29 18.06 26.31
CA VAL D 206 1.05 16.62 26.25
C VAL D 206 2.27 15.90 25.73
N LYS D 207 2.20 14.57 25.71
CA LYS D 207 3.31 13.75 25.23
C LYS D 207 3.72 14.16 23.82
N GLY D 208 5.02 14.35 23.62
CA GLY D 208 5.54 14.77 22.33
C GLY D 208 6.35 16.04 22.44
N TYR D 209 6.02 16.86 23.43
CA TYR D 209 6.74 18.11 23.67
C TYR D 209 7.81 17.93 24.74
N HIS D 210 8.87 18.72 24.63
CA HIS D 210 9.96 18.65 25.58
C HIS D 210 10.44 20.06 25.93
N TYR D 211 10.27 20.45 27.18
CA TYR D 211 10.66 21.78 27.63
C TYR D 211 11.89 21.75 28.53
N ILE D 212 12.71 22.79 28.42
CA ILE D 212 13.90 22.92 29.26
C ILE D 212 13.91 24.28 29.93
N ILE D 213 13.74 24.30 31.25
CA ILE D 213 13.76 25.55 32.01
C ILE D 213 15.19 26.01 32.24
N ALA D 214 15.62 27.02 31.50
CA ALA D 214 17.00 27.49 31.56
C ALA D 214 17.26 28.43 32.73
N ASN D 215 17.13 27.92 33.95
CA ASN D 215 17.47 28.67 35.15
C ASN D 215 17.95 27.76 36.27
N LEU D 216 18.52 28.36 37.32
CA LEU D 216 19.07 27.58 38.42
C LEU D 216 18.01 27.22 39.45
N GLY D 217 16.76 27.57 39.15
CA GLY D 217 15.65 27.28 40.04
C GLY D 217 14.56 26.46 39.38
N PHE D 218 14.83 25.18 39.17
CA PHE D 218 13.87 24.29 38.51
C PHE D 218 12.68 23.99 39.41
N THR D 219 12.95 23.77 40.70
CA THR D 219 11.90 23.45 41.65
C THR D 219 11.33 24.71 42.31
N ASP D 220 11.83 25.86 41.89
CA ASP D 220 11.38 27.14 42.45
C ASP D 220 10.00 27.51 41.94
N GLY D 221 9.65 27.02 40.75
CA GLY D 221 8.36 27.32 40.15
C GLY D 221 7.36 26.19 40.34
N ASP D 222 6.10 26.47 40.03
CA ASP D 222 5.06 25.46 40.13
C ASP D 222 5.11 24.50 38.94
N LEU D 223 5.33 23.22 39.22
CA LEU D 223 5.42 22.22 38.18
C LEU D 223 4.25 21.25 38.21
N LEU D 224 3.47 21.29 39.29
CA LEU D 224 2.33 20.39 39.45
C LEU D 224 1.34 20.51 38.29
N LYS D 225 1.40 21.62 37.57
CA LYS D 225 0.49 21.85 36.46
C LYS D 225 0.89 21.12 35.17
N ILE D 226 2.15 21.26 34.78
CA ILE D 226 2.65 20.55 33.60
C ILE D 226 3.36 19.25 33.99
N GLN D 227 2.97 18.70 35.13
CA GLN D 227 3.58 17.48 35.64
C GLN D 227 2.87 16.23 35.12
N PHE D 228 1.55 16.32 35.00
CA PHE D 228 0.75 15.18 34.56
C PHE D 228 0.31 15.33 33.10
N GLY D 229 0.76 16.41 32.46
CA GLY D 229 0.40 16.68 31.08
C GLY D 229 0.90 15.61 30.12
N GLY D 230 2.13 15.17 30.32
CA GLY D 230 2.72 14.15 29.46
C GLY D 230 4.03 14.61 28.86
N ALA D 231 4.12 15.90 28.55
CA ALA D 231 5.33 16.47 27.98
C ALA D 231 6.48 16.42 28.98
N GLU D 232 7.65 15.99 28.52
CA GLU D 232 8.82 15.90 29.38
C GLU D 232 9.38 17.29 29.68
N VAL D 233 9.66 17.55 30.95
CA VAL D 233 10.21 18.83 31.36
C VAL D 233 11.53 18.65 32.11
N SER D 234 12.56 19.34 31.66
CA SER D 234 13.88 19.26 32.30
C SER D 234 14.32 20.65 32.75
N GLY D 235 15.32 20.70 33.62
CA GLY D 235 15.81 21.96 34.12
C GLY D 235 17.07 21.82 34.96
N PHE D 236 17.37 22.86 35.74
CA PHE D 236 18.58 22.87 36.55
C PHE D 236 18.28 23.30 37.98
N GLN D 237 18.93 22.64 38.94
CA GLN D 237 18.76 22.96 40.35
C GLN D 237 20.10 23.19 41.02
N ILE D 238 20.26 24.34 41.65
CA ILE D 238 21.50 24.69 42.32
C ILE D 238 21.42 24.44 43.82
N VAL D 239 20.21 24.47 44.36
CA VAL D 239 19.99 24.22 45.77
C VAL D 239 19.58 22.77 46.00
N ASP D 240 20.55 21.92 46.30
CA ASP D 240 20.29 20.51 46.52
C ASP D 240 19.65 20.29 47.89
N TYR D 241 18.37 19.95 47.89
CA TYR D 241 17.64 19.73 49.15
C TYR D 241 17.96 18.37 49.74
N ASP D 242 18.89 17.65 49.13
CA ASP D 242 19.31 16.35 49.63
C ASP D 242 20.55 16.46 50.51
N ASP D 243 21.19 17.62 50.48
CA ASP D 243 22.33 17.88 51.35
C ASP D 243 21.86 18.09 52.79
N SER D 244 22.51 17.41 53.72
CA SER D 244 22.19 17.55 55.13
C SER D 244 22.33 19.01 55.57
N LEU D 245 23.21 19.74 54.88
CA LEU D 245 23.42 21.14 55.16
C LEU D 245 22.19 21.96 54.81
N VAL D 246 21.68 21.76 53.60
CA VAL D 246 20.49 22.45 53.14
C VAL D 246 19.25 21.95 53.88
N SER D 247 19.20 20.63 54.10
CA SER D 247 18.08 20.02 54.80
C SER D 247 17.90 20.61 56.19
N LYS D 248 19.02 20.91 56.84
CA LYS D 248 19.00 21.50 58.18
C LYS D 248 18.54 22.96 58.12
N PHE D 249 18.92 23.65 57.05
CA PHE D 249 18.52 25.04 56.86
C PHE D 249 17.01 25.16 56.72
N ILE D 250 16.42 24.28 55.90
CA ILE D 250 14.98 24.27 55.69
C ILE D 250 14.23 23.96 56.98
N GLU D 251 14.78 23.08 57.80
CA GLU D 251 14.17 22.72 59.07
C GLU D 251 13.86 23.95 59.92
N ARG D 252 14.74 24.95 59.84
CA ARG D 252 14.58 26.18 60.60
C ARG D 252 13.88 27.26 59.78
N TRP D 253 14.10 27.22 58.46
CA TRP D 253 13.52 28.19 57.55
C TRP D 253 12.00 28.02 57.45
N SER D 254 11.57 26.77 57.25
CA SER D 254 10.15 26.47 57.06
C SER D 254 9.32 26.79 58.30
N THR D 255 9.97 26.96 59.44
CA THR D 255 9.27 27.21 60.69
C THR D 255 9.21 28.70 61.04
N LEU D 256 10.14 29.47 60.49
CA LEU D 256 10.20 30.91 60.76
C LEU D 256 8.85 31.59 60.54
N GLU D 257 8.57 32.60 61.35
CA GLU D 257 7.32 33.35 61.24
C GLU D 257 7.27 34.13 59.95
N GLU D 258 6.22 33.91 59.16
CA GLU D 258 6.07 34.57 57.87
C GLU D 258 5.77 36.05 58.03
N LYS D 259 5.37 36.46 59.24
CA LYS D 259 5.08 37.85 59.52
C LYS D 259 6.36 38.69 59.53
N GLU D 260 7.33 38.25 60.32
CA GLU D 260 8.61 38.97 60.42
C GLU D 260 9.50 38.65 59.22
N TYR D 261 9.43 37.41 58.75
CA TYR D 261 10.21 36.98 57.60
C TYR D 261 9.29 36.66 56.42
N PRO D 262 9.00 37.67 55.59
CA PRO D 262 8.12 37.54 54.43
C PRO D 262 8.54 36.42 53.48
N GLY D 263 7.56 35.62 53.05
CA GLY D 263 7.82 34.53 52.13
C GLY D 263 8.94 33.61 52.59
N ALA D 264 8.90 33.23 53.85
CA ALA D 264 9.95 32.38 54.43
C ALA D 264 9.37 31.16 55.13
N HIS D 265 8.06 30.98 55.04
CA HIS D 265 7.41 29.85 55.70
C HIS D 265 7.11 28.73 54.70
N THR D 266 8.13 28.33 53.95
CA THR D 266 7.98 27.26 52.97
C THR D 266 9.11 26.24 53.11
N ALA D 267 8.93 25.08 52.46
CA ALA D 267 9.92 24.02 52.50
C ALA D 267 10.99 24.21 51.43
N THR D 268 10.77 25.16 50.54
CA THR D 268 11.72 25.45 49.46
C THR D 268 12.20 26.89 49.52
N ILE D 269 13.15 27.23 48.66
CA ILE D 269 13.71 28.58 48.61
C ILE D 269 14.25 28.92 47.23
N LYS D 270 13.93 30.10 46.74
CA LYS D 270 14.41 30.56 45.44
C LYS D 270 15.93 30.61 45.43
N TYR D 271 16.52 30.23 44.31
CA TYR D 271 17.98 30.18 44.21
C TYR D 271 18.62 31.55 44.43
N THR D 272 17.88 32.61 44.08
CA THR D 272 18.35 33.97 44.30
C THR D 272 18.47 34.25 45.80
N SER D 273 17.49 33.76 46.57
CA SER D 273 17.49 33.95 48.01
C SER D 273 18.57 33.10 48.66
N ALA D 274 18.73 31.86 48.17
CA ALA D 274 19.73 30.95 48.70
C ALA D 274 21.13 31.50 48.52
N LEU D 275 21.36 32.18 47.40
CA LEU D 275 22.65 32.79 47.12
C LEU D 275 22.90 33.98 48.03
N THR D 276 21.83 34.69 48.38
CA THR D 276 21.92 35.82 49.30
C THR D 276 22.42 35.34 50.66
N TYR D 277 21.85 34.24 51.13
CA TYR D 277 22.26 33.64 52.40
C TYR D 277 23.72 33.22 52.35
N ASP D 278 24.12 32.61 51.23
CA ASP D 278 25.50 32.17 51.05
C ASP D 278 26.43 33.35 50.89
N ALA D 279 25.88 34.48 50.46
CA ALA D 279 26.67 35.70 50.30
C ALA D 279 27.13 36.22 51.65
N VAL D 280 26.23 36.19 52.63
CA VAL D 280 26.56 36.62 53.98
C VAL D 280 27.72 35.80 54.55
N GLN D 281 27.68 34.50 54.31
CA GLN D 281 28.71 33.60 54.79
C GLN D 281 30.07 33.91 54.17
N VAL D 282 30.05 34.27 52.89
CA VAL D 282 31.27 34.62 52.18
C VAL D 282 31.89 35.90 52.73
N MET D 283 31.04 36.89 53.00
CA MET D 283 31.49 38.18 53.53
C MET D 283 32.03 38.03 54.95
N THR D 284 31.46 37.10 55.71
CA THR D 284 31.91 36.84 57.07
C THR D 284 33.29 36.19 57.08
N GLU D 285 33.42 35.11 56.30
CA GLU D 285 34.69 34.40 56.21
C GLU D 285 35.80 35.28 55.64
N ALA D 286 35.40 36.26 54.82
CA ALA D 286 36.35 37.16 54.20
C ALA D 286 36.91 38.16 55.21
N PHE D 287 36.02 38.79 55.96
CA PHE D 287 36.40 39.77 56.97
C PHE D 287 37.10 39.08 58.15
N ARG D 288 36.88 37.77 58.27
CA ARG D 288 37.50 36.99 59.34
C ARG D 288 38.93 36.61 58.98
N ASN D 289 39.15 36.33 57.69
CA ASN D 289 40.49 35.99 57.20
C ASN D 289 41.40 37.21 57.17
N LEU D 290 40.82 38.40 57.34
CA LEU D 290 41.59 39.63 57.39
C LEU D 290 42.05 39.94 58.81
N ARG D 291 41.24 39.53 59.79
CA ARG D 291 41.58 39.71 61.20
C ARG D 291 42.68 38.75 61.60
N LYS D 292 42.56 37.51 61.16
CA LYS D 292 43.54 36.47 61.48
C LYS D 292 44.82 36.65 60.68
N GLN D 293 44.76 37.48 59.64
CA GLN D 293 45.92 37.75 58.81
C GLN D 293 46.64 39.03 59.24
N ARG D 294 46.14 39.64 60.31
CA ARG D 294 46.74 40.86 60.85
C ARG D 294 46.80 41.96 59.80
N ILE D 295 45.67 42.21 59.14
CA ILE D 295 45.60 43.25 58.10
C ILE D 295 44.66 44.38 58.51
N GLU D 296 45.23 45.56 58.73
CA GLU D 296 44.45 46.73 59.10
C GLU D 296 43.85 47.39 57.86
N ILE D 297 42.53 47.59 57.87
CA ILE D 297 41.84 48.17 56.74
C ILE D 297 40.86 49.27 57.18
N SER D 298 40.85 49.56 58.48
CA SER D 298 40.02 50.63 59.01
C SER D 298 40.29 51.94 58.28
N ARG D 299 39.23 52.55 57.77
CA ARG D 299 39.36 53.81 57.03
C ARG D 299 39.91 54.93 57.90
N ARG D 300 40.73 55.79 57.30
CA ARG D 300 41.33 56.90 58.02
C ARG D 300 40.32 58.02 58.27
N GLY D 301 39.26 58.04 57.46
CA GLY D 301 38.23 59.04 57.59
C GLY D 301 37.16 58.90 56.51
N ASN D 302 36.32 59.93 56.38
CA ASN D 302 35.27 59.93 55.38
C ASN D 302 35.85 59.72 53.98
N ALA D 303 35.10 58.99 53.14
CA ALA D 303 35.61 58.64 51.82
C ALA D 303 35.44 59.80 50.83
N GLY D 304 34.47 60.67 51.12
CA GLY D 304 34.21 61.82 50.27
C GLY D 304 33.23 61.50 49.16
N ASP D 305 32.98 62.49 48.30
CA ASP D 305 32.06 62.31 47.19
C ASP D 305 32.65 61.38 46.14
N CYS D 306 31.84 60.46 45.64
CA CYS D 306 32.31 59.47 44.67
C CYS D 306 32.67 60.12 43.33
N LEU D 307 32.08 61.27 43.06
CA LEU D 307 32.34 62.00 41.82
C LEU D 307 33.63 62.82 41.93
N ALA D 308 34.35 62.66 43.03
CA ALA D 308 35.59 63.39 43.26
C ALA D 308 36.53 63.23 42.07
N ASN D 309 37.05 64.35 41.57
CA ASN D 309 37.95 64.35 40.43
C ASN D 309 39.23 65.13 40.73
N PRO D 310 40.39 64.48 40.59
CA PRO D 310 40.52 63.08 40.18
C PRO D 310 40.05 62.11 41.24
N ALA D 311 39.50 60.97 40.81
CA ALA D 311 39.03 59.95 41.74
C ALA D 311 40.17 59.06 42.20
N VAL D 312 40.43 59.06 43.50
CA VAL D 312 41.51 58.26 44.07
C VAL D 312 40.98 57.05 44.82
N PRO D 313 41.33 55.84 44.35
CA PRO D 313 40.93 54.59 44.97
C PRO D 313 41.68 54.33 46.27
N TRP D 314 40.96 54.03 47.34
CA TRP D 314 41.60 53.74 48.63
C TRP D 314 42.22 52.35 48.61
N GLY D 315 43.53 52.30 48.83
CA GLY D 315 44.29 51.06 48.72
C GLY D 315 43.76 49.91 49.55
N GLN D 316 43.04 50.22 50.62
CA GLN D 316 42.51 49.19 51.51
C GLN D 316 41.47 48.32 50.79
N GLY D 317 40.99 48.79 49.66
CA GLY D 317 39.99 48.06 48.87
C GLY D 317 40.58 46.87 48.14
N VAL D 318 41.84 46.99 47.74
CA VAL D 318 42.52 45.93 47.01
C VAL D 318 42.61 44.66 47.86
N GLU D 319 42.77 44.84 49.17
CA GLU D 319 42.87 43.71 50.10
C GLU D 319 41.51 43.08 50.36
N ILE D 320 40.47 43.89 50.40
CA ILE D 320 39.11 43.40 50.63
C ILE D 320 38.68 42.49 49.49
N GLU D 321 39.18 42.78 48.28
CA GLU D 321 38.87 41.95 47.12
C GLU D 321 39.58 40.61 47.20
N ARG D 322 40.87 40.65 47.50
CA ARG D 322 41.67 39.44 47.62
C ARG D 322 41.18 38.55 48.76
N ALA D 323 40.35 39.11 49.62
CA ALA D 323 39.78 38.37 50.74
C ALA D 323 38.54 37.60 50.30
N LEU D 324 37.58 38.33 49.75
CA LEU D 324 36.33 37.73 49.28
C LEU D 324 36.60 36.65 48.23
N LYS D 325 37.49 36.96 47.30
CA LYS D 325 37.82 36.04 46.21
C LYS D 325 38.58 34.81 46.70
N GLN D 326 39.17 34.92 47.89
CA GLN D 326 39.94 33.82 48.46
C GLN D 326 39.05 32.92 49.33
N VAL D 327 37.87 33.40 49.66
CA VAL D 327 36.93 32.65 50.49
C VAL D 327 36.55 31.33 49.85
N GLN D 328 36.37 30.30 50.67
CA GLN D 328 35.93 28.99 50.20
C GLN D 328 35.25 28.20 51.30
N VAL D 329 33.93 28.33 51.37
CA VAL D 329 33.13 27.63 52.38
C VAL D 329 32.02 26.80 51.73
N GLU D 330 31.25 26.12 52.56
CA GLU D 330 30.14 25.31 52.07
C GLU D 330 28.81 25.98 52.37
N GLY D 331 27.99 26.16 51.34
CA GLY D 331 26.70 26.83 51.50
C GLY D 331 25.55 26.05 50.88
N LEU D 332 24.40 26.70 50.80
CA LEU D 332 23.20 26.09 50.23
C LEU D 332 23.40 25.75 48.76
N SER D 333 24.21 26.54 48.07
CA SER D 333 24.45 26.34 46.65
C SER D 333 25.73 25.54 46.41
N GLY D 334 25.93 24.50 47.21
CA GLY D 334 27.08 23.63 47.06
C GLY D 334 28.39 24.30 47.43
N ASN D 335 29.49 23.72 46.97
CA ASN D 335 30.82 24.26 47.27
C ASN D 335 31.03 25.63 46.64
N ILE D 336 31.38 26.61 47.46
CA ILE D 336 31.58 27.98 46.98
C ILE D 336 33.06 28.31 46.82
N LYS D 337 33.46 28.59 45.59
CA LYS D 337 34.84 28.98 45.30
C LYS D 337 34.87 30.04 44.20
N PHE D 338 35.93 30.83 44.16
CA PHE D 338 36.04 31.91 43.19
C PHE D 338 37.38 31.93 42.49
N ASP D 339 37.43 32.60 41.34
CA ASP D 339 38.69 32.82 40.64
C ASP D 339 39.15 34.26 40.82
N GLN D 340 40.20 34.66 40.11
CA GLN D 340 40.75 35.99 40.25
C GLN D 340 39.77 37.08 39.85
N ASN D 341 38.78 36.72 39.05
CA ASN D 341 37.80 37.69 38.56
C ASN D 341 36.59 37.85 39.48
N GLY D 342 36.02 36.73 39.91
CA GLY D 342 34.87 36.74 40.78
C GLY D 342 33.84 35.71 40.40
N LYS D 343 34.00 35.11 39.22
CA LYS D 343 33.10 34.07 38.76
C LYS D 343 33.33 32.79 39.56
N ARG D 344 32.23 32.16 39.99
CA ARG D 344 32.32 30.95 40.78
C ARG D 344 32.91 29.78 40.00
N ILE D 345 33.67 28.93 40.68
CA ILE D 345 34.29 27.77 40.07
C ILE D 345 34.14 26.55 40.97
N ASN D 346 34.46 25.38 40.42
CA ASN D 346 34.34 24.12 41.15
C ASN D 346 32.97 23.97 41.81
N TYR D 347 31.92 24.28 41.05
CA TYR D 347 30.55 24.18 41.56
C TYR D 347 29.82 23.00 40.93
N THR D 348 28.60 22.75 41.39
CA THR D 348 27.81 21.63 40.90
C THR D 348 26.36 22.02 40.67
N ILE D 349 25.87 21.75 39.46
CA ILE D 349 24.48 22.03 39.11
C ILE D 349 23.74 20.73 38.79
N ASN D 350 22.78 20.39 39.63
CA ASN D 350 22.01 19.16 39.43
C ASN D 350 21.01 19.26 38.29
N ILE D 351 21.06 18.28 37.39
CA ILE D 351 20.09 18.21 36.29
C ILE D 351 18.82 17.53 36.75
N MET D 352 17.69 18.18 36.52
CA MET D 352 16.41 17.69 37.02
C MET D 352 15.45 17.31 35.91
N GLU D 353 14.65 16.28 36.16
CA GLU D 353 13.57 15.89 35.27
C GLU D 353 12.27 15.75 36.06
N LEU D 354 11.15 16.14 35.44
CA LEU D 354 9.86 16.09 36.11
C LEU D 354 9.11 14.81 35.76
N LYS D 355 8.98 13.92 36.74
CA LYS D 355 8.27 12.67 36.55
C LYS D 355 6.86 12.76 37.13
N THR D 356 6.18 11.62 37.21
CA THR D 356 4.82 11.56 37.74
C THR D 356 4.80 11.81 39.25
N ASN D 357 5.77 11.24 39.96
CA ASN D 357 5.85 11.40 41.40
C ASN D 357 6.45 12.74 41.81
N GLY D 358 6.91 13.51 40.83
CA GLY D 358 7.51 14.80 41.09
C GLY D 358 8.91 14.91 40.52
N PRO D 359 9.58 16.06 40.75
CA PRO D 359 10.94 16.31 40.30
C PRO D 359 11.90 15.23 40.79
N ARG D 360 12.96 14.97 40.01
CA ARG D 360 13.94 13.95 40.37
C ARG D 360 15.28 14.21 39.71
N LYS D 361 16.34 14.22 40.50
CA LYS D 361 17.68 14.46 40.00
C LYS D 361 18.17 13.25 39.21
N ILE D 362 18.54 13.50 37.95
CA ILE D 362 19.03 12.43 37.08
C ILE D 362 20.54 12.52 36.90
N GLY D 363 21.15 13.52 37.51
CA GLY D 363 22.59 13.71 37.43
C GLY D 363 23.00 15.12 37.79
N TYR D 364 24.28 15.43 37.58
CA TYR D 364 24.80 16.76 37.88
C TYR D 364 25.72 17.25 36.77
N TRP D 365 26.15 18.50 36.89
CA TRP D 365 27.05 19.08 35.89
C TRP D 365 28.22 19.79 36.56
N SER D 366 29.44 19.33 36.27
CA SER D 366 30.63 19.95 36.79
C SER D 366 31.36 20.71 35.68
N GLU D 367 31.97 21.83 36.05
CA GLU D 367 32.69 22.64 35.07
C GLU D 367 33.88 21.88 34.48
N VAL D 368 34.24 20.78 35.11
CA VAL D 368 35.40 20.00 34.70
C VAL D 368 35.03 18.60 34.22
N ASP D 369 33.83 18.14 34.59
CA ASP D 369 33.39 16.79 34.24
C ASP D 369 32.17 16.81 33.35
N LYS D 370 31.73 18.01 32.95
CA LYS D 370 30.52 18.15 32.16
C LYS D 370 29.35 17.47 32.86
N MET D 371 28.49 16.81 32.08
CA MET D 371 27.34 16.13 32.65
C MET D 371 27.66 14.70 33.08
N VAL D 372 27.19 14.33 34.26
CA VAL D 372 27.40 12.98 34.79
C VAL D 372 26.11 12.46 35.42
N LEU D 373 25.54 11.41 34.84
CA LEU D 373 24.31 10.82 35.35
C LEU D 373 24.60 9.82 36.47
N THR D 374 23.55 9.36 37.13
CA THR D 374 23.68 8.40 38.22
C THR D 374 23.30 6.99 37.78
N GLU D 375 24.29 6.10 37.73
CA GLU D 375 24.06 4.72 37.32
C GLU D 375 22.81 4.15 37.98
N ASP D 376 21.83 3.79 37.16
CA ASP D 376 20.58 3.23 37.65
C ASP D 376 19.56 3.11 36.52
N ASP D 377 20.03 2.72 35.35
CA ASP D 377 19.16 2.57 34.19
C ASP D 377 17.86 1.88 34.55
N THR D 378 16.83 2.07 33.74
CA THR D 378 15.53 1.46 33.98
C THR D 378 15.61 -0.06 33.90
N SER D 379 14.46 -0.70 33.67
CA SER D 379 14.40 -2.15 33.58
C SER D 379 13.77 -2.59 32.26
N GLY D 380 13.96 -1.77 31.22
CA GLY D 380 13.41 -2.07 29.91
C GLY D 380 13.68 -3.50 29.48
N LEU D 381 14.65 -4.14 30.13
CA LEU D 381 15.01 -5.51 29.82
C LEU D 381 13.77 -6.41 29.81
N GLU D 382 12.68 -5.92 30.38
CA GLU D 382 11.43 -6.68 30.43
C GLU D 382 11.06 -7.22 29.06
N GLN D 383 11.86 -8.15 28.56
CA GLN D 383 11.61 -8.75 27.26
C GLN D 383 12.69 -9.78 26.91
N LYS D 384 12.82 -10.80 27.75
CA LYS D 384 13.82 -11.84 27.53
C LYS D 384 13.79 -12.33 26.08
N THR D 385 14.90 -12.11 25.37
CA THR D 385 15.01 -12.51 23.98
C THR D 385 14.50 -13.94 23.79
N VAL D 386 13.20 -14.06 23.50
CA VAL D 386 12.59 -15.37 23.28
C VAL D 386 13.57 -16.33 22.64
N VAL D 387 14.46 -16.90 23.45
CA VAL D 387 15.45 -17.85 22.96
C VAL D 387 14.84 -18.78 21.91
N VAL D 388 15.24 -18.58 20.66
CA VAL D 388 14.72 -19.39 19.56
C VAL D 388 15.69 -20.50 19.18
N THR D 389 15.28 -21.75 19.40
CA THR D 389 16.11 -22.89 19.04
C THR D 389 15.78 -23.38 17.63
N THR D 390 16.82 -23.79 16.90
CA THR D 390 16.63 -24.28 15.54
C THR D 390 17.79 -25.20 15.14
N ILE D 391 17.57 -26.01 14.11
CA ILE D 391 18.57 -26.94 13.64
C ILE D 391 19.18 -26.49 12.32
N LEU D 392 20.43 -26.86 12.09
CA LEU D 392 21.12 -26.53 10.85
C LEU D 392 20.72 -27.49 9.74
N GLU D 393 19.72 -27.10 8.96
CA GLU D 393 19.23 -27.93 7.85
C GLU D 393 18.87 -27.07 6.65
N SER D 394 19.59 -27.26 5.56
CA SER D 394 19.34 -26.49 4.34
C SER D 394 18.02 -26.90 3.69
N PRO D 395 17.28 -25.93 3.15
CA PRO D 395 17.64 -24.50 3.14
C PRO D 395 16.88 -23.72 4.21
N TYR D 396 16.55 -24.37 5.31
CA TYR D 396 15.81 -23.73 6.39
C TYR D 396 16.70 -22.83 7.23
N VAL D 397 17.81 -23.37 7.71
CA VAL D 397 18.78 -22.60 8.48
C VAL D 397 20.20 -22.97 8.07
N MET D 398 20.90 -22.03 7.46
CA MET D 398 22.26 -22.27 6.98
C MET D 398 23.20 -21.16 7.45
N MET D 399 24.50 -21.46 7.48
CA MET D 399 25.51 -20.48 7.83
C MET D 399 25.76 -19.55 6.66
N LYS D 400 25.57 -18.25 6.88
CA LYS D 400 25.79 -17.25 5.83
C LYS D 400 27.23 -17.34 5.33
N LYS D 401 27.45 -16.83 4.11
CA LYS D 401 28.77 -16.86 3.49
C LYS D 401 29.85 -16.37 4.46
N ASN D 402 29.84 -15.07 4.73
CA ASN D 402 30.81 -14.47 5.65
C ASN D 402 30.30 -14.50 7.09
N HIS D 403 29.94 -15.67 7.57
CA HIS D 403 29.42 -15.82 8.92
C HIS D 403 30.49 -15.55 9.98
N GLU D 404 31.75 -15.69 9.59
CA GLU D 404 32.87 -15.45 10.48
C GLU D 404 33.04 -13.96 10.77
N MET D 405 32.56 -13.13 9.84
CA MET D 405 32.66 -11.68 9.99
C MET D 405 31.36 -11.10 10.54
N LEU D 406 30.44 -11.98 10.91
CA LEU D 406 29.15 -11.56 11.45
C LEU D 406 28.90 -12.14 12.84
N GLU D 407 27.87 -11.63 13.51
CA GLU D 407 27.52 -12.10 14.85
C GLU D 407 26.01 -12.03 15.06
N GLY D 408 25.55 -12.66 16.14
CA GLY D 408 24.13 -12.66 16.47
C GLY D 408 23.29 -13.45 15.49
N ASN D 409 22.16 -12.89 15.10
CA ASN D 409 21.24 -13.55 14.18
C ASN D 409 21.62 -13.35 12.73
N GLU D 410 22.51 -12.39 12.47
CA GLU D 410 22.96 -12.09 11.12
C GLU D 410 23.82 -13.21 10.55
N ARG D 411 24.29 -14.09 11.43
CA ARG D 411 25.14 -15.19 11.02
C ARG D 411 24.38 -16.22 10.18
N TYR D 412 23.08 -16.33 10.42
CA TYR D 412 22.29 -17.37 9.77
C TYR D 412 21.36 -16.83 8.69
N GLU D 413 20.97 -17.70 7.76
CA GLU D 413 20.05 -17.36 6.69
C GLU D 413 19.30 -18.60 6.24
N GLY D 414 18.04 -18.43 5.85
CA GLY D 414 17.24 -19.55 5.40
C GLY D 414 15.74 -19.33 5.57
N TYR D 415 14.97 -20.35 5.22
CA TYR D 415 13.51 -20.28 5.31
C TYR D 415 13.05 -20.00 6.73
N CYS D 416 13.54 -20.78 7.68
CA CYS D 416 13.17 -20.63 9.08
C CYS D 416 13.73 -19.35 9.69
N VAL D 417 14.88 -18.93 9.20
CA VAL D 417 15.49 -17.68 9.68
C VAL D 417 14.60 -16.50 9.34
N ASP D 418 14.03 -16.51 8.15
CA ASP D 418 13.08 -15.48 7.73
C ASP D 418 11.74 -15.66 8.44
N LEU D 419 11.33 -16.92 8.58
CA LEU D 419 10.08 -17.23 9.26
C LEU D 419 10.11 -16.78 10.71
N ALA D 420 11.30 -16.79 11.31
CA ALA D 420 11.47 -16.34 12.68
C ALA D 420 11.20 -14.85 12.80
N ALA D 421 11.82 -14.07 11.91
CA ALA D 421 11.63 -12.62 11.91
C ALA D 421 10.17 -12.25 11.71
N GLU D 422 9.49 -12.99 10.84
CA GLU D 422 8.08 -12.75 10.57
C GLU D 422 7.22 -13.03 11.80
N ILE D 423 7.44 -14.18 12.44
CA ILE D 423 6.72 -14.54 13.63
C ILE D 423 6.96 -13.52 14.74
N ALA D 424 8.21 -13.11 14.89
CA ALA D 424 8.58 -12.15 15.92
C ALA D 424 7.95 -10.78 15.68
N LYS D 425 7.70 -10.47 14.41
CA LYS D 425 7.11 -9.18 14.05
C LYS D 425 5.63 -9.12 14.39
N HIS D 426 4.94 -10.24 14.17
CA HIS D 426 3.50 -10.31 14.41
C HIS D 426 3.18 -10.59 15.88
N CYS D 427 4.16 -11.14 16.60
CA CYS D 427 3.98 -11.44 18.02
C CYS D 427 4.65 -10.36 18.89
N GLY D 428 5.48 -9.54 18.26
CA GLY D 428 6.14 -8.46 18.95
C GLY D 428 7.10 -8.90 20.03
N PHE D 429 8.31 -9.31 19.63
CA PHE D 429 9.34 -9.71 20.58
C PHE D 429 10.70 -9.84 19.91
N LYS D 430 11.76 -9.55 20.68
CA LYS D 430 13.11 -9.73 20.21
C LYS D 430 13.54 -11.17 20.46
N TYR D 431 14.44 -11.69 19.63
CA TYR D 431 14.86 -13.07 19.75
C TYR D 431 16.33 -13.29 19.45
N LYS D 432 16.85 -14.42 19.91
CA LYS D 432 18.25 -14.80 19.66
C LYS D 432 18.32 -16.20 19.08
N LEU D 433 18.64 -16.28 17.79
CA LEU D 433 18.74 -17.57 17.11
C LEU D 433 19.87 -18.41 17.67
N THR D 434 19.53 -19.62 18.13
CA THR D 434 20.52 -20.54 18.69
C THR D 434 20.38 -21.93 18.08
N ILE D 435 21.51 -22.55 17.77
CA ILE D 435 21.51 -23.90 17.22
C ILE D 435 21.50 -24.94 18.34
N VAL D 436 20.63 -25.93 18.21
CA VAL D 436 20.51 -26.99 19.20
C VAL D 436 21.84 -27.72 19.38
N GLY D 437 22.16 -28.06 20.62
CA GLY D 437 23.42 -28.71 20.95
C GLY D 437 23.68 -29.99 20.18
N ASP D 438 22.97 -31.05 20.54
CA ASP D 438 23.18 -32.37 19.93
C ASP D 438 22.83 -32.39 18.44
N GLY D 439 22.14 -31.35 17.98
CA GLY D 439 21.81 -31.24 16.56
C GLY D 439 20.74 -32.21 16.12
N LYS D 440 19.88 -32.62 17.05
CA LYS D 440 18.78 -33.52 16.74
C LYS D 440 17.46 -32.76 16.73
N TYR D 441 16.41 -33.41 16.23
CA TYR D 441 15.09 -32.78 16.16
C TYR D 441 14.32 -32.93 17.46
N GLY D 442 13.79 -34.13 17.70
CA GLY D 442 13.03 -34.39 18.92
C GLY D 442 12.59 -35.83 19.07
N ALA D 443 13.44 -36.64 19.70
CA ALA D 443 13.12 -38.04 19.95
C ALA D 443 13.12 -38.33 21.44
N ARG D 444 12.73 -39.55 21.81
CA ARG D 444 12.66 -39.92 23.22
C ARG D 444 13.30 -41.28 23.47
N ASP D 445 14.49 -41.27 24.06
CA ASP D 445 15.18 -42.51 24.42
C ASP D 445 14.30 -43.35 25.33
N ALA D 446 14.00 -44.56 24.90
CA ALA D 446 13.12 -45.45 25.64
C ALA D 446 13.58 -45.68 27.08
N ASP D 447 14.88 -45.96 27.24
CA ASP D 447 15.44 -46.25 28.56
C ASP D 447 15.40 -45.06 29.50
N THR D 448 16.22 -44.06 29.21
CA THR D 448 16.35 -42.89 30.07
C THR D 448 15.08 -42.03 30.06
N LYS D 449 14.23 -42.25 29.06
CA LYS D 449 13.00 -41.48 28.93
C LYS D 449 13.28 -39.98 28.84
N ILE D 450 14.40 -39.65 28.21
CA ILE D 450 14.82 -38.26 28.08
C ILE D 450 14.63 -37.75 26.65
N TRP D 451 14.11 -36.53 26.53
CA TRP D 451 13.95 -35.90 25.23
C TRP D 451 15.26 -35.25 24.78
N ASN D 452 15.53 -35.33 23.49
CA ASN D 452 16.74 -34.74 22.92
C ASN D 452 16.42 -33.77 21.80
N GLY D 453 17.41 -33.00 21.37
CA GLY D 453 17.24 -32.04 20.30
C GLY D 453 16.44 -30.82 20.73
N MET D 454 15.77 -30.19 19.77
CA MET D 454 14.98 -28.99 20.04
C MET D 454 13.82 -29.28 20.98
N VAL D 455 13.07 -30.33 20.69
CA VAL D 455 11.94 -30.73 21.53
C VAL D 455 12.39 -30.87 22.98
N GLY D 456 13.63 -31.34 23.16
CA GLY D 456 14.19 -31.49 24.48
C GLY D 456 14.46 -30.15 25.15
N GLU D 457 15.16 -29.28 24.44
CA GLU D 457 15.50 -27.96 24.97
C GLU D 457 14.26 -27.14 25.33
N LEU D 458 13.11 -27.55 24.81
CA LEU D 458 11.85 -26.88 25.12
C LEU D 458 11.28 -27.39 26.43
N VAL D 459 11.28 -28.70 26.61
CA VAL D 459 10.72 -29.32 27.80
C VAL D 459 11.54 -29.03 29.05
N TYR D 460 12.84 -28.82 28.87
CA TYR D 460 13.73 -28.60 30.00
C TYR D 460 14.10 -27.13 30.19
N GLY D 461 13.35 -26.25 29.53
CA GLY D 461 13.49 -24.82 29.74
C GLY D 461 14.74 -24.18 29.17
N LYS D 462 15.39 -24.86 28.23
CA LYS D 462 16.59 -24.32 27.59
C LYS D 462 16.24 -23.25 26.57
N ALA D 463 15.09 -23.40 25.91
CA ALA D 463 14.65 -22.44 24.92
C ALA D 463 13.18 -22.07 25.14
N ASP D 464 12.76 -20.96 24.53
CA ASP D 464 11.40 -20.46 24.68
C ASP D 464 10.51 -20.89 23.52
N ILE D 465 11.11 -21.17 22.38
CA ILE D 465 10.37 -21.51 21.17
C ILE D 465 11.25 -22.22 20.16
N ALA D 466 10.64 -23.06 19.33
CA ALA D 466 11.37 -23.81 18.32
C ALA D 466 10.86 -23.51 16.92
N ILE D 467 11.68 -22.80 16.14
CA ILE D 467 11.33 -22.48 14.76
C ILE D 467 12.23 -23.24 13.79
N ALA D 468 11.75 -24.39 13.34
CA ALA D 468 12.53 -25.26 12.47
C ALA D 468 11.58 -26.25 11.79
N PRO D 469 12.12 -27.07 10.85
CA PRO D 469 11.29 -28.09 10.20
C PRO D 469 10.93 -29.22 11.17
N LEU D 470 10.30 -28.88 12.28
CA LEU D 470 9.93 -29.88 13.28
C LEU D 470 8.59 -30.52 12.92
N THR D 471 8.62 -31.83 12.69
CA THR D 471 7.42 -32.57 12.32
C THR D 471 6.42 -32.59 13.47
N ILE D 472 5.14 -32.42 13.15
CA ILE D 472 4.08 -32.47 14.15
C ILE D 472 3.64 -33.90 14.39
N THR D 473 4.19 -34.53 15.42
CA THR D 473 3.87 -35.92 15.74
C THR D 473 3.10 -36.02 17.04
N LEU D 474 2.33 -37.10 17.19
CA LEU D 474 1.54 -37.33 18.39
C LEU D 474 2.41 -37.42 19.63
N VAL D 475 3.54 -38.11 19.50
CA VAL D 475 4.45 -38.31 20.63
C VAL D 475 4.98 -36.98 21.17
N ARG D 476 5.04 -35.97 20.31
CA ARG D 476 5.56 -34.66 20.69
C ARG D 476 4.44 -33.73 21.14
N GLU D 477 3.28 -33.84 20.49
CA GLU D 477 2.13 -33.00 20.83
C GLU D 477 1.71 -33.20 22.28
N GLU D 478 2.14 -34.32 22.87
CA GLU D 478 1.80 -34.64 24.25
C GLU D 478 2.64 -33.85 25.24
N VAL D 479 3.88 -33.54 24.87
CA VAL D 479 4.80 -32.86 25.77
C VAL D 479 4.91 -31.36 25.48
N ILE D 480 4.77 -31.00 24.20
CA ILE D 480 4.85 -29.60 23.79
C ILE D 480 3.64 -29.18 22.98
N ASP D 481 3.62 -27.92 22.55
CA ASP D 481 2.52 -27.40 21.76
C ASP D 481 2.96 -27.07 20.34
N PHE D 482 2.20 -27.54 19.36
CA PHE D 482 2.50 -27.27 17.96
C PHE D 482 1.49 -26.31 17.35
N SER D 483 1.98 -25.23 16.77
CA SER D 483 1.12 -24.32 16.02
C SER D 483 0.66 -25.02 14.76
N LYS D 484 -0.32 -24.43 14.08
CA LYS D 484 -0.79 -24.99 12.82
C LYS D 484 0.38 -25.12 11.85
N PRO D 485 0.32 -26.10 10.94
CA PRO D 485 1.41 -26.37 10.01
C PRO D 485 1.74 -25.17 9.13
N PHE D 486 3.02 -24.81 9.06
CA PHE D 486 3.45 -23.71 8.20
C PHE D 486 3.99 -24.26 6.88
N MET D 487 3.90 -25.57 6.71
CA MET D 487 4.37 -26.23 5.49
C MET D 487 3.98 -27.70 5.47
N SER D 488 3.01 -28.04 4.62
CA SER D 488 2.56 -29.42 4.49
C SER D 488 3.47 -30.21 3.54
N LEU D 489 3.79 -31.44 3.92
CA LEU D 489 4.69 -32.27 3.12
C LEU D 489 4.31 -33.75 3.22
N GLY D 490 5.26 -34.60 2.82
CA GLY D 490 5.06 -36.04 2.85
C GLY D 490 6.25 -36.79 2.27
N ILE D 491 6.07 -38.09 2.04
CA ILE D 491 7.12 -38.91 1.46
C ILE D 491 7.01 -38.94 -0.07
N SER D 492 8.11 -38.65 -0.74
CA SER D 492 8.11 -38.58 -2.21
C SER D 492 9.11 -39.55 -2.83
N ILE D 493 9.11 -39.60 -4.16
CA ILE D 493 10.00 -40.48 -4.91
C ILE D 493 11.02 -39.68 -5.72
N MET D 494 12.28 -40.09 -5.66
CA MET D 494 13.34 -39.41 -6.41
C MET D 494 14.02 -40.35 -7.39
N ILE D 495 14.07 -39.95 -8.66
CA ILE D 495 14.76 -40.73 -9.68
C ILE D 495 15.82 -39.90 -10.39
N LYS D 496 16.51 -40.52 -11.34
CA LYS D 496 17.56 -39.82 -12.08
C LYS D 496 16.96 -38.75 -13.00
N LYS D 497 17.82 -38.04 -13.72
CA LYS D 497 17.36 -37.00 -14.63
C LYS D 497 16.73 -37.61 -15.88
N PRO D 498 15.46 -37.14 -16.20
CA PRO D 498 14.87 -37.76 -17.40
C PRO D 498 15.80 -37.66 -18.61
N GLN D 499 16.94 -38.34 -18.56
CA GLN D 499 17.90 -38.32 -19.65
C GLN D 499 17.29 -38.95 -20.90
N LYS D 500 18.16 -39.54 -21.74
CA LYS D 500 17.70 -40.17 -22.97
C LYS D 500 18.88 -40.53 -23.88
N SER D 501 18.86 -41.75 -24.41
CA SER D 501 19.91 -42.22 -25.29
C SER D 501 19.82 -43.72 -25.53
N LYS D 502 19.74 -44.12 -26.80
CA LYS D 502 19.65 -45.53 -27.16
C LYS D 502 19.29 -45.69 -28.63
N PRO D 503 20.16 -46.48 -29.39
CA PRO D 503 19.78 -46.62 -30.79
C PRO D 503 19.07 -47.95 -31.06
N GLY D 504 19.75 -49.07 -30.80
CA GLY D 504 19.17 -50.38 -31.02
C GLY D 504 18.25 -50.42 -32.22
N VAL D 505 18.82 -50.64 -33.40
CA VAL D 505 18.03 -50.68 -34.62
C VAL D 505 16.55 -50.48 -34.31
N PHE D 506 16.22 -50.46 -33.02
CA PHE D 506 14.85 -50.29 -32.57
C PHE D 506 14.38 -48.84 -32.65
N SER D 507 15.24 -47.95 -33.15
CA SER D 507 14.84 -46.56 -33.38
C SER D 507 14.32 -46.41 -34.80
N PHE D 508 14.32 -47.54 -35.53
CA PHE D 508 13.83 -47.57 -36.90
C PHE D 508 12.47 -48.26 -36.94
N LEU D 509 12.25 -49.15 -35.98
CA LEU D 509 10.99 -49.87 -35.88
C LEU D 509 9.97 -49.06 -35.09
N ASP D 510 10.42 -47.99 -34.47
CA ASP D 510 9.54 -47.13 -33.67
C ASP D 510 8.72 -46.17 -34.52
N PRO D 511 9.41 -45.42 -35.37
CA PRO D 511 8.73 -44.48 -36.27
C PRO D 511 7.68 -45.33 -36.93
N LEU D 512 8.11 -46.45 -37.49
CA LEU D 512 7.18 -47.38 -38.08
C LEU D 512 6.91 -48.49 -37.05
N ALA D 513 5.65 -48.54 -36.62
CA ALA D 513 5.18 -49.41 -35.55
C ALA D 513 5.48 -50.86 -35.87
N TYR D 514 5.72 -51.64 -34.82
CA TYR D 514 5.97 -53.06 -35.00
C TYR D 514 4.82 -53.73 -35.75
N GLU D 515 3.61 -53.25 -35.49
CA GLU D 515 2.42 -53.80 -36.13
C GLU D 515 2.44 -53.51 -37.62
N ILE D 516 2.99 -52.36 -37.99
CA ILE D 516 3.06 -51.96 -39.38
C ILE D 516 4.16 -52.69 -40.13
N TRP D 517 5.30 -52.90 -39.48
CA TRP D 517 6.39 -53.67 -40.08
C TRP D 517 5.91 -55.08 -40.39
N MET D 518 5.01 -55.58 -39.55
CA MET D 518 4.46 -56.92 -39.72
C MET D 518 3.58 -56.99 -40.96
N CYS D 519 2.55 -56.15 -41.00
CA CYS D 519 1.61 -56.15 -42.10
C CYS D 519 2.27 -55.88 -43.45
N ILE D 520 3.27 -55.00 -43.45
CA ILE D 520 4.00 -54.70 -44.68
C ILE D 520 4.78 -55.91 -45.16
N VAL D 521 5.05 -56.84 -44.23
CA VAL D 521 5.73 -58.08 -44.57
C VAL D 521 4.72 -59.15 -45.00
N PHE D 522 3.55 -59.14 -44.35
CA PHE D 522 2.48 -60.07 -44.73
C PHE D 522 1.97 -59.76 -46.12
N ALA D 523 1.79 -58.48 -46.42
CA ALA D 523 1.38 -58.04 -47.75
C ALA D 523 2.53 -58.25 -48.74
N TYR D 524 3.75 -58.24 -48.20
CA TYR D 524 4.94 -58.46 -49.01
C TYR D 524 4.91 -59.86 -49.64
N ILE D 525 4.73 -60.87 -48.79
CA ILE D 525 4.61 -62.24 -49.27
C ILE D 525 3.22 -62.46 -49.88
N GLY D 526 2.30 -61.55 -49.57
CA GLY D 526 0.96 -61.62 -50.10
C GLY D 526 0.92 -61.21 -51.56
N VAL D 527 1.95 -60.51 -52.00
CA VAL D 527 2.07 -60.12 -53.40
C VAL D 527 2.95 -61.08 -54.17
N SER D 528 3.99 -61.58 -53.51
CA SER D 528 4.90 -62.54 -54.12
C SER D 528 4.22 -63.89 -54.34
N VAL D 529 3.08 -64.08 -53.68
CA VAL D 529 2.30 -65.30 -53.85
C VAL D 529 1.24 -65.10 -54.94
N VAL D 530 0.73 -63.88 -55.05
CA VAL D 530 -0.22 -63.55 -56.11
C VAL D 530 0.47 -63.55 -57.46
N LEU D 531 1.67 -63.00 -57.51
CA LEU D 531 2.48 -63.02 -58.72
C LEU D 531 2.89 -64.45 -59.05
N PHE D 532 3.11 -65.25 -58.01
CA PHE D 532 3.50 -66.64 -58.17
C PHE D 532 2.43 -67.45 -58.89
N LEU D 533 1.18 -67.01 -58.76
CA LEU D 533 0.05 -67.69 -59.40
C LEU D 533 -0.12 -67.24 -60.85
N VAL D 534 0.58 -66.18 -61.22
CA VAL D 534 0.49 -65.64 -62.58
C VAL D 534 1.28 -66.48 -63.57
N SER D 535 2.54 -66.77 -63.24
CA SER D 535 3.40 -67.57 -64.10
C SER D 535 2.87 -68.99 -64.24
N THR D 559 7.62 -80.54 -61.59
CA THR D 559 6.61 -79.50 -61.47
C THR D 559 6.65 -78.82 -60.11
N ASN D 560 7.06 -79.56 -59.10
CA ASN D 560 7.17 -79.03 -57.74
C ASN D 560 8.35 -78.07 -57.61
N GLU D 561 9.45 -78.39 -58.26
CA GLU D 561 10.63 -77.54 -58.23
C GLU D 561 10.42 -76.30 -59.09
N PHE D 562 9.64 -76.45 -60.17
CA PHE D 562 9.32 -75.34 -61.04
C PHE D 562 8.57 -74.26 -60.28
N GLY D 563 7.87 -74.66 -59.22
CA GLY D 563 7.14 -73.73 -58.38
C GLY D 563 8.06 -73.09 -57.35
N ILE D 564 9.15 -73.77 -57.03
CA ILE D 564 10.12 -73.26 -56.08
C ILE D 564 11.01 -72.19 -56.73
N PHE D 565 11.46 -72.48 -57.95
CA PHE D 565 12.29 -71.54 -58.69
C PHE D 565 11.51 -70.27 -58.99
N ASN D 566 10.21 -70.42 -59.22
CA ASN D 566 9.34 -69.27 -59.49
C ASN D 566 9.03 -68.49 -58.22
N SER D 567 8.78 -69.20 -57.13
CA SER D 567 8.51 -68.57 -55.84
C SER D 567 9.72 -67.78 -55.36
N LEU D 568 10.90 -68.19 -55.82
CA LEU D 568 12.14 -67.49 -55.49
C LEU D 568 12.35 -66.31 -56.43
N TRP D 569 11.73 -66.38 -57.60
CA TRP D 569 11.81 -65.31 -58.59
C TRP D 569 10.82 -64.20 -58.24
N PHE D 570 9.65 -64.60 -57.75
CA PHE D 570 8.64 -63.63 -57.33
C PHE D 570 9.03 -63.01 -55.99
N SER D 571 9.88 -63.72 -55.25
CA SER D 571 10.42 -63.20 -54.00
C SER D 571 11.53 -62.20 -54.30
N LEU D 572 12.11 -62.32 -55.49
CA LEU D 572 13.12 -61.38 -55.97
C LEU D 572 12.41 -60.18 -56.59
N GLY D 573 11.24 -60.43 -57.17
CA GLY D 573 10.38 -59.37 -57.65
C GLY D 573 9.72 -58.71 -56.46
N ALA D 574 9.83 -59.38 -55.31
CA ALA D 574 9.31 -58.84 -54.05
C ALA D 574 10.37 -57.96 -53.39
N PHE D 575 11.51 -58.56 -53.07
CA PHE D 575 12.69 -57.79 -52.65
C PHE D 575 12.77 -56.61 -53.61
N MET D 576 12.42 -55.44 -53.12
CA MET D 576 11.96 -54.33 -53.97
C MET D 576 12.99 -53.66 -54.87
N GLN D 577 12.47 -52.95 -55.88
CA GLN D 577 13.24 -52.08 -56.75
C GLN D 577 12.40 -50.86 -57.12
N PRO D 584 6.62 -59.14 -69.52
CA PRO D 584 6.27 -57.94 -70.30
C PRO D 584 4.98 -57.29 -69.82
N ARG D 585 4.08 -56.98 -70.76
CA ARG D 585 2.85 -56.29 -70.43
C ARG D 585 1.71 -57.25 -70.09
N SER D 586 1.92 -58.06 -69.05
CA SER D 586 0.86 -58.92 -68.55
C SER D 586 -0.05 -58.11 -67.63
N LEU D 587 -1.06 -57.48 -68.22
CA LEU D 587 -1.95 -56.56 -67.52
C LEU D 587 -2.31 -57.02 -66.11
N SER D 588 -2.59 -58.31 -65.97
CA SER D 588 -2.95 -58.88 -64.67
C SER D 588 -1.94 -58.50 -63.60
N GLY D 589 -0.78 -59.15 -63.62
CA GLY D 589 0.26 -58.89 -62.65
C GLY D 589 0.90 -57.53 -62.82
N ARG D 590 0.56 -56.86 -63.92
CA ARG D 590 1.11 -55.54 -64.21
C ARG D 590 0.61 -54.50 -63.21
N ILE D 591 -0.71 -54.43 -63.03
CA ILE D 591 -1.30 -53.48 -62.10
C ILE D 591 -0.93 -53.83 -60.66
N VAL D 592 -0.59 -55.09 -60.43
CA VAL D 592 -0.14 -55.54 -59.12
C VAL D 592 1.17 -54.85 -58.76
N GLY D 593 2.10 -54.85 -59.70
CA GLY D 593 3.39 -54.21 -59.51
C GLY D 593 3.25 -52.70 -59.34
N GLY D 594 2.28 -52.12 -60.04
CA GLY D 594 2.02 -50.70 -59.97
C GLY D 594 1.39 -50.30 -58.65
N VAL D 595 0.36 -51.03 -58.23
CA VAL D 595 -0.32 -50.75 -56.98
C VAL D 595 0.59 -51.01 -55.78
N TRP D 596 1.37 -52.08 -55.85
CA TRP D 596 2.33 -52.38 -54.80
C TRP D 596 3.40 -51.30 -54.70
N TRP D 597 3.76 -50.72 -55.84
CA TRP D 597 4.72 -49.64 -55.87
C TRP D 597 4.15 -48.38 -55.23
N PHE D 598 2.90 -48.08 -55.56
CA PHE D 598 2.21 -46.93 -54.97
C PHE D 598 2.03 -47.14 -53.47
N PHE D 599 1.87 -48.39 -53.07
CA PHE D 599 1.72 -48.74 -51.66
C PHE D 599 3.00 -48.47 -50.88
N THR D 600 4.11 -48.99 -51.38
CA THR D 600 5.40 -48.81 -50.72
C THR D 600 5.85 -47.34 -50.78
N LEU D 601 5.42 -46.64 -51.83
CA LEU D 601 5.73 -45.23 -51.97
C LEU D 601 5.15 -44.44 -50.79
N ILE D 602 3.89 -44.70 -50.49
CA ILE D 602 3.21 -44.02 -49.39
C ILE D 602 3.89 -44.33 -48.05
N ILE D 603 4.20 -45.60 -47.84
CA ILE D 603 4.83 -46.04 -46.59
C ILE D 603 6.19 -45.38 -46.36
N ILE D 604 7.07 -45.47 -47.34
CA ILE D 604 8.40 -44.87 -47.21
C ILE D 604 8.31 -43.35 -47.06
N SER D 605 7.28 -42.76 -47.64
CA SER D 605 7.04 -41.33 -47.50
C SER D 605 6.59 -41.03 -46.07
N SER D 606 5.73 -41.89 -45.54
CA SER D 606 5.25 -41.75 -44.17
C SER D 606 6.40 -41.90 -43.18
N TYR D 607 7.22 -42.93 -43.39
CA TYR D 607 8.37 -43.16 -42.52
C TYR D 607 9.29 -41.94 -42.52
N THR D 608 9.56 -41.39 -43.70
CA THR D 608 10.44 -40.24 -43.82
C THR D 608 9.86 -39.02 -43.11
N ALA D 609 8.60 -38.73 -43.38
CA ALA D 609 7.92 -37.59 -42.78
C ALA D 609 7.89 -37.71 -41.26
N ASN D 610 7.47 -38.88 -40.77
CA ASN D 610 7.38 -39.13 -39.34
C ASN D 610 8.74 -39.02 -38.65
N LEU D 611 9.77 -39.55 -39.30
CA LEU D 611 11.11 -39.51 -38.75
C LEU D 611 11.62 -38.07 -38.63
N ALA D 612 11.10 -37.20 -39.49
CA ALA D 612 11.50 -35.79 -39.50
C ALA D 612 10.88 -35.06 -38.32
N ALA D 613 9.60 -35.29 -38.10
CA ALA D 613 8.93 -34.84 -36.90
C ALA D 613 9.77 -35.25 -35.69
N PHE D 614 10.18 -36.51 -35.64
CA PHE D 614 10.97 -37.02 -34.53
C PHE D 614 12.27 -36.26 -34.35
N LEU D 615 12.89 -35.89 -35.47
CA LEU D 615 14.18 -35.21 -35.44
C LEU D 615 14.03 -33.72 -35.18
N THR D 616 12.80 -33.24 -35.18
CA THR D 616 12.53 -31.83 -34.91
C THR D 616 12.23 -31.60 -33.44
N VAL D 617 11.15 -32.20 -32.95
CA VAL D 617 10.76 -32.08 -31.55
C VAL D 617 11.70 -32.87 -30.65
N GLU D 618 11.76 -34.17 -30.88
CA GLU D 618 12.67 -35.05 -30.14
C GLU D 618 12.46 -34.99 -28.63
N ARG D 619 11.25 -35.32 -28.19
CA ARG D 619 10.91 -35.30 -26.78
C ARG D 619 11.13 -36.68 -26.14
N MET D 620 11.83 -36.70 -25.01
CA MET D 620 12.11 -37.95 -24.31
C MET D 620 11.38 -38.00 -22.97
N VAL D 621 10.33 -38.80 -22.90
CA VAL D 621 9.53 -38.94 -21.68
C VAL D 621 10.34 -39.65 -20.60
N SER D 622 9.69 -40.61 -19.93
CA SER D 622 10.34 -41.37 -18.87
C SER D 622 9.39 -42.40 -18.26
N PRO D 623 9.71 -42.83 -16.98
CA PRO D 623 8.76 -43.83 -16.44
C PRO D 623 7.41 -43.18 -16.10
N ILE D 624 6.83 -43.56 -14.96
CA ILE D 624 5.55 -43.02 -14.55
C ILE D 624 5.49 -42.75 -13.05
N GLU D 625 4.99 -41.57 -12.69
CA GLU D 625 4.89 -41.19 -11.29
C GLU D 625 3.70 -41.89 -10.62
N SER D 626 4.00 -42.73 -9.64
CA SER D 626 2.97 -43.47 -8.92
C SER D 626 3.62 -44.57 -8.10
N ALA D 627 3.76 -44.34 -6.79
CA ALA D 627 4.38 -45.33 -5.93
C ALA D 627 3.96 -46.74 -6.35
N GLU D 628 2.74 -46.86 -6.86
CA GLU D 628 2.23 -48.14 -7.31
C GLU D 628 3.06 -48.69 -8.47
N ASP D 629 3.73 -47.78 -9.17
CA ASP D 629 4.58 -48.17 -10.29
C ASP D 629 5.87 -48.84 -9.82
N LEU D 630 6.30 -48.48 -8.62
CA LEU D 630 7.51 -49.07 -8.05
C LEU D 630 7.26 -50.50 -7.57
N SER D 631 6.01 -50.79 -7.20
CA SER D 631 5.65 -52.11 -6.70
C SER D 631 5.33 -53.07 -7.84
N LYS D 632 4.79 -52.54 -8.93
CA LYS D 632 4.38 -53.36 -10.08
C LYS D 632 5.57 -53.84 -10.90
N GLN D 633 6.74 -53.24 -10.66
CA GLN D 633 7.94 -53.60 -11.40
C GLN D 633 9.10 -53.91 -10.45
N THR D 634 10.18 -54.46 -11.01
CA THR D 634 11.34 -54.85 -10.21
C THR D 634 12.65 -54.42 -10.86
N GLU D 635 12.59 -54.08 -12.13
CA GLU D 635 13.78 -53.66 -12.87
C GLU D 635 14.49 -52.51 -12.17
N ILE D 636 13.73 -51.55 -11.68
CA ILE D 636 14.28 -50.40 -10.98
C ILE D 636 14.20 -50.59 -9.46
N ALA D 637 15.36 -50.80 -8.84
CA ALA D 637 15.43 -50.96 -7.39
C ALA D 637 15.09 -49.65 -6.69
N TYR D 638 14.74 -49.74 -5.41
CA TYR D 638 14.40 -48.56 -4.63
C TYR D 638 14.49 -48.85 -3.14
N GLY D 639 14.79 -47.81 -2.35
CA GLY D 639 14.91 -47.96 -0.91
C GLY D 639 14.77 -46.63 -0.18
N THR D 640 14.92 -46.68 1.13
CA THR D 640 14.82 -45.49 1.97
C THR D 640 16.03 -45.39 2.88
N LEU D 641 15.98 -44.43 3.81
CA LEU D 641 17.05 -44.29 4.80
C LEU D 641 16.99 -45.45 5.78
N ASP D 642 18.16 -45.96 6.16
CA ASP D 642 18.23 -47.13 7.03
C ASP D 642 17.58 -46.88 8.40
N SER D 643 17.44 -45.61 8.77
CA SER D 643 16.83 -45.24 10.04
C SER D 643 16.09 -43.92 9.94
N GLY D 644 14.84 -43.90 10.37
CA GLY D 644 14.03 -42.70 10.33
C GLY D 644 12.56 -43.01 10.16
N SER D 645 11.73 -41.96 10.25
CA SER D 645 10.29 -42.12 10.11
C SER D 645 9.92 -42.65 8.72
N THR D 646 10.74 -42.33 7.73
CA THR D 646 10.51 -42.76 6.37
C THR D 646 10.50 -44.29 6.28
N LYS D 647 11.54 -44.91 6.81
CA LYS D 647 11.65 -46.37 6.80
C LYS D 647 10.60 -47.01 7.70
N GLU D 648 10.44 -46.46 8.90
CA GLU D 648 9.47 -46.98 9.86
C GLU D 648 8.05 -46.85 9.34
N PHE D 649 7.86 -45.95 8.38
CA PHE D 649 6.53 -45.74 7.79
C PHE D 649 6.06 -46.97 7.03
N PHE D 650 6.89 -47.44 6.10
CA PHE D 650 6.56 -48.61 5.30
C PHE D 650 6.43 -49.86 6.17
N ARG D 651 7.29 -49.98 7.16
CA ARG D 651 7.29 -51.14 8.05
C ARG D 651 5.95 -51.28 8.78
N ARG D 652 5.42 -50.15 9.24
CA ARG D 652 4.18 -50.16 10.02
C ARG D 652 2.93 -49.93 9.15
N SER D 653 3.15 -49.51 7.91
CA SER D 653 2.03 -49.22 7.01
C SER D 653 1.24 -50.48 6.66
N LYS D 654 -0.07 -50.40 6.81
CA LYS D 654 -0.95 -51.52 6.50
C LYS D 654 -1.66 -51.31 5.17
N ILE D 655 -1.21 -50.29 4.42
CA ILE D 655 -1.80 -49.98 3.12
C ILE D 655 -1.32 -50.96 2.06
N ALA D 656 -2.21 -51.30 1.12
CA ALA D 656 -1.92 -52.29 0.09
C ALA D 656 -0.57 -52.07 -0.58
N VAL D 657 -0.45 -50.97 -1.34
CA VAL D 657 0.75 -50.69 -2.11
C VAL D 657 2.01 -50.65 -1.25
N PHE D 658 1.98 -49.81 -0.22
CA PHE D 658 3.14 -49.61 0.64
C PHE D 658 3.57 -50.90 1.32
N ASP D 659 2.63 -51.82 1.51
CA ASP D 659 2.93 -53.11 2.13
C ASP D 659 3.92 -53.89 1.26
N LYS D 660 3.54 -54.11 0.01
CA LYS D 660 4.39 -54.84 -0.93
C LYS D 660 5.76 -54.20 -1.05
N MET D 661 5.79 -52.87 -1.10
CA MET D 661 7.04 -52.13 -1.21
C MET D 661 7.99 -52.48 -0.07
N TRP D 662 7.46 -52.48 1.15
CA TRP D 662 8.25 -52.82 2.33
C TRP D 662 8.74 -54.26 2.27
N THR D 663 7.86 -55.16 1.86
CA THR D 663 8.22 -56.57 1.74
C THR D 663 9.44 -56.73 0.85
N TYR D 664 9.48 -55.97 -0.24
CA TYR D 664 10.61 -56.00 -1.17
C TYR D 664 11.87 -55.45 -0.53
N MET D 665 11.78 -54.23 0.00
CA MET D 665 12.93 -53.56 0.60
C MET D 665 13.47 -54.31 1.82
N ARG D 666 12.58 -55.03 2.50
CA ARG D 666 12.95 -55.73 3.73
C ARG D 666 13.94 -56.87 3.48
N SER D 667 13.89 -57.45 2.28
CA SER D 667 14.73 -58.59 1.95
C SER D 667 15.52 -58.37 0.66
N ALA D 668 15.52 -57.14 0.16
CA ALA D 668 16.22 -56.82 -1.08
C ALA D 668 17.73 -56.87 -0.90
N GLU D 669 18.41 -57.53 -1.82
CA GLU D 669 19.86 -57.64 -1.78
C GLU D 669 20.47 -57.21 -3.11
N PRO D 670 21.54 -56.38 -3.04
CA PRO D 670 22.14 -55.85 -1.82
C PRO D 670 21.21 -54.87 -1.10
N SER D 671 21.68 -54.35 0.04
CA SER D 671 20.88 -53.42 0.84
C SER D 671 20.42 -52.22 0.02
N VAL D 672 19.11 -52.00 -0.01
CA VAL D 672 18.54 -50.87 -0.72
C VAL D 672 18.49 -49.63 0.16
N PHE D 673 18.88 -49.80 1.43
CA PHE D 673 18.89 -48.69 2.38
C PHE D 673 20.26 -48.03 2.42
N VAL D 674 20.26 -46.71 2.59
CA VAL D 674 21.51 -45.95 2.64
C VAL D 674 21.77 -45.41 4.04
N ARG D 675 23.02 -45.02 4.30
CA ARG D 675 23.41 -44.51 5.61
C ARG D 675 22.89 -43.09 5.83
N THR D 676 23.18 -42.21 4.88
CA THR D 676 22.73 -40.82 4.96
C THR D 676 21.94 -40.42 3.72
N THR D 677 21.36 -39.23 3.75
CA THR D 677 20.58 -38.73 2.62
C THR D 677 21.47 -38.46 1.42
N ALA D 678 22.69 -38.03 1.67
CA ALA D 678 23.65 -37.75 0.61
C ALA D 678 23.99 -39.03 -0.15
N GLU D 679 24.13 -40.13 0.58
CA GLU D 679 24.44 -41.42 -0.02
C GLU D 679 23.30 -41.87 -0.93
N GLY D 680 22.07 -41.64 -0.50
CA GLY D 680 20.90 -42.01 -1.28
C GLY D 680 20.85 -41.28 -2.60
N VAL D 681 21.07 -39.97 -2.55
CA VAL D 681 21.07 -39.15 -3.76
C VAL D 681 22.18 -39.58 -4.71
N ALA D 682 23.34 -39.88 -4.14
CA ALA D 682 24.49 -40.32 -4.93
C ALA D 682 24.19 -41.64 -5.62
N ARG D 683 23.44 -42.51 -4.96
CA ARG D 683 23.08 -43.81 -5.50
C ARG D 683 22.13 -43.64 -6.70
N VAL D 684 21.30 -42.61 -6.65
CA VAL D 684 20.35 -42.34 -7.73
C VAL D 684 21.05 -41.71 -8.93
N ARG D 685 22.11 -40.96 -8.65
CA ARG D 685 22.85 -40.26 -9.69
C ARG D 685 23.90 -41.14 -10.36
N LYS D 686 24.16 -42.31 -9.77
CA LYS D 686 25.20 -43.21 -10.28
C LYS D 686 24.65 -44.55 -10.73
N SER D 687 23.33 -44.70 -10.71
CA SER D 687 22.70 -45.96 -11.12
C SER D 687 22.06 -45.86 -12.50
N LYS D 688 22.22 -44.71 -13.14
CA LYS D 688 21.67 -44.50 -14.49
C LYS D 688 20.17 -44.73 -14.53
N GLY D 689 19.48 -44.42 -13.44
CA GLY D 689 18.04 -44.56 -13.37
C GLY D 689 17.59 -45.95 -12.98
N LYS D 690 18.48 -46.71 -12.37
CA LYS D 690 18.17 -48.07 -11.94
C LYS D 690 17.81 -48.13 -10.45
N TYR D 691 18.02 -47.00 -9.76
CA TYR D 691 17.72 -46.94 -8.33
C TYR D 691 16.94 -45.67 -7.97
N ALA D 692 15.83 -45.86 -7.26
CA ALA D 692 15.03 -44.74 -6.80
C ALA D 692 15.17 -44.58 -5.29
N TYR D 693 15.11 -43.34 -4.82
CA TYR D 693 15.27 -43.06 -3.39
C TYR D 693 14.03 -42.37 -2.83
N LEU D 694 13.52 -42.89 -1.72
CA LEU D 694 12.34 -42.34 -1.07
C LEU D 694 12.71 -41.45 0.11
N LEU D 695 12.28 -40.20 0.08
CA LEU D 695 12.62 -39.25 1.13
C LEU D 695 11.56 -38.16 1.26
N GLU D 696 11.74 -37.27 2.24
CA GLU D 696 10.81 -36.18 2.47
C GLU D 696 10.75 -35.25 1.25
N SER D 697 9.53 -34.91 0.84
CA SER D 697 9.33 -34.06 -0.32
C SER D 697 10.09 -32.75 -0.22
N THR D 698 10.08 -32.16 0.98
CA THR D 698 10.75 -30.88 1.20
C THR D 698 12.21 -30.93 0.79
N MET D 699 12.96 -31.89 1.32
CA MET D 699 14.38 -32.03 0.99
C MET D 699 14.56 -32.44 -0.46
N ASN D 700 13.62 -33.22 -0.98
CA ASN D 700 13.68 -33.68 -2.35
C ASN D 700 13.56 -32.52 -3.34
N GLU D 701 12.51 -31.72 -3.17
CA GLU D 701 12.29 -30.55 -4.02
C GLU D 701 13.52 -29.66 -4.07
N TYR D 702 14.21 -29.54 -2.93
CA TYR D 702 15.40 -28.72 -2.83
C TYR D 702 16.55 -29.31 -3.64
N ILE D 703 16.73 -30.63 -3.52
CA ILE D 703 17.78 -31.34 -4.25
C ILE D 703 17.61 -31.15 -5.76
N GLU D 704 16.35 -31.16 -6.21
CA GLU D 704 16.05 -30.99 -7.63
C GLU D 704 16.54 -29.64 -8.14
N GLN D 705 16.70 -28.69 -7.23
CA GLN D 705 17.15 -27.34 -7.60
C GLN D 705 18.63 -27.16 -7.28
N ARG D 706 19.39 -28.24 -7.32
CA ARG D 706 20.82 -28.19 -7.06
C ARG D 706 21.59 -28.90 -8.17
N LYS D 707 22.74 -28.34 -8.53
CA LYS D 707 23.58 -28.93 -9.58
C LYS D 707 23.93 -30.39 -9.25
N PRO D 708 24.12 -31.21 -10.29
CA PRO D 708 24.05 -30.83 -11.70
C PRO D 708 22.62 -30.91 -12.24
N CYS D 709 21.62 -30.75 -11.37
CA CYS D 709 20.23 -30.79 -11.79
C CYS D 709 19.91 -32.09 -12.50
N ASP D 710 20.21 -33.21 -11.84
CA ASP D 710 20.02 -34.52 -12.44
C ASP D 710 19.03 -35.39 -11.66
N THR D 711 18.26 -34.75 -10.79
CA THR D 711 17.26 -35.45 -10.00
C THR D 711 15.91 -34.74 -10.05
N MET D 712 14.83 -35.51 -9.98
CA MET D 712 13.48 -34.94 -10.04
C MET D 712 12.50 -35.74 -9.21
N LYS D 713 11.53 -35.05 -8.60
CA LYS D 713 10.49 -35.70 -7.83
C LYS D 713 9.35 -36.11 -8.75
N VAL D 714 8.83 -37.31 -8.55
CA VAL D 714 7.76 -37.83 -9.39
C VAL D 714 6.54 -38.26 -8.57
N GLY D 715 5.36 -37.97 -9.09
CA GLY D 715 4.12 -38.33 -8.42
C GLY D 715 3.89 -37.52 -7.16
N GLY D 716 2.70 -37.68 -6.57
CA GLY D 716 2.36 -36.97 -5.35
C GLY D 716 2.94 -37.66 -4.12
N ASN D 717 2.81 -37.02 -2.97
CA ASN D 717 3.32 -37.56 -1.73
C ASN D 717 2.59 -38.84 -1.32
N LEU D 718 3.25 -39.66 -0.51
CA LEU D 718 2.68 -40.94 -0.08
C LEU D 718 1.83 -40.76 1.17
N ASP D 719 2.13 -39.72 1.95
CA ASP D 719 1.37 -39.43 3.17
C ASP D 719 1.31 -37.93 3.42
N SER D 720 0.48 -37.53 4.38
CA SER D 720 0.32 -36.11 4.70
C SER D 720 0.93 -35.76 6.04
N LYS D 721 2.02 -35.01 6.01
CA LYS D 721 2.67 -34.54 7.23
C LYS D 721 2.62 -33.02 7.30
N GLY D 722 3.47 -32.44 8.15
CA GLY D 722 3.52 -30.99 8.28
C GLY D 722 4.39 -30.53 9.43
N TYR D 723 5.20 -29.49 9.16
CA TYR D 723 6.03 -28.88 10.20
C TYR D 723 5.24 -27.81 10.93
N GLY D 724 5.70 -27.46 12.13
CA GLY D 724 5.05 -26.44 12.93
C GLY D 724 5.98 -25.82 13.95
N ILE D 725 5.60 -24.65 14.45
CA ILE D 725 6.38 -23.97 15.47
C ILE D 725 6.07 -24.58 16.85
N ALA D 726 7.10 -25.07 17.51
CA ALA D 726 6.93 -25.75 18.79
C ALA D 726 7.13 -24.80 19.98
N THR D 727 6.19 -24.84 20.91
CA THR D 727 6.27 -24.00 22.10
C THR D 727 5.93 -24.82 23.34
N PRO D 728 6.68 -24.60 24.44
CA PRO D 728 6.49 -25.32 25.69
C PRO D 728 5.02 -25.36 26.11
N LYS D 729 4.56 -26.51 26.59
CA LYS D 729 3.18 -26.69 27.00
C LYS D 729 2.76 -25.61 28.00
N GLY D 730 1.65 -24.92 27.69
CA GLY D 730 1.14 -23.88 28.56
C GLY D 730 2.02 -22.64 28.55
N SER D 731 2.49 -22.25 27.38
CA SER D 731 3.34 -21.07 27.23
C SER D 731 2.51 -19.85 26.88
N SER D 732 3.10 -18.67 27.06
CA SER D 732 2.42 -17.41 26.74
C SER D 732 2.45 -17.14 25.25
N LEU D 733 3.51 -17.58 24.59
CA LEU D 733 3.65 -17.38 23.15
C LEU D 733 2.78 -18.34 22.36
N GLY D 734 2.17 -19.30 23.07
CA GLY D 734 1.36 -20.32 22.44
C GLY D 734 0.38 -19.78 21.41
N THR D 735 -0.73 -19.25 21.89
CA THR D 735 -1.79 -18.74 21.02
C THR D 735 -1.30 -17.71 19.99
N PRO D 736 -0.51 -16.71 20.44
CA PRO D 736 -0.02 -15.68 19.53
C PRO D 736 0.68 -16.26 18.31
N VAL D 737 1.67 -17.12 18.54
CA VAL D 737 2.42 -17.73 17.43
C VAL D 737 1.50 -18.53 16.51
N ASN D 738 0.57 -19.28 17.10
CA ASN D 738 -0.38 -20.06 16.33
C ASN D 738 -1.11 -19.21 15.30
N LEU D 739 -1.70 -18.11 15.77
CA LEU D 739 -2.41 -17.19 14.90
C LEU D 739 -1.46 -16.57 13.88
N ALA D 740 -0.24 -16.28 14.31
CA ALA D 740 0.76 -15.68 13.44
C ALA D 740 1.03 -16.54 12.22
N VAL D 741 1.15 -17.85 12.45
CA VAL D 741 1.38 -18.80 11.36
C VAL D 741 0.23 -18.78 10.37
N LEU D 742 -1.00 -18.78 10.90
CA LEU D 742 -2.19 -18.72 10.06
C LEU D 742 -2.25 -17.43 9.26
N LYS D 743 -1.85 -16.33 9.90
CA LYS D 743 -1.85 -15.03 9.24
C LYS D 743 -0.84 -15.00 8.10
N LEU D 744 0.35 -15.54 8.36
CA LEU D 744 1.41 -15.56 7.36
C LEU D 744 1.03 -16.37 6.13
N SER D 745 0.36 -17.50 6.34
CA SER D 745 -0.04 -18.37 5.25
C SER D 745 -1.11 -17.73 4.37
N GLU D 746 -2.05 -17.05 5.01
CA GLU D 746 -3.14 -16.40 4.29
C GLU D 746 -2.65 -15.20 3.49
N GLN D 747 -1.59 -14.56 3.98
CA GLN D 747 -0.98 -13.45 3.26
C GLN D 747 -0.05 -13.97 2.19
N GLY D 748 -0.01 -15.29 2.03
CA GLY D 748 0.85 -15.92 1.04
C GLY D 748 2.31 -15.72 1.33
N LEU D 749 2.61 -15.28 2.56
CA LEU D 749 3.98 -15.01 2.95
C LEU D 749 4.79 -16.31 3.10
N LEU D 750 4.12 -17.36 3.56
CA LEU D 750 4.77 -18.66 3.70
C LEU D 750 5.15 -19.23 2.33
N ASP D 751 4.19 -19.24 1.41
CA ASP D 751 4.44 -19.70 0.05
C ASP D 751 5.54 -18.88 -0.59
N LYS D 752 5.55 -17.59 -0.31
CA LYS D 752 6.55 -16.68 -0.84
C LYS D 752 7.95 -17.07 -0.36
N LEU D 753 8.07 -17.31 0.95
CA LEU D 753 9.34 -17.69 1.54
C LEU D 753 9.90 -18.97 0.91
N LYS D 754 9.04 -19.97 0.75
CA LYS D 754 9.45 -21.23 0.15
C LYS D 754 9.99 -21.01 -1.26
N ASN D 755 9.24 -20.27 -2.06
CA ASN D 755 9.66 -19.94 -3.42
C ASN D 755 11.01 -19.23 -3.43
N LYS D 756 11.27 -18.45 -2.38
CA LYS D 756 12.51 -17.69 -2.28
C LYS D 756 13.73 -18.57 -2.08
N TRP D 757 13.57 -19.63 -1.29
CA TRP D 757 14.71 -20.48 -0.92
C TRP D 757 14.79 -21.76 -1.74
N TRP D 758 13.68 -22.17 -2.32
CA TRP D 758 13.64 -23.41 -3.11
C TRP D 758 13.88 -23.16 -4.60
N TYR D 759 13.07 -22.30 -5.19
CA TYR D 759 13.12 -22.10 -6.64
C TYR D 759 13.87 -20.84 -7.05
N ASP D 760 13.53 -19.70 -6.43
CA ASP D 760 14.18 -18.44 -6.74
C ASP D 760 15.69 -18.51 -6.48
N LYS D 761 16.04 -18.95 -5.28
CA LYS D 761 17.44 -19.06 -4.89
C LYS D 761 18.06 -20.32 -5.49
N GLY D 762 17.24 -21.12 -6.16
CA GLY D 762 17.69 -22.34 -6.79
C GLY D 762 18.71 -22.09 -7.87
N GLU D 763 19.05 -23.15 -8.60
CA GLU D 763 20.02 -23.05 -9.69
C GLU D 763 19.61 -23.92 -10.88
N CYS D 764 18.89 -24.99 -10.60
CA CYS D 764 18.44 -25.91 -11.64
C CYS D 764 17.30 -25.28 -12.46
N GLY D 765 16.60 -26.12 -13.21
CA GLY D 765 15.51 -25.65 -14.05
C GLY D 765 14.85 -26.76 -14.84
N ALA D 766 13.52 -26.78 -14.84
CA ALA D 766 12.76 -27.79 -15.57
C ALA D 766 11.85 -27.17 -16.62
N LYS D 767 11.08 -26.17 -16.22
CA LYS D 767 10.21 -25.46 -17.15
C LYS D 767 11.01 -24.55 -18.06
N ASP D 768 12.28 -24.35 -17.72
CA ASP D 768 13.17 -23.52 -18.51
C ASP D 768 13.95 -24.36 -19.52
N SER D 769 14.15 -25.63 -19.19
CA SER D 769 14.84 -26.56 -20.07
C SER D 769 13.92 -27.01 -21.19
N GLY D 770 12.62 -26.94 -20.93
CA GLY D 770 11.62 -27.27 -21.93
C GLY D 770 11.27 -26.06 -22.77
N SER D 771 11.54 -24.88 -22.21
CA SER D 771 11.30 -23.63 -22.91
C SER D 771 12.50 -23.26 -23.78
N LYS D 772 13.57 -24.04 -23.67
CA LYS D 772 14.79 -23.80 -24.43
C LYS D 772 14.73 -24.46 -25.80
N GLU D 773 14.19 -23.75 -26.78
CA GLU D 773 14.11 -24.30 -28.13
C GLU D 773 15.45 -24.20 -28.86
N LYS D 774 16.27 -25.24 -28.72
CA LYS D 774 17.59 -25.26 -29.36
C LYS D 774 18.29 -26.61 -29.24
N THR D 775 18.68 -27.17 -30.38
CA THR D 775 19.37 -28.45 -30.44
C THR D 775 19.33 -29.04 -31.85
N SER D 776 20.33 -29.84 -32.19
CA SER D 776 20.40 -30.46 -33.52
C SER D 776 21.75 -31.12 -33.78
N ALA D 777 21.71 -32.37 -34.22
CA ALA D 777 22.92 -33.13 -34.51
C ALA D 777 22.63 -34.62 -34.74
N LEU D 778 23.21 -35.18 -35.78
CA LEU D 778 23.03 -36.60 -36.11
C LEU D 778 24.13 -37.43 -35.47
N SER D 779 23.79 -38.65 -35.05
CA SER D 779 24.79 -39.51 -34.41
C SER D 779 25.12 -40.71 -35.29
N LEU D 780 24.85 -41.91 -34.78
CA LEU D 780 25.12 -43.13 -35.51
C LEU D 780 24.24 -44.28 -35.01
N SER D 781 23.78 -44.15 -33.76
CA SER D 781 22.97 -45.18 -33.11
C SER D 781 21.89 -45.76 -34.01
N ASN D 782 20.92 -44.92 -34.38
CA ASN D 782 19.81 -45.36 -35.22
C ASN D 782 20.27 -46.00 -36.53
N VAL D 783 21.20 -45.32 -37.20
CA VAL D 783 21.72 -45.80 -38.48
C VAL D 783 22.42 -47.15 -38.32
N ALA D 784 23.00 -47.36 -37.14
CA ALA D 784 23.73 -48.59 -36.86
C ALA D 784 22.82 -49.82 -36.93
N GLY D 785 21.61 -49.69 -36.39
CA GLY D 785 20.66 -50.79 -36.40
C GLY D 785 20.37 -51.30 -37.81
N VAL D 786 20.48 -50.42 -38.78
CA VAL D 786 20.24 -50.77 -40.17
C VAL D 786 21.47 -51.41 -40.80
N PHE D 787 22.62 -51.19 -40.18
CA PHE D 787 23.86 -51.81 -40.64
C PHE D 787 23.94 -53.28 -40.25
N TYR D 788 23.48 -53.58 -39.04
CA TYR D 788 23.49 -54.95 -38.54
C TYR D 788 22.52 -55.84 -39.33
N ILE D 789 21.38 -55.29 -39.70
CA ILE D 789 20.40 -56.03 -40.48
C ILE D 789 20.90 -56.25 -41.90
N LEU D 790 21.83 -55.41 -42.34
CA LEU D 790 22.45 -55.54 -43.64
C LEU D 790 23.44 -56.69 -43.65
N VAL D 791 24.40 -56.65 -42.74
CA VAL D 791 25.39 -57.70 -42.60
C VAL D 791 24.72 -59.05 -42.35
N GLY D 792 23.61 -59.01 -41.62
CA GLY D 792 22.83 -60.21 -41.36
C GLY D 792 22.26 -60.78 -42.64
N GLY D 793 21.84 -59.89 -43.54
CA GLY D 793 21.32 -60.29 -44.83
C GLY D 793 22.42 -60.84 -45.72
N LEU D 794 23.60 -60.24 -45.64
CA LEU D 794 24.76 -60.70 -46.39
C LEU D 794 25.15 -62.10 -45.95
N GLY D 795 25.15 -62.31 -44.63
CA GLY D 795 25.48 -63.60 -44.06
C GLY D 795 24.48 -64.67 -44.46
N LEU D 796 23.20 -64.29 -44.46
CA LEU D 796 22.14 -65.20 -44.87
C LEU D 796 22.33 -65.63 -46.33
N ALA D 797 22.78 -64.69 -47.15
CA ALA D 797 23.03 -64.96 -48.56
C ALA D 797 24.27 -65.84 -48.72
N MET D 798 25.31 -65.56 -47.96
CA MET D 798 26.53 -66.36 -47.97
C MET D 798 26.22 -67.79 -47.55
N LEU D 799 25.13 -67.97 -46.83
CA LEU D 799 24.69 -69.29 -46.40
C LEU D 799 23.88 -69.98 -47.49
N VAL D 800 23.01 -69.21 -48.13
CA VAL D 800 22.19 -69.73 -49.22
C VAL D 800 23.05 -70.06 -50.43
N ALA D 801 24.16 -69.34 -50.57
CA ALA D 801 25.09 -69.57 -51.68
C ALA D 801 25.78 -70.92 -51.53
N LEU D 802 26.33 -71.17 -50.35
CA LEU D 802 27.05 -72.41 -50.08
C LEU D 802 26.20 -73.64 -50.35
N ILE D 803 24.96 -73.61 -49.87
CA ILE D 803 24.06 -74.76 -50.03
C ILE D 803 23.73 -75.02 -51.50
N GLU D 804 23.60 -73.95 -52.29
CA GLU D 804 23.30 -74.08 -53.71
C GLU D 804 24.40 -74.83 -54.45
N PHE D 805 25.65 -74.47 -54.17
CA PHE D 805 26.80 -75.13 -54.79
C PHE D 805 26.90 -76.59 -54.34
N CYS D 806 26.39 -76.87 -53.14
CA CYS D 806 26.43 -78.23 -52.60
C CYS D 806 25.44 -79.14 -53.32
N TYR D 807 24.21 -78.67 -53.49
CA TYR D 807 23.19 -79.45 -54.17
C TYR D 807 23.58 -79.73 -55.62
N LYS D 808 24.19 -78.73 -56.26
CA LYS D 808 24.63 -78.87 -57.65
C LYS D 808 25.80 -79.84 -57.76
OAA ZK1 E . -14.93 -24.23 5.40
OAB ZK1 E . -15.88 -22.14 3.72
OAC ZK1 E . -15.42 -21.28 -1.22
OAD ZK1 E . -13.94 -21.93 0.73
OAE ZK1 E . -15.50 -19.94 1.12
FAF ZK1 E . -14.36 -29.20 -0.91
FAG ZK1 E . -15.56 -29.97 0.79
FAH ZK1 E . -16.58 -29.35 -1.07
CAI ZK1 E . -16.29 -25.31 0.03
CAJ ZK1 E . -15.34 -27.40 1.69
CAK ZK1 E . -15.96 -27.19 -4.31
CAL ZK1 E . -18.18 -26.91 -3.81
CAM ZK1 E . -15.44 -27.01 -2.92
CAN ZK1 E . -17.96 -26.86 -2.28
CAO ZK1 E . -16.56 -22.62 1.05
NAP ZK1 E . -15.13 -25.83 3.53
OAQ ZK1 E . -17.08 -26.40 -4.51
CAR ZK1 E . -16.16 -26.61 -0.50
CAS ZK1 E . -15.68 -27.67 0.31
CAT ZK1 E . -15.26 -24.50 4.06
CAU ZK1 E . -15.75 -23.43 3.21
CAV ZK1 E . -15.47 -26.10 2.21
CAW ZK1 E . -15.94 -25.04 1.38
NAX ZK1 E . -16.51 -26.86 -1.89
NAY ZK1 E . -16.08 -23.69 1.92
CAZ ZK1 E . -15.54 -29.08 -0.23
PBA ZK1 E . -15.27 -21.42 0.41
C1 NAG F . -17.50 -17.18 61.94
C2 NAG F . -17.60 -16.96 63.45
C3 NAG F . -17.17 -18.20 64.23
C4 NAG F . -17.87 -19.43 63.69
C5 NAG F . -17.65 -19.55 62.19
C6 NAG F . -18.36 -20.77 61.62
C7 NAG F . -17.28 -14.82 64.58
C8 NAG F . -16.79 -14.75 66.00
N2 NAG F . -16.78 -15.82 63.84
O3 NAG F . -17.50 -18.03 65.60
O4 NAG F . -17.39 -20.59 64.34
O5 NAG F . -18.12 -18.38 61.53
O6 NAG F . -19.74 -20.70 61.91
O7 NAG F . -18.07 -14.00 64.15
OAA ZK1 G . -2.89 18.94 -28.76
OAB ZK1 G . -3.73 19.61 -31.41
OAC ZK1 G . -3.57 17.05 -35.74
OAD ZK1 G . -2.02 17.60 -33.81
OAE ZK1 G . -3.31 19.57 -34.80
FAF ZK1 G . -3.39 11.09 -30.43
FAG ZK1 G . -4.53 11.74 -28.63
FAH ZK1 G . -5.63 11.16 -30.48
CAI ZK1 G . -4.79 14.90 -32.22
CAJ ZK1 G . -3.95 14.25 -29.60
CAK ZK1 G . -5.03 10.68 -34.34
CAL ZK1 G . -7.16 11.52 -34.17
CAM ZK1 G . -4.38 11.62 -33.38
CAN ZK1 G . -6.80 12.50 -33.01
CAO ZK1 G . -4.66 17.64 -33.15
NAP ZK1 G . -3.42 16.56 -29.18
OAQ ZK1 G . -6.06 11.31 -35.01
CAR ZK1 G . -4.85 13.55 -31.79
CAS ZK1 G . -4.43 13.21 -30.48
CAT ZK1 G . -3.36 17.94 -29.62
CAU ZK1 G . -3.79 18.27 -30.97
CAV ZK1 G . -3.89 15.59 -30.03
CAW ZK1 G . -4.30 15.92 -31.34
NAX ZK1 G . -5.35 12.54 -32.71
NAY ZK1 G . -4.25 17.31 -31.80
CAZ ZK1 G . -4.50 11.76 -30.00
PBA ZK1 G . -3.32 17.96 -34.40
C1 NAG H . -47.88 25.09 22.35
C2 NAG H . -49.18 25.90 22.30
C3 NAG H . -49.07 27.13 21.42
C4 NAG H . -47.77 27.89 21.67
C5 NAG H . -46.59 26.92 21.59
C6 NAG H . -45.27 27.65 21.82
C7 NAG H . -51.43 24.99 22.45
C8 NAG H . -52.57 24.40 21.67
N2 NAG H . -50.26 25.06 21.81
O3 NAG H . -50.17 27.99 21.69
O4 NAG H . -47.63 28.91 20.70
O5 NAG H . -46.73 25.89 22.54
O6 NAG H . -45.32 28.37 23.03
O7 NAG H . -51.60 25.39 23.60
OAA ZK1 I . 21.32 14.15 -15.24
OAB ZK1 I . 22.25 12.16 -13.42
OAC ZK1 I . 23.11 7.21 -13.97
OAD ZK1 I . 21.29 8.90 -14.54
OAE ZK1 I . 22.18 8.97 -12.15
FAF ZK1 I . 23.76 9.76 -21.52
FAG ZK1 I . 24.54 11.85 -21.47
FAH ZK1 I . 25.91 10.16 -21.06
CAI ZK1 I . 24.42 9.83 -17.13
CAJ ZK1 I . 23.49 11.81 -18.94
CAK ZK1 I . 25.82 6.36 -20.03
CAL ZK1 I . 27.68 7.23 -18.98
CAM ZK1 I . 24.89 7.47 -19.68
CAN ZK1 I . 27.00 8.58 -18.63
CAO ZK1 I . 23.78 9.99 -14.32
NAP ZK1 I . 22.42 12.98 -17.11
OAQ ZK1 I . 26.75 6.18 -19.02
CAR ZK1 I . 24.75 9.73 -18.51
CAS ZK1 I . 24.29 10.71 -19.41
CAT ZK1 I . 22.09 13.08 -15.71
CAU ZK1 I . 22.56 12.06 -14.78
CAV ZK1 I . 23.17 11.92 -17.57
CAW ZK1 I . 23.64 10.92 -16.66
NAX ZK1 I . 25.55 8.61 -18.97
NAY ZK1 I . 23.31 11.02 -15.24
CAZ ZK1 I . 24.63 10.62 -20.90
PBA ZK1 I . 22.51 8.74 -13.75
C1 NAG J . 5.42 63.51 6.62
C2 NAG J . 4.12 63.85 7.36
C3 NAG J . 3.16 64.67 6.53
C4 NAG J . 3.89 65.80 5.84
C5 NAG J . 5.07 65.28 5.05
C6 NAG J . 5.80 66.41 4.33
C7 NAG J . 3.03 62.47 9.03
C8 NAG J . 1.78 61.66 9.23
N2 NAG J . 3.47 62.63 7.79
O3 NAG J . 2.15 65.18 7.36
O4 NAG J . 2.99 66.48 4.97
O5 NAG J . 5.96 64.61 5.92
O6 NAG J . 6.28 67.34 5.29
O7 NAG J . 3.60 62.98 10.00
OAA ZK1 K . 11.12 -33.42 13.39
OAB ZK1 K . 12.15 -36.08 13.35
OAC ZK1 K . 13.04 -39.30 9.59
OAD ZK1 K . 11.18 -37.76 10.37
OAE ZK1 K . 12.19 -39.28 12.15
FAF ZK1 K . 13.29 -32.31 5.74
FAG ZK1 K . 14.05 -30.78 7.16
FAH ZK1 K . 15.46 -32.25 6.28
CAI ZK1 K . 14.17 -35.19 9.00
CAJ ZK1 K . 13.13 -32.56 9.03
CAK ZK1 K . 15.47 -35.75 4.47
CAL ZK1 K . 17.36 -35.72 5.77
CAM ZK1 K . 14.53 -35.20 5.51
CAN ZK1 K . 16.69 -35.01 6.96
CAO ZK1 K . 13.67 -37.01 11.19
NAP ZK1 K . 12.13 -32.98 11.19
OAQ ZK1 K . 16.44 -36.52 5.07
CAR ZK1 K . 14.42 -34.33 7.90
CAS ZK1 K . 13.91 -33.01 7.91
CAT ZK1 K . 11.87 -33.87 12.30
CAU ZK1 K . 12.40 -35.22 12.28
CAV ZK1 K . 12.88 -33.42 10.11
CAW ZK1 K . 13.40 -34.75 10.10
NAX ZK1 K . 15.22 -34.82 6.78
NAY ZK1 K . 13.14 -35.64 11.22
CAZ ZK1 K . 14.19 -32.07 6.73
PBA ZK1 K . 12.45 -38.36 10.80
C1 NAG L . 37.34 22.08 44.85
C2 NAG L . 38.23 22.48 46.01
C3 NAG L . 38.31 21.39 47.08
C4 NAG L . 36.92 20.88 47.42
C5 NAG L . 36.19 20.46 46.15
C6 NAG L . 34.80 19.91 46.46
C7 NAG L . 40.12 23.99 45.73
C8 NAG L . 41.54 24.00 46.19
N2 NAG L . 39.56 22.79 45.53
O3 NAG L . 38.92 21.92 48.24
O4 NAG L . 37.03 19.78 48.30
O5 NAG L . 36.09 21.55 45.26
O6 NAG L . 34.16 20.74 47.41
O7 NAG L . 39.52 25.04 45.53
#